data_5A3J
#
_entry.id   5A3J
#
_cell.length_a   82.870
_cell.length_b   121.010
_cell.length_c   122.940
_cell.angle_alpha   66.73
_cell.angle_beta   79.10
_cell.angle_gamma   79.99
#
_symmetry.space_group_name_H-M   'P 1'
#
loop_
_entity.id
_entity.type
_entity.pdbx_description
1 polymer 'PUTATIVE QUINONE-OXIDOREDUCTASE HOMOLOG, CHLOROPLASTIC'
2 non-polymer '(13-oxo-9(Z),11(E),15(Z)-octadecatrienoic acid)'
#
_entity_poly.entity_id   1
_entity_poly.type   'polypeptide(L)'
_entity_poly.pdbx_seq_one_letter_code
;MAGKLMHALQYNSYGGGAAGLEHVQVPVPTPKSNEVCLKLEATSLNPVDWKIQKGMIRPFLPRKFPCIPATDVAGEVVEV
GSGVKNFKAGDKVVAVLSHLGGGGLAEFAVATEKLTVKRPQEVGAAEAAALPVAGLTALQALTNPAGLKLDGTGKKANIL
VTAASGGVGHYAVQLAKLANAHVTATCGARNIEFVKSLGADEVLDYKTPEGAALKSPSGKKYDAVVHCANGIPFSVFEPN
LSENGKVIDITPGPNAMWTYAVKKITMSKKQLVPLLLIPKAENLEFMVNLVKEGKVKTVIDSKHPLSKAEDAWAKSIDGH
ATGKIIVEP
;
_entity_poly.pdbx_strand_id   A,B,C,D,E,F,G,H,I,J,K,L
#
loop_
_chem_comp.id
_chem_comp.type
_chem_comp.name
_chem_comp.formula
KZH non-polymer '(13-oxo-9(Z),11(E),15(Z)-octadecatrienoic acid)' 'C18 H28 O3'
#
# COMPACT_ATOMS: atom_id res chain seq x y z
N LYS A 4 -39.98 -35.12 26.90
CA LYS A 4 -40.17 -34.58 28.24
C LYS A 4 -39.38 -33.28 28.40
N LEU A 5 -38.06 -33.39 28.56
CA LEU A 5 -37.19 -32.20 28.69
C LEU A 5 -36.28 -31.94 27.50
N MET A 6 -35.64 -30.76 27.52
CA MET A 6 -35.07 -30.20 26.31
C MET A 6 -34.01 -29.16 26.64
N HIS A 7 -32.90 -29.19 25.92
CA HIS A 7 -31.90 -28.14 26.04
C HIS A 7 -32.33 -26.86 25.35
N ALA A 8 -32.12 -25.72 26.02
CA ALA A 8 -32.43 -24.42 25.40
C ALA A 8 -31.62 -23.31 25.98
N LEU A 9 -31.76 -22.12 25.38
CA LEU A 9 -31.12 -20.92 25.92
C LEU A 9 -32.17 -19.89 26.26
N GLN A 10 -32.02 -19.31 27.44
CA GLN A 10 -32.93 -18.32 27.99
C GLN A 10 -32.24 -17.07 28.44
N TYR A 11 -32.91 -15.94 28.34
CA TYR A 11 -32.51 -14.81 29.20
C TYR A 11 -33.70 -14.45 30.10
N ASN A 12 -33.43 -14.07 31.33
CA ASN A 12 -34.47 -13.84 32.31
C ASN A 12 -34.48 -12.37 32.72
N SER A 13 -33.85 -11.53 31.92
CA SER A 13 -33.57 -10.16 32.33
C SER A 13 -33.13 -9.32 31.14
N TYR A 14 -33.35 -8.00 31.20
CA TYR A 14 -32.86 -7.11 30.14
C TYR A 14 -31.41 -6.85 30.34
N GLY A 15 -30.70 -6.62 29.24
CA GLY A 15 -29.33 -6.09 29.26
C GLY A 15 -28.19 -7.07 29.47
N GLY A 16 -28.49 -8.36 29.55
CA GLY A 16 -27.45 -9.34 29.78
C GLY A 16 -26.37 -9.42 28.71
N GLY A 17 -26.73 -9.20 27.45
CA GLY A 17 -25.83 -9.53 26.35
C GLY A 17 -25.67 -11.04 26.28
N ALA A 18 -24.57 -11.51 25.69
CA ALA A 18 -24.37 -12.96 25.58
C ALA A 18 -24.14 -13.56 26.96
N ALA A 19 -23.63 -12.75 27.88
CA ALA A 19 -23.40 -13.22 29.24
C ALA A 19 -24.71 -13.61 29.87
N GLY A 20 -25.74 -12.83 29.55
CA GLY A 20 -27.08 -13.02 30.10
C GLY A 20 -27.88 -14.22 29.59
N LEU A 21 -27.37 -14.88 28.56
CA LEU A 21 -27.96 -16.14 28.12
C LEU A 21 -27.63 -17.24 29.11
N GLU A 22 -28.59 -18.11 29.34
CA GLU A 22 -28.36 -19.27 30.19
C GLU A 22 -28.77 -20.57 29.49
N HIS A 23 -27.92 -21.58 29.63
CA HIS A 23 -28.29 -22.88 29.15
C HIS A 23 -29.20 -23.51 30.21
N VAL A 24 -30.32 -24.06 29.76
CA VAL A 24 -31.31 -24.61 30.67
C VAL A 24 -31.94 -25.87 30.07
N GLN A 25 -32.54 -26.70 30.91
CA GLN A 25 -33.35 -27.80 30.41
C GLN A 25 -34.78 -27.40 30.67
N VAL A 26 -35.62 -27.59 29.68
CA VAL A 26 -36.96 -27.02 29.69
C VAL A 26 -37.88 -28.06 29.05
N PRO A 27 -39.14 -28.13 29.49
CA PRO A 27 -40.07 -29.06 28.88
C PRO A 27 -40.29 -28.84 27.39
N VAL A 28 -40.21 -29.93 26.62
CA VAL A 28 -40.54 -29.90 25.20
C VAL A 28 -41.94 -29.35 24.97
N PRO A 29 -42.08 -28.33 24.15
CA PRO A 29 -43.41 -27.75 23.99
C PRO A 29 -44.39 -28.72 23.35
N THR A 30 -45.69 -28.48 23.58
CA THR A 30 -46.74 -29.29 22.97
C THR A 30 -47.54 -28.51 21.93
N PRO A 31 -47.70 -29.08 20.74
CA PRO A 31 -48.42 -28.38 19.67
C PRO A 31 -49.89 -28.21 19.94
N LYS A 32 -50.43 -27.02 19.70
CA LYS A 32 -51.86 -26.80 19.80
C LYS A 32 -52.55 -27.24 18.50
N SER A 33 -53.87 -26.99 18.41
CA SER A 33 -54.70 -27.47 17.31
C SER A 33 -54.04 -27.28 15.95
N ASN A 34 -53.47 -26.09 15.74
CA ASN A 34 -52.94 -25.66 14.45
C ASN A 34 -51.42 -25.61 14.39
N GLU A 35 -50.76 -26.14 15.39
CA GLU A 35 -49.32 -26.01 15.46
C GLU A 35 -48.67 -27.30 15.06
N VAL A 36 -47.41 -27.24 14.66
CA VAL A 36 -46.62 -28.46 14.52
C VAL A 36 -45.40 -28.35 15.44
N CYS A 37 -44.90 -29.50 15.89
CA CYS A 37 -43.72 -29.54 16.74
C CYS A 37 -42.51 -30.06 15.96
N LEU A 38 -41.42 -29.30 16.01
CA LEU A 38 -40.23 -29.62 15.21
C LEU A 38 -39.04 -30.01 16.04
N LYS A 39 -38.39 -31.10 15.65
CA LYS A 39 -37.01 -31.34 16.07
C LYS A 39 -36.12 -30.42 15.25
N LEU A 40 -35.51 -29.42 15.89
CA LEU A 40 -34.75 -28.42 15.12
C LEU A 40 -33.44 -28.97 14.54
N GLU A 41 -33.17 -28.57 13.31
CA GLU A 41 -31.94 -28.94 12.62
C GLU A 41 -31.05 -27.73 12.41
N ALA A 42 -31.68 -26.56 12.28
CA ALA A 42 -30.94 -25.30 12.15
C ALA A 42 -31.80 -24.13 12.59
N THR A 43 -31.17 -23.20 13.30
CA THR A 43 -31.83 -21.96 13.70
C THR A 43 -31.00 -20.77 13.27
N SER A 44 -31.67 -19.72 12.78
CA SER A 44 -31.00 -18.52 12.33
C SER A 44 -31.23 -17.34 13.26
N LEU A 45 -30.20 -16.56 13.53
CA LEU A 45 -30.38 -15.34 14.33
C LEU A 45 -30.74 -14.10 13.49
N ASN A 46 -31.45 -13.17 14.10
CA ASN A 46 -31.73 -11.87 13.49
C ASN A 46 -31.41 -10.81 14.51
N PRO A 47 -31.00 -9.62 14.06
CA PRO A 47 -30.61 -8.54 14.99
C PRO A 47 -31.69 -8.19 16.00
N VAL A 48 -32.95 -8.30 15.57
CA VAL A 48 -34.10 -8.14 16.45
C VAL A 48 -33.95 -8.90 17.75
N ASP A 49 -33.45 -10.13 17.63
CA ASP A 49 -33.39 -11.09 18.73
C ASP A 49 -32.59 -10.50 19.88
N TRP A 50 -31.42 -9.88 19.61
CA TRP A 50 -30.60 -9.39 20.73
C TRP A 50 -31.03 -7.98 21.15
N LYS A 51 -31.62 -7.26 20.22
CA LYS A 51 -32.23 -5.98 20.54
C LYS A 51 -33.34 -6.11 21.56
N ILE A 52 -34.18 -7.13 21.40
CA ILE A 52 -35.27 -7.38 22.36
C ILE A 52 -34.73 -7.55 23.76
N GLN A 53 -33.65 -8.31 23.85
CA GLN A 53 -32.97 -8.53 25.10
C GLN A 53 -32.36 -7.24 25.63
N LYS A 54 -31.78 -6.38 24.77
CA LYS A 54 -31.20 -5.12 25.25
C LYS A 54 -32.30 -4.21 25.84
N GLY A 55 -33.53 -4.44 25.36
CA GLY A 55 -34.65 -3.71 25.90
C GLY A 55 -35.15 -2.70 24.92
N MET A 56 -34.57 -2.74 23.74
CA MET A 56 -34.89 -1.75 22.75
C MET A 56 -36.29 -1.89 22.20
N ILE A 57 -36.95 -3.03 22.41
CA ILE A 57 -38.27 -3.22 21.82
C ILE A 57 -39.37 -3.11 22.87
N ARG A 58 -39.00 -2.63 24.05
CA ARG A 58 -39.97 -2.33 25.08
C ARG A 58 -40.80 -1.16 24.60
N PRO A 59 -42.10 -1.15 24.95
CA PRO A 59 -42.82 -2.06 25.82
C PRO A 59 -43.46 -3.23 25.09
N PHE A 60 -43.23 -3.39 23.79
CA PHE A 60 -43.83 -4.50 23.03
C PHE A 60 -43.21 -5.89 23.27
N LEU A 61 -41.87 -5.98 23.30
CA LEU A 61 -41.21 -7.26 23.52
C LEU A 61 -40.05 -7.11 24.50
N PRO A 62 -39.73 -8.20 25.21
CA PRO A 62 -40.39 -9.51 25.19
C PRO A 62 -41.69 -9.46 25.98
N ARG A 63 -42.55 -10.43 25.74
CA ARG A 63 -43.81 -10.43 26.45
C ARG A 63 -43.66 -10.79 27.93
N LYS A 64 -42.96 -11.89 28.22
CA LYS A 64 -42.72 -12.33 29.58
C LYS A 64 -41.32 -12.90 29.61
N PHE A 65 -40.66 -12.81 30.76
CA PHE A 65 -39.43 -13.57 31.03
C PHE A 65 -39.79 -14.92 31.64
N PRO A 66 -38.96 -15.94 31.42
CA PRO A 66 -37.72 -15.93 30.65
C PRO A 66 -38.06 -16.08 29.18
N CYS A 67 -37.18 -15.67 28.29
CA CYS A 67 -37.40 -15.79 26.86
CA CYS A 67 -37.40 -15.89 26.89
C CYS A 67 -36.38 -16.77 26.27
N ILE A 68 -36.85 -17.55 25.31
CA ILE A 68 -35.99 -18.37 24.49
C ILE A 68 -35.96 -17.69 23.13
N PRO A 69 -34.80 -17.19 22.72
CA PRO A 69 -34.64 -16.33 21.53
C PRO A 69 -34.77 -17.03 20.17
N ALA A 70 -34.91 -16.23 19.12
CA ALA A 70 -34.84 -16.64 17.70
C ALA A 70 -36.15 -17.16 17.16
N THR A 71 -36.42 -16.80 15.91
CA THR A 71 -37.69 -17.18 15.24
C THR A 71 -37.50 -18.00 13.94
N ASP A 72 -36.36 -17.85 13.29
CA ASP A 72 -36.08 -18.50 12.01
C ASP A 72 -35.51 -19.89 12.22
N VAL A 73 -36.20 -20.87 11.65
CA VAL A 73 -36.04 -22.23 12.10
C VAL A 73 -36.25 -23.24 10.98
N ALA A 74 -35.48 -24.32 11.00
CA ALA A 74 -35.71 -25.41 10.05
C ALA A 74 -35.47 -26.72 10.76
N GLY A 75 -36.26 -27.74 10.43
CA GLY A 75 -36.15 -29.03 11.10
C GLY A 75 -37.11 -30.08 10.59
N GLU A 76 -37.29 -31.12 11.40
CA GLU A 76 -38.17 -32.24 11.05
C GLU A 76 -39.39 -32.26 11.96
N VAL A 77 -40.56 -32.40 11.35
CA VAL A 77 -41.79 -32.51 12.12
C VAL A 77 -41.77 -33.76 13.01
N VAL A 78 -41.99 -33.54 14.29
CA VAL A 78 -42.03 -34.62 15.26
C VAL A 78 -43.47 -35.01 15.56
N GLU A 79 -44.35 -34.02 15.57
CA GLU A 79 -45.73 -34.19 16.02
C GLU A 79 -46.59 -33.04 15.52
N VAL A 80 -47.82 -33.34 15.12
CA VAL A 80 -48.73 -32.30 14.68
C VAL A 80 -49.94 -32.20 15.60
N GLY A 81 -50.65 -31.08 15.52
CA GLY A 81 -51.83 -30.86 16.32
C GLY A 81 -53.02 -31.45 15.59
N SER A 82 -54.17 -31.52 16.26
CA SER A 82 -55.37 -32.14 15.69
C SER A 82 -55.80 -31.50 14.36
N GLY A 83 -55.64 -30.18 14.24
CA GLY A 83 -56.13 -29.49 13.05
C GLY A 83 -55.19 -29.50 11.87
N VAL A 84 -53.97 -29.98 12.07
CA VAL A 84 -52.94 -29.90 11.02
C VAL A 84 -53.23 -30.85 9.86
N LYS A 85 -53.37 -30.28 8.68
CA LYS A 85 -53.75 -31.06 7.51
C LYS A 85 -52.57 -31.34 6.61
N ASN A 86 -51.66 -30.38 6.47
CA ASN A 86 -50.65 -30.46 5.43
C ASN A 86 -49.30 -31.02 5.84
N PHE A 87 -49.10 -31.36 7.10
CA PHE A 87 -47.81 -31.90 7.50
C PHE A 87 -47.96 -33.15 8.36
N LYS A 88 -47.06 -34.08 8.16
CA LYS A 88 -47.03 -35.33 8.93
C LYS A 88 -45.67 -35.46 9.60
N ALA A 89 -45.57 -36.33 10.60
CA ALA A 89 -44.30 -36.57 11.26
C ALA A 89 -43.29 -37.07 10.24
N GLY A 90 -42.05 -36.62 10.37
CA GLY A 90 -41.03 -37.02 9.42
C GLY A 90 -40.78 -36.01 8.33
N ASP A 91 -41.77 -35.18 8.04
CA ASP A 91 -41.62 -34.09 7.06
C ASP A 91 -40.48 -33.13 7.45
N LYS A 92 -39.66 -32.76 6.49
CA LYS A 92 -38.67 -31.72 6.72
C LYS A 92 -39.24 -30.36 6.38
N VAL A 93 -39.05 -29.39 7.26
CA VAL A 93 -39.65 -28.08 7.01
C VAL A 93 -38.72 -26.92 7.27
N VAL A 94 -39.17 -25.75 6.85
CA VAL A 94 -38.64 -24.49 7.33
C VAL A 94 -39.86 -23.74 7.89
N ALA A 95 -39.67 -22.96 8.95
CA ALA A 95 -40.82 -22.31 9.57
C ALA A 95 -40.44 -20.99 10.25
N VAL A 96 -41.46 -20.19 10.55
CA VAL A 96 -41.27 -18.98 11.34
C VAL A 96 -42.01 -19.08 12.67
N LEU A 97 -41.27 -19.04 13.76
CA LEU A 97 -41.85 -19.12 15.09
C LEU A 97 -42.50 -17.80 15.42
N SER A 98 -43.43 -17.80 16.36
CA SER A 98 -44.05 -16.54 16.74
C SER A 98 -43.01 -15.66 17.33
N HIS A 99 -43.02 -14.41 16.86
CA HIS A 99 -42.20 -13.37 17.44
C HIS A 99 -42.60 -13.02 18.89
N LEU A 100 -43.71 -13.58 19.38
CA LEU A 100 -44.15 -13.35 20.75
C LEU A 100 -43.53 -14.34 21.73
N GLY A 101 -43.36 -15.58 21.28
CA GLY A 101 -42.94 -16.67 22.13
C GLY A 101 -41.51 -17.10 21.92
N GLY A 102 -40.93 -16.69 20.79
CA GLY A 102 -39.59 -17.10 20.42
C GLY A 102 -39.48 -18.61 20.26
N GLY A 103 -38.43 -19.21 20.82
CA GLY A 103 -38.26 -20.65 20.81
C GLY A 103 -37.14 -21.25 19.97
N GLY A 104 -36.48 -20.42 19.18
CA GLY A 104 -35.50 -20.89 18.22
C GLY A 104 -34.25 -21.55 18.78
N LEU A 105 -33.73 -21.05 19.89
CA LEU A 105 -32.52 -21.62 20.46
C LEU A 105 -32.87 -22.78 21.38
N ALA A 106 -33.24 -23.89 20.79
CA ALA A 106 -33.67 -25.05 21.56
C ALA A 106 -33.67 -26.26 20.64
N GLU A 107 -33.90 -27.45 21.22
CA GLU A 107 -33.92 -28.67 20.43
C GLU A 107 -35.24 -28.83 19.73
N PHE A 108 -36.29 -28.28 20.34
CA PHE A 108 -37.64 -28.39 19.80
C PHE A 108 -38.37 -27.06 19.84
N ALA A 109 -39.22 -26.85 18.85
CA ALA A 109 -40.05 -25.65 18.81
C ALA A 109 -41.41 -25.96 18.19
N VAL A 110 -42.43 -25.19 18.55
CA VAL A 110 -43.71 -25.32 17.87
C VAL A 110 -43.95 -24.15 16.94
N ALA A 111 -44.40 -24.46 15.74
CA ALA A 111 -44.72 -23.44 14.74
C ALA A 111 -46.18 -23.61 14.28
N THR A 112 -46.85 -22.49 14.00
CA THR A 112 -48.17 -22.57 13.41
C THR A 112 -48.06 -23.18 12.02
N GLU A 113 -49.11 -23.89 11.60
CA GLU A 113 -49.09 -24.50 10.27
C GLU A 113 -49.06 -23.43 9.20
N LYS A 114 -49.67 -22.29 9.48
CA LYS A 114 -49.75 -21.20 8.52
C LYS A 114 -48.38 -20.53 8.25
N LEU A 115 -47.39 -20.84 9.09
CA LEU A 115 -46.04 -20.33 8.88
C LEU A 115 -45.01 -21.46 8.81
N THR A 116 -45.43 -22.60 8.27
CA THR A 116 -44.53 -23.74 8.10
C THR A 116 -44.56 -24.16 6.66
N VAL A 117 -43.38 -24.36 6.08
CA VAL A 117 -43.26 -24.73 4.67
C VAL A 117 -42.40 -25.99 4.50
N LYS A 118 -42.82 -26.89 3.62
CA LYS A 118 -42.06 -28.10 3.39
C LYS A 118 -40.76 -27.73 2.74
N ARG A 119 -39.67 -28.29 3.28
CA ARG A 119 -38.30 -28.05 2.77
C ARG A 119 -37.84 -29.13 1.83
N PRO A 120 -37.64 -28.80 0.54
CA PRO A 120 -37.23 -29.79 -0.47
C PRO A 120 -35.88 -30.41 -0.17
N GLN A 121 -35.61 -31.58 -0.77
CA GLN A 121 -34.38 -32.31 -0.53
C GLN A 121 -33.18 -31.47 -0.92
N GLU A 122 -33.35 -30.66 -1.96
CA GLU A 122 -32.27 -29.88 -2.54
C GLU A 122 -31.74 -28.79 -1.61
N VAL A 123 -32.58 -28.32 -0.69
CA VAL A 123 -32.22 -27.19 0.16
C VAL A 123 -31.87 -27.63 1.57
N GLY A 124 -30.66 -27.32 2.02
CA GLY A 124 -30.21 -27.70 3.34
C GLY A 124 -31.02 -27.07 4.44
N ALA A 125 -30.82 -27.50 5.68
CA ALA A 125 -31.56 -26.93 6.79
C ALA A 125 -30.99 -25.55 7.15
N ALA A 126 -29.67 -25.39 7.08
CA ALA A 126 -29.08 -24.10 7.44
C ALA A 126 -29.40 -23.08 6.37
N GLU A 127 -29.35 -23.51 5.12
CA GLU A 127 -29.68 -22.64 3.99
C GLU A 127 -31.12 -22.14 4.10
N ALA A 128 -32.01 -23.01 4.56
CA ALA A 128 -33.43 -22.69 4.65
C ALA A 128 -33.73 -21.83 5.86
N ALA A 129 -33.16 -22.18 7.00
CA ALA A 129 -33.42 -21.44 8.23
C ALA A 129 -33.00 -19.98 8.13
N ALA A 130 -32.03 -19.67 7.29
CA ALA A 130 -31.59 -18.29 7.12
C ALA A 130 -32.61 -17.43 6.38
N LEU A 131 -33.49 -18.08 5.63
CA LEU A 131 -34.46 -17.37 4.79
C LEU A 131 -35.52 -16.49 5.47
N PRO A 132 -36.32 -17.04 6.43
CA PRO A 132 -37.56 -16.37 6.86
C PRO A 132 -37.47 -14.86 7.07
N VAL A 133 -37.04 -14.38 8.23
CA VAL A 133 -37.04 -12.92 8.44
C VAL A 133 -36.21 -12.12 7.40
N ALA A 134 -34.92 -12.44 7.25
CA ALA A 134 -34.08 -11.70 6.32
C ALA A 134 -34.65 -11.73 4.90
N GLY A 135 -34.92 -12.94 4.40
CA GLY A 135 -35.35 -13.10 3.03
C GLY A 135 -36.69 -12.48 2.73
N LEU A 136 -37.67 -12.71 3.61
CA LEU A 136 -39.03 -12.20 3.40
C LEU A 136 -39.05 -10.68 3.51
N THR A 137 -38.25 -10.13 4.41
CA THR A 137 -38.07 -8.69 4.52
C THR A 137 -37.53 -8.12 3.21
N ALA A 138 -36.41 -8.67 2.73
CA ALA A 138 -35.88 -8.26 1.45
C ALA A 138 -36.98 -8.37 0.38
N LEU A 139 -37.70 -9.47 0.37
CA LEU A 139 -38.76 -9.71 -0.60
C LEU A 139 -39.88 -8.68 -0.49
N GLN A 140 -40.35 -8.43 0.72
CA GLN A 140 -41.44 -7.49 0.93
C GLN A 140 -41.06 -6.07 0.51
N ALA A 141 -39.86 -5.66 0.89
CA ALA A 141 -39.39 -4.34 0.52
C ALA A 141 -39.38 -4.16 -0.99
N LEU A 142 -38.85 -5.13 -1.73
CA LEU A 142 -38.73 -4.98 -3.17
C LEU A 142 -40.04 -5.16 -3.90
N THR A 143 -40.94 -5.95 -3.32
CA THR A 143 -42.24 -6.28 -3.91
C THR A 143 -43.33 -5.27 -3.65
N ASN A 144 -43.37 -4.74 -2.42
CA ASN A 144 -44.45 -3.83 -2.09
C ASN A 144 -44.05 -2.36 -2.29
N PRO A 145 -43.25 -1.77 -1.37
CA PRO A 145 -42.99 -0.34 -1.61
C PRO A 145 -42.20 -0.01 -2.89
N ALA A 146 -41.23 -0.83 -3.27
CA ALA A 146 -40.44 -0.60 -4.47
C ALA A 146 -41.21 -0.99 -5.73
N GLY A 147 -42.23 -1.81 -5.55
CA GLY A 147 -43.17 -2.10 -6.62
C GLY A 147 -42.64 -2.90 -7.79
N LEU A 148 -41.59 -3.67 -7.55
CA LEU A 148 -41.00 -4.52 -8.58
C LEU A 148 -41.67 -5.89 -8.58
N LYS A 149 -41.93 -6.41 -9.78
CA LYS A 149 -42.32 -7.80 -9.89
C LYS A 149 -41.00 -8.52 -9.98
N LEU A 150 -41.01 -9.83 -9.72
CA LEU A 150 -39.79 -10.63 -9.80
C LEU A 150 -39.82 -11.67 -10.97
N ASP A 151 -40.84 -11.58 -11.83
CA ASP A 151 -40.93 -12.38 -13.05
C ASP A 151 -40.20 -11.72 -14.25
N GLY A 152 -40.93 -10.93 -15.03
CA GLY A 152 -40.37 -10.08 -16.06
C GLY A 152 -41.25 -8.86 -16.30
N THR A 153 -42.31 -8.77 -15.52
CA THR A 153 -43.37 -7.81 -15.80
C THR A 153 -43.29 -6.59 -14.89
N GLY A 154 -42.25 -6.55 -14.05
CA GLY A 154 -42.08 -5.49 -13.08
C GLY A 154 -41.49 -4.23 -13.68
N LYS A 155 -41.57 -3.12 -12.95
CA LYS A 155 -40.92 -1.91 -13.42
C LYS A 155 -39.41 -2.14 -13.32
N LYS A 156 -38.68 -1.67 -14.32
CA LYS A 156 -37.25 -1.78 -14.33
C LYS A 156 -36.82 -0.59 -13.47
N ALA A 157 -35.69 -0.64 -12.76
CA ALA A 157 -35.44 0.47 -11.83
C ALA A 157 -34.04 0.51 -11.26
N ASN A 158 -33.72 1.62 -10.59
CA ASN A 158 -32.45 1.77 -9.91
C ASN A 158 -32.61 1.52 -8.43
N ILE A 159 -31.89 0.53 -7.93
CA ILE A 159 -31.98 0.18 -6.52
C ILE A 159 -30.67 0.44 -5.81
N LEU A 160 -30.74 1.09 -4.64
CA LEU A 160 -29.61 1.15 -3.72
C LEU A 160 -29.85 0.19 -2.59
N VAL A 161 -28.85 -0.62 -2.23
CA VAL A 161 -28.93 -1.46 -1.05
C VAL A 161 -27.83 -1.10 -0.07
N THR A 162 -28.20 -0.54 1.07
CA THR A 162 -27.23 -0.25 2.11
C THR A 162 -26.95 -1.49 2.88
N ALA A 163 -25.72 -1.56 3.40
CA ALA A 163 -25.23 -2.66 4.22
C ALA A 163 -25.54 -4.01 3.56
N ALA A 164 -25.14 -4.15 2.30
CA ALA A 164 -25.57 -5.28 1.51
C ALA A 164 -24.84 -6.56 1.83
N SER A 165 -23.92 -6.51 2.80
CA SER A 165 -23.11 -7.70 3.12
C SER A 165 -23.77 -8.48 4.25
N GLY A 166 -24.84 -7.92 4.81
CA GLY A 166 -25.53 -8.50 5.94
C GLY A 166 -26.74 -9.37 5.61
N GLY A 167 -27.50 -9.77 6.63
CA GLY A 167 -28.64 -10.64 6.49
C GLY A 167 -29.68 -10.21 5.45
N VAL A 168 -30.43 -9.15 5.71
CA VAL A 168 -31.39 -8.70 4.73
C VAL A 168 -30.66 -8.21 3.49
N GLY A 169 -29.56 -7.48 3.69
CA GLY A 169 -28.77 -6.94 2.60
C GLY A 169 -28.45 -7.88 1.47
N HIS A 170 -27.92 -9.06 1.79
CA HIS A 170 -27.39 -9.95 0.75
C HIS A 170 -28.50 -10.65 0.01
N TYR A 171 -29.65 -10.82 0.66
CA TYR A 171 -30.83 -11.30 -0.05
C TYR A 171 -31.36 -10.21 -0.96
N ALA A 172 -31.41 -8.98 -0.45
CA ALA A 172 -31.94 -7.86 -1.19
C ALA A 172 -31.24 -7.68 -2.55
N VAL A 173 -29.92 -7.79 -2.57
CA VAL A 173 -29.17 -7.58 -3.82
C VAL A 173 -29.52 -8.63 -4.87
N GLN A 174 -29.56 -9.88 -4.42
CA GLN A 174 -29.88 -11.01 -5.30
C GLN A 174 -31.28 -10.89 -5.87
N LEU A 175 -32.24 -10.62 -5.00
CA LEU A 175 -33.63 -10.47 -5.41
C LEU A 175 -33.82 -9.32 -6.38
N ALA A 176 -33.17 -8.18 -6.10
CA ALA A 176 -33.29 -6.99 -6.94
C ALA A 176 -32.77 -7.26 -8.34
N LYS A 177 -31.77 -8.12 -8.44
CA LYS A 177 -31.27 -8.49 -9.76
C LYS A 177 -32.27 -9.31 -10.54
N LEU A 178 -33.00 -10.18 -9.85
CA LEU A 178 -34.02 -11.00 -10.51
C LEU A 178 -35.20 -10.18 -11.03
N ALA A 179 -35.33 -8.95 -10.51
CA ALA A 179 -36.37 -8.05 -10.99
C ALA A 179 -35.86 -7.15 -12.10
N ASN A 180 -34.67 -7.46 -12.61
CA ASN A 180 -33.99 -6.68 -13.64
C ASN A 180 -33.86 -5.22 -13.22
N ALA A 181 -33.29 -5.02 -12.04
CA ALA A 181 -32.96 -3.70 -11.57
C ALA A 181 -31.45 -3.48 -11.62
N HIS A 182 -31.04 -2.22 -11.80
CA HIS A 182 -29.64 -1.84 -11.58
C HIS A 182 -29.42 -1.70 -10.08
N VAL A 183 -28.43 -2.41 -9.55
CA VAL A 183 -28.20 -2.41 -8.12
C VAL A 183 -26.87 -1.73 -7.75
N THR A 184 -26.97 -0.70 -6.92
CA THR A 184 -25.84 -0.03 -6.32
C THR A 184 -25.81 -0.49 -4.85
N ALA A 185 -24.65 -0.90 -4.35
CA ALA A 185 -24.60 -1.40 -2.97
C ALA A 185 -23.51 -0.77 -2.13
N THR A 186 -23.75 -0.67 -0.81
CA THR A 186 -22.70 -0.25 0.12
C THR A 186 -22.38 -1.36 1.12
N CYS A 187 -21.10 -1.43 1.50
CA CYS A 187 -20.63 -2.41 2.49
C CYS A 187 -19.23 -2.03 2.93
N GLY A 188 -18.66 -2.80 3.86
CA GLY A 188 -17.32 -2.54 4.32
C GLY A 188 -16.34 -2.86 3.20
N ALA A 189 -15.15 -2.26 3.27
CA ALA A 189 -14.10 -2.54 2.30
C ALA A 189 -13.85 -4.04 2.11
N ARG A 190 -13.83 -4.80 3.20
CA ARG A 190 -13.55 -6.23 3.15
C ARG A 190 -14.56 -7.02 2.30
N ASN A 191 -15.80 -6.56 2.29
CA ASN A 191 -16.87 -7.31 1.66
C ASN A 191 -17.18 -6.87 0.24
N ILE A 192 -16.41 -5.93 -0.29
CA ILE A 192 -16.67 -5.35 -1.59
C ILE A 192 -16.68 -6.39 -2.71
N GLU A 193 -15.77 -7.36 -2.67
CA GLU A 193 -15.74 -8.41 -3.67
C GLU A 193 -16.92 -9.37 -3.51
N PHE A 194 -17.26 -9.64 -2.25
CA PHE A 194 -18.39 -10.51 -1.93
C PHE A 194 -19.69 -9.94 -2.49
N VAL A 195 -19.92 -8.65 -2.30
CA VAL A 195 -21.18 -8.04 -2.71
C VAL A 195 -21.23 -7.99 -4.23
N LYS A 196 -20.09 -7.82 -4.89
CA LYS A 196 -20.07 -7.89 -6.35
C LYS A 196 -20.59 -9.25 -6.81
N SER A 197 -20.19 -10.29 -6.09
CA SER A 197 -20.56 -11.66 -6.45
C SER A 197 -22.05 -11.98 -6.27
N LEU A 198 -22.76 -11.17 -5.49
CA LEU A 198 -24.20 -11.35 -5.32
C LEU A 198 -24.96 -10.79 -6.52
N GLY A 199 -24.25 -10.02 -7.35
CA GLY A 199 -24.83 -9.48 -8.55
C GLY A 199 -24.92 -7.98 -8.60
N ALA A 200 -24.39 -7.32 -7.58
CA ALA A 200 -24.46 -5.88 -7.53
C ALA A 200 -23.71 -5.30 -8.71
N ASP A 201 -24.31 -4.30 -9.35
CA ASP A 201 -23.66 -3.63 -10.48
C ASP A 201 -22.58 -2.65 -10.01
N GLU A 202 -22.88 -1.87 -8.98
CA GLU A 202 -21.91 -0.97 -8.37
C GLU A 202 -21.81 -1.22 -6.88
N VAL A 203 -20.58 -1.22 -6.35
CA VAL A 203 -20.37 -1.40 -4.91
C VAL A 203 -19.44 -0.31 -4.31
N LEU A 204 -19.87 0.28 -3.21
CA LEU A 204 -19.18 1.40 -2.60
C LEU A 204 -18.73 1.10 -1.16
N ASP A 205 -17.48 1.40 -0.85
CA ASP A 205 -16.98 1.32 0.50
C ASP A 205 -17.63 2.47 1.25
N TYR A 206 -18.37 2.17 2.31
CA TYR A 206 -19.14 3.19 2.97
C TYR A 206 -18.29 4.17 3.78
N LYS A 207 -17.00 3.88 3.92
CA LYS A 207 -16.15 4.76 4.66
C LYS A 207 -15.54 5.80 3.71
N THR A 208 -15.78 5.65 2.40
CA THR A 208 -15.18 6.52 1.34
C THR A 208 -15.97 7.81 1.07
N PRO A 209 -15.61 8.55 0.01
CA PRO A 209 -16.49 9.73 -0.12
C PRO A 209 -17.74 9.51 -0.94
N GLU A 210 -17.65 8.67 -1.96
CA GLU A 210 -18.79 8.44 -2.85
C GLU A 210 -19.82 7.55 -2.17
N GLY A 211 -19.37 6.73 -1.23
CA GLY A 211 -20.25 5.84 -0.52
C GLY A 211 -20.84 6.46 0.74
N ALA A 212 -20.11 7.37 1.37
CA ALA A 212 -20.66 8.08 2.51
C ALA A 212 -21.80 8.99 2.04
N ALA A 213 -21.74 9.39 0.78
CA ALA A 213 -22.68 10.35 0.25
C ALA A 213 -23.64 9.58 -0.63
N LEU A 214 -23.40 8.26 -0.69
CA LEU A 214 -24.17 7.35 -1.54
C LEU A 214 -24.32 7.87 -2.99
N LYS A 215 -23.23 8.39 -3.58
CA LYS A 215 -23.26 8.83 -5.00
C LYS A 215 -22.74 7.71 -5.91
N SER A 216 -23.58 7.32 -6.87
CA SER A 216 -23.23 6.25 -7.82
C SER A 216 -22.31 6.71 -8.95
N PRO A 217 -21.17 6.01 -9.17
CA PRO A 217 -20.23 6.31 -10.28
C PRO A 217 -20.88 6.47 -11.67
N SER A 218 -21.93 5.73 -11.97
CA SER A 218 -22.71 6.04 -13.15
C SER A 218 -23.53 7.29 -12.97
N GLY A 219 -23.59 7.87 -11.78
CA GLY A 219 -24.48 9.00 -11.60
C GLY A 219 -25.95 8.58 -11.58
N LYS A 220 -26.19 7.34 -11.17
CA LYS A 220 -27.54 6.84 -11.00
C LYS A 220 -28.31 7.59 -9.91
N LYS A 221 -29.58 7.91 -10.17
CA LYS A 221 -30.46 8.29 -9.05
C LYS A 221 -31.38 7.11 -8.74
N TYR A 222 -31.56 6.82 -7.47
CA TYR A 222 -32.26 5.59 -7.06
C TYR A 222 -33.77 5.74 -6.93
N ASP A 223 -34.50 4.77 -7.47
CA ASP A 223 -35.96 4.80 -7.39
C ASP A 223 -36.38 4.27 -6.03
N ALA A 224 -35.54 3.40 -5.48
CA ALA A 224 -35.81 2.89 -4.16
C ALA A 224 -34.53 2.46 -3.45
N VAL A 225 -34.56 2.60 -2.13
CA VAL A 225 -33.45 2.16 -1.31
C VAL A 225 -33.90 1.11 -0.31
N VAL A 226 -33.33 -0.09 -0.38
CA VAL A 226 -33.51 -1.04 0.70
C VAL A 226 -32.46 -0.71 1.74
N HIS A 227 -32.86 0.10 2.71
CA HIS A 227 -31.94 0.64 3.69
C HIS A 227 -31.72 -0.30 4.87
N CYS A 228 -30.59 -0.99 4.93
CA CYS A 228 -30.35 -1.96 6.00
C CYS A 228 -29.35 -1.47 7.02
N ALA A 229 -28.61 -0.42 6.67
CA ALA A 229 -27.67 0.23 7.60
C ALA A 229 -28.42 1.09 8.62
N ASN A 230 -27.72 1.83 9.46
CA ASN A 230 -28.43 2.56 10.49
C ASN A 230 -28.13 4.04 10.69
N GLY A 231 -26.89 4.44 10.45
CA GLY A 231 -26.50 5.79 10.81
C GLY A 231 -26.80 6.89 9.80
N ILE A 232 -27.77 6.71 8.93
CA ILE A 232 -27.94 7.66 7.83
C ILE A 232 -29.25 8.45 7.89
N PRO A 233 -29.13 9.78 7.94
CA PRO A 233 -30.27 10.69 7.94
C PRO A 233 -30.79 10.91 6.53
N PHE A 234 -32.04 11.30 6.40
CA PHE A 234 -32.67 11.42 5.09
C PHE A 234 -31.91 12.41 4.19
N SER A 235 -31.36 13.44 4.79
CA SER A 235 -30.45 14.36 4.11
C SER A 235 -29.50 13.68 3.12
N VAL A 236 -28.85 12.61 3.54
CA VAL A 236 -27.85 11.95 2.72
C VAL A 236 -28.50 11.20 1.55
N PHE A 237 -29.69 10.65 1.76
CA PHE A 237 -30.36 9.93 0.68
C PHE A 237 -30.88 10.90 -0.37
N GLU A 238 -31.53 11.96 0.09
CA GLU A 238 -32.33 12.87 -0.73
C GLU A 238 -31.72 13.25 -2.11
N PRO A 239 -30.51 13.81 -2.14
CA PRO A 239 -30.02 14.20 -3.47
C PRO A 239 -29.70 13.01 -4.39
N ASN A 240 -29.63 11.81 -3.85
CA ASN A 240 -29.40 10.64 -4.68
C ASN A 240 -30.68 9.94 -5.11
N LEU A 241 -31.80 10.43 -4.64
CA LEU A 241 -33.08 9.83 -5.01
C LEU A 241 -33.59 10.38 -6.31
N SER A 242 -34.30 9.55 -7.05
CA SER A 242 -35.05 9.99 -8.20
C SER A 242 -36.17 10.93 -7.75
N GLU A 243 -36.97 11.43 -8.68
CA GLU A 243 -37.95 12.47 -8.35
C GLU A 243 -38.94 11.96 -7.32
N ASN A 244 -39.28 10.68 -7.43
CA ASN A 244 -40.24 10.08 -6.51
C ASN A 244 -39.68 8.91 -5.74
N GLY A 245 -38.36 8.91 -5.55
CA GLY A 245 -37.67 7.82 -4.87
C GLY A 245 -38.15 7.57 -3.45
N LYS A 246 -38.14 6.32 -3.05
CA LYS A 246 -38.54 5.92 -1.71
C LYS A 246 -37.35 5.24 -1.02
N VAL A 247 -37.02 5.72 0.17
CA VAL A 247 -36.04 5.03 1.01
C VAL A 247 -36.81 4.14 1.99
N ILE A 248 -36.59 2.84 1.89
CA ILE A 248 -37.27 1.86 2.69
C ILE A 248 -36.42 1.43 3.88
N ASP A 249 -36.75 1.93 5.06
CA ASP A 249 -36.00 1.61 6.27
C ASP A 249 -36.53 0.29 6.81
N ILE A 250 -35.72 -0.76 6.72
CA ILE A 250 -36.19 -2.08 7.15
C ILE A 250 -35.88 -2.32 8.63
N THR A 251 -35.34 -1.31 9.28
CA THR A 251 -35.09 -1.38 10.71
C THR A 251 -35.40 -0.02 11.38
N PRO A 252 -36.67 0.42 11.30
CA PRO A 252 -37.07 1.81 11.54
C PRO A 252 -37.14 2.21 13.00
N GLY A 253 -36.48 3.28 13.38
CA GLY A 253 -36.59 3.74 14.75
C GLY A 253 -37.54 4.92 14.83
N PRO A 254 -37.52 5.62 15.98
CA PRO A 254 -38.33 6.82 16.19
C PRO A 254 -38.01 7.88 15.16
N ASN A 255 -36.73 8.03 14.83
CA ASN A 255 -36.33 8.94 13.79
C ASN A 255 -37.00 8.66 12.46
N ALA A 256 -37.00 7.38 12.09
CA ALA A 256 -37.59 7.00 10.80
C ALA A 256 -39.08 7.22 10.85
N MET A 257 -39.70 6.81 11.96
CA MET A 257 -41.12 6.95 12.15
C MET A 257 -41.55 8.41 12.01
N TRP A 258 -40.81 9.30 12.66
CA TRP A 258 -41.04 10.74 12.57
C TRP A 258 -40.87 11.30 11.16
N THR A 259 -39.74 11.01 10.55
CA THR A 259 -39.48 11.41 9.19
C THR A 259 -40.63 11.00 8.27
N TYR A 260 -41.05 9.74 8.39
CA TYR A 260 -42.21 9.20 7.67
C TYR A 260 -43.42 10.11 7.81
N ALA A 261 -43.72 10.50 9.04
CA ALA A 261 -44.87 11.34 9.35
C ALA A 261 -44.74 12.70 8.67
N VAL A 262 -43.58 13.30 8.80
CA VAL A 262 -43.38 14.62 8.27
C VAL A 262 -43.43 14.64 6.76
N LYS A 263 -42.69 13.73 6.12
CA LYS A 263 -42.72 13.61 4.66
C LYS A 263 -44.13 13.31 4.14
N LYS A 264 -44.95 12.63 4.95
CA LYS A 264 -46.32 12.31 4.57
C LYS A 264 -47.17 13.57 4.64
N ILE A 265 -47.09 14.26 5.77
CA ILE A 265 -47.94 15.41 6.03
C ILE A 265 -47.58 16.64 5.22
N THR A 266 -46.35 16.68 4.71
CA THR A 266 -45.89 17.74 3.80
C THR A 266 -45.91 17.29 2.34
N MET A 267 -46.50 16.12 2.10
CA MET A 267 -46.62 15.55 0.77
C MET A 267 -45.32 15.60 -0.02
N SER A 268 -44.19 15.31 0.64
CA SER A 268 -42.89 15.23 -0.06
C SER A 268 -42.91 14.17 -1.15
N LYS A 269 -42.42 14.51 -2.34
CA LYS A 269 -42.51 13.59 -3.46
C LYS A 269 -41.56 12.47 -3.18
N LYS A 270 -40.41 12.81 -2.60
CA LYS A 270 -39.47 11.79 -2.08
C LYS A 270 -39.92 11.34 -0.69
N GLN A 271 -39.99 10.03 -0.48
CA GLN A 271 -40.69 9.45 0.67
C GLN A 271 -39.80 8.51 1.52
N LEU A 272 -40.05 8.46 2.82
CA LEU A 272 -39.41 7.46 3.66
C LEU A 272 -40.44 6.47 4.18
N VAL A 273 -40.22 5.21 3.83
CA VAL A 273 -41.16 4.15 4.16
C VAL A 273 -40.61 3.20 5.23
N PRO A 274 -41.22 3.22 6.43
CA PRO A 274 -40.87 2.25 7.46
C PRO A 274 -41.41 0.91 7.06
N LEU A 275 -40.66 -0.16 7.22
CA LEU A 275 -41.15 -1.46 6.80
C LEU A 275 -41.27 -2.38 7.97
N LEU A 276 -42.48 -2.89 8.18
CA LEU A 276 -42.68 -4.00 9.11
C LEU A 276 -43.06 -5.25 8.32
N LEU A 277 -42.27 -6.30 8.53
CA LEU A 277 -42.50 -7.57 7.85
C LEU A 277 -43.82 -8.24 8.23
N ILE A 278 -44.54 -8.70 7.22
CA ILE A 278 -45.67 -9.58 7.45
C ILE A 278 -45.34 -10.89 6.76
N PRO A 279 -44.83 -11.86 7.54
CA PRO A 279 -44.46 -13.17 7.01
C PRO A 279 -45.67 -13.95 6.53
N LYS A 280 -45.72 -14.27 5.24
CA LYS A 280 -46.82 -15.04 4.71
C LYS A 280 -46.24 -16.31 4.09
N ALA A 281 -46.86 -17.46 4.33
CA ALA A 281 -46.32 -18.75 3.90
C ALA A 281 -46.08 -18.89 2.39
N GLU A 282 -46.93 -18.23 1.60
CA GLU A 282 -46.75 -18.17 0.16
C GLU A 282 -45.37 -17.63 -0.20
N ASN A 283 -44.94 -16.57 0.49
CA ASN A 283 -43.65 -15.91 0.23
C ASN A 283 -42.49 -16.79 0.67
N LEU A 284 -42.64 -17.45 1.81
CA LEU A 284 -41.59 -18.35 2.29
C LEU A 284 -41.42 -19.49 1.31
N GLU A 285 -42.52 -20.04 0.84
CA GLU A 285 -42.49 -21.10 -0.16
C GLU A 285 -41.75 -20.63 -1.39
N PHE A 286 -42.07 -19.41 -1.81
CA PHE A 286 -41.46 -18.76 -2.97
C PHE A 286 -39.95 -18.68 -2.83
N MET A 287 -39.50 -18.15 -1.70
CA MET A 287 -38.08 -17.93 -1.45
C MET A 287 -37.35 -19.26 -1.42
N VAL A 288 -37.99 -20.27 -0.84
CA VAL A 288 -37.42 -21.60 -0.77
C VAL A 288 -37.23 -22.16 -2.18
N ASN A 289 -38.20 -21.91 -3.04
CA ASN A 289 -38.05 -22.32 -4.43
C ASN A 289 -36.88 -21.66 -5.12
N LEU A 290 -36.72 -20.36 -4.89
CA LEU A 290 -35.62 -19.59 -5.49
C LEU A 290 -34.27 -20.18 -5.07
N VAL A 291 -34.17 -20.62 -3.83
CA VAL A 291 -32.95 -21.23 -3.35
C VAL A 291 -32.77 -22.60 -4.00
N LYS A 292 -33.86 -23.35 -4.13
CA LYS A 292 -33.81 -24.67 -4.73
C LYS A 292 -33.33 -24.57 -6.17
N GLU A 293 -33.88 -23.60 -6.89
CA GLU A 293 -33.59 -23.44 -8.31
C GLU A 293 -32.27 -22.70 -8.54
N GLY A 294 -31.56 -22.40 -7.46
CA GLY A 294 -30.28 -21.71 -7.56
C GLY A 294 -30.35 -20.23 -7.93
N LYS A 295 -31.55 -19.68 -8.04
CA LYS A 295 -31.68 -18.28 -8.43
C LYS A 295 -31.30 -17.34 -7.26
N VAL A 296 -31.25 -17.91 -6.05
CA VAL A 296 -30.88 -17.16 -4.85
C VAL A 296 -30.05 -18.07 -3.96
N LYS A 297 -28.87 -17.61 -3.55
CA LYS A 297 -28.06 -18.41 -2.63
C LYS A 297 -28.01 -17.78 -1.24
N THR A 298 -28.18 -18.61 -0.21
CA THR A 298 -28.00 -18.21 1.17
C THR A 298 -26.53 -18.24 1.54
N VAL A 299 -25.96 -17.12 1.97
CA VAL A 299 -24.59 -17.21 2.49
C VAL A 299 -24.63 -17.30 4.01
N ILE A 300 -23.88 -18.27 4.53
CA ILE A 300 -23.85 -18.52 5.96
C ILE A 300 -22.58 -17.96 6.55
N ASP A 301 -22.72 -17.01 7.47
CA ASP A 301 -21.55 -16.39 8.09
C ASP A 301 -20.81 -17.41 8.94
N SER A 302 -21.54 -18.18 9.72
CA SER A 302 -20.93 -19.12 10.63
C SER A 302 -21.95 -20.14 11.15
N LYS A 303 -21.46 -21.29 11.57
CA LYS A 303 -22.30 -22.29 12.20
C LYS A 303 -21.80 -22.58 13.62
N HIS A 304 -22.71 -22.47 14.58
CA HIS A 304 -22.40 -22.78 15.97
C HIS A 304 -23.31 -23.86 16.55
N PRO A 305 -22.75 -24.72 17.40
CA PRO A 305 -23.58 -25.72 18.09
C PRO A 305 -24.38 -25.06 19.22
N LEU A 306 -25.59 -25.55 19.45
CA LEU A 306 -26.45 -25.02 20.52
C LEU A 306 -25.72 -24.94 21.87
N SER A 307 -24.77 -25.83 22.11
CA SER A 307 -23.99 -25.82 23.35
C SER A 307 -23.09 -24.62 23.44
N LYS A 308 -22.80 -23.99 22.31
CA LYS A 308 -21.96 -22.80 22.30
C LYS A 308 -22.70 -21.63 21.65
N ALA A 309 -24.01 -21.60 21.81
CA ALA A 309 -24.84 -20.61 21.13
C ALA A 309 -24.52 -19.16 21.51
N GLU A 310 -24.09 -18.92 22.75
CA GLU A 310 -23.70 -17.56 23.14
C GLU A 310 -22.69 -16.93 22.15
N ASP A 311 -21.80 -17.76 21.61
CA ASP A 311 -20.84 -17.28 20.63
C ASP A 311 -21.59 -16.69 19.44
N ALA A 312 -22.59 -17.41 18.95
CA ALA A 312 -23.38 -16.91 17.83
C ALA A 312 -24.10 -15.62 18.20
N TRP A 313 -24.64 -15.59 19.41
CA TRP A 313 -25.33 -14.42 19.95
C TRP A 313 -24.39 -13.21 19.95
N ALA A 314 -23.20 -13.37 20.49
CA ALA A 314 -22.22 -12.28 20.54
C ALA A 314 -21.79 -11.84 19.13
N LYS A 315 -21.64 -12.78 18.21
CA LYS A 315 -21.33 -12.48 16.82
C LYS A 315 -22.43 -11.59 16.22
N SER A 316 -23.70 -11.95 16.50
CA SER A 316 -24.84 -11.16 16.06
C SER A 316 -24.82 -9.78 16.67
N ILE A 317 -24.59 -9.70 17.97
CA ILE A 317 -24.50 -8.41 18.64
C ILE A 317 -23.40 -7.49 18.05
N ASP A 318 -22.23 -8.03 17.72
CA ASP A 318 -21.17 -7.28 17.03
C ASP A 318 -21.64 -6.84 15.67
N GLY A 319 -22.46 -7.69 15.05
CA GLY A 319 -23.03 -7.39 13.75
C GLY A 319 -22.04 -7.11 12.65
N HIS A 320 -20.94 -7.88 12.63
CA HIS A 320 -20.05 -7.82 11.49
C HIS A 320 -20.27 -9.04 10.63
N ALA A 321 -21.34 -9.76 10.93
CA ALA A 321 -21.65 -10.97 10.21
C ALA A 321 -21.80 -10.71 8.72
N THR A 322 -21.33 -11.66 7.93
CA THR A 322 -21.54 -11.60 6.50
C THR A 322 -22.55 -12.64 6.09
N GLY A 323 -23.77 -12.21 5.76
CA GLY A 323 -24.86 -13.14 5.54
C GLY A 323 -25.48 -13.53 6.87
N LYS A 324 -25.80 -14.81 7.06
CA LYS A 324 -26.60 -15.19 8.24
C LYS A 324 -25.89 -16.15 9.19
N ILE A 325 -26.02 -15.85 10.48
CA ILE A 325 -25.49 -16.67 11.56
C ILE A 325 -26.44 -17.85 11.91
N ILE A 326 -25.91 -19.06 11.95
CA ILE A 326 -26.70 -20.27 12.13
C ILE A 326 -26.34 -21.00 13.40
N VAL A 327 -27.35 -21.47 14.14
CA VAL A 327 -27.12 -22.35 15.29
C VAL A 327 -27.75 -23.71 15.02
N GLU A 328 -26.92 -24.74 15.08
CA GLU A 328 -27.34 -26.12 14.82
C GLU A 328 -27.21 -26.92 16.12
N PRO A 329 -27.82 -28.10 16.17
CA PRO A 329 -27.67 -28.89 17.40
C PRO A 329 -26.36 -29.68 17.41
N LEU B 5 -56.63 46.67 -6.06
CA LEU B 5 -57.16 46.20 -4.77
C LEU B 5 -58.25 45.14 -4.92
N MET B 6 -58.74 44.58 -3.80
CA MET B 6 -59.53 43.34 -3.83
C MET B 6 -60.33 43.13 -2.56
N HIS B 7 -61.55 42.60 -2.70
CA HIS B 7 -62.44 42.26 -1.57
C HIS B 7 -62.18 40.82 -1.18
N ALA B 8 -62.19 40.53 0.12
CA ALA B 8 -61.88 39.17 0.58
C ALA B 8 -62.43 38.94 1.95
N LEU B 9 -62.40 37.68 2.39
CA LEU B 9 -62.77 37.33 3.75
C LEU B 9 -61.58 36.78 4.55
N GLN B 10 -61.45 37.27 5.78
CA GLN B 10 -60.37 36.94 6.67
C GLN B 10 -60.87 36.56 8.06
N TYR B 11 -60.19 35.65 8.71
CA TYR B 11 -60.29 35.58 10.16
C TYR B 11 -58.90 35.86 10.72
N ASN B 12 -58.87 36.52 11.87
CA ASN B 12 -57.64 37.03 12.48
C ASN B 12 -57.39 36.29 13.80
N SER B 13 -58.13 35.22 14.04
CA SER B 13 -58.22 34.65 15.37
C SER B 13 -58.86 33.27 15.32
N TYR B 14 -58.53 32.43 16.29
CA TYR B 14 -59.20 31.14 16.39
C TYR B 14 -60.61 31.28 16.95
N GLY B 15 -61.50 30.38 16.57
CA GLY B 15 -62.74 30.21 17.28
C GLY B 15 -63.86 31.16 16.93
N GLY B 16 -63.62 32.06 15.99
CA GLY B 16 -64.66 32.98 15.59
C GLY B 16 -65.94 32.39 15.06
N GLY B 17 -65.86 31.28 14.32
CA GLY B 17 -67.01 30.77 13.59
C GLY B 17 -67.32 31.69 12.42
N ALA B 18 -68.57 31.73 11.97
CA ALA B 18 -68.95 32.61 10.87
C ALA B 18 -68.90 34.05 11.30
N ALA B 19 -69.12 34.27 12.59
CA ALA B 19 -69.03 35.61 13.17
C ALA B 19 -67.61 36.18 13.03
N GLY B 20 -66.61 35.31 13.21
CA GLY B 20 -65.22 35.73 13.14
C GLY B 20 -64.67 36.05 11.75
N LEU B 21 -65.44 35.77 10.71
CA LEU B 21 -65.06 36.18 9.35
C LEU B 21 -65.24 37.67 9.21
N GLU B 22 -64.30 38.32 8.51
CA GLU B 22 -64.41 39.74 8.26
C GLU B 22 -64.27 40.04 6.77
N HIS B 23 -65.16 40.89 6.25
CA HIS B 23 -64.97 41.38 4.91
C HIS B 23 -63.91 42.47 4.92
N VAL B 24 -62.92 42.33 4.05
CA VAL B 24 -61.80 43.26 4.02
C VAL B 24 -61.39 43.59 2.60
N GLN B 25 -60.66 44.70 2.49
CA GLN B 25 -59.97 45.07 1.27
C GLN B 25 -58.50 44.68 1.38
N VAL B 26 -58.00 44.03 0.36
CA VAL B 26 -56.67 43.47 0.45
C VAL B 26 -56.03 43.58 -0.91
N PRO B 27 -54.73 43.84 -0.94
CA PRO B 27 -54.00 43.89 -2.21
C PRO B 27 -54.15 42.61 -3.04
N VAL B 28 -54.42 42.77 -4.34
CA VAL B 28 -54.44 41.66 -5.28
C VAL B 28 -53.09 40.96 -5.31
N PRO B 29 -53.06 39.65 -5.12
CA PRO B 29 -51.76 38.97 -5.04
C PRO B 29 -51.00 39.02 -6.35
N THR B 30 -49.67 38.90 -6.29
CA THR B 30 -48.84 38.88 -7.49
C THR B 30 -48.23 37.49 -7.71
N PRO B 31 -48.41 36.95 -8.92
CA PRO B 31 -47.90 35.60 -9.24
C PRO B 31 -46.39 35.53 -9.24
N LYS B 32 -45.84 34.48 -8.64
CA LYS B 32 -44.40 34.27 -8.68
C LYS B 32 -44.04 33.53 -9.97
N SER B 33 -42.77 33.14 -10.10
CA SER B 33 -42.23 32.54 -11.32
C SER B 33 -43.14 31.47 -11.92
N ASN B 34 -43.67 30.60 -11.05
CA ASN B 34 -44.42 29.45 -11.50
C ASN B 34 -45.88 29.50 -11.09
N GLU B 35 -46.35 30.67 -10.72
CA GLU B 35 -47.75 30.83 -10.31
C GLU B 35 -48.56 31.51 -11.40
N VAL B 36 -49.88 31.29 -11.39
CA VAL B 36 -50.79 32.10 -12.22
C VAL B 36 -51.78 32.83 -11.33
N CYS B 37 -52.26 33.97 -11.80
CA CYS B 37 -53.20 34.77 -11.03
C CYS B 37 -54.58 34.66 -11.67
N LEU B 38 -55.58 34.35 -10.84
CA LEU B 38 -56.92 34.11 -11.34
C LEU B 38 -57.94 35.12 -10.85
N LYS B 39 -58.74 35.63 -11.79
CA LYS B 39 -59.99 36.28 -11.43
C LYS B 39 -60.98 35.16 -11.09
N LEU B 40 -61.42 35.11 -9.85
CA LEU B 40 -62.20 33.97 -9.42
C LEU B 40 -63.64 34.03 -9.95
N GLU B 41 -64.14 32.86 -10.37
CA GLU B 41 -65.52 32.73 -10.85
C GLU B 41 -66.33 31.85 -9.93
N ALA B 42 -65.66 30.91 -9.27
CA ALA B 42 -66.31 30.09 -8.25
C ALA B 42 -65.30 29.55 -7.24
N THR B 43 -65.72 29.50 -5.99
CA THR B 43 -64.91 28.91 -4.94
C THR B 43 -65.74 27.88 -4.18
N SER B 44 -65.08 26.81 -3.76
CA SER B 44 -65.73 25.74 -3.06
C SER B 44 -65.21 25.62 -1.64
N LEU B 45 -66.10 25.41 -0.68
CA LEU B 45 -65.71 25.17 0.71
C LEU B 45 -65.50 23.69 1.04
N ASN B 46 -64.61 23.43 1.98
CA ASN B 46 -64.35 22.09 2.48
C ASN B 46 -64.34 22.20 3.99
N PRO B 47 -64.76 21.14 4.69
CA PRO B 47 -64.85 21.16 6.15
C PRO B 47 -63.50 21.52 6.83
N VAL B 48 -62.40 21.15 6.19
CA VAL B 48 -61.06 21.52 6.65
C VAL B 48 -60.96 23.01 6.95
N ASP B 49 -61.54 23.78 6.02
CA ASP B 49 -61.48 25.23 6.05
C ASP B 49 -61.98 25.86 7.37
N TRP B 50 -63.10 25.39 7.91
CA TRP B 50 -63.59 25.97 9.14
C TRP B 50 -62.98 25.30 10.36
N LYS B 51 -62.54 24.05 10.16
CA LYS B 51 -61.82 23.34 11.22
C LYS B 51 -60.51 24.03 11.54
N ILE B 52 -59.85 24.54 10.51
CA ILE B 52 -58.59 25.24 10.70
C ILE B 52 -58.80 26.43 11.61
N GLN B 53 -59.92 27.11 11.37
CA GLN B 53 -60.30 28.29 12.12
C GLN B 53 -60.70 27.93 13.55
N LYS B 54 -61.38 26.80 13.74
CA LYS B 54 -61.76 26.41 15.10
C LYS B 54 -60.47 26.14 15.89
N GLY B 55 -59.41 25.79 15.18
CA GLY B 55 -58.13 25.54 15.83
C GLY B 55 -57.78 24.08 15.85
N MET B 56 -58.59 23.27 15.18
CA MET B 56 -58.41 21.83 15.28
C MET B 56 -57.17 21.37 14.55
N ILE B 57 -56.61 22.20 13.68
CA ILE B 57 -55.46 21.75 12.90
C ILE B 57 -54.18 22.32 13.44
N ARG B 58 -54.26 22.92 14.62
CA ARG B 58 -53.05 23.32 15.31
C ARG B 58 -52.25 22.09 15.71
N PRO B 59 -50.91 22.19 15.66
CA PRO B 59 -50.09 23.38 15.39
C PRO B 59 -49.69 23.56 13.92
N PHE B 60 -50.24 22.76 13.01
CA PHE B 60 -49.87 22.83 11.59
C PHE B 60 -50.49 23.98 10.83
N LEU B 61 -51.79 24.23 11.07
CA LEU B 61 -52.52 25.32 10.40
C LEU B 61 -53.41 26.08 11.38
N PRO B 62 -53.63 27.40 11.11
CA PRO B 62 -53.11 28.16 9.98
C PRO B 62 -51.69 28.58 10.23
N ARG B 63 -50.97 28.94 9.18
CA ARG B 63 -49.58 29.31 9.35
C ARG B 63 -49.42 30.66 10.04
N LYS B 64 -50.08 31.69 9.50
CA LYS B 64 -50.07 33.02 10.10
C LYS B 64 -51.48 33.60 10.03
N PHE B 65 -51.81 34.48 10.96
CA PHE B 65 -53.02 35.29 10.84
C PHE B 65 -52.67 36.62 10.19
N PRO B 66 -53.60 37.23 9.46
CA PRO B 66 -54.95 36.77 9.15
C PRO B 66 -54.97 35.71 8.06
N CYS B 67 -56.03 34.91 8.00
CA CYS B 67 -56.11 33.83 7.01
C CYS B 67 -57.27 34.17 6.07
N ILE B 68 -57.07 33.96 4.76
CA ILE B 68 -58.18 33.99 3.80
C ILE B 68 -58.49 32.55 3.40
N PRO B 69 -59.71 32.06 3.73
CA PRO B 69 -60.06 30.64 3.64
C PRO B 69 -60.28 30.13 2.23
N ALA B 70 -60.25 28.80 2.11
CA ALA B 70 -60.68 28.03 0.92
C ALA B 70 -59.56 27.81 -0.08
N THR B 71 -59.57 26.62 -0.67
CA THR B 71 -58.51 26.22 -1.60
C THR B 71 -59.05 25.86 -2.97
N ASP B 72 -60.30 25.43 -3.01
CA ASP B 72 -60.90 24.91 -4.24
C ASP B 72 -61.49 26.07 -5.06
N VAL B 73 -61.04 26.17 -6.31
CA VAL B 73 -61.18 27.44 -6.99
C VAL B 73 -61.29 27.21 -8.49
N ALA B 74 -62.06 28.06 -9.16
CA ALA B 74 -62.14 28.07 -10.63
C ALA B 74 -62.32 29.50 -11.09
N GLY B 75 -61.70 29.84 -12.22
CA GLY B 75 -61.76 31.21 -12.70
C GLY B 75 -61.02 31.42 -14.00
N GLU B 76 -60.74 32.68 -14.30
CA GLU B 76 -60.05 33.05 -15.52
C GLU B 76 -58.66 33.57 -15.21
N VAL B 77 -57.69 33.13 -16.00
CA VAL B 77 -56.32 33.60 -15.82
C VAL B 77 -56.23 35.07 -16.17
N VAL B 78 -55.71 35.86 -15.24
CA VAL B 78 -55.54 37.28 -15.44
C VAL B 78 -54.10 37.58 -15.80
N GLU B 79 -53.17 36.81 -15.23
CA GLU B 79 -51.76 37.11 -15.35
C GLU B 79 -50.93 35.89 -14.96
N VAL B 80 -49.84 35.63 -15.69
CA VAL B 80 -48.99 34.49 -15.38
C VAL B 80 -47.61 34.95 -14.96
N GLY B 81 -46.85 34.08 -14.31
CA GLY B 81 -45.49 34.41 -13.92
C GLY B 81 -44.54 34.13 -15.06
N SER B 82 -43.28 34.52 -14.91
CA SER B 82 -42.27 34.35 -15.95
C SER B 82 -42.09 32.89 -16.40
N GLY B 83 -42.19 31.95 -15.48
CA GLY B 83 -41.94 30.56 -15.81
C GLY B 83 -43.13 29.82 -16.40
N VAL B 84 -44.29 30.45 -16.37
CA VAL B 84 -45.50 29.75 -16.77
C VAL B 84 -45.52 29.48 -18.27
N LYS B 85 -45.61 28.20 -18.63
CA LYS B 85 -45.58 27.78 -20.02
C LYS B 85 -46.96 27.42 -20.60
N ASN B 86 -47.81 26.79 -19.80
CA ASN B 86 -49.03 26.21 -20.32
C ASN B 86 -50.31 27.05 -20.24
N PHE B 87 -50.24 28.21 -19.59
CA PHE B 87 -51.42 29.07 -19.47
C PHE B 87 -51.17 30.51 -19.88
N LYS B 88 -52.17 31.08 -20.53
CA LYS B 88 -52.12 32.47 -20.96
C LYS B 88 -53.30 33.20 -20.35
N ALA B 89 -53.24 34.53 -20.35
CA ALA B 89 -54.35 35.34 -19.86
C ALA B 89 -55.57 35.04 -20.72
N GLY B 90 -56.74 34.98 -20.09
CA GLY B 90 -57.95 34.67 -20.81
C GLY B 90 -58.37 33.22 -20.65
N ASP B 91 -57.39 32.33 -20.40
CA ASP B 91 -57.68 30.91 -20.16
C ASP B 91 -58.63 30.69 -18.96
N LYS B 92 -59.59 29.79 -19.13
CA LYS B 92 -60.48 29.43 -18.03
C LYS B 92 -59.91 28.21 -17.33
N VAL B 93 -59.84 28.24 -16.01
CA VAL B 93 -59.23 27.12 -15.31
C VAL B 93 -60.01 26.66 -14.09
N VAL B 94 -59.58 25.51 -13.57
CA VAL B 94 -59.87 25.08 -12.21
C VAL B 94 -58.50 24.83 -11.55
N ALA B 95 -58.38 25.12 -10.26
CA ALA B 95 -57.09 25.04 -9.59
C ALA B 95 -57.23 24.73 -8.10
N VAL B 96 -56.10 24.31 -7.51
CA VAL B 96 -56.04 24.09 -6.07
C VAL B 96 -55.05 25.06 -5.45
N LEU B 97 -55.52 25.92 -4.57
CA LEU B 97 -54.63 26.88 -3.93
C LEU B 97 -53.83 26.16 -2.86
N SER B 98 -52.70 26.74 -2.45
CA SER B 98 -51.94 26.13 -1.38
C SER B 98 -52.76 26.14 -0.12
N HIS B 99 -52.83 25.00 0.55
CA HIS B 99 -53.48 24.92 1.87
C HIS B 99 -52.70 25.68 2.96
N LEU B 100 -51.54 26.21 2.60
CA LEU B 100 -50.75 26.98 3.54
C LEU B 100 -51.19 28.42 3.52
N GLY B 101 -51.54 28.90 2.33
CA GLY B 101 -51.85 30.30 2.12
C GLY B 101 -53.32 30.61 1.92
N GLY B 102 -54.10 29.57 1.65
CA GLY B 102 -55.52 29.74 1.39
C GLY B 102 -55.76 30.64 0.20
N GLY B 103 -56.66 31.60 0.34
CA GLY B 103 -56.92 32.55 -0.72
C GLY B 103 -58.22 32.44 -1.48
N GLY B 104 -58.98 31.39 -1.22
CA GLY B 104 -60.22 31.13 -1.95
C GLY B 104 -61.33 32.16 -1.84
N LEU B 105 -61.65 32.63 -0.64
CA LEU B 105 -62.70 33.62 -0.48
C LEU B 105 -62.23 35.05 -0.83
N ALA B 106 -62.06 35.31 -2.11
CA ALA B 106 -61.55 36.59 -2.58
C ALA B 106 -61.84 36.73 -4.06
N GLU B 107 -61.59 37.91 -4.62
CA GLU B 107 -61.83 38.13 -6.04
C GLU B 107 -60.72 37.56 -6.88
N PHE B 108 -59.52 37.52 -6.31
CA PHE B 108 -58.34 37.03 -7.00
C PHE B 108 -57.52 36.07 -6.14
N ALA B 109 -56.88 35.12 -6.80
CA ALA B 109 -56.02 34.19 -6.08
C ALA B 109 -54.86 33.76 -6.98
N VAL B 110 -53.73 33.40 -6.37
CA VAL B 110 -52.66 32.83 -7.17
C VAL B 110 -52.56 31.34 -6.93
N ALA B 111 -52.41 30.58 -8.01
CA ALA B 111 -52.23 29.15 -7.92
C ALA B 111 -50.93 28.78 -8.61
N THR B 112 -50.26 27.72 -8.13
CA THR B 112 -49.08 27.19 -8.84
C THR B 112 -49.53 26.54 -10.13
N GLU B 113 -48.68 26.60 -11.15
CA GLU B 113 -49.03 26.03 -12.45
C GLU B 113 -49.23 24.54 -12.32
N LYS B 114 -48.48 23.92 -11.40
CA LYS B 114 -48.53 22.46 -11.23
C LYS B 114 -49.86 22.00 -10.65
N LEU B 115 -50.67 22.93 -10.16
CA LEU B 115 -51.99 22.61 -9.63
C LEU B 115 -53.08 23.46 -10.30
N THR B 116 -52.88 23.75 -11.58
CA THR B 116 -53.87 24.47 -12.36
C THR B 116 -54.20 23.68 -13.62
N VAL B 117 -55.49 23.53 -13.90
CA VAL B 117 -55.93 22.73 -15.05
C VAL B 117 -56.89 23.55 -15.91
N LYS B 118 -56.71 23.49 -17.23
CA LYS B 118 -57.64 24.15 -18.14
C LYS B 118 -59.06 23.58 -17.96
N ARG B 119 -60.03 24.49 -17.80
CA ARG B 119 -61.44 24.15 -17.69
C ARG B 119 -62.15 24.22 -19.05
N PRO B 120 -62.62 23.08 -19.57
CA PRO B 120 -63.31 23.04 -20.87
C PRO B 120 -64.62 23.82 -20.88
N GLN B 121 -65.10 24.15 -22.08
CA GLN B 121 -66.32 24.95 -22.23
C GLN B 121 -67.53 24.25 -21.63
N GLU B 122 -67.49 22.93 -21.67
CA GLU B 122 -68.61 22.10 -21.24
C GLU B 122 -68.84 22.11 -19.73
N VAL B 123 -67.77 22.38 -18.98
CA VAL B 123 -67.85 22.34 -17.52
C VAL B 123 -67.92 23.72 -16.88
N GLY B 124 -68.98 23.99 -16.12
CA GLY B 124 -69.17 25.27 -15.46
C GLY B 124 -68.10 25.56 -14.43
N ALA B 125 -68.06 26.80 -13.95
CA ALA B 125 -67.05 27.16 -12.97
C ALA B 125 -67.40 26.63 -11.59
N ALA B 126 -68.68 26.62 -11.24
CA ALA B 126 -69.08 26.07 -9.95
C ALA B 126 -68.92 24.55 -9.93
N GLU B 127 -69.28 23.91 -11.04
CA GLU B 127 -69.17 22.46 -11.19
C GLU B 127 -67.71 22.03 -11.03
N ALA B 128 -66.81 22.82 -11.59
CA ALA B 128 -65.38 22.51 -11.56
C ALA B 128 -64.77 22.79 -10.18
N ALA B 129 -65.11 23.93 -9.61
CA ALA B 129 -64.48 24.34 -8.36
C ALA B 129 -64.82 23.39 -7.23
N ALA B 130 -65.92 22.64 -7.37
CA ALA B 130 -66.31 21.66 -6.35
C ALA B 130 -65.41 20.43 -6.37
N LEU B 131 -64.74 20.21 -7.50
CA LEU B 131 -63.96 19.01 -7.71
C LEU B 131 -62.70 18.82 -6.84
N PRO B 132 -61.77 19.80 -6.79
CA PRO B 132 -60.41 19.49 -6.27
C PRO B 132 -60.34 18.65 -4.98
N VAL B 133 -60.52 19.23 -3.81
CA VAL B 133 -60.35 18.44 -2.58
C VAL B 133 -61.31 17.25 -2.49
N ALA B 134 -62.60 17.49 -2.62
CA ALA B 134 -63.58 16.40 -2.46
C ALA B 134 -63.36 15.30 -3.49
N GLY B 135 -63.31 15.69 -4.75
CA GLY B 135 -63.18 14.75 -5.85
C GLY B 135 -61.88 13.96 -5.77
N LEU B 136 -60.76 14.67 -5.62
CA LEU B 136 -59.45 14.01 -5.63
C LEU B 136 -59.29 13.09 -4.44
N THR B 137 -59.85 13.48 -3.29
CA THR B 137 -59.89 12.61 -2.11
C THR B 137 -60.66 11.32 -2.43
N ALA B 138 -61.87 11.47 -2.97
CA ALA B 138 -62.66 10.31 -3.35
C ALA B 138 -61.83 9.46 -4.30
N LEU B 139 -61.24 10.13 -5.29
CA LEU B 139 -60.43 9.44 -6.30
C LEU B 139 -59.26 8.67 -5.67
N GLN B 140 -58.53 9.33 -4.77
CA GLN B 140 -57.33 8.74 -4.22
C GLN B 140 -57.67 7.53 -3.35
N ALA B 141 -58.73 7.65 -2.55
CA ALA B 141 -59.18 6.57 -1.69
C ALA B 141 -59.56 5.31 -2.48
N LEU B 142 -60.28 5.50 -3.57
CA LEU B 142 -60.69 4.38 -4.38
C LEU B 142 -59.54 3.84 -5.21
N THR B 143 -58.62 4.72 -5.60
CA THR B 143 -57.55 4.35 -6.52
C THR B 143 -56.38 3.68 -5.83
N ASN B 144 -55.99 4.23 -4.68
CA ASN B 144 -54.80 3.73 -4.01
C ASN B 144 -55.12 2.67 -2.95
N PRO B 145 -55.64 3.04 -1.77
CA PRO B 145 -55.83 1.94 -0.80
C PRO B 145 -56.86 0.88 -1.24
N ALA B 146 -57.95 1.28 -1.88
CA ALA B 146 -58.98 0.34 -2.31
C ALA B 146 -58.53 -0.46 -3.53
N GLY B 147 -57.47 0.01 -4.19
CA GLY B 147 -56.95 -0.65 -5.38
C GLY B 147 -58.01 -1.03 -6.41
N LEU B 148 -59.07 -0.23 -6.49
CA LEU B 148 -59.92 -0.27 -7.67
C LEU B 148 -59.12 0.39 -8.77
N LYS B 149 -59.53 0.19 -10.01
CA LYS B 149 -58.81 0.83 -11.08
C LYS B 149 -59.77 1.59 -11.97
N LEU B 150 -59.40 2.84 -12.23
CA LEU B 150 -59.96 3.66 -13.30
C LEU B 150 -58.82 3.83 -14.27
N ASP B 151 -59.03 3.21 -15.43
CA ASP B 151 -57.97 2.67 -16.25
C ASP B 151 -58.77 1.80 -17.20
N GLY B 152 -58.11 0.96 -17.97
CA GLY B 152 -58.88 -0.07 -18.64
C GLY B 152 -59.44 -1.06 -17.63
N THR B 153 -58.69 -1.32 -16.57
CA THR B 153 -58.67 -2.62 -15.89
C THR B 153 -59.75 -3.22 -14.99
N GLY B 154 -60.77 -2.49 -14.52
CA GLY B 154 -61.73 -3.01 -13.54
C GLY B 154 -61.36 -4.08 -12.48
N LYS B 155 -61.79 -3.92 -11.24
CA LYS B 155 -61.67 -5.05 -10.30
C LYS B 155 -62.90 -5.07 -9.38
N LYS B 156 -63.68 -6.15 -9.47
CA LYS B 156 -65.05 -6.14 -8.97
C LYS B 156 -65.17 -6.37 -7.46
N ALA B 157 -65.46 -5.30 -6.71
CA ALA B 157 -65.42 -5.29 -5.23
C ALA B 157 -66.68 -4.71 -4.55
N ASN B 158 -66.77 -4.91 -3.24
CA ASN B 158 -67.85 -4.35 -2.42
C ASN B 158 -67.39 -3.10 -1.67
N ILE B 159 -68.03 -1.96 -1.97
CA ILE B 159 -67.64 -0.71 -1.35
C ILE B 159 -68.75 -0.20 -0.45
N LEU B 160 -68.37 0.18 0.77
CA LEU B 160 -69.25 0.96 1.64
C LEU B 160 -68.80 2.43 1.60
N VAL B 161 -69.75 3.35 1.38
CA VAL B 161 -69.46 4.79 1.51
C VAL B 161 -70.29 5.38 2.64
N THR B 162 -69.65 5.81 3.73
CA THR B 162 -70.37 6.52 4.80
C THR B 162 -70.56 7.97 4.46
N ALA B 163 -71.63 8.56 4.97
CA ALA B 163 -71.98 9.95 4.69
C ALA B 163 -71.90 10.30 3.20
N ALA B 164 -72.56 9.50 2.38
CA ALA B 164 -72.41 9.61 0.95
C ALA B 164 -73.21 10.78 0.36
N SER B 165 -73.89 11.57 1.21
CA SER B 165 -74.67 12.68 0.71
C SER B 165 -73.82 13.95 0.71
N GLY B 166 -72.62 13.86 1.28
CA GLY B 166 -71.75 15.01 1.42
C GLY B 166 -70.75 15.27 0.29
N GLY B 167 -69.76 16.12 0.57
CA GLY B 167 -68.76 16.47 -0.43
C GLY B 167 -67.98 15.30 -0.98
N VAL B 168 -67.14 14.67 -0.16
CA VAL B 168 -66.35 13.55 -0.67
C VAL B 168 -67.28 12.38 -0.96
N GLY B 169 -68.26 12.17 -0.06
CA GLY B 169 -69.24 11.10 -0.20
C GLY B 169 -69.84 10.93 -1.57
N HIS B 170 -70.40 12.01 -2.12
CA HIS B 170 -71.19 11.90 -3.35
C HIS B 170 -70.32 11.68 -4.59
N TYR B 171 -69.09 12.17 -4.53
CA TYR B 171 -68.12 11.83 -5.56
C TYR B 171 -67.73 10.36 -5.43
N ALA B 172 -67.52 9.92 -4.19
CA ALA B 172 -67.05 8.56 -3.94
C ALA B 172 -68.00 7.53 -4.54
N VAL B 173 -69.31 7.72 -4.33
CA VAL B 173 -70.31 6.78 -4.84
C VAL B 173 -70.27 6.67 -6.36
N GLN B 174 -70.21 7.82 -7.02
CA GLN B 174 -70.19 7.86 -8.48
C GLN B 174 -68.93 7.18 -8.99
N LEU B 175 -67.78 7.58 -8.47
CA LEU B 175 -66.51 6.99 -8.89
C LEU B 175 -66.45 5.47 -8.67
N ALA B 176 -66.97 5.02 -7.53
CA ALA B 176 -66.97 3.60 -7.20
C ALA B 176 -67.78 2.80 -8.21
N LYS B 177 -68.86 3.40 -8.71
CA LYS B 177 -69.66 2.73 -9.72
C LYS B 177 -68.94 2.61 -11.07
N LEU B 178 -68.11 3.60 -11.41
CA LEU B 178 -67.30 3.53 -12.63
C LEU B 178 -66.22 2.44 -12.58
N ALA B 179 -65.88 1.98 -11.38
CA ALA B 179 -64.90 0.90 -11.25
C ALA B 179 -65.60 -0.46 -11.15
N ASN B 180 -66.90 -0.46 -11.45
CA ASN B 180 -67.75 -1.65 -11.41
C ASN B 180 -67.72 -2.30 -10.04
N ALA B 181 -68.01 -1.49 -9.03
CA ALA B 181 -68.12 -1.98 -7.67
C ALA B 181 -69.58 -2.03 -7.24
N HIS B 182 -69.90 -2.89 -6.29
CA HIS B 182 -71.18 -2.81 -5.61
C HIS B 182 -71.05 -1.78 -4.49
N VAL B 183 -71.91 -0.77 -4.51
CA VAL B 183 -71.82 0.31 -3.54
C VAL B 183 -72.98 0.30 -2.54
N THR B 184 -72.60 0.27 -1.27
CA THR B 184 -73.53 0.34 -0.16
C THR B 184 -73.27 1.72 0.46
N ALA B 185 -74.32 2.51 0.70
CA ALA B 185 -74.10 3.85 1.22
C ALA B 185 -74.93 4.17 2.46
N THR B 186 -74.42 5.05 3.32
CA THR B 186 -75.20 5.58 4.45
C THR B 186 -75.37 7.10 4.35
N CYS B 187 -76.56 7.56 4.75
CA CYS B 187 -76.85 8.99 4.74
C CYS B 187 -78.07 9.23 5.59
N GLY B 188 -78.47 10.49 5.70
CA GLY B 188 -79.67 10.83 6.43
C GLY B 188 -80.90 10.37 5.68
N ALA B 189 -81.98 10.16 6.42
CA ALA B 189 -83.25 9.74 5.82
C ALA B 189 -83.63 10.62 4.62
N ARG B 190 -83.48 11.93 4.77
CA ARG B 190 -83.89 12.88 3.73
C ARG B 190 -83.16 12.67 2.41
N ASN B 191 -81.91 12.21 2.47
CA ASN B 191 -81.08 12.12 1.27
C ASN B 191 -81.07 10.73 0.64
N ILE B 192 -81.86 9.81 1.20
CA ILE B 192 -81.82 8.43 0.75
C ILE B 192 -82.12 8.30 -0.75
N GLU B 193 -83.08 9.06 -1.26
CA GLU B 193 -83.40 9.01 -2.67
C GLU B 193 -82.26 9.61 -3.51
N PHE B 194 -81.68 10.69 -2.99
CA PHE B 194 -80.57 11.36 -3.64
C PHE B 194 -79.37 10.45 -3.84
N VAL B 195 -79.04 9.71 -2.80
CA VAL B 195 -77.87 8.86 -2.86
C VAL B 195 -78.13 7.72 -3.84
N LYS B 196 -79.37 7.22 -3.88
CA LYS B 196 -79.71 6.19 -4.86
C LYS B 196 -79.39 6.70 -6.26
N SER B 197 -79.71 7.96 -6.52
CA SER B 197 -79.56 8.53 -7.85
C SER B 197 -78.08 8.68 -8.23
N LEU B 198 -77.19 8.64 -7.25
CA LEU B 198 -75.76 8.74 -7.57
C LEU B 198 -75.23 7.41 -8.08
N GLY B 199 -76.04 6.36 -7.94
CA GLY B 199 -75.67 5.05 -8.43
C GLY B 199 -75.47 4.02 -7.33
N ALA B 200 -75.76 4.39 -6.08
CA ALA B 200 -75.63 3.46 -4.96
C ALA B 200 -76.56 2.27 -5.14
N ASP B 201 -76.03 1.06 -4.94
CA ASP B 201 -76.84 -0.13 -5.04
C ASP B 201 -77.71 -0.32 -3.79
N GLU B 202 -77.13 -0.10 -2.62
CA GLU B 202 -77.89 -0.14 -1.36
C GLU B 202 -77.69 1.16 -0.61
N VAL B 203 -78.74 1.67 0.03
CA VAL B 203 -78.64 2.90 0.83
C VAL B 203 -79.33 2.75 2.20
N LEU B 204 -78.61 3.10 3.27
CA LEU B 204 -79.09 2.91 4.63
C LEU B 204 -79.23 4.21 5.41
N ASP B 205 -80.37 4.37 6.07
CA ASP B 205 -80.57 5.50 6.98
C ASP B 205 -79.69 5.23 8.20
N TYR B 206 -78.74 6.12 8.47
CA TYR B 206 -77.76 5.85 9.51
C TYR B 206 -78.35 5.93 10.92
N LYS B 207 -79.60 6.39 11.03
CA LYS B 207 -80.28 6.44 12.33
C LYS B 207 -81.08 5.15 12.59
N THR B 208 -81.45 4.44 11.53
CA THR B 208 -82.03 3.09 11.69
C THR B 208 -81.03 2.14 12.31
N PRO B 209 -81.45 1.38 13.34
CA PRO B 209 -80.64 0.35 14.01
C PRO B 209 -79.65 -0.38 13.10
N GLU B 210 -80.11 -0.85 11.95
CA GLU B 210 -79.23 -1.47 10.97
C GLU B 210 -78.18 -0.49 10.45
N GLY B 211 -78.61 0.71 10.05
CA GLY B 211 -77.72 1.71 9.50
C GLY B 211 -76.64 2.12 10.49
N ALA B 212 -76.95 2.03 11.78
CA ALA B 212 -76.01 2.40 12.83
C ALA B 212 -74.93 1.35 13.04
N ALA B 213 -75.04 0.23 12.34
CA ALA B 213 -74.04 -0.83 12.41
C ALA B 213 -73.72 -1.32 11.02
N LEU B 214 -74.38 -0.72 10.03
CA LEU B 214 -73.90 -0.76 8.65
C LEU B 214 -74.00 -2.14 7.98
N LYS B 215 -74.95 -2.95 8.41
CA LYS B 215 -75.16 -4.26 7.80
C LYS B 215 -75.87 -4.12 6.47
N SER B 216 -75.35 -4.73 5.42
CA SER B 216 -76.04 -4.63 4.15
C SER B 216 -77.23 -5.61 4.07
N PRO B 217 -78.39 -5.09 3.70
CA PRO B 217 -79.50 -5.63 2.96
C PRO B 217 -79.06 -6.89 2.24
N SER B 218 -78.12 -6.94 1.29
CA SER B 218 -77.84 -8.27 0.70
C SER B 218 -76.75 -9.08 1.45
N GLY B 219 -76.43 -8.66 2.68
CA GLY B 219 -75.45 -9.39 3.48
C GLY B 219 -74.02 -9.26 2.93
N LYS B 220 -73.77 -8.17 2.23
CA LYS B 220 -72.46 -7.92 1.67
C LYS B 220 -71.43 -7.71 2.80
N LYS B 221 -70.23 -8.23 2.56
CA LYS B 221 -69.07 -7.85 3.36
C LYS B 221 -68.22 -6.89 2.50
N TYR B 222 -67.80 -5.77 3.07
CA TYR B 222 -67.08 -4.78 2.29
C TYR B 222 -65.57 -5.03 2.18
N ASP B 223 -65.03 -4.81 0.98
CA ASP B 223 -63.60 -4.93 0.76
C ASP B 223 -62.97 -3.62 1.15
N ALA B 224 -63.71 -2.54 1.00
CA ALA B 224 -63.20 -1.23 1.41
C ALA B 224 -64.32 -0.28 1.79
N VAL B 225 -64.01 0.59 2.75
CA VAL B 225 -64.92 1.65 3.17
C VAL B 225 -64.33 3.05 2.92
N VAL B 226 -65.00 3.86 2.10
CA VAL B 226 -64.62 5.25 2.03
C VAL B 226 -65.40 5.92 3.15
N HIS B 227 -64.76 6.03 4.30
CA HIS B 227 -65.39 6.51 5.52
C HIS B 227 -65.38 8.06 5.63
N CYS B 228 -66.53 8.67 5.36
CA CYS B 228 -66.58 10.12 5.35
C CYS B 228 -67.26 10.64 6.59
N ALA B 229 -67.96 9.76 7.31
CA ALA B 229 -68.64 10.15 8.54
C ALA B 229 -67.62 10.23 9.68
N ASN B 230 -68.08 10.46 10.91
CA ASN B 230 -67.11 10.67 11.98
C ASN B 230 -67.28 9.86 13.26
N GLY B 231 -68.51 9.56 13.63
CA GLY B 231 -68.71 9.00 14.96
C GLY B 231 -68.54 7.50 15.09
N ILE B 232 -67.78 6.86 14.21
CA ILE B 232 -67.80 5.40 14.17
C ILE B 232 -66.47 4.76 14.53
N PRO B 233 -66.48 3.92 15.58
CA PRO B 233 -65.29 3.19 16.03
C PRO B 233 -65.10 1.96 15.17
N PHE B 234 -63.89 1.41 15.18
CA PHE B 234 -63.58 0.31 14.30
C PHE B 234 -64.45 -0.91 14.59
N SER B 235 -64.83 -1.04 15.85
CA SER B 235 -65.75 -2.07 16.31
C SER B 235 -66.93 -2.23 15.39
N VAL B 236 -67.55 -1.12 15.00
CA VAL B 236 -68.73 -1.15 14.14
C VAL B 236 -68.44 -1.61 12.70
N PHE B 237 -67.29 -1.22 12.16
CA PHE B 237 -66.93 -1.66 10.83
C PHE B 237 -66.60 -3.15 10.82
N GLU B 238 -65.81 -3.60 11.80
CA GLU B 238 -65.12 -4.89 11.75
C GLU B 238 -65.97 -6.09 11.25
N PRO B 239 -67.13 -6.36 11.89
CA PRO B 239 -67.87 -7.54 11.45
C PRO B 239 -68.49 -7.41 10.07
N ASN B 240 -68.54 -6.20 9.50
CA ASN B 240 -69.02 -6.01 8.14
C ASN B 240 -67.92 -6.05 7.08
N LEU B 241 -66.67 -6.13 7.52
CA LEU B 241 -65.56 -6.13 6.59
C LEU B 241 -65.31 -7.54 6.07
N SER B 242 -64.89 -7.63 4.80
CA SER B 242 -64.34 -8.87 4.27
C SER B 242 -63.06 -9.28 5.03
N GLU B 243 -62.49 -10.42 4.68
CA GLU B 243 -61.35 -10.93 5.45
C GLU B 243 -60.20 -9.94 5.50
N ASN B 244 -59.98 -9.21 4.42
CA ASN B 244 -58.89 -8.24 4.38
C ASN B 244 -59.37 -6.83 4.06
N GLY B 245 -60.60 -6.54 4.46
CA GLY B 245 -61.18 -5.24 4.24
C GLY B 245 -60.43 -4.09 4.88
N LYS B 246 -60.35 -2.98 4.14
CA LYS B 246 -59.74 -1.75 4.64
C LYS B 246 -60.84 -0.67 4.84
N VAL B 247 -60.93 -0.09 6.03
CA VAL B 247 -61.72 1.12 6.22
C VAL B 247 -60.80 2.34 6.02
N ILE B 248 -61.13 3.17 5.04
CA ILE B 248 -60.31 4.33 4.71
C ILE B 248 -60.89 5.60 5.31
N ASP B 249 -60.30 6.07 6.42
CA ASP B 249 -60.77 7.29 7.08
C ASP B 249 -60.25 8.54 6.34
N ILE B 250 -61.14 9.25 5.66
CA ILE B 250 -60.68 10.37 4.85
C ILE B 250 -60.64 11.66 5.68
N THR B 251 -60.92 11.53 6.96
CA THR B 251 -60.88 12.66 7.87
C THR B 251 -60.33 12.21 9.23
N PRO B 252 -59.08 11.69 9.24
CA PRO B 252 -58.51 10.92 10.35
C PRO B 252 -58.11 11.73 11.56
N GLY B 253 -58.60 11.38 12.73
CA GLY B 253 -58.18 12.05 13.95
C GLY B 253 -57.13 11.25 14.68
N PRO B 254 -56.82 11.64 15.92
CA PRO B 254 -55.87 10.90 16.76
C PRO B 254 -56.33 9.45 16.98
N ASN B 255 -57.64 9.24 17.15
CA ASN B 255 -58.20 7.89 17.24
C ASN B 255 -57.86 7.03 16.03
N ALA B 256 -58.05 7.58 14.84
CA ALA B 256 -57.79 6.83 13.63
C ALA B 256 -56.30 6.57 13.53
N MET B 257 -55.50 7.60 13.79
CA MET B 257 -54.05 7.48 13.75
C MET B 257 -53.60 6.35 14.65
N TRP B 258 -54.10 6.34 15.87
CA TRP B 258 -53.75 5.31 16.83
C TRP B 258 -54.18 3.94 16.35
N THR B 259 -55.45 3.83 15.96
CA THR B 259 -55.99 2.58 15.49
C THR B 259 -55.10 2.04 14.37
N TYR B 260 -54.75 2.90 13.44
CA TYR B 260 -53.83 2.58 12.36
C TYR B 260 -52.56 1.92 12.85
N ALA B 261 -51.97 2.54 13.87
CA ALA B 261 -50.72 2.07 14.41
C ALA B 261 -50.90 0.67 14.97
N VAL B 262 -51.93 0.50 15.80
CA VAL B 262 -52.13 -0.76 16.50
C VAL B 262 -52.42 -1.89 15.52
N LYS B 263 -53.35 -1.65 14.60
CA LYS B 263 -53.67 -2.62 13.57
C LYS B 263 -52.44 -2.98 12.74
N LYS B 264 -51.53 -2.03 12.58
CA LYS B 264 -50.34 -2.28 11.82
C LYS B 264 -49.37 -3.18 12.61
N ILE B 265 -49.15 -2.79 13.87
CA ILE B 265 -48.15 -3.45 14.70
C ILE B 265 -48.63 -4.84 15.15
N THR B 266 -49.95 -5.08 15.14
CA THR B 266 -50.50 -6.41 15.49
C THR B 266 -50.85 -7.20 14.23
N MET B 267 -50.44 -6.67 13.08
CA MET B 267 -50.64 -7.30 11.78
C MET B 267 -52.07 -7.74 11.53
N SER B 268 -53.05 -6.97 12.00
CA SER B 268 -54.46 -7.23 11.76
C SER B 268 -54.72 -7.36 10.27
N LYS B 269 -55.45 -8.40 9.88
CA LYS B 269 -55.69 -8.60 8.46
C LYS B 269 -56.69 -7.53 8.02
N LYS B 270 -57.63 -7.18 8.90
CA LYS B 270 -58.50 -6.01 8.62
C LYS B 270 -57.77 -4.76 9.08
N GLN B 271 -57.74 -3.74 8.23
CA GLN B 271 -56.86 -2.58 8.41
C GLN B 271 -57.61 -1.24 8.44
N LEU B 272 -57.13 -0.29 9.21
CA LEU B 272 -57.64 1.07 9.12
C LEU B 272 -56.59 1.99 8.47
N VAL B 273 -56.96 2.57 7.33
CA VAL B 273 -56.05 3.40 6.57
C VAL B 273 -56.42 4.88 6.66
N PRO B 274 -55.56 5.68 7.29
CA PRO B 274 -55.78 7.13 7.29
C PRO B 274 -55.42 7.68 5.93
N LEU B 275 -56.20 8.62 5.40
CA LEU B 275 -55.90 9.12 4.07
C LEU B 275 -55.55 10.60 4.11
N LEU B 276 -54.38 10.94 3.59
CA LEU B 276 -54.08 12.35 3.37
C LEU B 276 -53.97 12.56 1.89
N LEU B 277 -54.71 13.54 1.39
CA LEU B 277 -54.78 13.82 -0.05
C LEU B 277 -53.47 14.36 -0.58
N ILE B 278 -53.03 13.83 -1.71
CA ILE B 278 -51.93 14.46 -2.45
C ILE B 278 -52.47 14.89 -3.82
N PRO B 279 -52.86 16.16 -3.91
CA PRO B 279 -53.44 16.69 -5.16
C PRO B 279 -52.44 16.70 -6.30
N LYS B 280 -52.69 15.92 -7.34
CA LYS B 280 -51.81 15.91 -8.51
C LYS B 280 -52.60 16.39 -9.72
N ALA B 281 -52.01 17.25 -10.54
CA ALA B 281 -52.71 17.85 -11.66
C ALA B 281 -53.28 16.82 -12.65
N GLU B 282 -52.59 15.70 -12.81
CA GLU B 282 -53.09 14.61 -13.67
C GLU B 282 -54.50 14.16 -13.23
N ASN B 283 -54.66 13.99 -11.92
CA ASN B 283 -55.94 13.55 -11.35
C ASN B 283 -57.05 14.59 -11.50
N LEU B 284 -56.72 15.86 -11.25
CA LEU B 284 -57.69 16.94 -11.44
C LEU B 284 -58.17 17.00 -12.89
N GLU B 285 -57.23 16.93 -13.82
CA GLU B 285 -57.54 16.90 -15.25
C GLU B 285 -58.48 15.71 -15.52
N PHE B 286 -58.17 14.57 -14.91
CA PHE B 286 -58.95 13.36 -15.09
C PHE B 286 -60.40 13.56 -14.62
N MET B 287 -60.54 14.08 -13.40
CA MET B 287 -61.86 14.30 -12.82
C MET B 287 -62.66 15.31 -13.64
N VAL B 288 -61.97 16.34 -14.11
CA VAL B 288 -62.62 17.33 -14.96
C VAL B 288 -63.17 16.68 -16.22
N ASN B 289 -62.39 15.79 -16.83
CA ASN B 289 -62.87 15.05 -17.98
C ASN B 289 -64.11 14.21 -17.67
N LEU B 290 -64.11 13.54 -16.52
CA LEU B 290 -65.24 12.74 -16.12
C LEU B 290 -66.50 13.57 -16.01
N VAL B 291 -66.36 14.80 -15.54
CA VAL B 291 -67.48 15.72 -15.44
C VAL B 291 -67.94 16.17 -16.83
N LYS B 292 -66.96 16.48 -17.69
CA LYS B 292 -67.22 16.89 -19.08
C LYS B 292 -67.97 15.82 -19.86
N GLU B 293 -67.54 14.56 -19.71
CA GLU B 293 -68.14 13.42 -20.41
C GLU B 293 -69.41 12.89 -19.70
N GLY B 294 -69.84 13.57 -18.65
CA GLY B 294 -71.09 13.22 -18.00
C GLY B 294 -71.00 11.98 -17.12
N LYS B 295 -69.82 11.36 -17.06
CA LYS B 295 -69.61 10.16 -16.25
C LYS B 295 -69.64 10.46 -14.74
N VAL B 296 -69.46 11.72 -14.38
CA VAL B 296 -69.56 12.16 -13.00
C VAL B 296 -70.23 13.53 -12.94
N LYS B 297 -71.22 13.69 -12.07
CA LYS B 297 -71.88 14.98 -11.93
C LYS B 297 -71.57 15.56 -10.55
N THR B 298 -71.22 16.84 -10.52
CA THR B 298 -71.07 17.64 -9.32
C THR B 298 -72.41 18.10 -8.84
N VAL B 299 -72.82 17.76 -7.63
CA VAL B 299 -74.04 18.36 -7.13
C VAL B 299 -73.66 19.55 -6.26
N ILE B 300 -74.34 20.67 -6.48
CA ILE B 300 -74.08 21.89 -5.71
C ILE B 300 -75.15 22.09 -4.64
N ASP B 301 -74.75 22.16 -3.39
CA ASP B 301 -75.71 22.33 -2.31
C ASP B 301 -76.32 23.72 -2.35
N SER B 302 -75.50 24.71 -2.61
CA SER B 302 -75.96 26.09 -2.59
C SER B 302 -74.92 27.02 -3.20
N LYS B 303 -75.38 28.17 -3.67
CA LYS B 303 -74.49 29.15 -4.23
C LYS B 303 -74.65 30.44 -3.45
N HIS B 304 -73.54 31.00 -2.98
CA HIS B 304 -73.58 32.26 -2.24
C HIS B 304 -72.65 33.28 -2.84
N PRO B 305 -73.04 34.57 -2.82
CA PRO B 305 -72.17 35.64 -3.27
C PRO B 305 -71.10 35.92 -2.22
N LEU B 306 -69.92 36.31 -2.67
CA LEU B 306 -68.81 36.68 -1.78
C LEU B 306 -69.23 37.69 -0.70
N SER B 307 -70.19 38.55 -1.04
CA SER B 307 -70.67 39.55 -0.10
C SER B 307 -71.42 38.93 1.05
N LYS B 308 -71.85 37.69 0.84
CA LYS B 308 -72.64 36.96 1.83
C LYS B 308 -71.97 35.64 2.19
N ALA B 309 -70.66 35.57 2.07
CA ALA B 309 -69.92 34.30 2.22
C ALA B 309 -70.02 33.69 3.60
N GLU B 310 -70.13 34.51 4.64
CA GLU B 310 -70.37 33.96 5.99
C GLU B 310 -71.50 32.94 6.01
N ASP B 311 -72.57 33.21 5.26
CA ASP B 311 -73.69 32.28 5.14
C ASP B 311 -73.18 30.92 4.69
N ALA B 312 -72.31 30.92 3.69
CA ALA B 312 -71.77 29.69 3.14
C ALA B 312 -70.91 29.01 4.20
N TRP B 313 -70.17 29.84 4.92
CA TRP B 313 -69.29 29.36 5.99
C TRP B 313 -70.07 28.65 7.10
N ALA B 314 -71.16 29.28 7.51
CA ALA B 314 -72.03 28.70 8.55
C ALA B 314 -72.70 27.42 8.07
N LYS B 315 -73.07 27.37 6.80
CA LYS B 315 -73.67 26.18 6.21
C LYS B 315 -72.68 25.04 6.28
N SER B 316 -71.43 25.32 5.96
CA SER B 316 -70.39 24.31 6.04
C SER B 316 -70.19 23.86 7.47
N ILE B 317 -70.09 24.81 8.38
CA ILE B 317 -69.94 24.46 9.80
C ILE B 317 -71.08 23.53 10.31
N ASP B 318 -72.33 23.81 9.92
CA ASP B 318 -73.46 22.92 10.24
C ASP B 318 -73.28 21.57 9.61
N GLY B 319 -72.65 21.57 8.45
CA GLY B 319 -72.33 20.35 7.73
C GLY B 319 -73.53 19.50 7.42
N HIS B 320 -74.64 20.13 7.06
CA HIS B 320 -75.77 19.34 6.58
C HIS B 320 -75.84 19.48 5.07
N ALA B 321 -74.78 20.03 4.51
CA ALA B 321 -74.70 20.27 3.06
C ALA B 321 -74.87 18.98 2.27
N THR B 322 -75.59 19.07 1.15
CA THR B 322 -75.74 17.94 0.25
C THR B 322 -74.92 18.17 -1.03
N GLY B 323 -73.78 17.52 -1.14
CA GLY B 323 -72.81 17.90 -2.15
C GLY B 323 -71.95 19.09 -1.72
N LYS B 324 -71.65 19.99 -2.64
CA LYS B 324 -70.65 21.00 -2.35
C LYS B 324 -71.22 22.42 -2.31
N ILE B 325 -70.79 23.17 -1.29
CA ILE B 325 -71.14 24.57 -1.13
C ILE B 325 -70.22 25.46 -1.97
N ILE B 326 -70.82 26.38 -2.73
CA ILE B 326 -70.08 27.26 -3.64
C ILE B 326 -70.22 28.73 -3.28
N VAL B 327 -69.12 29.47 -3.41
CA VAL B 327 -69.17 30.93 -3.27
C VAL B 327 -68.72 31.55 -4.57
N GLU B 328 -69.59 32.37 -5.14
CA GLU B 328 -69.36 33.05 -6.41
C GLU B 328 -69.21 34.55 -6.17
N PRO B 329 -68.71 35.30 -7.16
CA PRO B 329 -68.62 36.74 -6.92
C PRO B 329 -69.95 37.42 -7.18
N GLY C 3 -42.45 55.24 3.52
CA GLY C 3 -42.34 53.91 4.10
C GLY C 3 -40.93 53.40 4.36
N LYS C 4 -40.43 53.64 5.58
CA LYS C 4 -39.02 53.42 5.97
C LYS C 4 -38.50 51.97 5.85
N LEU C 5 -37.34 51.85 5.21
CA LEU C 5 -36.60 50.59 5.09
C LEU C 5 -35.58 50.41 6.21
N MET C 6 -35.52 49.17 6.71
CA MET C 6 -34.47 48.71 7.62
C MET C 6 -33.66 47.58 6.97
N HIS C 7 -32.40 47.48 7.34
CA HIS C 7 -31.54 46.39 6.87
C HIS C 7 -31.83 45.13 7.71
N ALA C 8 -31.95 43.98 7.05
CA ALA C 8 -32.26 42.73 7.72
C ALA C 8 -31.66 41.57 7.00
N LEU C 9 -31.68 40.40 7.65
CA LEU C 9 -31.27 39.17 7.02
C LEU C 9 -32.42 38.19 6.90
N GLN C 10 -32.54 37.57 5.73
CA GLN C 10 -33.63 36.64 5.39
C GLN C 10 -33.11 35.39 4.75
N TYR C 11 -33.74 34.27 5.04
CA TYR C 11 -33.61 33.13 4.14
C TYR C 11 -34.98 32.86 3.52
N ASN C 12 -35.00 32.44 2.26
CA ASN C 12 -36.24 32.26 1.50
C ASN C 12 -36.48 30.78 1.17
N SER C 13 -35.77 29.89 1.85
CA SER C 13 -35.65 28.53 1.39
C SER C 13 -34.97 27.71 2.44
N TYR C 14 -35.26 26.39 2.46
CA TYR C 14 -34.60 25.48 3.39
C TYR C 14 -33.20 25.15 2.92
N GLY C 15 -32.31 24.86 3.88
CA GLY C 15 -31.00 24.28 3.59
C GLY C 15 -29.87 25.18 3.13
N GLY C 16 -30.14 26.48 3.01
CA GLY C 16 -29.12 27.40 2.57
C GLY C 16 -27.82 27.41 3.37
N GLY C 17 -27.90 27.20 4.67
CA GLY C 17 -26.76 27.47 5.52
C GLY C 17 -26.52 28.97 5.61
N ALA C 18 -25.27 29.38 5.88
CA ALA C 18 -24.97 30.81 5.94
C ALA C 18 -25.06 31.41 4.56
N ALA C 19 -24.80 30.60 3.53
CA ALA C 19 -24.87 31.04 2.15
C ALA C 19 -26.28 31.50 1.81
N GLY C 20 -27.26 30.77 2.35
CA GLY C 20 -28.65 31.04 2.06
C GLY C 20 -29.25 32.27 2.72
N LEU C 21 -28.50 32.90 3.62
CA LEU C 21 -28.91 34.17 4.17
C LEU C 21 -28.77 35.27 3.12
N GLU C 22 -29.70 36.21 3.09
CA GLU C 22 -29.59 37.38 2.22
C GLU C 22 -29.74 38.68 2.99
N HIS C 23 -28.88 39.65 2.71
CA HIS C 23 -29.10 40.97 3.22
C HIS C 23 -30.17 41.66 2.40
N VAL C 24 -31.16 42.22 3.08
CA VAL C 24 -32.28 42.82 2.38
C VAL C 24 -32.66 44.13 3.03
N GLN C 25 -33.44 44.91 2.28
CA GLN C 25 -34.05 46.11 2.81
C GLN C 25 -35.56 45.90 2.89
N VAL C 26 -36.11 46.02 4.11
CA VAL C 26 -37.46 45.58 4.47
C VAL C 26 -38.14 46.68 5.28
N PRO C 27 -39.47 46.83 5.13
CA PRO C 27 -40.22 47.81 5.93
C PRO C 27 -40.11 47.61 7.45
N VAL C 28 -39.87 48.70 8.17
CA VAL C 28 -39.86 48.68 9.62
C VAL C 28 -41.20 48.19 10.17
N PRO C 29 -41.17 47.19 11.05
CA PRO C 29 -42.45 46.64 11.50
C PRO C 29 -43.24 47.65 12.33
N THR C 30 -44.57 47.50 12.37
CA THR C 30 -45.43 48.37 13.17
C THR C 30 -46.02 47.61 14.37
N PRO C 31 -45.87 48.18 15.59
CA PRO C 31 -46.37 47.52 16.80
C PRO C 31 -47.88 47.44 16.84
N LYS C 32 -48.41 46.29 17.25
CA LYS C 32 -49.84 46.14 17.43
C LYS C 32 -50.24 46.64 18.83
N SER C 33 -51.52 46.49 19.19
CA SER C 33 -52.07 47.00 20.44
C SER C 33 -51.13 46.80 21.61
N ASN C 34 -50.53 45.61 21.70
CA ASN C 34 -49.82 45.17 22.89
C ASN C 34 -48.34 44.92 22.63
N GLU C 35 -47.87 45.41 21.49
CA GLU C 35 -46.48 45.21 21.09
C GLU C 35 -45.72 46.49 21.31
N VAL C 36 -44.39 46.38 21.44
CA VAL C 36 -43.51 47.55 21.41
C VAL C 36 -42.53 47.37 20.28
N CYS C 37 -42.10 48.48 19.69
CA CYS C 37 -41.13 48.42 18.61
C CYS C 37 -39.75 48.87 19.10
N LEU C 38 -38.72 48.08 18.82
CA LEU C 38 -37.37 48.30 19.34
C LEU C 38 -36.35 48.62 18.25
N LYS C 39 -35.57 49.69 18.46
CA LYS C 39 -34.32 49.85 17.74
C LYS C 39 -33.33 48.89 18.39
N LEU C 40 -32.89 47.88 17.65
CA LEU C 40 -32.06 46.84 18.24
C LEU C 40 -30.66 47.32 18.53
N GLU C 41 -30.13 46.92 19.69
CA GLU C 41 -28.76 47.21 20.08
C GLU C 41 -27.91 45.94 20.14
N ALA C 42 -28.55 44.81 20.39
CA ALA C 42 -27.88 43.51 20.38
C ALA C 42 -28.87 42.36 20.13
N THR C 43 -28.43 41.39 19.35
CA THR C 43 -29.24 40.22 19.09
C THR C 43 -28.38 39.01 19.35
N SER C 44 -28.99 38.00 19.97
CA SER C 44 -28.33 36.76 20.30
C SER C 44 -28.82 35.59 19.41
N LEU C 45 -27.90 34.75 18.94
CA LEU C 45 -28.28 33.54 18.22
C LEU C 45 -28.52 32.32 19.16
N ASN C 46 -29.39 31.42 18.72
CA ASN C 46 -29.59 30.15 19.39
C ASN C 46 -29.56 29.10 18.30
N PRO C 47 -29.18 27.86 18.65
CA PRO C 47 -29.05 26.78 17.68
C PRO C 47 -30.37 26.50 16.94
N VAL C 48 -31.48 26.59 17.66
CA VAL C 48 -32.79 26.51 17.04
C VAL C 48 -32.88 27.30 15.73
N ASP C 49 -32.34 28.51 15.76
CA ASP C 49 -32.42 29.46 14.66
C ASP C 49 -31.95 28.89 13.34
N TRP C 50 -30.79 28.22 13.32
CA TRP C 50 -30.28 27.65 12.07
C TRP C 50 -30.85 26.26 11.76
N LYS C 51 -31.28 25.57 12.81
CA LYS C 51 -31.98 24.29 12.66
C LYS C 51 -33.30 24.47 11.93
N ILE C 52 -34.00 25.55 12.24
CA ILE C 52 -35.25 25.84 11.55
C ILE C 52 -34.99 25.97 10.06
N GLN C 53 -33.92 26.67 9.72
CA GLN C 53 -33.53 26.86 8.34
C GLN C 53 -33.13 25.53 7.68
N LYS C 54 -32.41 24.67 8.41
CA LYS C 54 -32.01 23.40 7.81
C LYS C 54 -33.27 22.60 7.47
N GLY C 55 -34.35 22.88 8.18
CA GLY C 55 -35.61 22.20 7.97
C GLY C 55 -35.93 21.23 9.09
N MET C 56 -35.11 21.22 10.13
CA MET C 56 -35.29 20.20 11.15
C MET C 56 -36.52 20.42 11.98
N ILE C 57 -37.11 21.60 11.94
CA ILE C 57 -38.28 21.85 12.78
C ILE C 57 -39.59 21.79 11.97
N ARG C 58 -39.49 21.38 10.72
CA ARG C 58 -40.70 21.10 9.95
C ARG C 58 -41.46 19.93 10.61
N PRO C 59 -42.79 20.00 10.58
CA PRO C 59 -43.63 20.96 9.88
C PRO C 59 -44.03 22.18 10.71
N PHE C 60 -43.51 22.33 11.92
CA PHE C 60 -43.87 23.45 12.78
C PHE C 60 -43.26 24.80 12.43
N LEU C 61 -41.99 24.80 12.02
CA LEU C 61 -41.28 26.04 11.68
C LEU C 61 -40.36 25.85 10.49
N PRO C 62 -40.16 26.93 9.68
CA PRO C 62 -40.72 28.27 9.83
C PRO C 62 -42.15 28.31 9.34
N ARG C 63 -42.89 29.33 9.72
CA ARG C 63 -44.29 29.39 9.33
C ARG C 63 -44.45 29.74 7.87
N LYS C 64 -43.82 30.84 7.46
CA LYS C 64 -43.85 31.29 6.07
C LYS C 64 -42.46 31.73 5.69
N PHE C 65 -42.09 31.59 4.40
CA PHE C 65 -40.88 32.26 3.88
C PHE C 65 -41.29 33.64 3.33
N PRO C 66 -40.39 34.62 3.34
CA PRO C 66 -39.03 34.58 3.88
C PRO C 66 -39.02 34.78 5.38
N CYS C 67 -37.94 34.36 6.01
CA CYS C 67 -37.80 34.38 7.43
CA CYS C 67 -37.81 34.45 7.44
C CYS C 67 -36.67 35.32 7.86
N ILE C 68 -36.93 36.09 8.93
CA ILE C 68 -35.88 36.86 9.51
C ILE C 68 -35.55 36.21 10.87
N PRO C 69 -34.35 35.60 10.99
CA PRO C 69 -33.99 34.73 12.12
C PRO C 69 -33.79 35.43 13.46
N ALA C 70 -33.78 34.66 14.56
CA ALA C 70 -33.34 35.09 15.91
C ALA C 70 -34.48 35.71 16.69
N THR C 71 -34.46 35.41 17.99
CA THR C 71 -35.55 35.79 18.88
C THR C 71 -35.04 36.59 20.08
N ASP C 72 -33.78 36.35 20.50
CA ASP C 72 -33.18 37.01 21.67
C ASP C 72 -32.59 38.39 21.34
N VAL C 73 -33.07 39.39 22.07
CA VAL C 73 -32.96 40.73 21.56
C VAL C 73 -32.90 41.73 22.71
N ALA C 74 -32.14 42.80 22.49
CA ALA C 74 -32.07 43.89 23.45
C ALA C 74 -31.96 45.18 22.70
N GLY C 75 -32.63 46.22 23.16
CA GLY C 75 -32.60 47.48 22.45
C GLY C 75 -33.32 48.61 23.15
N GLU C 76 -33.57 49.68 22.40
CA GLU C 76 -34.29 50.84 22.91
C GLU C 76 -35.69 50.95 22.30
N VAL C 77 -36.69 51.21 23.14
CA VAL C 77 -38.04 51.34 22.67
C VAL C 77 -38.17 52.58 21.78
N VAL C 78 -38.66 52.36 20.58
CA VAL C 78 -38.86 53.42 19.61
C VAL C 78 -40.32 53.87 19.59
N GLU C 79 -41.22 52.91 19.80
CA GLU C 79 -42.65 53.15 19.66
C GLU C 79 -43.46 52.07 20.35
N VAL C 80 -44.54 52.44 21.02
CA VAL C 80 -45.38 51.45 21.67
C VAL C 80 -46.77 51.41 21.02
N GLY C 81 -47.49 50.32 21.25
CA GLY C 81 -48.85 50.20 20.74
C GLY C 81 -49.82 50.85 21.72
N SER C 82 -51.09 50.96 21.32
CA SER C 82 -52.11 51.64 22.12
C SER C 82 -52.30 51.02 23.52
N GLY C 83 -52.15 49.71 23.62
CA GLY C 83 -52.40 49.04 24.89
C GLY C 83 -51.22 49.02 25.86
N VAL C 84 -50.06 49.43 25.37
CA VAL C 84 -48.84 49.30 26.17
C VAL C 84 -48.83 50.27 27.34
N LYS C 85 -48.72 49.71 28.54
CA LYS C 85 -48.78 50.49 29.76
C LYS C 85 -47.41 50.71 30.39
N ASN C 86 -46.55 49.69 30.36
CA ASN C 86 -45.34 49.73 31.16
C ASN C 86 -44.08 50.25 30.50
N PHE C 87 -44.15 50.53 29.19
CA PHE C 87 -42.96 51.01 28.49
C PHE C 87 -43.25 52.26 27.67
N LYS C 88 -42.26 53.14 27.62
CA LYS C 88 -42.34 54.38 26.87
C LYS C 88 -41.16 54.46 25.93
N ALA C 89 -41.22 55.34 24.94
CA ALA C 89 -40.11 55.52 24.02
C ALA C 89 -38.89 55.96 24.79
N GLY C 90 -37.73 55.44 24.43
CA GLY C 90 -36.51 55.77 25.11
C GLY C 90 -36.08 54.73 26.11
N ASP C 91 -37.03 53.94 26.61
CA ASP C 91 -36.73 52.86 27.54
C ASP C 91 -35.76 51.84 26.93
N LYS C 92 -34.76 51.42 27.69
CA LYS C 92 -33.88 50.34 27.28
C LYS C 92 -34.44 49.01 27.75
N VAL C 93 -34.51 48.04 26.85
CA VAL C 93 -35.10 46.75 27.21
C VAL C 93 -34.31 45.54 26.74
N VAL C 94 -34.71 44.39 27.26
CA VAL C 94 -34.36 43.10 26.69
C VAL C 94 -35.69 42.39 26.46
N ALA C 95 -35.77 41.60 25.40
CA ALA C 95 -37.07 41.02 25.04
C ALA C 95 -36.92 39.71 24.30
N VAL C 96 -38.02 38.97 24.23
CA VAL C 96 -38.09 37.75 23.44
C VAL C 96 -39.10 37.89 22.31
N LEU C 97 -38.61 37.86 21.08
CA LEU C 97 -39.47 37.96 19.91
C LEU C 97 -40.23 36.67 19.73
N SER C 98 -41.36 36.71 19.01
CA SER C 98 -42.10 35.48 18.77
C SER C 98 -41.28 34.53 17.93
N HIS C 99 -41.18 33.28 18.38
CA HIS C 99 -40.50 32.24 17.60
C HIS C 99 -41.16 32.07 16.24
N LEU C 100 -42.44 32.44 16.15
CA LEU C 100 -43.22 32.27 14.94
C LEU C 100 -42.81 33.25 13.86
N GLY C 101 -42.48 34.48 14.27
CA GLY C 101 -42.17 35.53 13.33
C GLY C 101 -40.70 35.85 13.22
N GLY C 102 -39.91 35.40 14.18
CA GLY C 102 -38.51 35.76 14.26
C GLY C 102 -38.30 37.28 14.37
N GLY C 103 -37.36 37.81 13.60
CA GLY C 103 -37.17 39.25 13.58
C GLY C 103 -35.87 39.79 14.16
N GLY C 104 -35.10 38.92 14.82
CA GLY C 104 -33.85 39.31 15.46
C GLY C 104 -32.74 39.96 14.62
N LEU C 105 -32.46 39.40 13.45
CA LEU C 105 -31.41 39.94 12.58
C LEU C 105 -31.91 41.10 11.73
N ALA C 106 -32.15 42.23 12.39
CA ALA C 106 -32.65 43.41 11.71
C ALA C 106 -32.38 44.63 12.61
N GLU C 107 -32.64 45.82 12.08
CA GLU C 107 -32.41 47.04 12.85
C GLU C 107 -33.55 47.29 13.82
N PHE C 108 -34.74 46.79 13.45
CA PHE C 108 -35.93 46.96 14.28
C PHE C 108 -36.71 45.66 14.42
N ALA C 109 -37.36 45.49 15.56
CA ALA C 109 -38.19 44.33 15.80
C ALA C 109 -39.34 44.70 16.71
N VAL C 110 -40.46 44.02 16.58
CA VAL C 110 -41.54 44.23 17.53
C VAL C 110 -41.62 43.06 18.51
N ALA C 111 -41.82 43.37 19.79
CA ALA C 111 -41.96 42.37 20.83
C ALA C 111 -43.25 42.63 21.57
N THR C 112 -43.90 41.57 22.03
CA THR C 112 -45.05 41.72 22.88
C THR C 112 -44.62 42.33 24.23
N GLU C 113 -45.50 43.12 24.82
CA GLU C 113 -45.18 43.71 26.12
C GLU C 113 -44.96 42.63 27.19
N LYS C 114 -45.69 41.51 27.07
CA LYS C 114 -45.62 40.42 28.04
C LYS C 114 -44.26 39.69 28.01
N LEU C 115 -43.48 39.95 26.97
CA LEU C 115 -42.15 39.38 26.86
C LEU C 115 -41.10 40.46 26.68
N THR C 116 -41.33 41.61 27.29
CA THR C 116 -40.37 42.71 27.27
C THR C 116 -40.05 43.13 28.70
N VAL C 117 -38.76 43.23 29.01
CA VAL C 117 -38.30 43.60 30.34
C VAL C 117 -37.35 44.81 30.28
N LYS C 118 -37.55 45.77 31.18
CA LYS C 118 -36.66 46.92 31.28
C LYS C 118 -35.25 46.48 31.62
N ARG C 119 -34.28 46.98 30.86
CA ARG C 119 -32.86 46.68 31.04
C ARG C 119 -32.16 47.73 31.88
N PRO C 120 -31.73 47.37 33.10
CA PRO C 120 -31.06 48.35 33.96
C PRO C 120 -29.76 48.92 33.35
N GLN C 121 -29.31 50.07 33.86
CA GLN C 121 -28.10 50.70 33.37
C GLN C 121 -26.89 49.78 33.52
N GLU C 122 -26.88 48.99 34.58
CA GLU C 122 -25.72 48.15 34.93
C GLU C 122 -25.46 47.05 33.91
N VAL C 123 -26.51 46.61 33.20
CA VAL C 123 -26.39 45.46 32.30
C VAL C 123 -26.34 45.88 30.83
N GLY C 124 -25.26 45.54 30.14
CA GLY C 124 -25.10 45.89 28.75
C GLY C 124 -26.18 45.33 27.86
N ALA C 125 -26.18 45.72 26.60
CA ALA C 125 -27.18 45.20 25.69
C ALA C 125 -26.81 43.80 25.22
N ALA C 126 -25.53 43.55 25.01
CA ALA C 126 -25.11 42.22 24.56
C ALA C 126 -25.24 41.21 25.71
N GLU C 127 -24.89 41.63 26.92
CA GLU C 127 -25.00 40.77 28.09
C GLU C 127 -26.43 40.35 28.29
N ALA C 128 -27.35 41.29 28.05
CA ALA C 128 -28.78 41.06 28.25
C ALA C 128 -29.40 40.20 27.15
N ALA C 129 -29.09 40.51 25.89
CA ALA C 129 -29.69 39.78 24.77
C ALA C 129 -29.30 38.29 24.78
N ALA C 130 -28.20 37.94 25.42
CA ALA C 130 -27.79 36.55 25.47
C ALA C 130 -28.66 35.75 26.44
N LEU C 131 -29.36 36.44 27.32
CA LEU C 131 -30.13 35.79 28.37
C LEU C 131 -31.35 34.95 27.95
N PRO C 132 -32.32 35.53 27.18
CA PRO C 132 -33.65 34.92 27.07
C PRO C 132 -33.66 33.42 26.85
N VAL C 133 -33.42 32.92 25.65
CA VAL C 133 -33.59 31.48 25.45
C VAL C 133 -32.62 30.65 26.27
N ALA C 134 -31.33 30.95 26.16
CA ALA C 134 -30.34 30.14 26.87
C ALA C 134 -30.54 30.19 28.38
N GLY C 135 -30.60 31.40 28.92
CA GLY C 135 -30.77 31.57 30.35
C GLY C 135 -32.08 31.01 30.88
N LEU C 136 -33.21 31.35 30.26
CA LEU C 136 -34.51 30.89 30.75
C LEU C 136 -34.63 29.37 30.70
N THR C 137 -34.05 28.78 29.65
CA THR C 137 -34.00 27.32 29.51
C THR C 137 -33.23 26.71 30.68
N ALA C 138 -32.03 27.24 30.96
CA ALA C 138 -31.24 26.76 32.10
C ALA C 138 -32.03 26.95 33.37
N LEU C 139 -32.70 28.10 33.49
CA LEU C 139 -33.52 28.37 34.66
C LEU C 139 -34.65 27.35 34.82
N GLN C 140 -35.41 27.15 33.75
CA GLN C 140 -36.57 26.28 33.82
C GLN C 140 -36.17 24.86 34.20
N ALA C 141 -35.08 24.39 33.60
CA ALA C 141 -34.65 23.02 33.82
C ALA C 141 -34.31 22.82 35.27
N LEU C 142 -33.59 23.76 35.86
CA LEU C 142 -33.18 23.60 37.23
C LEU C 142 -34.32 23.84 38.20
N THR C 143 -35.24 24.72 37.81
CA THR C 143 -36.34 25.15 38.68
C THR C 143 -37.50 24.17 38.70
N ASN C 144 -37.87 23.65 37.53
CA ASN C 144 -39.03 22.78 37.45
C ASN C 144 -38.66 21.28 37.56
N PRO C 145 -38.08 20.66 36.50
CA PRO C 145 -37.89 19.22 36.69
C PRO C 145 -36.89 18.87 37.79
N ALA C 146 -35.81 19.61 37.90
CA ALA C 146 -34.79 19.32 38.91
C ALA C 146 -35.24 19.71 40.33
N GLY C 147 -36.24 20.57 40.45
CA GLY C 147 -36.69 21.03 41.75
C GLY C 147 -35.59 21.58 42.64
N LEU C 148 -34.74 22.42 42.08
CA LEU C 148 -33.76 23.16 42.87
C LEU C 148 -34.40 24.44 43.31
N LYS C 149 -33.94 24.96 44.44
CA LYS C 149 -34.38 26.27 44.89
C LYS C 149 -33.17 27.18 45.03
N LEU C 150 -33.27 28.37 44.45
CA LEU C 150 -32.14 29.29 44.36
C LEU C 150 -32.02 30.25 45.54
N ASP C 151 -32.55 29.84 46.69
CA ASP C 151 -32.28 30.55 47.93
C ASP C 151 -30.97 30.03 48.51
N GLY C 152 -30.63 28.80 48.15
CA GLY C 152 -29.84 27.96 49.01
C GLY C 152 -30.88 27.51 50.01
N THR C 153 -32.09 27.24 49.51
CA THR C 153 -33.24 26.85 50.34
C THR C 153 -32.94 25.63 51.20
N GLY C 154 -32.22 24.65 50.64
CA GLY C 154 -31.84 23.50 51.42
C GLY C 154 -32.08 22.17 50.73
N LYS C 155 -32.61 22.22 49.52
CA LYS C 155 -32.58 21.03 48.67
C LYS C 155 -31.12 20.84 48.28
N LYS C 156 -30.48 19.75 48.71
CA LYS C 156 -29.06 19.57 48.39
C LYS C 156 -28.89 18.55 47.27
N ALA C 157 -28.36 18.96 46.11
CA ALA C 157 -28.37 17.97 45.03
C ALA C 157 -27.11 17.89 44.18
N ASN C 158 -26.98 16.76 43.49
CA ASN C 158 -25.88 16.52 42.53
C ASN C 158 -26.32 16.77 41.08
N ILE C 159 -25.70 17.76 40.45
CA ILE C 159 -26.08 18.13 39.10
C ILE C 159 -24.98 17.79 38.10
N LEU C 160 -25.36 17.16 36.99
CA LEU C 160 -24.47 17.02 35.85
C LEU C 160 -24.91 17.99 34.74
N VAL C 161 -23.98 18.78 34.22
CA VAL C 161 -24.28 19.62 33.06
C VAL C 161 -23.44 19.18 31.86
N THR C 162 -24.05 18.61 30.82
CA THR C 162 -23.31 18.28 29.60
C THR C 162 -23.17 19.51 28.74
N ALA C 163 -22.07 19.57 28.01
CA ALA C 163 -21.76 20.68 27.10
C ALA C 163 -21.89 22.02 27.82
N ALA C 164 -21.21 22.12 28.95
CA ALA C 164 -21.39 23.27 29.81
C ALA C 164 -20.63 24.51 29.33
N SER C 165 -19.90 24.40 28.22
CA SER C 165 -19.18 25.56 27.67
C SER C 165 -20.05 26.34 26.69
N GLY C 166 -21.24 25.83 26.40
CA GLY C 166 -22.13 26.44 25.42
C GLY C 166 -23.19 27.37 26.00
N GLY C 167 -24.15 27.73 25.17
CA GLY C 167 -25.16 28.70 25.56
C GLY C 167 -25.94 28.34 26.81
N VAL C 168 -26.77 27.32 26.72
CA VAL C 168 -27.54 26.94 27.89
C VAL C 168 -26.62 26.40 28.97
N GLY C 169 -25.64 25.62 28.54
CA GLY C 169 -24.65 25.04 29.43
C GLY C 169 -24.02 25.97 30.46
N HIS C 170 -23.48 27.11 30.01
CA HIS C 170 -22.71 27.98 30.89
C HIS C 170 -23.61 28.78 31.86
N TYR C 171 -24.84 29.04 31.45
CA TYR C 171 -25.84 29.55 32.38
C TYR C 171 -26.22 28.49 33.40
N ALA C 172 -26.49 27.28 32.93
CA ALA C 172 -26.87 26.16 33.80
C ALA C 172 -25.89 25.91 34.97
N VAL C 173 -24.58 25.89 34.70
CA VAL C 173 -23.59 25.67 35.76
C VAL C 173 -23.65 26.76 36.82
N GLN C 174 -23.71 28.02 36.39
CA GLN C 174 -23.79 29.16 37.29
C GLN C 174 -25.04 29.09 38.17
N LEU C 175 -26.19 28.96 37.53
CA LEU C 175 -27.46 28.85 38.25
C LEU C 175 -27.49 27.67 39.25
N ALA C 176 -26.99 26.52 38.80
CA ALA C 176 -26.96 25.33 39.65
C ALA C 176 -26.13 25.58 40.93
N LYS C 177 -25.08 26.40 40.81
CA LYS C 177 -24.28 26.74 41.98
C LYS C 177 -25.02 27.66 42.96
N LEU C 178 -25.87 28.55 42.44
CA LEU C 178 -26.68 29.41 43.30
C LEU C 178 -27.73 28.65 44.11
N ALA C 179 -28.04 27.43 43.66
CA ALA C 179 -29.00 26.59 44.37
C ALA C 179 -28.29 25.64 45.32
N ASN C 180 -26.99 25.88 45.52
CA ASN C 180 -26.17 25.07 46.41
C ASN C 180 -26.21 23.61 46.01
N ALA C 181 -25.88 23.37 44.74
CA ALA C 181 -25.76 22.02 44.21
C ALA C 181 -24.30 21.71 43.91
N HIS C 182 -23.94 20.44 44.00
CA HIS C 182 -22.65 19.97 43.48
C HIS C 182 -22.75 19.84 41.96
N VAL C 183 -21.89 20.54 41.24
CA VAL C 183 -21.98 20.53 39.80
C VAL C 183 -20.81 19.79 39.15
N THR C 184 -21.16 18.81 38.33
CA THR C 184 -20.20 18.07 37.54
C THR C 184 -20.45 18.51 36.12
N ALA C 185 -19.40 18.80 35.36
CA ALA C 185 -19.60 19.32 33.99
C ALA C 185 -18.75 18.61 32.95
N THR C 186 -19.26 18.54 31.72
CA THR C 186 -18.51 18.03 30.56
C THR C 186 -18.38 19.11 29.50
N CYS C 187 -17.20 19.15 28.87
CA CYS C 187 -16.90 20.09 27.79
C CYS C 187 -15.65 19.65 27.06
N GLY C 188 -15.29 20.41 26.03
CA GLY C 188 -14.09 20.09 25.28
C GLY C 188 -12.86 20.33 26.15
N ALA C 189 -11.74 19.68 25.82
CA ALA C 189 -10.51 19.90 26.54
C ALA C 189 -10.14 21.40 26.68
N ARG C 190 -10.27 22.15 25.58
CA ARG C 190 -9.92 23.57 25.56
C ARG C 190 -10.67 24.43 26.59
N ASN C 191 -11.90 24.05 26.89
CA ASN C 191 -12.76 24.85 27.75
C ASN C 191 -12.76 24.44 29.19
N ILE C 192 -11.94 23.45 29.52
CA ILE C 192 -11.99 22.86 30.84
C ILE C 192 -11.73 23.93 31.94
N GLU C 193 -10.81 24.84 31.69
CA GLU C 193 -10.50 25.87 32.69
C GLU C 193 -11.64 26.83 32.78
N PHE C 194 -12.21 27.16 31.62
CA PHE C 194 -13.34 28.10 31.55
C PHE C 194 -14.53 27.61 32.36
N VAL C 195 -14.87 26.33 32.21
CA VAL C 195 -16.04 25.80 32.90
C VAL C 195 -15.77 25.75 34.40
N LYS C 196 -14.53 25.47 34.81
CA LYS C 196 -14.18 25.55 36.23
C LYS C 196 -14.51 26.94 36.78
N SER C 197 -14.25 27.97 35.97
CA SER C 197 -14.44 29.36 36.39
C SER C 197 -15.90 29.77 36.53
N LEU C 198 -16.80 28.98 35.95
CA LEU C 198 -18.24 29.22 36.08
C LEU C 198 -18.75 28.68 37.41
N GLY C 199 -17.90 27.94 38.12
CA GLY C 199 -18.23 27.43 39.43
C GLY C 199 -18.38 25.93 39.50
N ALA C 200 -18.09 25.23 38.40
CA ALA C 200 -18.22 23.77 38.35
C ALA C 200 -17.28 23.13 39.38
N ASP C 201 -17.79 22.14 40.13
CA ASP C 201 -16.96 21.46 41.12
C ASP C 201 -16.07 20.44 40.43
N GLU C 202 -16.63 19.70 39.48
CA GLU C 202 -15.85 18.75 38.68
C GLU C 202 -16.05 19.01 37.19
N VAL C 203 -14.99 18.88 36.40
CA VAL C 203 -15.09 19.08 34.97
C VAL C 203 -14.37 17.97 34.17
N LEU C 204 -15.11 17.36 33.25
CA LEU C 204 -14.58 16.23 32.48
C LEU C 204 -14.47 16.54 30.99
N ASP C 205 -13.31 16.23 30.40
CA ASP C 205 -13.13 16.24 28.94
C ASP C 205 -13.97 15.11 28.34
N TYR C 206 -14.90 15.46 27.45
CA TYR C 206 -15.88 14.48 27.02
C TYR C 206 -15.29 13.46 26.04
N LYS C 207 -14.05 13.70 25.62
CA LYS C 207 -13.37 12.78 24.72
C LYS C 207 -12.53 11.75 25.50
N THR C 208 -12.09 12.09 26.70
CA THR C 208 -11.39 11.09 27.47
C THR C 208 -12.42 10.04 27.85
N PRO C 209 -12.15 8.76 27.56
CA PRO C 209 -13.03 7.61 27.76
C PRO C 209 -13.92 7.77 29.00
N GLU C 210 -13.33 8.29 30.08
CA GLU C 210 -14.05 8.50 31.33
C GLU C 210 -15.14 9.55 31.15
N GLY C 211 -14.82 10.59 30.37
CA GLY C 211 -15.72 11.70 30.14
C GLY C 211 -16.89 11.35 29.24
N ALA C 212 -16.65 10.49 28.26
CA ALA C 212 -17.72 9.96 27.40
C ALA C 212 -18.64 9.00 28.16
N ALA C 213 -18.17 8.48 29.29
CA ALA C 213 -18.97 7.62 30.13
C ALA C 213 -19.57 8.40 31.31
N LEU C 214 -19.24 9.68 31.41
CA LEU C 214 -19.82 10.58 32.42
C LEU C 214 -19.54 10.14 33.86
N LYS C 215 -18.36 9.57 34.11
CA LYS C 215 -18.00 9.10 35.45
C LYS C 215 -17.26 10.17 36.27
N SER C 216 -17.86 10.66 37.36
CA SER C 216 -17.19 11.69 38.17
C SER C 216 -15.99 11.15 38.87
N PRO C 217 -14.94 11.97 38.97
CA PRO C 217 -13.70 11.58 39.64
C PRO C 217 -13.97 11.08 41.03
N SER C 218 -15.09 11.52 41.60
CA SER C 218 -15.33 11.46 43.03
C SER C 218 -16.59 10.67 43.32
N GLY C 219 -17.09 9.97 42.30
CA GLY C 219 -18.10 8.93 42.50
C GLY C 219 -19.53 9.39 42.76
N LYS C 220 -19.82 10.64 42.40
CA LYS C 220 -21.15 11.19 42.55
C LYS C 220 -22.19 10.46 41.67
N LYS C 221 -23.40 10.30 42.18
CA LYS C 221 -24.51 9.96 41.31
C LYS C 221 -25.43 11.17 41.19
N TYR C 222 -25.90 11.43 39.98
CA TYR C 222 -26.60 12.71 39.75
C TYR C 222 -28.10 12.61 39.96
N ASP C 223 -28.64 13.60 40.66
CA ASP C 223 -30.08 13.70 40.87
C ASP C 223 -30.76 14.24 39.61
N ALA C 224 -30.04 15.09 38.90
CA ALA C 224 -30.55 15.64 37.66
C ALA C 224 -29.42 15.98 36.68
N VAL C 225 -29.72 15.88 35.39
CA VAL C 225 -28.78 16.23 34.34
C VAL C 225 -29.39 17.30 33.47
N VAL C 226 -28.72 18.44 33.35
CA VAL C 226 -29.12 19.43 32.36
C VAL C 226 -28.35 19.08 31.10
N HIS C 227 -29.00 18.30 30.23
CA HIS C 227 -28.33 17.68 29.10
C HIS C 227 -28.36 18.58 27.88
N CYS C 228 -27.24 19.22 27.60
CA CYS C 228 -27.20 20.17 26.50
C CYS C 228 -26.47 19.62 25.29
N ALA C 229 -25.74 18.52 25.49
CA ALA C 229 -25.05 17.86 24.39
C ALA C 229 -26.04 17.03 23.57
N ASN C 230 -25.57 16.24 22.61
CA ASN C 230 -26.52 15.54 21.73
C ASN C 230 -26.33 14.06 21.49
N GLY C 231 -25.09 13.61 21.49
CA GLY C 231 -24.86 12.24 21.06
C GLY C 231 -25.00 11.14 22.11
N ILE C 232 -25.77 11.39 23.16
CA ILE C 232 -25.76 10.47 24.29
C ILE C 232 -27.08 9.72 24.53
N PRO C 233 -27.02 8.39 24.48
CA PRO C 233 -28.19 7.56 24.72
C PRO C 233 -28.41 7.38 26.22
N PHE C 234 -29.62 7.00 26.60
CA PHE C 234 -29.95 6.91 28.00
C PHE C 234 -29.08 5.92 28.74
N SER C 235 -28.65 4.88 28.02
CA SER C 235 -27.71 3.89 28.52
C SER C 235 -26.52 4.49 29.27
N VAL C 236 -25.90 5.53 28.69
CA VAL C 236 -24.74 6.16 29.28
C VAL C 236 -25.04 6.96 30.57
N PHE C 237 -26.21 7.60 30.61
CA PHE C 237 -26.63 8.31 31.81
C PHE C 237 -26.94 7.36 32.97
N GLU C 238 -27.71 6.32 32.65
CA GLU C 238 -28.38 5.45 33.63
C GLU C 238 -27.53 5.06 34.84
N PRO C 239 -26.35 4.43 34.63
CA PRO C 239 -25.59 4.01 35.81
C PRO C 239 -25.02 5.17 36.64
N ASN C 240 -25.00 6.38 36.08
CA ASN C 240 -24.53 7.55 36.84
C ASN C 240 -25.65 8.29 37.57
N LEU C 241 -26.90 7.91 37.31
CA LEU C 241 -28.03 8.56 37.94
C LEU C 241 -28.26 8.02 39.35
N SER C 242 -28.73 8.89 40.24
CA SER C 242 -29.22 8.48 41.54
C SER C 242 -30.49 7.63 41.33
N GLU C 243 -31.09 7.14 42.42
CA GLU C 243 -32.19 6.18 42.30
C GLU C 243 -33.34 6.75 41.53
N ASN C 244 -33.59 8.05 41.67
CA ASN C 244 -34.69 8.68 40.96
C ASN C 244 -34.25 9.82 40.07
N GLY C 245 -32.99 9.74 39.63
CA GLY C 245 -32.38 10.76 38.79
C GLY C 245 -33.13 11.05 37.51
N LYS C 246 -33.18 12.33 37.14
CA LYS C 246 -33.84 12.73 35.91
C LYS C 246 -32.80 13.29 34.97
N VAL C 247 -32.75 12.80 33.73
CA VAL C 247 -31.95 13.47 32.70
C VAL C 247 -32.87 14.41 31.92
N ILE C 248 -32.51 15.69 31.87
CA ILE C 248 -33.36 16.72 31.25
C ILE C 248 -32.81 17.15 29.89
N ASP C 249 -33.38 16.64 28.83
CA ASP C 249 -32.91 16.93 27.49
C ASP C 249 -33.48 18.27 27.07
N ILE C 250 -32.65 19.29 27.03
CA ILE C 250 -33.13 20.60 26.67
C ILE C 250 -33.17 20.81 25.16
N THR C 251 -32.85 19.75 24.41
CA THR C 251 -32.85 19.82 22.95
C THR C 251 -33.38 18.48 22.37
N PRO C 252 -34.62 18.12 22.76
CA PRO C 252 -35.17 16.76 22.59
C PRO C 252 -35.57 16.40 21.16
N GLY C 253 -35.05 15.28 20.65
CA GLY C 253 -35.46 14.80 19.36
C GLY C 253 -36.50 13.70 19.48
N PRO C 254 -36.72 12.96 18.39
CA PRO C 254 -37.66 11.84 18.38
C PRO C 254 -37.20 10.76 19.33
N ASN C 255 -35.88 10.53 19.38
CA ASN C 255 -35.31 9.60 20.32
C ASN C 255 -35.67 9.94 21.77
N ALA C 256 -35.48 11.20 22.15
CA ALA C 256 -35.78 11.62 23.50
C ALA C 256 -37.25 11.44 23.76
N MET C 257 -38.07 11.92 22.82
CA MET C 257 -39.51 11.85 22.94
C MET C 257 -39.97 10.42 23.18
N TRP C 258 -39.39 9.50 22.41
CA TRP C 258 -39.70 8.08 22.53
C TRP C 258 -39.26 7.54 23.87
N THR C 259 -37.99 7.74 24.19
CA THR C 259 -37.47 7.34 25.48
C THR C 259 -38.39 7.83 26.62
N TYR C 260 -38.74 9.11 26.59
CA TYR C 260 -39.68 9.69 27.53
C TYR C 260 -40.93 8.83 27.65
N ALA C 261 -41.49 8.43 26.52
CA ALA C 261 -42.76 7.69 26.52
C ALA C 261 -42.59 6.34 27.18
N VAL C 262 -41.54 5.64 26.79
CA VAL C 262 -41.29 4.29 27.30
C VAL C 262 -41.01 4.29 28.80
N LYS C 263 -40.10 5.16 29.25
CA LYS C 263 -39.78 5.30 30.66
C LYS C 263 -41.01 5.66 31.48
N LYS C 264 -41.95 6.37 30.86
CA LYS C 264 -43.18 6.79 31.53
C LYS C 264 -44.11 5.61 31.70
N ILE C 265 -44.32 4.89 30.59
CA ILE C 265 -45.28 3.80 30.54
C ILE C 265 -44.79 2.54 31.29
N THR C 266 -43.47 2.45 31.51
CA THR C 266 -42.89 1.35 32.27
C THR C 266 -42.57 1.80 33.68
N MET C 267 -43.02 2.99 34.02
CA MET C 267 -42.82 3.56 35.34
C MET C 267 -41.38 3.42 35.84
N SER C 268 -40.40 3.66 34.96
CA SER C 268 -38.99 3.68 35.34
C SER C 268 -38.74 4.73 36.42
N LYS C 269 -38.01 4.35 37.46
CA LYS C 269 -37.78 5.27 38.56
C LYS C 269 -36.85 6.37 38.06
N LYS C 270 -35.87 5.99 37.23
CA LYS C 270 -35.02 6.95 36.52
C LYS C 270 -35.76 7.42 35.28
N GLN C 271 -35.77 8.73 35.06
CA GLN C 271 -36.69 9.35 34.11
C GLN C 271 -35.95 10.21 33.05
N LEU C 272 -36.44 10.25 31.83
CA LEU C 272 -35.95 11.22 30.85
C LEU C 272 -37.02 12.27 30.58
N VAL C 273 -36.67 13.52 30.86
CA VAL C 273 -37.60 14.63 30.74
C VAL C 273 -37.25 15.58 29.59
N PRO C 274 -38.11 15.60 28.57
CA PRO C 274 -37.91 16.54 27.47
C PRO C 274 -38.28 17.91 27.96
N LEU C 275 -37.55 18.94 27.57
CA LEU C 275 -37.89 20.27 28.05
C LEU C 275 -38.24 21.17 26.89
N LEU C 276 -39.43 21.75 26.96
CA LEU C 276 -39.76 22.86 26.08
C LEU C 276 -39.87 24.13 26.91
N LEU C 277 -39.16 25.17 26.50
CA LEU C 277 -39.14 26.43 27.24
C LEU C 277 -40.47 27.16 27.15
N ILE C 278 -40.93 27.66 28.29
CA ILE C 278 -42.03 28.60 28.32
C ILE C 278 -41.50 29.90 28.90
N PRO C 279 -41.12 30.84 28.02
CA PRO C 279 -40.56 32.13 28.44
C PRO C 279 -41.59 32.97 29.18
N LYS C 280 -41.37 33.23 30.46
CA LYS C 280 -42.29 34.09 31.20
C LYS C 280 -41.53 35.34 31.68
N ALA C 281 -42.14 36.52 31.54
CA ALA C 281 -41.43 37.77 31.81
C ALA C 281 -40.83 37.83 33.22
N GLU C 282 -41.51 37.23 34.19
CA GLU C 282 -41.01 37.21 35.57
C GLU C 282 -39.61 36.60 35.62
N ASN C 283 -39.42 35.55 34.85
CA ASN C 283 -38.15 34.81 34.83
C ASN C 283 -37.05 35.61 34.15
N LEU C 284 -37.41 36.27 33.06
CA LEU C 284 -36.46 37.12 32.36
C LEU C 284 -36.01 38.26 33.29
N GLU C 285 -36.97 38.87 33.96
CA GLU C 285 -36.66 39.94 34.91
C GLU C 285 -35.70 39.41 35.97
N PHE C 286 -35.99 38.21 36.45
CA PHE C 286 -35.18 37.55 37.45
C PHE C 286 -33.73 37.37 36.98
N MET C 287 -33.57 36.79 35.80
CA MET C 287 -32.26 36.51 35.23
C MET C 287 -31.49 37.78 35.03
N VAL C 288 -32.20 38.82 34.56
CA VAL C 288 -31.59 40.13 34.39
C VAL C 288 -31.03 40.66 35.70
N ASN C 289 -31.80 40.51 36.79
CA ASN C 289 -31.33 40.93 38.10
C ASN C 289 -30.08 40.18 38.55
N LEU C 290 -30.05 38.88 38.24
CA LEU C 290 -28.91 38.05 38.62
C LEU C 290 -27.66 38.56 37.96
N VAL C 291 -27.79 38.98 36.70
CA VAL C 291 -26.67 39.52 35.95
C VAL C 291 -26.28 40.87 36.54
N LYS C 292 -27.27 41.72 36.84
CA LYS C 292 -27.03 43.04 37.45
C LYS C 292 -26.29 42.92 38.78
N GLU C 293 -26.70 41.93 39.58
CA GLU C 293 -26.11 41.72 40.91
C GLU C 293 -24.83 40.90 40.84
N GLY C 294 -24.40 40.57 39.63
CA GLY C 294 -23.16 39.87 39.44
C GLY C 294 -23.19 38.41 39.86
N LYS C 295 -24.37 37.91 40.21
CA LYS C 295 -24.51 36.51 40.64
C LYS C 295 -24.45 35.56 39.45
N VAL C 296 -24.65 36.11 38.26
CA VAL C 296 -24.55 35.37 37.01
C VAL C 296 -23.88 36.24 35.96
N LYS C 297 -22.86 35.72 35.29
CA LYS C 297 -22.22 36.48 34.22
C LYS C 297 -22.49 35.82 32.86
N THR C 298 -22.91 36.64 31.89
CA THR C 298 -23.01 36.25 30.48
C THR C 298 -21.64 36.23 29.84
N VAL C 299 -21.21 35.09 29.32
CA VAL C 299 -20.00 35.13 28.52
C VAL C 299 -20.37 35.23 27.04
N ILE C 300 -19.75 36.17 26.35
CA ILE C 300 -20.00 36.36 24.93
C ILE C 300 -18.89 35.70 24.11
N ASP C 301 -19.27 34.75 23.25
CA ASP C 301 -18.31 34.12 22.38
C ASP C 301 -17.72 35.12 21.36
N SER C 302 -18.57 35.97 20.80
CA SER C 302 -18.15 36.82 19.73
C SER C 302 -19.21 37.85 19.40
N LYS C 303 -18.76 38.97 18.86
CA LYS C 303 -19.64 40.05 18.46
C LYS C 303 -19.45 40.32 16.98
N HIS C 304 -20.55 40.27 16.23
CA HIS C 304 -20.53 40.55 14.80
C HIS C 304 -21.49 41.67 14.40
N PRO C 305 -21.08 42.48 13.42
CA PRO C 305 -21.98 43.51 12.94
C PRO C 305 -23.03 42.92 12.00
N LEU C 306 -24.23 43.48 12.04
CA LEU C 306 -25.31 43.01 11.20
C LEU C 306 -24.90 42.87 9.75
N SER C 307 -23.96 43.71 9.31
CA SER C 307 -23.51 43.68 7.92
C SER C 307 -22.74 42.40 7.65
N LYS C 308 -22.21 41.80 8.70
CA LYS C 308 -21.44 40.59 8.54
C LYS C 308 -22.08 39.44 9.35
N ALA C 309 -23.41 39.46 9.47
CA ALA C 309 -24.12 38.50 10.32
C ALA C 309 -23.99 37.03 9.89
N GLU C 310 -23.78 36.78 8.59
CA GLU C 310 -23.57 35.43 8.12
C GLU C 310 -22.45 34.79 8.89
N ASP C 311 -21.43 35.57 9.24
CA ASP C 311 -20.29 35.03 9.97
C ASP C 311 -20.77 34.44 11.29
N ALA C 312 -21.65 35.18 11.96
CA ALA C 312 -22.21 34.75 13.23
C ALA C 312 -23.03 33.51 13.04
N TRP C 313 -23.81 33.50 11.97
CA TRP C 313 -24.65 32.37 11.61
C TRP C 313 -23.81 31.10 11.47
N ALA C 314 -22.74 31.20 10.68
CA ALA C 314 -21.88 30.06 10.45
C ALA C 314 -21.19 29.61 11.74
N LYS C 315 -20.82 30.56 12.57
CA LYS C 315 -20.22 30.25 13.86
C LYS C 315 -21.18 29.41 14.69
N SER C 316 -22.45 29.79 14.67
CA SER C 316 -23.50 29.05 15.36
C SER C 316 -23.67 27.67 14.77
N ILE C 317 -23.76 27.58 13.45
CA ILE C 317 -23.88 26.31 12.78
C ILE C 317 -22.73 25.35 13.15
N ASP C 318 -21.51 25.85 13.23
CA ASP C 318 -20.38 25.03 13.68
C ASP C 318 -20.56 24.61 15.12
N GLY C 319 -21.23 25.45 15.88
CA GLY C 319 -21.49 25.16 17.27
C GLY C 319 -20.28 24.92 18.13
N HIS C 320 -19.17 25.60 17.87
CA HIS C 320 -18.04 25.48 18.79
C HIS C 320 -18.02 26.67 19.71
N ALA C 321 -19.11 27.45 19.67
CA ALA C 321 -19.19 28.71 20.41
C ALA C 321 -19.04 28.49 21.90
N THR C 322 -18.39 29.43 22.57
CA THR C 322 -18.21 29.37 24.01
C THR C 322 -19.06 30.45 24.63
N GLY C 323 -20.16 30.07 25.24
CA GLY C 323 -21.16 31.06 25.59
C GLY C 323 -22.06 31.48 24.43
N LYS C 324 -22.33 32.76 24.30
CA LYS C 324 -23.32 33.19 23.34
C LYS C 324 -22.78 34.11 22.25
N ILE C 325 -23.20 33.85 21.01
CA ILE C 325 -22.83 34.65 19.86
C ILE C 325 -23.78 35.84 19.74
N ILE C 326 -23.22 37.03 19.52
CA ILE C 326 -24.00 38.25 19.49
C ILE C 326 -23.89 38.96 18.15
N VAL C 327 -24.99 39.50 17.65
CA VAL C 327 -24.95 40.35 16.47
C VAL C 327 -25.43 41.76 16.82
N GLU C 328 -24.55 42.73 16.59
CA GLU C 328 -24.82 44.13 16.92
C GLU C 328 -24.99 44.93 15.62
N PRO C 329 -25.52 46.15 15.70
CA PRO C 329 -25.63 46.91 14.46
C PRO C 329 -24.31 47.60 14.12
N LYS D 4 -52.63 -27.48 45.68
CA LYS D 4 -52.01 -27.59 44.37
C LYS D 4 -52.78 -26.74 43.35
N LEU D 5 -53.98 -27.15 42.98
CA LEU D 5 -54.79 -26.38 41.99
C LEU D 5 -55.95 -25.61 42.62
N MET D 6 -56.18 -24.38 42.16
CA MET D 6 -57.30 -23.59 42.66
C MET D 6 -58.25 -23.12 41.55
N HIS D 7 -59.37 -22.55 41.98
CA HIS D 7 -60.43 -22.03 41.12
C HIS D 7 -60.16 -20.54 40.74
N ALA D 8 -60.26 -20.23 39.46
CA ALA D 8 -59.99 -18.89 38.95
C ALA D 8 -60.84 -18.57 37.72
N LEU D 9 -60.78 -17.32 37.26
CA LEU D 9 -61.43 -16.93 36.01
C LEU D 9 -60.42 -16.43 34.98
N GLN D 10 -60.61 -16.90 33.73
CA GLN D 10 -59.67 -16.65 32.64
C GLN D 10 -60.42 -16.20 31.42
N TYR D 11 -59.81 -15.33 30.61
CA TYR D 11 -60.25 -15.23 29.23
C TYR D 11 -59.06 -15.63 28.38
N ASN D 12 -59.34 -16.26 27.24
CA ASN D 12 -58.28 -16.78 26.38
C ASN D 12 -58.28 -16.06 25.04
N SER D 13 -58.95 -14.92 24.99
CA SER D 13 -59.29 -14.33 23.71
C SER D 13 -59.79 -12.91 23.89
N TYR D 14 -59.60 -12.08 22.87
CA TYR D 14 -60.16 -10.73 22.92
C TYR D 14 -61.66 -10.75 22.65
N GLY D 15 -62.37 -9.80 23.25
CA GLY D 15 -63.74 -9.50 22.85
C GLY D 15 -64.84 -10.38 23.42
N GLY D 16 -64.47 -11.30 24.30
CA GLY D 16 -65.45 -12.16 24.93
C GLY D 16 -66.55 -11.49 25.75
N GLY D 17 -66.22 -10.38 26.42
CA GLY D 17 -67.14 -9.79 27.39
C GLY D 17 -67.24 -10.71 28.59
N ALA D 18 -68.36 -10.66 29.33
CA ALA D 18 -68.53 -11.56 30.47
C ALA D 18 -68.73 -13.02 30.02
N ALA D 19 -69.27 -13.20 28.82
CA ALA D 19 -69.42 -14.53 28.23
C ALA D 19 -68.08 -15.20 28.08
N GLY D 20 -67.08 -14.41 27.67
CA GLY D 20 -65.74 -14.90 27.40
C GLY D 20 -64.92 -15.30 28.62
N LEU D 21 -65.40 -14.97 29.83
CA LEU D 21 -64.77 -15.46 31.05
C LEU D 21 -65.03 -16.96 31.23
N GLU D 22 -64.02 -17.70 31.68
CA GLU D 22 -64.18 -19.13 31.96
C GLU D 22 -63.73 -19.44 33.36
N HIS D 23 -64.53 -20.25 34.07
CA HIS D 23 -64.10 -20.75 35.37
C HIS D 23 -63.19 -21.93 35.12
N VAL D 24 -62.05 -21.92 35.79
CA VAL D 24 -61.01 -22.93 35.55
C VAL D 24 -60.34 -23.34 36.86
N GLN D 25 -59.72 -24.52 36.82
CA GLN D 25 -58.87 -25.00 37.91
C GLN D 25 -57.39 -24.86 37.52
N VAL D 26 -56.65 -24.03 38.26
CA VAL D 26 -55.30 -23.59 37.89
C VAL D 26 -54.35 -23.78 39.07
N PRO D 27 -53.07 -24.11 38.79
CA PRO D 27 -52.08 -24.27 39.87
C PRO D 27 -51.91 -23.02 40.71
N VAL D 28 -51.89 -23.20 42.03
CA VAL D 28 -51.65 -22.10 42.96
C VAL D 28 -50.27 -21.50 42.70
N PRO D 29 -50.19 -20.16 42.52
CA PRO D 29 -48.89 -19.58 42.15
C PRO D 29 -47.86 -19.71 43.27
N THR D 30 -46.57 -19.72 42.91
CA THR D 30 -45.49 -19.78 43.89
C THR D 30 -44.74 -18.45 44.00
N PRO D 31 -44.64 -17.92 45.23
CA PRO D 31 -43.97 -16.63 45.42
C PRO D 31 -42.47 -16.68 45.08
N LYS D 32 -41.99 -15.69 44.35
CA LYS D 32 -40.56 -15.54 44.09
C LYS D 32 -39.87 -14.85 45.26
N SER D 33 -38.57 -14.57 45.10
CA SER D 33 -37.74 -14.05 46.19
C SER D 33 -38.40 -12.92 46.99
N ASN D 34 -39.02 -11.98 46.29
CA ASN D 34 -39.57 -10.79 46.96
C ASN D 34 -41.08 -10.71 46.90
N GLU D 35 -41.72 -11.83 46.55
CA GLU D 35 -43.18 -11.88 46.46
C GLU D 35 -43.77 -12.52 47.71
N VAL D 36 -45.05 -12.25 47.97
CA VAL D 36 -45.80 -13.00 48.97
C VAL D 36 -47.01 -13.63 48.32
N CYS D 37 -47.46 -14.75 48.88
CA CYS D 37 -48.63 -15.44 48.33
C CYS D 37 -49.82 -15.26 49.27
N LEU D 38 -50.94 -14.80 48.71
CA LEU D 38 -52.14 -14.47 49.48
C LEU D 38 -53.32 -15.40 49.23
N LYS D 39 -53.93 -15.88 50.30
CA LYS D 39 -55.29 -16.42 50.21
C LYS D 39 -56.22 -15.23 50.13
N LEU D 40 -56.91 -15.08 49.01
CA LEU D 40 -57.67 -13.87 48.77
C LEU D 40 -58.97 -13.83 49.56
N GLU D 41 -59.25 -12.67 50.12
CA GLU D 41 -60.49 -12.45 50.86
C GLU D 41 -61.42 -11.50 50.09
N ALA D 42 -60.84 -10.61 49.30
CA ALA D 42 -61.65 -9.68 48.51
C ALA D 42 -60.85 -9.19 47.33
N THR D 43 -61.52 -9.08 46.20
CA THR D 43 -60.89 -8.54 45.00
C THR D 43 -61.76 -7.44 44.43
N SER D 44 -61.13 -6.39 43.94
CA SER D 44 -61.86 -5.26 43.39
C SER D 44 -61.65 -5.15 41.87
N LEU D 45 -62.72 -4.81 41.14
CA LEU D 45 -62.59 -4.62 39.69
C LEU D 45 -62.31 -3.15 39.35
N ASN D 46 -61.60 -2.93 38.24
CA ASN D 46 -61.36 -1.60 37.66
C ASN D 46 -61.70 -1.67 36.20
N PRO D 47 -62.13 -0.54 35.61
CA PRO D 47 -62.56 -0.54 34.21
C PRO D 47 -61.46 -1.01 33.24
N VAL D 48 -60.21 -0.72 33.59
CA VAL D 48 -59.08 -1.23 32.85
C VAL D 48 -59.19 -2.72 32.58
N ASP D 49 -59.61 -3.45 33.60
CA ASP D 49 -59.66 -4.90 33.56
C ASP D 49 -60.46 -5.42 32.36
N TRP D 50 -61.65 -4.87 32.12
CA TRP D 50 -62.44 -5.38 31.00
C TRP D 50 -62.02 -4.75 29.69
N LYS D 51 -61.46 -3.55 29.75
CA LYS D 51 -60.97 -2.88 28.56
C LYS D 51 -59.83 -3.67 27.94
N ILE D 52 -58.97 -4.22 28.80
CA ILE D 52 -57.85 -5.04 28.33
C ILE D 52 -58.39 -6.19 27.52
N GLN D 53 -59.43 -6.82 28.07
CA GLN D 53 -60.08 -7.92 27.38
C GLN D 53 -60.76 -7.49 26.06
N LYS D 54 -61.37 -6.30 26.02
CA LYS D 54 -62.00 -5.86 24.77
C LYS D 54 -60.91 -5.69 23.70
N GLY D 55 -59.68 -5.45 24.15
CA GLY D 55 -58.56 -5.27 23.25
C GLY D 55 -58.11 -3.82 23.16
N MET D 56 -58.70 -2.98 24.00
CA MET D 56 -58.44 -1.56 23.89
C MET D 56 -57.04 -1.23 24.37
N ILE D 57 -56.37 -2.16 25.06
CA ILE D 57 -55.04 -1.80 25.56
C ILE D 57 -53.94 -2.48 24.74
N ARG D 58 -54.32 -3.04 23.61
CA ARG D 58 -53.33 -3.50 22.65
C ARG D 58 -52.56 -2.30 22.09
N PRO D 59 -51.24 -2.48 21.84
CA PRO D 59 -50.47 -3.74 21.93
C PRO D 59 -49.80 -3.98 23.28
N PHE D 60 -50.03 -3.13 24.27
CA PHE D 60 -49.39 -3.29 25.58
C PHE D 60 -49.93 -4.43 26.47
N LEU D 61 -51.25 -4.62 26.48
CA LEU D 61 -51.90 -5.63 27.32
C LEU D 61 -53.06 -6.27 26.58
N PRO D 62 -53.32 -7.55 26.86
CA PRO D 62 -52.62 -8.39 27.84
C PRO D 62 -51.33 -8.94 27.29
N ARG D 63 -50.42 -9.36 28.15
CA ARG D 63 -49.14 -9.83 27.65
C ARG D 63 -49.23 -11.18 26.93
N LYS D 64 -49.81 -12.16 27.61
CA LYS D 64 -50.07 -13.47 27.03
C LYS D 64 -51.46 -13.93 27.42
N PHE D 65 -52.09 -14.73 26.57
CA PHE D 65 -53.30 -15.47 26.97
C PHE D 65 -52.89 -16.82 27.53
N PRO D 66 -53.69 -17.39 28.45
CA PRO D 66 -54.93 -16.86 29.01
C PRO D 66 -54.62 -15.84 30.10
N CYS D 67 -55.57 -14.97 30.41
CA CYS D 67 -55.33 -13.92 31.39
C CYS D 67 -56.34 -14.03 32.53
N ILE D 68 -55.83 -14.02 33.76
CA ILE D 68 -56.66 -13.92 34.97
C ILE D 68 -56.74 -12.45 35.43
N PRO D 69 -57.94 -11.85 35.34
CA PRO D 69 -58.15 -10.41 35.50
C PRO D 69 -57.99 -9.91 36.92
N ALA D 70 -57.83 -8.59 37.05
CA ALA D 70 -57.93 -7.83 38.33
C ALA D 70 -56.61 -7.73 39.09
N THR D 71 -56.41 -6.57 39.70
CA THR D 71 -55.14 -6.27 40.34
C THR D 71 -55.33 -5.88 41.80
N ASP D 72 -56.51 -5.34 42.13
CA ASP D 72 -56.78 -4.83 43.47
C ASP D 72 -57.29 -5.96 44.40
N VAL D 73 -56.55 -6.17 45.47
CA VAL D 73 -56.66 -7.41 46.17
C VAL D 73 -56.43 -7.23 47.69
N ALA D 74 -57.13 -8.02 48.50
CA ALA D 74 -56.90 -8.04 49.94
C ALA D 74 -57.07 -9.46 50.44
N GLY D 75 -56.24 -9.87 51.39
CA GLY D 75 -56.28 -11.25 51.85
C GLY D 75 -55.27 -11.55 52.93
N GLU D 76 -55.05 -12.83 53.15
CA GLU D 76 -54.16 -13.28 54.21
C GLU D 76 -52.91 -13.90 53.59
N VAL D 77 -51.74 -13.51 54.11
CA VAL D 77 -50.50 -14.12 53.67
C VAL D 77 -50.45 -15.61 54.01
N VAL D 78 -50.23 -16.41 52.97
CA VAL D 78 -50.14 -17.85 53.11
C VAL D 78 -48.67 -18.27 53.16
N GLU D 79 -47.85 -17.56 52.40
CA GLU D 79 -46.47 -17.96 52.20
C GLU D 79 -45.66 -16.78 51.67
N VAL D 80 -44.42 -16.64 52.13
CA VAL D 80 -43.57 -15.57 51.62
C VAL D 80 -42.35 -16.13 50.91
N GLY D 81 -41.70 -15.30 50.09
CA GLY D 81 -40.49 -15.70 49.41
C GLY D 81 -39.29 -15.51 50.33
N SER D 82 -38.13 -16.02 49.91
CA SER D 82 -36.90 -15.97 50.72
C SER D 82 -36.48 -14.54 51.13
N GLY D 83 -36.68 -13.58 50.24
CA GLY D 83 -36.27 -12.21 50.50
C GLY D 83 -37.24 -11.40 51.33
N VAL D 84 -38.43 -11.92 51.59
CA VAL D 84 -39.48 -11.13 52.24
C VAL D 84 -39.16 -10.90 53.70
N LYS D 85 -39.08 -9.62 54.09
CA LYS D 85 -38.69 -9.24 55.44
C LYS D 85 -39.88 -8.81 56.29
N ASN D 86 -40.84 -8.12 55.69
CA ASN D 86 -41.85 -7.43 56.49
C ASN D 86 -43.17 -8.18 56.70
N PHE D 87 -43.34 -9.32 56.05
CA PHE D 87 -44.59 -10.07 56.20
C PHE D 87 -44.38 -11.53 56.54
N LYS D 88 -45.25 -12.05 57.39
CA LYS D 88 -45.22 -13.44 57.80
C LYS D 88 -46.56 -14.07 57.46
N ALA D 89 -46.61 -15.40 57.42
CA ALA D 89 -47.86 -16.09 57.18
C ALA D 89 -48.84 -15.73 58.27
N GLY D 90 -50.10 -15.53 57.89
CA GLY D 90 -51.14 -15.17 58.83
C GLY D 90 -51.48 -13.70 58.77
N ASP D 91 -50.50 -12.88 58.37
CA ASP D 91 -50.69 -11.43 58.22
C ASP D 91 -51.85 -11.11 57.28
N LYS D 92 -52.71 -10.19 57.69
CA LYS D 92 -53.75 -9.70 56.78
C LYS D 92 -53.20 -8.52 55.99
N VAL D 93 -53.44 -8.52 54.69
CA VAL D 93 -52.93 -7.43 53.84
C VAL D 93 -53.91 -6.91 52.80
N VAL D 94 -53.54 -5.77 52.25
CA VAL D 94 -54.09 -5.29 51.00
C VAL D 94 -52.87 -5.10 50.06
N ALA D 95 -53.07 -5.39 48.77
CA ALA D 95 -51.95 -5.39 47.83
C ALA D 95 -52.38 -5.05 46.41
N VAL D 96 -51.39 -4.71 45.59
CA VAL D 96 -51.61 -4.47 44.17
C VAL D 96 -50.86 -5.51 43.38
N LEU D 97 -51.58 -6.33 42.65
CA LEU D 97 -50.94 -7.30 41.78
C LEU D 97 -50.33 -6.61 40.56
N SER D 98 -49.37 -7.26 39.90
CA SER D 98 -48.80 -6.68 38.70
C SER D 98 -49.87 -6.61 37.63
N HIS D 99 -49.97 -5.43 37.02
CA HIS D 99 -50.90 -5.25 35.92
C HIS D 99 -50.56 -6.21 34.78
N LEU D 100 -49.32 -6.69 34.74
CA LEU D 100 -48.81 -7.53 33.65
C LEU D 100 -49.31 -8.96 33.74
N GLY D 101 -49.41 -9.45 34.98
CA GLY D 101 -49.83 -10.82 35.20
C GLY D 101 -51.25 -10.99 35.70
N GLY D 102 -51.87 -9.90 36.15
CA GLY D 102 -53.22 -9.98 36.71
C GLY D 102 -53.28 -10.86 37.94
N GLY D 103 -54.31 -11.70 38.01
CA GLY D 103 -54.37 -12.67 39.08
C GLY D 103 -55.49 -12.50 40.10
N GLY D 104 -56.16 -11.35 40.07
CA GLY D 104 -57.20 -11.02 41.05
C GLY D 104 -58.36 -11.99 41.18
N LEU D 105 -58.93 -12.42 40.08
CA LEU D 105 -60.08 -13.33 40.14
C LEU D 105 -59.67 -14.77 40.37
N ALA D 106 -59.18 -15.05 41.56
CA ALA D 106 -58.72 -16.39 41.92
C ALA D 106 -58.69 -16.54 43.43
N GLU D 107 -58.44 -17.75 43.90
CA GLU D 107 -58.38 -17.98 45.35
C GLU D 107 -57.04 -17.52 45.92
N PHE D 108 -56.00 -17.62 45.10
CA PHE D 108 -54.67 -17.22 45.51
C PHE D 108 -53.97 -16.32 44.46
N ALA D 109 -53.13 -15.43 44.96
CA ALA D 109 -52.39 -14.55 44.09
C ALA D 109 -51.06 -14.24 44.74
N VAL D 110 -50.05 -13.98 43.92
CA VAL D 110 -48.77 -13.48 44.46
C VAL D 110 -48.62 -11.97 44.20
N ALA D 111 -48.16 -11.24 45.22
CA ALA D 111 -47.89 -9.80 45.08
C ALA D 111 -46.45 -9.53 45.49
N THR D 112 -45.85 -8.52 44.90
CA THR D 112 -44.52 -8.13 45.32
C THR D 112 -44.61 -7.50 46.70
N GLU D 113 -43.56 -7.66 47.50
CA GLU D 113 -43.55 -7.08 48.83
C GLU D 113 -43.66 -5.56 48.76
N LYS D 114 -43.08 -4.97 47.71
CA LYS D 114 -43.07 -3.52 47.56
C LYS D 114 -44.47 -2.92 47.29
N LEU D 115 -45.43 -3.78 46.99
CA LEU D 115 -46.80 -3.33 46.77
C LEU D 115 -47.78 -4.09 47.65
N THR D 116 -47.32 -4.45 48.86
CA THR D 116 -48.16 -5.14 49.83
C THR D 116 -48.16 -4.36 51.14
N VAL D 117 -49.34 -4.10 51.68
CA VAL D 117 -49.45 -3.32 52.89
C VAL D 117 -50.25 -4.07 53.93
N LYS D 118 -49.77 -4.07 55.18
CA LYS D 118 -50.52 -4.68 56.28
C LYS D 118 -51.89 -4.00 56.45
N ARG D 119 -52.94 -4.81 56.56
CA ARG D 119 -54.32 -4.33 56.71
C ARG D 119 -54.73 -4.37 58.17
N PRO D 120 -54.97 -3.20 58.78
CA PRO D 120 -55.35 -3.15 60.20
C PRO D 120 -56.67 -3.86 60.48
N GLN D 121 -56.91 -4.21 61.74
CA GLN D 121 -58.14 -4.91 62.13
C GLN D 121 -59.38 -4.09 61.82
N GLU D 122 -59.25 -2.78 61.91
CA GLU D 122 -60.38 -1.87 61.76
C GLU D 122 -60.94 -1.87 60.34
N VAL D 123 -60.09 -2.20 59.36
CA VAL D 123 -60.48 -2.06 57.96
C VAL D 123 -60.81 -3.42 57.35
N GLY D 124 -62.03 -3.58 56.87
CA GLY D 124 -62.45 -4.80 56.20
C GLY D 124 -61.63 -5.17 54.97
N ALA D 125 -61.81 -6.39 54.49
CA ALA D 125 -61.08 -6.85 53.31
C ALA D 125 -61.67 -6.25 52.03
N ALA D 126 -62.99 -6.09 51.99
CA ALA D 126 -63.62 -5.48 50.82
C ALA D 126 -63.35 -3.97 50.78
N GLU D 127 -63.40 -3.32 51.94
CA GLU D 127 -63.13 -1.89 52.04
C GLU D 127 -61.72 -1.58 51.56
N ALA D 128 -60.79 -2.48 51.88
CA ALA D 128 -59.39 -2.26 51.56
C ALA D 128 -59.11 -2.56 50.10
N ALA D 129 -59.65 -3.66 49.61
CA ALA D 129 -59.36 -4.10 48.25
C ALA D 129 -59.84 -3.08 47.22
N ALA D 130 -60.84 -2.27 47.60
CA ALA D 130 -61.35 -1.24 46.67
C ALA D 130 -60.35 -0.08 46.52
N LEU D 131 -59.41 0.03 47.46
CA LEU D 131 -58.53 1.18 47.53
C LEU D 131 -57.48 1.32 46.41
N PRO D 132 -56.67 0.28 46.16
CA PRO D 132 -55.44 0.48 45.36
C PRO D 132 -55.60 1.35 44.09
N VAL D 133 -56.06 0.80 42.97
CA VAL D 133 -56.09 1.61 41.76
C VAL D 133 -56.95 2.86 41.91
N ALA D 134 -58.22 2.71 42.29
CA ALA D 134 -59.11 3.88 42.30
C ALA D 134 -58.59 4.92 43.27
N GLY D 135 -58.27 4.50 44.48
CA GLY D 135 -57.85 5.41 45.52
C GLY D 135 -56.54 6.09 45.22
N LEU D 136 -55.54 5.31 44.81
CA LEU D 136 -54.21 5.87 44.56
C LEU D 136 -54.23 6.80 43.36
N THR D 137 -55.11 6.51 42.40
CA THR D 137 -55.30 7.38 41.25
C THR D 137 -55.87 8.72 41.70
N ALA D 138 -56.93 8.68 42.49
CA ALA D 138 -57.52 9.89 43.04
C ALA D 138 -56.45 10.66 43.80
N LEU D 139 -55.72 9.92 44.63
CA LEU D 139 -54.64 10.49 45.42
C LEU D 139 -53.57 11.17 44.58
N GLN D 140 -53.06 10.46 43.58
CA GLN D 140 -52.01 10.99 42.73
C GLN D 140 -52.46 12.25 41.96
N ALA D 141 -53.68 12.21 41.42
CA ALA D 141 -54.19 13.34 40.66
C ALA D 141 -54.26 14.61 41.50
N LEU D 142 -54.71 14.46 42.74
CA LEU D 142 -54.89 15.61 43.62
C LEU D 142 -53.56 16.07 44.20
N THR D 143 -52.66 15.12 44.44
CA THR D 143 -51.35 15.37 45.07
C THR D 143 -50.33 15.94 44.11
N ASN D 144 -50.24 15.37 42.91
CA ASN D 144 -49.20 15.79 41.98
C ASN D 144 -49.67 16.90 41.03
N PRO D 145 -50.50 16.59 40.01
CA PRO D 145 -50.79 17.72 39.11
C PRO D 145 -51.59 18.87 39.74
N ALA D 146 -52.55 18.54 40.62
CA ALA D 146 -53.36 19.56 41.26
C ALA D 146 -52.59 20.27 42.39
N GLY D 147 -51.55 19.62 42.92
CA GLY D 147 -50.73 20.17 43.97
C GLY D 147 -51.47 20.55 45.25
N LEU D 148 -52.44 19.75 45.66
CA LEU D 148 -53.14 19.96 46.93
C LEU D 148 -52.43 19.21 48.06
N LYS D 149 -52.65 19.66 49.28
CA LYS D 149 -52.05 18.98 50.42
C LYS D 149 -53.19 18.54 51.35
N LEU D 150 -53.40 17.23 51.45
CA LEU D 150 -54.62 16.70 52.04
C LEU D 150 -54.52 16.76 53.57
N ASP D 151 -53.56 17.50 54.08
CA ASP D 151 -53.44 17.66 55.51
C ASP D 151 -54.02 18.99 56.00
N GLY D 152 -54.49 19.83 55.08
CA GLY D 152 -55.15 21.07 55.42
C GLY D 152 -54.33 22.35 55.23
N THR D 153 -53.01 22.26 55.42
CA THR D 153 -52.10 23.40 55.25
C THR D 153 -51.61 23.54 53.81
N GLY D 154 -52.56 23.50 52.86
CA GLY D 154 -52.21 23.24 51.46
C GLY D 154 -52.36 24.27 50.37
N LYS D 155 -53.60 24.62 50.04
CA LYS D 155 -53.84 25.55 48.95
C LYS D 155 -55.16 26.30 49.07
N LYS D 156 -56.25 25.55 49.31
CA LYS D 156 -57.62 26.06 49.21
C LYS D 156 -57.89 26.47 47.77
N ALA D 157 -58.29 25.47 46.98
CA ALA D 157 -58.53 25.55 45.52
C ALA D 157 -59.95 25.12 45.12
N ASN D 158 -60.30 25.36 43.86
CA ASN D 158 -61.57 24.90 43.29
C ASN D 158 -61.39 23.63 42.46
N ILE D 159 -62.01 22.56 42.89
CA ILE D 159 -61.89 21.29 42.19
C ILE D 159 -63.24 20.88 41.55
N LEU D 160 -63.18 20.48 40.29
CA LEU D 160 -64.29 19.77 39.65
C LEU D 160 -63.97 18.27 39.56
N VAL D 161 -64.91 17.44 39.97
CA VAL D 161 -64.77 16.00 39.79
C VAL D 161 -65.89 15.48 38.88
N THR D 162 -65.54 15.06 37.66
CA THR D 162 -66.51 14.45 36.81
C THR D 162 -66.78 12.97 37.20
N ALA D 163 -68.04 12.51 37.02
CA ALA D 163 -68.42 11.12 37.28
C ALA D 163 -68.03 10.75 38.70
N ALA D 164 -68.41 11.60 39.64
CA ALA D 164 -67.94 11.44 41.00
C ALA D 164 -68.61 10.29 41.74
N SER D 165 -69.54 9.60 41.08
CA SER D 165 -70.27 8.52 41.73
C SER D 165 -69.54 7.19 41.51
N GLY D 166 -68.48 7.23 40.72
CA GLY D 166 -67.75 6.04 40.33
C GLY D 166 -66.52 5.73 41.19
N GLY D 167 -65.73 4.77 40.72
CA GLY D 167 -64.60 4.28 41.49
C GLY D 167 -63.62 5.37 41.87
N VAL D 168 -62.90 5.92 40.90
CA VAL D 168 -61.95 6.98 41.21
C VAL D 168 -62.69 8.21 41.70
N GLY D 169 -63.80 8.52 41.02
CA GLY D 169 -64.64 9.66 41.37
C GLY D 169 -64.94 9.83 42.86
N HIS D 170 -65.45 8.79 43.52
CA HIS D 170 -65.96 8.93 44.88
C HIS D 170 -64.84 9.06 45.91
N TYR D 171 -63.68 8.51 45.59
CA TYR D 171 -62.48 8.76 46.39
C TYR D 171 -61.98 10.18 46.19
N ALA D 172 -62.00 10.65 44.94
CA ALA D 172 -61.52 11.99 44.60
C ALA D 172 -62.25 13.05 45.41
N VAL D 173 -63.58 13.00 45.45
CA VAL D 173 -64.35 14.00 46.19
C VAL D 173 -63.97 14.04 47.67
N GLN D 174 -63.90 12.88 48.30
CA GLN D 174 -63.53 12.78 49.72
C GLN D 174 -62.14 13.34 49.97
N LEU D 175 -61.16 12.89 49.18
CA LEU D 175 -59.78 13.37 49.28
C LEU D 175 -59.65 14.87 49.04
N ALA D 176 -60.35 15.36 48.04
CA ALA D 176 -60.31 16.78 47.72
C ALA D 176 -60.78 17.64 48.89
N LYS D 177 -61.80 17.14 49.62
CA LYS D 177 -62.32 17.83 50.80
C LYS D 177 -61.31 17.88 51.94
N LEU D 178 -60.50 16.83 52.10
CA LEU D 178 -59.48 16.82 53.14
C LEU D 178 -58.38 17.83 52.87
N ALA D 179 -58.25 18.26 51.62
CA ALA D 179 -57.24 19.26 51.26
C ALA D 179 -57.83 20.65 51.34
N ASN D 180 -59.02 20.75 51.92
CA ASN D 180 -59.73 22.02 52.05
C ASN D 180 -59.92 22.69 50.71
N ALA D 181 -60.49 21.93 49.77
CA ALA D 181 -60.87 22.47 48.48
C ALA D 181 -62.39 22.62 48.37
N HIS D 182 -62.84 23.57 47.56
CA HIS D 182 -64.23 23.60 47.15
C HIS D 182 -64.47 22.56 46.04
N VAL D 183 -65.37 21.62 46.25
CA VAL D 183 -65.58 20.56 45.27
C VAL D 183 -66.91 20.68 44.53
N THR D 184 -66.82 20.76 43.21
CA THR D 184 -67.99 20.73 42.34
C THR D 184 -68.00 19.39 41.65
N ALA D 185 -69.13 18.69 41.66
CA ALA D 185 -69.14 17.31 41.13
C ALA D 185 -70.24 17.07 40.10
N THR D 186 -70.00 16.14 39.18
CA THR D 186 -71.04 15.72 38.23
C THR D 186 -71.30 14.23 38.39
N CYS D 187 -72.57 13.85 38.21
CA CYS D 187 -72.99 12.45 38.27
C CYS D 187 -74.39 12.31 37.72
N GLY D 188 -74.88 11.09 37.63
CA GLY D 188 -76.24 10.89 37.17
C GLY D 188 -77.22 11.44 38.17
N ALA D 189 -78.44 11.75 37.71
CA ALA D 189 -79.50 12.25 38.60
C ALA D 189 -79.73 11.38 39.85
N ARG D 190 -79.71 10.05 39.69
CA ARG D 190 -79.93 9.12 40.81
C ARG D 190 -78.91 9.23 41.95
N ASN D 191 -77.68 9.59 41.63
CA ASN D 191 -76.61 9.59 42.61
C ASN D 191 -76.34 10.94 43.22
N ILE D 192 -77.15 11.93 42.87
CA ILE D 192 -76.89 13.32 43.26
C ILE D 192 -76.83 13.46 44.79
N GLU D 193 -77.69 12.72 45.50
CA GLU D 193 -77.72 12.77 46.97
C GLU D 193 -76.50 12.06 47.55
N PHE D 194 -76.14 10.95 46.92
CA PHE D 194 -74.96 10.18 47.30
C PHE D 194 -73.68 11.02 47.22
N VAL D 195 -73.49 11.73 46.12
CA VAL D 195 -72.28 12.52 45.92
C VAL D 195 -72.24 13.68 46.92
N LYS D 196 -73.39 14.25 47.23
CA LYS D 196 -73.45 15.27 48.28
C LYS D 196 -72.87 14.72 49.57
N SER D 197 -73.21 13.46 49.90
CA SER D 197 -72.82 12.84 51.17
C SER D 197 -71.30 12.55 51.25
N LEU D 198 -70.63 12.59 50.10
CA LEU D 198 -69.18 12.37 50.07
C LEU D 198 -68.45 13.66 50.44
N GLY D 199 -69.20 14.75 50.47
CA GLY D 199 -68.64 16.03 50.86
C GLY D 199 -68.61 17.07 49.77
N ALA D 200 -69.18 16.75 48.62
CA ALA D 200 -69.19 17.69 47.50
C ALA D 200 -69.96 18.94 47.91
N ASP D 201 -69.42 20.11 47.60
CA ASP D 201 -70.11 21.37 47.86
C ASP D 201 -71.22 21.65 46.82
N GLU D 202 -70.93 21.37 45.56
CA GLU D 202 -71.92 21.51 44.49
C GLU D 202 -72.01 20.22 43.67
N VAL D 203 -73.23 19.80 43.32
CA VAL D 203 -73.41 18.59 42.52
C VAL D 203 -74.36 18.82 41.33
N LEU D 204 -73.91 18.43 40.14
CA LEU D 204 -74.63 18.70 38.90
C LEU D 204 -75.06 17.44 38.18
N ASP D 205 -76.33 17.38 37.78
CA ASP D 205 -76.79 16.28 36.93
C ASP D 205 -76.19 16.53 35.54
N TYR D 206 -75.39 15.58 35.06
CA TYR D 206 -74.64 15.79 33.83
C TYR D 206 -75.55 15.80 32.59
N LYS D 207 -76.82 15.44 32.76
CA LYS D 207 -77.73 15.45 31.63
C LYS D 207 -78.49 16.79 31.53
N THR D 208 -78.56 17.56 32.62
CA THR D 208 -79.07 18.95 32.59
C THR D 208 -78.07 19.86 31.88
N PRO D 209 -78.54 21.00 31.35
CA PRO D 209 -77.71 22.01 30.66
C PRO D 209 -76.55 22.52 31.50
N GLU D 210 -76.83 22.91 32.74
CA GLU D 210 -75.80 23.29 33.70
C GLU D 210 -74.73 22.18 33.81
N GLY D 211 -75.14 20.99 34.26
CA GLY D 211 -74.24 19.85 34.38
C GLY D 211 -73.48 19.52 33.11
N ALA D 212 -74.16 19.59 31.98
CA ALA D 212 -73.51 19.31 30.70
C ALA D 212 -72.55 20.43 30.36
N ALA D 213 -72.88 21.64 30.78
CA ALA D 213 -72.00 22.78 30.53
C ALA D 213 -70.72 22.67 31.34
N LEU D 214 -70.76 21.90 32.43
CA LEU D 214 -69.73 21.93 33.45
C LEU D 214 -69.79 23.27 34.16
N LYS D 215 -70.92 23.97 34.04
CA LYS D 215 -71.06 25.27 34.72
C LYS D 215 -71.39 25.07 36.20
N SER D 216 -70.44 25.46 37.04
CA SER D 216 -70.66 25.47 38.45
C SER D 216 -71.86 26.32 38.76
N PRO D 217 -72.59 25.97 39.79
CA PRO D 217 -73.79 26.68 40.24
C PRO D 217 -73.47 28.03 40.80
N SER D 218 -72.35 28.11 41.50
CA SER D 218 -71.96 29.33 42.18
C SER D 218 -70.95 30.17 41.41
N GLY D 219 -70.76 29.89 40.12
CA GLY D 219 -69.88 30.70 39.29
C GLY D 219 -68.37 30.44 39.45
N LYS D 220 -68.02 29.35 40.13
CA LYS D 220 -66.64 28.97 40.33
C LYS D 220 -65.90 28.71 39.01
N LYS D 221 -64.61 29.06 38.97
CA LYS D 221 -63.72 28.57 37.92
C LYS D 221 -62.78 27.56 38.58
N TYR D 222 -62.58 26.42 37.94
CA TYR D 222 -61.82 25.34 38.57
C TYR D 222 -60.31 25.44 38.33
N ASP D 223 -59.55 25.23 39.40
CA ASP D 223 -58.11 25.22 39.29
C ASP D 223 -57.67 23.90 38.75
N ALA D 224 -58.43 22.84 39.04
CA ALA D 224 -58.12 21.50 38.55
C ALA D 224 -59.37 20.67 38.40
N VAL D 225 -59.35 19.75 37.44
CA VAL D 225 -60.44 18.81 37.24
C VAL D 225 -59.95 17.39 37.35
N VAL D 226 -60.50 16.62 38.28
CA VAL D 226 -60.22 15.21 38.25
C VAL D 226 -61.25 14.61 37.31
N HIS D 227 -60.86 14.44 36.05
CA HIS D 227 -61.80 14.05 35.00
C HIS D 227 -61.94 12.53 34.87
N CYS D 228 -63.05 12.00 35.39
CA CYS D 228 -63.25 10.56 35.42
C CYS D 228 -64.22 10.09 34.36
N ALA D 229 -65.00 11.03 33.81
CA ALA D 229 -65.96 10.71 32.77
C ALA D 229 -65.22 10.58 31.45
N ASN D 230 -65.95 10.43 30.34
CA ASN D 230 -65.25 10.18 29.07
C ASN D 230 -65.62 11.02 27.86
N GLY D 231 -66.87 11.44 27.74
CA GLY D 231 -67.29 12.05 26.50
C GLY D 231 -67.01 13.54 26.33
N ILE D 232 -66.05 14.07 27.05
CA ILE D 232 -65.96 15.52 27.10
C ILE D 232 -64.71 16.06 26.45
N PRO D 233 -64.88 16.93 25.44
CA PRO D 233 -63.77 17.57 24.74
C PRO D 233 -63.28 18.77 25.54
N PHE D 234 -62.06 19.22 25.26
CA PHE D 234 -61.46 20.27 26.07
C PHE D 234 -62.26 21.56 25.99
N SER D 235 -62.88 21.76 24.82
CA SER D 235 -63.80 22.87 24.59
C SER D 235 -64.74 23.13 25.77
N VAL D 236 -65.36 22.07 26.27
CA VAL D 236 -66.33 22.19 27.35
C VAL D 236 -65.66 22.59 28.67
N PHE D 237 -64.47 22.07 28.92
CA PHE D 237 -63.78 22.42 30.16
C PHE D 237 -63.34 23.87 30.14
N GLU D 238 -62.74 24.28 29.02
CA GLU D 238 -61.98 25.54 28.91
C GLU D 238 -62.61 26.79 29.58
N PRO D 239 -63.86 27.13 29.23
CA PRO D 239 -64.39 28.36 29.82
C PRO D 239 -64.69 28.25 31.31
N ASN D 240 -64.71 27.03 31.84
CA ASN D 240 -64.89 26.83 33.29
C ASN D 240 -63.57 26.76 34.07
N LEU D 241 -62.44 26.78 33.36
CA LEU D 241 -61.16 26.70 34.02
C LEU D 241 -60.69 28.07 34.48
N SER D 242 -59.98 28.09 35.61
CA SER D 242 -59.25 29.28 36.05
C SER D 242 -58.16 29.62 35.03
N GLU D 243 -57.42 30.70 35.25
CA GLU D 243 -56.45 31.14 34.25
C GLU D 243 -55.41 30.07 33.92
N ASN D 244 -55.04 29.28 34.92
CA ASN D 244 -54.03 28.24 34.71
C ASN D 244 -54.51 26.85 35.09
N GLY D 245 -55.82 26.66 35.00
CA GLY D 245 -56.44 25.41 35.38
C GLY D 245 -55.95 24.23 34.58
N LYS D 246 -55.87 23.10 35.26
CA LYS D 246 -55.48 21.84 34.65
C LYS D 246 -56.66 20.85 34.65
N VAL D 247 -56.98 20.29 33.50
CA VAL D 247 -57.91 19.17 33.47
C VAL D 247 -57.09 17.88 33.45
N ILE D 248 -57.30 17.05 34.45
CA ILE D 248 -56.52 15.81 34.64
C ILE D 248 -57.33 14.59 34.19
N ASP D 249 -57.05 14.12 33.00
CA ASP D 249 -57.75 12.97 32.44
C ASP D 249 -57.16 11.69 33.04
N ILE D 250 -57.90 11.02 33.90
CA ILE D 250 -57.37 9.85 34.58
C ILE D 250 -57.60 8.59 33.77
N THR D 251 -58.20 8.76 32.60
CA THR D 251 -58.44 7.64 31.70
C THR D 251 -58.18 8.07 30.26
N PRO D 252 -56.93 8.48 29.98
CA PRO D 252 -56.57 9.23 28.76
C PRO D 252 -56.48 8.38 27.48
N GLY D 253 -57.18 8.80 26.43
CA GLY D 253 -57.09 8.12 25.14
C GLY D 253 -56.16 8.86 24.21
N PRO D 254 -56.20 8.51 22.92
CA PRO D 254 -55.39 9.19 21.90
C PRO D 254 -55.76 10.66 21.80
N ASN D 255 -57.06 10.97 21.92
CA ASN D 255 -57.51 12.36 21.96
C ASN D 255 -56.83 13.15 23.06
N ALA D 256 -56.81 12.58 24.27
CA ALA D 256 -56.21 13.27 25.39
C ALA D 256 -54.74 13.45 25.12
N MET D 257 -54.10 12.35 24.73
CA MET D 257 -52.68 12.37 24.46
C MET D 257 -52.33 13.47 23.47
N TRP D 258 -53.13 13.57 22.42
CA TRP D 258 -52.91 14.58 21.39
C TRP D 258 -53.13 15.98 21.93
N THR D 259 -54.26 16.15 22.60
CA THR D 259 -54.57 17.44 23.18
C THR D 259 -53.42 17.87 24.09
N TYR D 260 -52.96 16.98 24.97
CA TYR D 260 -51.79 17.22 25.81
C TYR D 260 -50.61 17.77 25.01
N ALA D 261 -50.30 17.10 23.89
CA ALA D 261 -49.17 17.50 23.07
C ALA D 261 -49.34 18.92 22.54
N VAL D 262 -50.49 19.19 21.95
CA VAL D 262 -50.77 20.49 21.34
C VAL D 262 -50.75 21.63 22.38
N LYS D 263 -51.46 21.44 23.48
CA LYS D 263 -51.45 22.42 24.58
C LYS D 263 -50.04 22.69 25.10
N LYS D 264 -49.20 21.65 25.09
CA LYS D 264 -47.82 21.78 25.55
C LYS D 264 -47.03 22.63 24.55
N ILE D 265 -47.14 22.24 23.29
CA ILE D 265 -46.30 22.84 22.26
C ILE D 265 -46.73 24.27 21.93
N THR D 266 -47.98 24.61 22.27
CA THR D 266 -48.49 25.97 22.05
C THR D 266 -48.46 26.74 23.35
N MET D 267 -47.88 26.12 24.37
CA MET D 267 -47.74 26.78 25.68
C MET D 267 -49.05 27.33 26.22
N SER D 268 -50.15 26.62 26.00
CA SER D 268 -51.45 27.06 26.52
C SER D 268 -51.36 27.18 28.04
N LYS D 269 -51.89 28.26 28.60
CA LYS D 269 -51.84 28.44 30.04
C LYS D 269 -52.76 27.41 30.71
N LYS D 270 -53.90 27.14 30.08
CA LYS D 270 -54.77 26.07 30.52
C LYS D 270 -54.25 24.78 29.91
N GLN D 271 -54.20 23.72 30.72
CA GLN D 271 -53.43 22.52 30.39
C GLN D 271 -54.28 21.25 30.49
N LEU D 272 -54.07 20.28 29.60
CA LEU D 272 -54.62 18.95 29.80
C LEU D 272 -53.53 17.94 30.19
N VAL D 273 -53.71 17.34 31.35
CA VAL D 273 -52.72 16.44 31.93
C VAL D 273 -53.21 14.99 31.92
N PRO D 274 -52.61 14.16 31.07
CA PRO D 274 -52.89 12.72 31.13
C PRO D 274 -52.29 12.15 32.41
N LEU D 275 -53.02 11.28 33.09
CA LEU D 275 -52.47 10.68 34.30
C LEU D 275 -52.26 9.17 34.16
N LEU D 276 -51.04 8.72 34.41
CA LEU D 276 -50.80 7.29 34.58
C LEU D 276 -50.40 7.04 36.03
N LEU D 277 -51.09 6.12 36.66
CA LEU D 277 -50.85 5.84 38.07
C LEU D 277 -49.48 5.21 38.25
N ILE D 278 -48.77 5.67 39.27
CA ILE D 278 -47.61 4.94 39.77
C ILE D 278 -47.87 4.53 41.22
N PRO D 279 -48.35 3.29 41.42
CA PRO D 279 -48.68 2.77 42.75
C PRO D 279 -47.43 2.65 43.63
N LYS D 280 -47.37 3.43 44.70
CA LYS D 280 -46.25 3.34 45.61
C LYS D 280 -46.81 2.91 46.96
N ALA D 281 -46.13 1.99 47.63
CA ALA D 281 -46.62 1.41 48.89
C ALA D 281 -46.90 2.44 50.00
N GLU D 282 -46.13 3.52 50.03
CA GLU D 282 -46.33 4.59 50.99
C GLU D 282 -47.73 5.19 50.86
N ASN D 283 -48.18 5.37 49.63
CA ASN D 283 -49.49 5.92 49.34
C ASN D 283 -50.61 4.97 49.73
N LEU D 284 -50.43 3.69 49.42
CA LEU D 284 -51.42 2.69 49.80
C LEU D 284 -51.58 2.62 51.31
N GLU D 285 -50.44 2.60 52.00
CA GLU D 285 -50.45 2.65 53.47
C GLU D 285 -51.24 3.87 53.96
N PHE D 286 -50.96 5.02 53.34
CA PHE D 286 -51.60 6.29 53.65
C PHE D 286 -53.13 6.21 53.50
N MET D 287 -53.59 5.75 52.34
CA MET D 287 -55.01 5.61 52.06
C MET D 287 -55.68 4.66 53.05
N VAL D 288 -54.98 3.56 53.35
CA VAL D 288 -55.50 2.61 54.31
C VAL D 288 -55.73 3.28 55.67
N ASN D 289 -54.77 4.11 56.08
CA ASN D 289 -54.93 4.85 57.33
C ASN D 289 -56.12 5.78 57.31
N LEU D 290 -56.33 6.43 56.17
CA LEU D 290 -57.44 7.34 56.04
C LEU D 290 -58.75 6.62 56.23
N VAL D 291 -58.80 5.38 55.75
CA VAL D 291 -60.01 4.57 55.88
C VAL D 291 -60.17 4.10 57.33
N LYS D 292 -59.07 3.69 57.94
CA LYS D 292 -59.06 3.30 59.35
C LYS D 292 -59.54 4.44 60.26
N GLU D 293 -59.04 5.65 60.01
CA GLU D 293 -59.37 6.81 60.83
C GLU D 293 -60.72 7.42 60.45
N GLY D 294 -61.43 6.76 59.54
CA GLY D 294 -62.73 7.23 59.11
C GLY D 294 -62.76 8.49 58.29
N LYS D 295 -61.58 9.01 57.93
CA LYS D 295 -61.47 10.25 57.14
C LYS D 295 -61.84 10.00 55.68
N VAL D 296 -61.82 8.75 55.27
CA VAL D 296 -62.28 8.36 53.94
C VAL D 296 -63.05 7.06 54.02
N LYS D 297 -64.26 7.01 53.46
CA LYS D 297 -65.01 5.76 53.43
C LYS D 297 -65.07 5.15 52.02
N THR D 298 -64.83 3.84 51.93
CA THR D 298 -65.01 3.07 50.70
C THR D 298 -66.46 2.72 50.49
N VAL D 299 -67.10 3.20 49.43
CA VAL D 299 -68.44 2.68 49.20
C VAL D 299 -68.36 1.49 48.24
N ILE D 300 -69.06 0.42 48.59
CA ILE D 300 -69.05 -0.79 47.77
C ILE D 300 -70.35 -0.89 46.97
N ASP D 301 -70.24 -0.98 45.66
CA ASP D 301 -71.43 -1.07 44.81
C ASP D 301 -72.11 -2.42 44.99
N SER D 302 -71.32 -3.49 45.03
CA SER D 302 -71.87 -4.83 45.11
C SER D 302 -70.81 -5.85 45.48
N LYS D 303 -71.25 -6.95 46.08
CA LYS D 303 -70.35 -8.03 46.43
C LYS D 303 -70.82 -9.29 45.71
N HIS D 304 -69.91 -9.91 44.96
CA HIS D 304 -70.20 -11.14 44.24
C HIS D 304 -69.24 -12.28 44.61
N PRO D 305 -69.74 -13.52 44.68
CA PRO D 305 -68.88 -14.67 44.95
C PRO D 305 -68.10 -15.03 43.71
N LEU D 306 -66.88 -15.55 43.89
CA LEU D 306 -66.00 -15.93 42.77
C LEU D 306 -66.70 -16.88 41.78
N SER D 307 -67.61 -17.68 42.31
CA SER D 307 -68.38 -18.61 41.51
C SER D 307 -69.34 -17.90 40.56
N LYS D 308 -69.68 -16.65 40.89
CA LYS D 308 -70.55 -15.86 40.04
C LYS D 308 -69.85 -14.55 39.58
N ALA D 309 -68.54 -14.60 39.41
CA ALA D 309 -67.75 -13.40 39.13
C ALA D 309 -68.11 -12.72 37.81
N GLU D 310 -68.58 -13.48 36.82
CA GLU D 310 -69.03 -12.89 35.54
C GLU D 310 -70.06 -11.80 35.75
N ASP D 311 -70.96 -11.99 36.72
CA ASP D 311 -71.94 -10.96 37.09
C ASP D 311 -71.27 -9.64 37.43
N ALA D 312 -70.21 -9.72 38.25
CA ALA D 312 -69.42 -8.53 38.62
C ALA D 312 -68.74 -7.92 37.40
N TRP D 313 -68.25 -8.78 36.53
CA TRP D 313 -67.57 -8.37 35.31
C TRP D 313 -68.53 -7.58 34.43
N ALA D 314 -69.74 -8.12 34.27
CA ALA D 314 -70.78 -7.50 33.44
C ALA D 314 -71.24 -6.19 34.04
N LYS D 315 -71.34 -6.14 35.38
CA LYS D 315 -71.66 -4.91 36.10
C LYS D 315 -70.61 -3.81 35.79
N SER D 316 -69.33 -4.20 35.84
CA SER D 316 -68.23 -3.30 35.56
C SER D 316 -68.31 -2.82 34.12
N ILE D 317 -68.52 -3.74 33.21
CA ILE D 317 -68.64 -3.40 31.78
C ILE D 317 -69.77 -2.37 31.52
N ASP D 318 -70.90 -2.51 32.23
CA ASP D 318 -72.01 -1.55 32.12
C ASP D 318 -71.62 -0.24 32.71
N GLY D 319 -70.74 -0.30 33.70
CA GLY D 319 -70.18 0.88 34.33
C GLY D 319 -71.21 1.81 34.90
N HIS D 320 -72.25 1.28 35.52
CA HIS D 320 -73.20 2.13 36.23
C HIS D 320 -72.95 1.99 37.72
N ALA D 321 -71.89 1.26 38.04
CA ALA D 321 -71.53 1.01 39.41
C ALA D 321 -71.37 2.29 40.21
N THR D 322 -71.77 2.23 41.46
CA THR D 322 -71.63 3.34 42.36
C THR D 322 -70.59 2.97 43.37
N GLY D 323 -69.39 3.51 43.24
CA GLY D 323 -68.29 3.10 44.08
C GLY D 323 -67.59 1.92 43.46
N LYS D 324 -67.25 0.92 44.28
CA LYS D 324 -66.40 -0.16 43.77
C LYS D 324 -67.04 -1.54 43.82
N ILE D 325 -66.89 -2.30 42.73
CA ILE D 325 -67.40 -3.67 42.65
C ILE D 325 -66.42 -4.66 43.25
N ILE D 326 -66.92 -5.53 44.13
CA ILE D 326 -66.06 -6.46 44.86
C ILE D 326 -66.39 -7.92 44.55
N VAL D 327 -65.37 -8.76 44.40
CA VAL D 327 -65.56 -10.20 44.29
C VAL D 327 -64.87 -10.91 45.43
N GLU D 328 -65.66 -11.64 46.20
CA GLU D 328 -65.20 -12.35 47.39
C GLU D 328 -65.24 -13.85 47.10
N PRO D 329 -64.55 -14.67 47.93
CA PRO D 329 -64.66 -16.11 47.67
C PRO D 329 -65.98 -16.65 48.21
N GLY E 3 -13.68 -60.40 -33.02
CA GLY E 3 -12.47 -60.86 -33.67
C GLY E 3 -11.57 -61.72 -32.78
N LYS E 4 -10.77 -62.60 -33.41
CA LYS E 4 -9.94 -63.61 -32.70
C LYS E 4 -8.78 -63.06 -31.84
N LEU E 5 -8.00 -63.96 -31.24
CA LEU E 5 -6.96 -63.59 -30.27
C LEU E 5 -5.66 -64.35 -30.54
N MET E 6 -4.56 -63.90 -29.94
CA MET E 6 -3.24 -64.32 -30.42
C MET E 6 -2.30 -64.14 -29.29
N HIS E 7 -1.24 -64.96 -29.22
CA HIS E 7 -0.25 -64.86 -28.14
C HIS E 7 0.96 -64.03 -28.55
N ALA E 8 1.32 -63.02 -27.76
CA ALA E 8 2.43 -62.14 -28.14
C ALA E 8 3.19 -61.60 -26.96
N LEU E 9 4.30 -60.91 -27.25
CA LEU E 9 5.04 -60.23 -26.20
C LEU E 9 5.06 -58.72 -26.43
N GLN E 10 4.86 -57.97 -25.35
CA GLN E 10 4.79 -56.53 -25.42
C GLN E 10 5.64 -55.91 -24.35
N TYR E 11 6.18 -54.73 -24.63
CA TYR E 11 6.61 -53.83 -23.55
C TYR E 11 5.79 -52.54 -23.68
N ASN E 12 5.43 -51.96 -22.54
CA ASN E 12 4.56 -50.79 -22.52
C ASN E 12 5.29 -49.59 -21.96
N SER E 13 6.61 -49.67 -21.94
CA SER E 13 7.42 -48.71 -21.20
C SER E 13 8.91 -48.80 -21.55
N TYR E 14 9.65 -47.71 -21.40
CA TYR E 14 11.08 -47.76 -21.65
C TYR E 14 11.81 -48.42 -20.48
N GLY E 15 12.91 -49.10 -20.77
CA GLY E 15 13.83 -49.52 -19.73
C GLY E 15 13.52 -50.79 -18.97
N GLY E 16 12.43 -51.46 -19.31
CA GLY E 16 12.09 -52.72 -18.66
C GLY E 16 13.12 -53.84 -18.69
N GLY E 17 13.86 -53.97 -19.79
CA GLY E 17 14.73 -55.13 -19.94
C GLY E 17 13.86 -56.31 -20.29
N ALA E 18 14.34 -57.52 -19.99
CA ALA E 18 13.53 -58.72 -20.22
C ALA E 18 12.39 -58.80 -19.24
N ALA E 19 12.60 -58.22 -18.06
CA ALA E 19 11.55 -58.12 -17.06
C ALA E 19 10.34 -57.37 -17.61
N GLY E 20 10.59 -56.32 -18.37
CA GLY E 20 9.54 -55.45 -18.88
C GLY E 20 8.73 -56.03 -20.01
N LEU E 21 9.13 -57.20 -20.49
CA LEU E 21 8.32 -57.89 -21.50
C LEU E 21 7.13 -58.51 -20.81
N GLU E 22 5.96 -58.46 -21.47
CA GLU E 22 4.76 -59.10 -20.95
C GLU E 22 4.14 -60.04 -21.98
N HIS E 23 3.74 -61.23 -21.54
CA HIS E 23 2.97 -62.10 -22.40
C HIS E 23 1.52 -61.65 -22.37
N VAL E 24 0.93 -61.55 -23.55
CA VAL E 24 -0.38 -60.95 -23.67
C VAL E 24 -1.17 -61.63 -24.74
N GLN E 25 -2.48 -61.42 -24.66
CA GLN E 25 -3.43 -61.83 -25.67
C GLN E 25 -3.85 -60.65 -26.50
N VAL E 26 -3.67 -60.76 -27.82
CA VAL E 26 -3.82 -59.62 -28.73
C VAL E 26 -4.50 -60.07 -30.00
N PRO E 27 -5.35 -59.21 -30.57
CA PRO E 27 -6.02 -59.54 -31.83
C PRO E 27 -5.06 -59.87 -32.97
N VAL E 28 -5.35 -60.94 -33.69
CA VAL E 28 -4.58 -61.27 -34.89
C VAL E 28 -4.68 -60.13 -35.88
N PRO E 29 -3.54 -59.65 -36.38
CA PRO E 29 -3.61 -58.52 -37.30
C PRO E 29 -4.28 -58.87 -38.65
N THR E 30 -4.85 -57.86 -39.30
CA THR E 30 -5.51 -58.03 -40.58
C THR E 30 -4.70 -57.36 -41.70
N PRO E 31 -4.40 -58.14 -42.76
CA PRO E 31 -3.58 -57.63 -43.87
C PRO E 31 -4.26 -56.50 -44.64
N LYS E 32 -3.51 -55.44 -44.95
CA LYS E 32 -4.04 -54.40 -45.79
C LYS E 32 -3.89 -54.77 -47.27
N SER E 33 -4.21 -53.85 -48.18
CA SER E 33 -4.23 -54.12 -49.62
C SER E 33 -3.00 -54.88 -50.12
N ASN E 34 -1.83 -54.44 -49.65
CA ASN E 34 -0.55 -54.96 -50.15
C ASN E 34 0.21 -55.80 -49.12
N GLU E 35 -0.48 -56.18 -48.06
CA GLU E 35 0.14 -56.95 -46.98
C GLU E 35 -0.23 -58.43 -47.07
N VAL E 36 0.60 -59.29 -46.49
CA VAL E 36 0.21 -60.68 -46.29
C VAL E 36 0.24 -60.99 -44.78
N CYS E 37 -0.60 -61.92 -44.36
CA CYS E 37 -0.63 -62.36 -42.96
C CYS E 37 0.04 -63.72 -42.82
N LEU E 38 0.96 -63.80 -41.86
CA LEU E 38 1.76 -65.01 -41.66
C LEU E 38 1.51 -65.69 -40.33
N LYS E 39 1.26 -66.99 -40.37
CA LYS E 39 1.46 -67.83 -39.19
C LYS E 39 2.97 -67.98 -39.02
N LEU E 40 3.52 -67.44 -37.94
CA LEU E 40 4.98 -67.48 -37.75
C LEU E 40 5.50 -68.87 -37.36
N GLU E 41 6.61 -69.22 -38.00
CA GLU E 41 7.31 -70.47 -37.70
C GLU E 41 8.65 -70.22 -37.00
N ALA E 42 9.23 -69.05 -37.24
CA ALA E 42 10.48 -68.65 -36.59
C ALA E 42 10.64 -67.15 -36.62
N THR E 43 11.12 -66.60 -35.51
CA THR E 43 11.44 -65.18 -35.44
C THR E 43 12.89 -65.00 -34.95
N SER E 44 13.57 -64.03 -35.55
CA SER E 44 14.95 -63.73 -35.20
C SER E 44 15.06 -62.41 -34.45
N LEU E 45 15.89 -62.37 -33.39
CA LEU E 45 16.17 -61.11 -32.69
C LEU E 45 17.37 -60.33 -33.28
N ASN E 46 17.32 -59.00 -33.19
CA ASN E 46 18.44 -58.12 -33.56
C ASN E 46 18.65 -57.18 -32.41
N PRO E 47 19.89 -56.72 -32.22
CA PRO E 47 20.20 -55.85 -31.07
C PRO E 47 19.37 -54.55 -31.07
N VAL E 48 19.05 -54.05 -32.26
CA VAL E 48 18.12 -52.92 -32.38
C VAL E 48 16.89 -53.09 -31.50
N ASP E 49 16.30 -54.30 -31.55
CA ASP E 49 15.06 -54.62 -30.86
C ASP E 49 15.05 -54.26 -29.35
N TRP E 50 16.10 -54.62 -28.61
CA TRP E 50 16.13 -54.29 -27.18
C TRP E 50 16.67 -52.88 -26.92
N LYS E 51 17.43 -52.36 -27.87
CA LYS E 51 17.89 -50.98 -27.78
C LYS E 51 16.70 -50.03 -27.86
N ILE E 52 15.72 -50.36 -28.70
CA ILE E 52 14.55 -49.51 -28.86
C ILE E 52 13.85 -49.40 -27.52
N GLN E 53 13.75 -50.54 -26.86
CA GLN E 53 13.14 -50.62 -25.55
C GLN E 53 13.92 -49.88 -24.46
N LYS E 54 15.27 -49.93 -24.50
CA LYS E 54 16.03 -49.20 -23.50
C LYS E 54 15.82 -47.71 -23.69
N GLY E 55 15.43 -47.29 -24.90
CA GLY E 55 15.16 -45.90 -25.18
C GLY E 55 16.26 -45.26 -26.03
N MET E 56 17.19 -46.06 -26.50
CA MET E 56 18.31 -45.51 -27.23
C MET E 56 17.94 -45.03 -28.61
N ILE E 57 16.78 -45.38 -29.13
CA ILE E 57 16.43 -44.97 -30.48
C ILE E 57 15.41 -43.83 -30.42
N ARG E 58 15.21 -43.29 -29.23
CA ARG E 58 14.40 -42.09 -29.10
C ARG E 58 15.11 -40.91 -29.77
N PRO E 59 14.35 -40.01 -30.43
CA PRO E 59 12.88 -39.94 -30.49
C PRO E 59 12.22 -40.66 -31.65
N PHE E 60 12.98 -41.41 -32.46
CA PHE E 60 12.45 -42.11 -33.64
C PHE E 60 11.63 -43.38 -33.35
N LEU E 61 12.12 -44.20 -32.43
CA LEU E 61 11.43 -45.44 -32.06
C LEU E 61 11.44 -45.66 -30.55
N PRO E 62 10.42 -46.37 -30.04
CA PRO E 62 9.22 -46.90 -30.73
C PRO E 62 8.17 -45.83 -31.02
N ARG E 63 7.30 -46.07 -31.98
CA ARG E 63 6.35 -45.03 -32.38
C ARG E 63 5.30 -44.85 -31.29
N LYS E 64 4.63 -45.92 -30.90
CA LYS E 64 3.64 -45.88 -29.84
C LYS E 64 3.87 -47.07 -28.92
N PHE E 65 3.48 -46.95 -27.65
CA PHE E 65 3.38 -48.10 -26.77
C PHE E 65 1.94 -48.62 -26.84
N PRO E 66 1.75 -49.93 -26.62
CA PRO E 66 2.76 -50.96 -26.34
C PRO E 66 3.44 -51.44 -27.64
N CYS E 67 4.64 -52.03 -27.51
CA CYS E 67 5.36 -52.54 -28.68
CA CYS E 67 5.37 -52.55 -28.67
C CYS E 67 5.45 -54.07 -28.69
N ILE E 68 5.29 -54.65 -29.87
CA ILE E 68 5.58 -56.06 -30.02
C ILE E 68 6.86 -56.15 -30.85
N PRO E 69 7.95 -56.65 -30.22
CA PRO E 69 9.30 -56.61 -30.79
C PRO E 69 9.56 -57.54 -31.95
N ALA E 70 10.67 -57.25 -32.64
CA ALA E 70 11.28 -58.10 -33.69
C ALA E 70 10.69 -57.84 -35.07
N THR E 71 11.56 -57.95 -36.08
CA THR E 71 11.18 -57.70 -37.47
C THR E 71 11.48 -58.88 -38.39
N ASP E 72 12.46 -59.70 -38.01
CA ASP E 72 12.93 -60.81 -38.83
C ASP E 72 12.12 -62.08 -38.60
N VAL E 73 11.54 -62.60 -39.68
CA VAL E 73 10.39 -63.45 -39.53
C VAL E 73 10.30 -64.46 -40.67
N ALA E 74 9.87 -65.68 -40.34
CA ALA E 74 9.62 -66.71 -41.35
C ALA E 74 8.37 -67.46 -40.98
N GLY E 75 7.57 -67.82 -41.97
CA GLY E 75 6.35 -68.54 -41.66
C GLY E 75 5.54 -68.96 -42.88
N GLU E 76 4.28 -69.29 -42.63
CA GLU E 76 3.36 -69.69 -43.69
C GLU E 76 2.28 -68.64 -43.89
N VAL E 77 2.03 -68.30 -45.15
CA VAL E 77 0.97 -67.36 -45.46
C VAL E 77 -0.39 -67.93 -45.06
N VAL E 78 -1.10 -67.17 -44.24
CA VAL E 78 -2.44 -67.53 -43.81
C VAL E 78 -3.50 -66.82 -44.66
N GLU E 79 -3.20 -65.58 -45.04
CA GLU E 79 -4.17 -64.73 -45.70
C GLU E 79 -3.48 -63.56 -46.42
N VAL E 80 -3.93 -63.22 -47.63
CA VAL E 80 -3.34 -62.10 -48.35
C VAL E 80 -4.34 -60.97 -48.51
N GLY E 81 -3.84 -59.78 -48.80
CA GLY E 81 -4.68 -58.62 -49.05
C GLY E 81 -5.15 -58.60 -50.50
N SER E 82 -6.10 -57.72 -50.81
CA SER E 82 -6.69 -57.65 -52.15
C SER E 82 -5.68 -57.43 -53.27
N GLY E 83 -4.63 -56.67 -52.97
CA GLY E 83 -3.64 -56.32 -53.98
C GLY E 83 -2.55 -57.35 -54.17
N VAL E 84 -2.48 -58.31 -53.27
CA VAL E 84 -1.37 -59.27 -53.31
C VAL E 84 -1.44 -60.20 -54.52
N LYS E 85 -0.38 -60.17 -55.33
CA LYS E 85 -0.34 -60.94 -56.58
C LYS E 85 0.52 -62.18 -56.48
N ASN E 86 1.64 -62.09 -55.77
CA ASN E 86 2.64 -63.15 -55.83
C ASN E 86 2.57 -64.22 -54.75
N PHE E 87 1.68 -64.06 -53.77
CA PHE E 87 1.58 -65.05 -52.69
C PHE E 87 0.16 -65.53 -52.43
N LYS E 88 0.04 -66.82 -52.16
CA LYS E 88 -1.24 -67.44 -51.82
C LYS E 88 -1.14 -68.06 -50.44
N ALA E 89 -2.30 -68.37 -49.85
CA ALA E 89 -2.32 -69.06 -48.58
C ALA E 89 -1.62 -70.40 -48.73
N GLY E 90 -0.83 -70.78 -47.72
CA GLY E 90 -0.08 -72.01 -47.76
C GLY E 90 1.38 -71.83 -48.12
N ASP E 91 1.67 -70.78 -48.87
CA ASP E 91 3.05 -70.45 -49.23
C ASP E 91 3.94 -70.27 -47.99
N LYS E 92 5.11 -70.91 -48.02
CA LYS E 92 6.12 -70.68 -46.98
C LYS E 92 6.98 -69.49 -47.36
N VAL E 93 7.20 -68.58 -46.40
CA VAL E 93 7.97 -67.38 -46.72
C VAL E 93 8.97 -67.00 -45.64
N VAL E 94 9.82 -66.04 -46.01
CA VAL E 94 10.63 -65.27 -45.08
C VAL E 94 10.31 -63.80 -45.40
N ALA E 95 10.29 -62.98 -44.38
CA ALA E 95 9.85 -61.61 -44.57
C ALA E 95 10.47 -60.64 -43.57
N VAL E 96 10.38 -59.36 -43.90
CA VAL E 96 10.79 -58.30 -42.98
C VAL E 96 9.58 -57.46 -42.56
N LEU E 97 9.27 -57.48 -41.27
CA LEU E 97 8.21 -56.65 -40.74
C LEU E 97 8.62 -55.18 -40.66
N SER E 98 7.66 -54.28 -40.65
CA SER E 98 7.99 -52.87 -40.55
C SER E 98 8.65 -52.63 -39.23
N HIS E 99 9.78 -51.91 -39.25
CA HIS E 99 10.45 -51.51 -38.02
C HIS E 99 9.59 -50.54 -37.24
N LEU E 100 8.56 -50.00 -37.86
CA LEU E 100 7.70 -49.05 -37.20
C LEU E 100 6.70 -49.75 -36.32
N GLY E 101 6.24 -50.90 -36.76
CA GLY E 101 5.19 -51.60 -36.05
C GLY E 101 5.66 -52.82 -35.29
N GLY E 102 6.85 -53.31 -35.59
CA GLY E 102 7.32 -54.55 -35.02
C GLY E 102 6.43 -55.74 -35.37
N GLY E 103 6.14 -56.57 -34.39
CA GLY E 103 5.23 -57.68 -34.59
C GLY E 103 5.80 -59.09 -34.57
N GLY E 104 7.12 -59.19 -34.54
CA GLY E 104 7.81 -60.46 -34.58
C GLY E 104 7.55 -61.45 -33.47
N LEU E 105 7.52 -60.99 -32.22
CA LEU E 105 7.25 -61.89 -31.10
C LEU E 105 5.75 -62.17 -30.90
N ALA E 106 5.20 -62.98 -31.80
CA ALA E 106 3.78 -63.26 -31.83
C ALA E 106 3.53 -64.47 -32.71
N GLU E 107 2.31 -65.01 -32.65
CA GLU E 107 1.93 -66.16 -33.48
C GLU E 107 1.64 -65.73 -34.91
N PHE E 108 1.17 -64.50 -35.07
CA PHE E 108 0.86 -63.95 -36.39
C PHE E 108 1.44 -62.54 -36.62
N ALA E 109 1.79 -62.27 -37.88
CA ALA E 109 2.28 -60.97 -38.22
C ALA E 109 1.90 -60.63 -39.65
N VAL E 110 1.74 -59.35 -39.94
CA VAL E 110 1.53 -58.93 -41.31
C VAL E 110 2.79 -58.31 -41.89
N ALA E 111 3.11 -58.69 -43.12
CA ALA E 111 4.27 -58.13 -43.81
C ALA E 111 3.84 -57.55 -45.15
N THR E 112 4.51 -56.50 -45.61
CA THR E 112 4.23 -56.00 -46.95
C THR E 112 4.71 -57.00 -47.98
N GLU E 113 4.00 -57.07 -49.10
CA GLU E 113 4.38 -58.00 -50.16
C GLU E 113 5.77 -57.68 -50.67
N LYS E 114 6.11 -56.38 -50.66
CA LYS E 114 7.39 -55.90 -51.19
C LYS E 114 8.57 -56.36 -50.33
N LEU E 115 8.27 -56.85 -49.14
CA LEU E 115 9.32 -57.34 -48.25
C LEU E 115 9.03 -58.77 -47.82
N THR E 116 8.38 -59.52 -48.71
CA THR E 116 8.11 -60.93 -48.47
C THR E 116 8.72 -61.78 -49.59
N VAL E 117 9.44 -62.83 -49.23
CA VAL E 117 10.10 -63.71 -50.20
C VAL E 117 9.73 -65.16 -49.96
N LYS E 118 9.43 -65.89 -51.04
CA LYS E 118 9.13 -67.32 -50.95
C LYS E 118 10.34 -68.07 -50.39
N ARG E 119 10.08 -68.94 -49.42
CA ARG E 119 11.12 -69.75 -48.78
C ARG E 119 11.12 -71.13 -49.38
N PRO E 120 12.21 -71.51 -50.08
CA PRO E 120 12.31 -72.83 -50.71
C PRO E 120 12.31 -73.97 -49.69
N GLN E 121 12.00 -75.19 -50.16
CA GLN E 121 11.91 -76.36 -49.28
C GLN E 121 13.25 -76.61 -48.56
N GLU E 122 14.34 -76.28 -49.25
CA GLU E 122 15.69 -76.59 -48.78
C GLU E 122 16.10 -75.80 -47.54
N VAL E 123 15.50 -74.63 -47.37
CA VAL E 123 15.87 -73.72 -46.30
C VAL E 123 14.88 -73.69 -45.14
N GLY E 124 15.35 -74.04 -43.95
CA GLY E 124 14.51 -74.09 -42.76
C GLY E 124 13.91 -72.74 -42.42
N ALA E 125 12.95 -72.74 -41.50
CA ALA E 125 12.32 -71.48 -41.10
C ALA E 125 13.25 -70.66 -40.18
N ALA E 126 13.99 -71.35 -39.31
CA ALA E 126 14.91 -70.63 -38.43
C ALA E 126 16.11 -70.13 -39.20
N GLU E 127 16.59 -70.94 -40.14
CA GLU E 127 17.72 -70.55 -40.99
C GLU E 127 17.38 -69.30 -41.79
N ALA E 128 16.14 -69.23 -42.25
CA ALA E 128 15.68 -68.13 -43.08
C ALA E 128 15.42 -66.85 -42.28
N ALA E 129 14.76 -67.00 -41.13
CA ALA E 129 14.37 -65.84 -40.34
C ALA E 129 15.59 -65.11 -39.78
N ALA E 130 16.71 -65.81 -39.65
CA ALA E 130 17.94 -65.16 -39.20
C ALA E 130 18.55 -64.24 -40.28
N LEU E 131 18.13 -64.42 -41.53
CA LEU E 131 18.72 -63.67 -42.66
C LEU E 131 18.46 -62.15 -42.73
N PRO E 132 17.19 -61.69 -42.67
CA PRO E 132 16.88 -60.32 -43.13
C PRO E 132 17.81 -59.21 -42.60
N VAL E 133 17.63 -58.71 -41.38
CA VAL E 133 18.47 -57.61 -40.93
C VAL E 133 19.96 -57.93 -40.93
N ALA E 134 20.39 -59.01 -40.28
CA ALA E 134 21.83 -59.27 -40.19
C ALA E 134 22.42 -59.54 -41.56
N GLY E 135 21.79 -60.41 -42.33
CA GLY E 135 22.31 -60.78 -43.63
C GLY E 135 22.32 -59.64 -44.62
N LEU E 136 21.20 -58.93 -44.72
CA LEU E 136 21.09 -57.83 -45.67
C LEU E 136 22.07 -56.71 -45.35
N THR E 137 22.25 -56.47 -44.05
CA THR E 137 23.22 -55.47 -43.58
C THR E 137 24.64 -55.85 -44.00
N ALA E 138 25.04 -57.10 -43.72
CA ALA E 138 26.33 -57.61 -44.19
C ALA E 138 26.43 -57.42 -45.70
N LEU E 139 25.37 -57.83 -46.41
CA LEU E 139 25.31 -57.71 -47.87
C LEU E 139 25.48 -56.27 -48.32
N GLN E 140 24.72 -55.36 -47.73
CA GLN E 140 24.77 -53.97 -48.17
C GLN E 140 26.15 -53.34 -47.95
N ALA E 141 26.75 -53.64 -46.80
CA ALA E 141 28.05 -53.08 -46.47
C ALA E 141 29.09 -53.52 -47.48
N LEU E 142 29.12 -54.80 -47.79
CA LEU E 142 30.12 -55.32 -48.72
C LEU E 142 29.85 -54.93 -50.18
N THR E 143 28.58 -54.76 -50.50
CA THR E 143 28.14 -54.49 -51.86
C THR E 143 28.23 -53.02 -52.23
N ASN E 144 27.84 -52.14 -51.32
CA ASN E 144 27.77 -50.73 -51.64
C ASN E 144 29.06 -49.98 -51.21
N PRO E 145 29.26 -49.70 -49.91
CA PRO E 145 30.48 -48.91 -49.61
C PRO E 145 31.81 -49.62 -49.93
N ALA E 146 31.89 -50.92 -49.67
CA ALA E 146 33.11 -51.68 -49.94
C ALA E 146 33.29 -51.95 -51.45
N GLY E 147 32.22 -51.75 -52.20
CA GLY E 147 32.23 -51.89 -53.65
C GLY E 147 32.70 -53.24 -54.15
N LEU E 148 32.43 -54.29 -53.38
CA LEU E 148 32.89 -55.64 -53.72
C LEU E 148 31.94 -56.35 -54.64
N LYS E 149 32.52 -57.16 -55.51
CA LYS E 149 31.77 -57.99 -56.44
C LYS E 149 31.67 -59.40 -55.87
N LEU E 150 30.45 -59.78 -55.56
CA LEU E 150 30.18 -61.05 -54.91
C LEU E 150 30.64 -62.32 -55.62
N ASP E 151 31.02 -62.25 -56.90
CA ASP E 151 31.27 -63.47 -57.64
C ASP E 151 32.75 -63.84 -57.79
N GLY E 152 33.59 -62.83 -57.93
CA GLY E 152 34.98 -63.10 -58.30
C GLY E 152 35.55 -62.02 -59.18
N THR E 153 34.72 -61.51 -60.08
CA THR E 153 35.04 -60.42 -60.99
C THR E 153 35.63 -59.15 -60.33
N GLY E 154 35.56 -59.09 -59.00
CA GLY E 154 35.97 -57.89 -58.27
C GLY E 154 37.45 -57.73 -57.99
N LYS E 155 37.74 -56.87 -57.01
CA LYS E 155 39.08 -56.33 -56.74
C LYS E 155 40.12 -57.33 -56.21
N LYS E 156 39.65 -58.32 -55.45
CA LYS E 156 40.50 -59.05 -54.52
C LYS E 156 41.04 -58.04 -53.51
N ALA E 157 40.19 -57.69 -52.55
CA ALA E 157 40.45 -56.67 -51.53
C ALA E 157 40.72 -57.27 -50.12
N ASN E 158 41.18 -56.44 -49.20
CA ASN E 158 41.42 -56.84 -47.80
C ASN E 158 40.31 -56.36 -46.90
N ILE E 159 39.60 -57.30 -46.29
CA ILE E 159 38.49 -56.95 -45.42
C ILE E 159 38.77 -57.29 -43.97
N LEU E 160 38.48 -56.34 -43.09
CA LEU E 160 38.46 -56.59 -41.65
C LEU E 160 37.01 -56.66 -41.18
N VAL E 161 36.67 -57.72 -40.47
CA VAL E 161 35.36 -57.84 -39.85
C VAL E 161 35.47 -57.88 -38.34
N THR E 162 35.01 -56.83 -37.66
CA THR E 162 34.98 -56.82 -36.20
C THR E 162 33.77 -57.53 -35.66
N ALA E 163 33.97 -58.21 -34.53
CA ALA E 163 32.92 -58.95 -33.85
C ALA E 163 32.29 -59.94 -34.82
N ALA E 164 33.12 -60.75 -35.44
CA ALA E 164 32.65 -61.60 -36.54
C ALA E 164 31.93 -62.87 -36.04
N SER E 165 31.80 -63.01 -34.72
CA SER E 165 31.11 -64.18 -34.17
C SER E 165 29.62 -63.89 -33.95
N GLY E 166 29.21 -62.64 -34.14
CA GLY E 166 27.83 -62.23 -33.93
C GLY E 166 26.95 -62.25 -35.18
N GLY E 167 25.75 -61.68 -35.06
CA GLY E 167 24.76 -61.71 -36.12
C GLY E 167 25.20 -61.20 -37.48
N VAL E 168 25.48 -59.89 -37.59
CA VAL E 168 25.97 -59.35 -38.87
C VAL E 168 27.38 -59.88 -39.14
N GLY E 169 28.21 -59.92 -38.11
CA GLY E 169 29.57 -60.45 -38.22
C GLY E 169 29.73 -61.74 -39.02
N HIS E 170 28.98 -62.79 -38.64
CA HIS E 170 29.22 -64.11 -39.20
C HIS E 170 28.71 -64.25 -40.64
N TYR E 171 27.69 -63.48 -40.99
CA TYR E 171 27.31 -63.35 -42.38
C TYR E 171 28.36 -62.61 -43.19
N ALA E 172 28.86 -61.51 -42.62
CA ALA E 172 29.86 -60.67 -43.28
C ALA E 172 31.08 -61.48 -43.71
N VAL E 173 31.62 -62.29 -42.80
CA VAL E 173 32.82 -63.07 -43.14
C VAL E 173 32.57 -64.02 -44.32
N GLN E 174 31.47 -64.75 -44.27
CA GLN E 174 31.10 -65.67 -45.35
C GLN E 174 30.91 -64.93 -46.67
N LEU E 175 30.15 -63.85 -46.67
CA LEU E 175 29.91 -63.07 -47.89
C LEU E 175 31.19 -62.48 -48.46
N ALA E 176 32.09 -62.03 -47.58
CA ALA E 176 33.32 -61.41 -48.05
C ALA E 176 34.21 -62.43 -48.73
N LYS E 177 34.13 -63.67 -48.29
CA LYS E 177 34.88 -64.75 -48.94
C LYS E 177 34.36 -65.09 -50.34
N LEU E 178 33.05 -65.02 -50.54
CA LEU E 178 32.45 -65.20 -51.87
C LEU E 178 32.87 -64.12 -52.89
N ALA E 179 33.28 -62.95 -52.41
CA ALA E 179 33.74 -61.88 -53.30
C ALA E 179 35.25 -61.98 -53.51
N ASN E 180 35.86 -63.06 -53.05
CA ASN E 180 37.28 -63.28 -53.19
C ASN E 180 38.11 -62.22 -52.52
N ALA E 181 37.78 -61.97 -51.26
CA ALA E 181 38.54 -61.04 -50.45
C ALA E 181 39.36 -61.79 -49.42
N HIS E 182 40.48 -61.23 -49.01
CA HIS E 182 41.15 -61.67 -47.80
C HIS E 182 40.44 -61.13 -46.56
N VAL E 183 40.02 -62.02 -45.67
CA VAL E 183 39.28 -61.61 -44.50
C VAL E 183 40.06 -61.77 -43.21
N THR E 184 40.18 -60.67 -42.48
CA THR E 184 40.79 -60.65 -41.16
C THR E 184 39.66 -60.40 -40.17
N ALA E 185 39.56 -61.21 -39.11
CA ALA E 185 38.40 -61.12 -38.21
C ALA E 185 38.81 -60.96 -36.73
N THR E 186 37.97 -60.26 -35.96
CA THR E 186 38.15 -60.22 -34.50
C THR E 186 36.93 -60.81 -33.78
N CYS E 187 37.20 -61.50 -32.68
CA CYS E 187 36.15 -62.10 -31.86
C CYS E 187 36.71 -62.48 -30.49
N GLY E 188 35.87 -63.05 -29.64
CA GLY E 188 36.35 -63.47 -28.34
C GLY E 188 37.19 -64.70 -28.51
N ALA E 189 38.05 -64.97 -27.54
CA ALA E 189 38.91 -66.14 -27.56
C ALA E 189 38.12 -67.44 -27.83
N ARG E 190 36.95 -67.57 -27.20
CA ARG E 190 36.13 -68.78 -27.31
C ARG E 190 35.72 -69.08 -28.76
N ASN E 191 35.52 -68.02 -29.55
CA ASN E 191 34.94 -68.17 -30.87
C ASN E 191 35.96 -68.19 -32.01
N ILE E 192 37.22 -68.19 -31.63
CA ILE E 192 38.29 -68.09 -32.62
C ILE E 192 38.25 -69.25 -33.63
N GLU E 193 37.95 -70.46 -33.16
CA GLU E 193 37.87 -71.60 -34.06
C GLU E 193 36.62 -71.50 -34.93
N PHE E 194 35.55 -71.01 -34.32
CA PHE E 194 34.29 -70.82 -35.02
C PHE E 194 34.44 -69.86 -36.19
N VAL E 195 35.10 -68.75 -35.93
CA VAL E 195 35.22 -67.74 -36.97
C VAL E 195 36.11 -68.24 -38.12
N LYS E 196 37.13 -69.03 -37.77
CA LYS E 196 37.98 -69.68 -38.79
C LYS E 196 37.11 -70.48 -39.74
N SER E 197 36.13 -71.19 -39.18
CA SER E 197 35.31 -72.11 -39.97
C SER E 197 34.34 -71.36 -40.90
N LEU E 198 34.17 -70.06 -40.66
CA LEU E 198 33.31 -69.25 -41.53
C LEU E 198 34.07 -68.85 -42.79
N GLY E 199 35.38 -69.07 -42.78
CA GLY E 199 36.22 -68.80 -43.93
C GLY E 199 37.22 -67.67 -43.72
N ALA E 200 37.28 -67.17 -42.50
CA ALA E 200 38.22 -66.08 -42.19
C ALA E 200 39.63 -66.58 -42.43
N ASP E 201 40.44 -65.78 -43.12
CA ASP E 201 41.84 -66.11 -43.33
C ASP E 201 42.69 -65.85 -42.06
N GLU E 202 42.41 -64.75 -41.36
CA GLU E 202 43.08 -64.45 -40.11
C GLU E 202 42.06 -64.12 -39.03
N VAL E 203 42.29 -64.57 -37.80
CA VAL E 203 41.37 -64.31 -36.72
C VAL E 203 42.09 -63.85 -35.46
N LEU E 204 41.64 -62.75 -34.88
CA LEU E 204 42.32 -62.16 -33.73
C LEU E 204 41.45 -62.11 -32.47
N ASP E 205 42.00 -62.56 -31.35
CA ASP E 205 41.36 -62.37 -30.05
C ASP E 205 41.43 -60.88 -29.71
N TYR E 206 40.26 -60.27 -29.54
CA TYR E 206 40.22 -58.82 -29.41
C TYR E 206 40.72 -58.35 -28.04
N LYS E 207 41.00 -59.28 -27.15
CA LYS E 207 41.51 -58.91 -25.85
C LYS E 207 43.04 -58.93 -25.81
N THR E 208 43.69 -59.66 -26.72
CA THR E 208 45.14 -59.55 -26.84
C THR E 208 45.43 -58.22 -27.51
N PRO E 209 46.43 -57.50 -27.00
CA PRO E 209 46.90 -56.22 -27.54
C PRO E 209 46.99 -56.18 -29.09
N GLU E 210 47.48 -57.27 -29.68
CA GLU E 210 47.57 -57.38 -31.13
C GLU E 210 46.19 -57.28 -31.78
N GLY E 211 45.26 -58.06 -31.23
CA GLY E 211 43.86 -58.01 -31.64
C GLY E 211 43.17 -56.67 -31.40
N ALA E 212 43.29 -56.11 -30.19
CA ALA E 212 42.66 -54.84 -29.88
C ALA E 212 43.20 -53.65 -30.70
N ALA E 213 44.34 -53.86 -31.34
CA ALA E 213 44.91 -52.82 -32.19
C ALA E 213 44.58 -53.08 -33.65
N LEU E 214 43.81 -54.14 -33.92
CA LEU E 214 43.37 -54.46 -35.26
C LEU E 214 44.54 -54.64 -36.23
N LYS E 215 45.66 -55.17 -35.73
CA LYS E 215 46.83 -55.40 -36.59
C LYS E 215 46.93 -56.86 -37.02
N SER E 216 46.79 -57.08 -38.31
CA SER E 216 46.86 -58.42 -38.84
C SER E 216 48.26 -58.95 -38.77
N PRO E 217 48.43 -60.19 -38.29
CA PRO E 217 49.77 -60.79 -38.20
C PRO E 217 50.49 -60.84 -39.54
N SER E 218 49.78 -60.72 -40.66
CA SER E 218 50.39 -60.82 -41.98
C SER E 218 50.66 -59.41 -42.54
N GLY E 219 50.41 -58.41 -41.70
CA GLY E 219 50.70 -57.04 -42.08
C GLY E 219 49.75 -56.42 -43.09
N LYS E 220 48.56 -57.00 -43.27
CA LYS E 220 47.57 -56.48 -44.21
C LYS E 220 47.09 -55.09 -43.82
N LYS E 221 46.83 -54.26 -44.84
CA LYS E 221 46.10 -53.03 -44.62
C LYS E 221 44.72 -53.20 -45.24
N TYR E 222 43.69 -52.84 -44.50
CA TYR E 222 42.35 -53.12 -44.97
C TYR E 222 41.78 -52.07 -45.91
N ASP E 223 41.12 -52.53 -46.97
CA ASP E 223 40.43 -51.62 -47.87
C ASP E 223 39.07 -51.23 -47.31
N ALA E 224 38.51 -52.11 -46.50
CA ALA E 224 37.24 -51.82 -45.89
C ALA E 224 37.11 -52.60 -44.58
N VAL E 225 36.36 -52.04 -43.65
CA VAL E 225 36.05 -52.71 -42.40
C VAL E 225 34.54 -52.82 -42.21
N VAL E 226 34.03 -54.03 -42.10
CA VAL E 226 32.65 -54.20 -41.67
C VAL E 226 32.74 -54.18 -40.16
N HIS E 227 32.49 -53.01 -39.58
CA HIS E 227 32.66 -52.78 -38.14
C HIS E 227 31.40 -53.14 -37.37
N CYS E 228 31.41 -54.25 -36.67
CA CYS E 228 30.21 -54.68 -35.97
C CYS E 228 30.33 -54.50 -34.46
N ALA E 229 31.55 -54.36 -33.98
CA ALA E 229 31.79 -54.14 -32.56
C ALA E 229 31.47 -52.69 -32.22
N ASN E 230 31.78 -52.23 -31.00
CA ASN E 230 31.34 -50.87 -30.60
C ASN E 230 32.35 -49.94 -29.94
N GLY E 231 33.30 -50.48 -29.20
CA GLY E 231 34.14 -49.61 -28.41
C GLY E 231 35.36 -49.00 -29.09
N ILE E 232 35.33 -48.93 -30.42
CA ILE E 232 36.56 -48.58 -31.14
C ILE E 232 36.52 -47.22 -31.84
N PRO E 233 37.43 -46.32 -31.45
CA PRO E 233 37.56 -44.99 -32.06
C PRO E 233 38.31 -45.10 -33.38
N PHE E 234 38.12 -44.13 -34.25
CA PHE E 234 38.76 -44.14 -35.55
C PHE E 234 40.28 -44.24 -35.48
N SER E 235 40.88 -43.61 -34.46
CA SER E 235 42.30 -43.73 -34.15
C SER E 235 42.83 -45.15 -34.32
N VAL E 236 42.11 -46.13 -33.79
CA VAL E 236 42.58 -47.51 -33.81
C VAL E 236 42.54 -48.11 -35.23
N PHE E 237 41.49 -47.78 -35.99
CA PHE E 237 41.39 -48.26 -37.37
C PHE E 237 42.46 -47.65 -38.29
N GLU E 238 42.62 -46.33 -38.19
CA GLU E 238 43.40 -45.51 -39.12
C GLU E 238 44.73 -46.12 -39.60
N PRO E 239 45.66 -46.48 -38.68
CA PRO E 239 46.94 -47.00 -39.18
C PRO E 239 46.85 -48.37 -39.85
N ASN E 240 45.77 -49.09 -39.63
CA ASN E 240 45.54 -50.36 -40.31
C ASN E 240 44.80 -50.26 -41.64
N LEU E 241 44.31 -49.08 -41.97
CA LEU E 241 43.60 -48.87 -43.24
C LEU E 241 44.56 -48.65 -44.41
N SER E 242 44.15 -49.11 -45.58
CA SER E 242 44.84 -48.79 -46.82
C SER E 242 44.70 -47.28 -47.10
N GLU E 243 45.28 -46.80 -48.19
CA GLU E 243 45.31 -45.36 -48.43
C GLU E 243 43.92 -44.76 -48.51
N ASN E 244 42.97 -45.52 -49.03
CA ASN E 244 41.61 -45.01 -49.14
C ASN E 244 40.59 -45.89 -48.43
N GLY E 245 41.05 -46.59 -47.40
CA GLY E 245 40.20 -47.48 -46.64
C GLY E 245 38.97 -46.87 -46.02
N LYS E 246 37.87 -47.58 -46.07
CA LYS E 246 36.64 -47.14 -45.47
C LYS E 246 36.33 -48.05 -44.29
N VAL E 247 36.11 -47.49 -43.10
CA VAL E 247 35.54 -48.25 -42.00
C VAL E 247 34.03 -48.04 -42.03
N ILE E 248 33.28 -49.14 -42.14
CA ILE E 248 31.81 -49.11 -42.26
C ILE E 248 31.17 -49.48 -40.91
N ASP E 249 30.63 -48.50 -40.21
CA ASP E 249 29.99 -48.70 -38.93
C ASP E 249 28.57 -49.13 -39.18
N ILE E 250 28.26 -50.39 -38.89
CA ILE E 250 26.91 -50.90 -39.15
C ILE E 250 25.99 -50.68 -37.96
N THR E 251 26.51 -50.00 -36.96
CA THR E 251 25.72 -49.67 -35.76
C THR E 251 26.10 -48.27 -35.24
N PRO E 252 25.91 -47.26 -36.10
CA PRO E 252 26.53 -45.93 -35.93
C PRO E 252 25.87 -45.05 -34.86
N GLY E 253 26.66 -44.53 -33.93
CA GLY E 253 26.12 -43.61 -32.95
C GLY E 253 26.42 -42.18 -33.33
N PRO E 254 26.22 -41.26 -32.38
CA PRO E 254 26.54 -39.85 -32.58
C PRO E 254 28.03 -39.68 -32.88
N ASN E 255 28.89 -40.44 -32.20
CA ASN E 255 30.34 -40.43 -32.48
C ASN E 255 30.63 -40.77 -33.94
N ALA E 256 30.02 -41.84 -34.43
CA ALA E 256 30.21 -42.24 -35.82
C ALA E 256 29.69 -41.16 -36.75
N MET E 257 28.48 -40.69 -36.48
CA MET E 257 27.86 -39.65 -37.28
C MET E 257 28.76 -38.43 -37.39
N TRP E 258 29.30 -37.98 -36.25
CA TRP E 258 30.19 -36.83 -36.23
C TRP E 258 31.46 -37.10 -37.02
N THR E 259 32.09 -38.22 -36.72
CA THR E 259 33.33 -38.59 -37.36
C THR E 259 33.15 -38.58 -38.86
N TYR E 260 32.03 -39.14 -39.31
CA TYR E 260 31.63 -39.10 -40.71
C TYR E 260 31.62 -37.67 -41.28
N ALA E 261 30.98 -36.77 -40.54
CA ALA E 261 30.88 -35.39 -40.99
C ALA E 261 32.28 -34.78 -41.13
N VAL E 262 33.11 -34.94 -40.09
CA VAL E 262 34.41 -34.30 -40.07
C VAL E 262 35.29 -34.86 -41.19
N LYS E 263 35.32 -36.16 -41.33
CA LYS E 263 36.16 -36.81 -42.35
C LYS E 263 35.69 -36.39 -43.75
N LYS E 264 34.40 -36.08 -43.87
CA LYS E 264 33.84 -35.62 -45.14
C LYS E 264 34.26 -34.17 -45.45
N ILE E 265 34.09 -33.30 -44.46
CA ILE E 265 34.30 -31.89 -44.66
C ILE E 265 35.79 -31.58 -44.78
N THR E 266 36.65 -32.47 -44.27
CA THR E 266 38.10 -32.27 -44.32
C THR E 266 38.69 -33.11 -45.46
N MET E 267 37.79 -33.73 -46.22
CA MET E 267 38.14 -34.59 -47.36
C MET E 267 39.20 -35.67 -47.04
N SER E 268 39.13 -36.26 -45.84
CA SER E 268 40.07 -37.32 -45.45
C SER E 268 40.02 -38.43 -46.48
N LYS E 269 41.18 -38.94 -46.87
CA LYS E 269 41.21 -39.99 -47.87
C LYS E 269 40.68 -41.29 -47.25
N LYS E 270 41.02 -41.52 -45.99
CA LYS E 270 40.42 -42.60 -45.23
C LYS E 270 39.10 -42.08 -44.69
N GLN E 271 38.05 -42.89 -44.83
CA GLN E 271 36.69 -42.45 -44.59
C GLN E 271 35.95 -43.31 -43.54
N LEU E 272 35.05 -42.70 -42.76
CA LEU E 272 34.12 -43.49 -41.95
C LEU E 272 32.71 -43.39 -42.53
N VAL E 273 32.15 -44.55 -42.84
CA VAL E 273 30.83 -44.63 -43.47
C VAL E 273 29.78 -45.23 -42.54
N PRO E 274 28.81 -44.41 -42.12
CA PRO E 274 27.70 -44.94 -41.32
C PRO E 274 26.78 -45.75 -42.23
N LEU E 275 26.30 -46.90 -41.77
CA LEU E 275 25.45 -47.69 -42.65
C LEU E 275 24.04 -47.77 -42.09
N LEU E 276 23.05 -47.37 -42.88
CA LEU E 276 21.66 -47.65 -42.55
C LEU E 276 21.13 -48.63 -43.59
N LEU E 277 20.55 -49.71 -43.13
CA LEU E 277 20.08 -50.74 -44.04
C LEU E 277 18.86 -50.28 -44.81
N ILE E 278 18.85 -50.59 -46.10
CA ILE E 278 17.64 -50.47 -46.89
C ILE E 278 17.29 -51.84 -47.42
N PRO E 279 16.40 -52.53 -46.71
CA PRO E 279 15.98 -53.89 -47.09
C PRO E 279 15.23 -53.91 -48.42
N LYS E 280 15.79 -54.58 -49.41
CA LYS E 280 15.13 -54.67 -50.70
C LYS E 280 14.87 -56.16 -50.96
N ALA E 281 13.67 -56.51 -51.42
CA ALA E 281 13.30 -57.93 -51.60
C ALA E 281 14.25 -58.73 -52.52
N GLU E 282 14.80 -58.07 -53.54
CA GLU E 282 15.80 -58.69 -54.43
C GLU E 282 16.98 -59.25 -53.64
N ASN E 283 17.41 -58.51 -52.63
CA ASN E 283 18.56 -58.90 -51.81
C ASN E 283 18.21 -60.04 -50.90
N LEU E 284 17.01 -60.01 -50.34
CA LEU E 284 16.57 -61.09 -49.45
C LEU E 284 16.46 -62.38 -50.24
N GLU E 285 15.89 -62.28 -51.44
CA GLU E 285 15.77 -63.42 -52.32
C GLU E 285 17.15 -63.99 -52.62
N PHE E 286 18.09 -63.07 -52.87
CA PHE E 286 19.47 -63.41 -53.15
C PHE E 286 20.11 -64.19 -52.00
N MET E 287 20.04 -63.60 -50.81
CA MET E 287 20.60 -64.25 -49.62
C MET E 287 19.98 -65.62 -49.37
N VAL E 288 18.66 -65.71 -49.56
CA VAL E 288 17.96 -66.96 -49.39
C VAL E 288 18.55 -68.01 -50.34
N ASN E 289 18.82 -67.60 -51.58
CA ASN E 289 19.43 -68.53 -52.54
C ASN E 289 20.81 -68.99 -52.10
N LEU E 290 21.56 -68.08 -51.50
CA LEU E 290 22.90 -68.40 -51.08
C LEU E 290 22.87 -69.48 -50.03
N VAL E 291 21.86 -69.37 -49.15
CA VAL E 291 21.68 -70.35 -48.09
C VAL E 291 21.24 -71.70 -48.66
N LYS E 292 20.31 -71.65 -49.62
CA LYS E 292 19.81 -72.84 -50.32
C LYS E 292 20.94 -73.60 -51.01
N GLU E 293 21.81 -72.85 -51.69
CA GLU E 293 22.92 -73.43 -52.44
C GLU E 293 24.12 -73.77 -51.55
N GLY E 294 23.96 -73.60 -50.25
CA GLY E 294 25.03 -73.92 -49.32
C GLY E 294 26.22 -72.97 -49.33
N LYS E 295 26.14 -71.90 -50.13
CA LYS E 295 27.25 -70.94 -50.23
C LYS E 295 27.32 -70.04 -49.00
N VAL E 296 26.22 -70.02 -48.22
CA VAL E 296 26.20 -69.31 -46.95
C VAL E 296 25.39 -70.11 -45.93
N LYS E 297 25.96 -70.31 -44.74
CA LYS E 297 25.21 -70.99 -43.69
C LYS E 297 24.85 -70.02 -42.58
N THR E 298 23.59 -70.08 -42.17
CA THR E 298 23.09 -69.45 -40.95
C THR E 298 23.49 -70.21 -39.70
N VAL E 299 24.25 -69.62 -38.80
CA VAL E 299 24.43 -70.30 -37.52
C VAL E 299 23.43 -69.75 -36.51
N ILE E 300 22.77 -70.66 -35.81
CA ILE E 300 21.77 -70.33 -34.80
C ILE E 300 22.37 -70.45 -33.40
N ASP E 301 22.38 -69.36 -32.66
CA ASP E 301 22.92 -69.39 -31.32
C ASP E 301 22.05 -70.22 -30.41
N SER E 302 20.73 -70.07 -30.55
CA SER E 302 19.82 -70.75 -29.66
C SER E 302 18.39 -70.63 -30.16
N LYS E 303 17.56 -71.58 -29.75
CA LYS E 303 16.15 -71.58 -30.10
C LYS E 303 15.32 -71.55 -28.82
N HIS E 304 14.39 -70.59 -28.74
CA HIS E 304 13.50 -70.47 -27.60
C HIS E 304 12.04 -70.45 -28.02
N PRO E 305 11.18 -71.08 -27.21
CA PRO E 305 9.74 -71.04 -27.49
C PRO E 305 9.13 -69.70 -27.12
N LEU E 306 8.12 -69.28 -27.86
CA LEU E 306 7.45 -68.01 -27.60
C LEU E 306 7.04 -67.84 -26.14
N SER E 307 6.75 -68.96 -25.48
CA SER E 307 6.32 -68.93 -24.10
C SER E 307 7.47 -68.55 -23.18
N LYS E 308 8.69 -68.72 -23.68
CA LYS E 308 9.87 -68.38 -22.90
C LYS E 308 10.74 -67.36 -23.62
N ALA E 309 10.12 -66.47 -24.40
CA ALA E 309 10.82 -65.49 -25.22
C ALA E 309 11.71 -64.51 -24.45
N GLU E 310 11.31 -64.13 -23.24
CA GLU E 310 12.16 -63.29 -22.39
C GLU E 310 13.59 -63.79 -22.30
N ASP E 311 13.76 -65.12 -22.20
CA ASP E 311 15.06 -65.76 -22.17
C ASP E 311 15.87 -65.36 -23.40
N ALA E 312 15.22 -65.37 -24.55
CA ALA E 312 15.89 -65.02 -25.80
C ALA E 312 16.24 -63.55 -25.76
N TRP E 313 15.32 -62.75 -25.24
CA TRP E 313 15.49 -61.31 -25.12
C TRP E 313 16.72 -61.01 -24.26
N ALA E 314 16.81 -61.67 -23.12
CA ALA E 314 17.90 -61.46 -22.20
C ALA E 314 19.23 -61.90 -22.80
N LYS E 315 19.18 -62.96 -23.61
CA LYS E 315 20.36 -63.47 -24.29
C LYS E 315 20.89 -62.42 -25.28
N SER E 316 19.96 -61.81 -26.02
CA SER E 316 20.26 -60.72 -26.93
C SER E 316 20.85 -59.50 -26.20
N ILE E 317 20.20 -59.06 -25.14
CA ILE E 317 20.70 -57.97 -24.31
C ILE E 317 22.14 -58.20 -23.79
N ASP E 318 22.47 -59.42 -23.36
CA ASP E 318 23.85 -59.79 -23.00
C ASP E 318 24.77 -59.77 -24.19
N GLY E 319 24.20 -60.06 -25.35
CA GLY E 319 24.92 -59.98 -26.59
C GLY E 319 26.18 -60.81 -26.59
N HIS E 320 26.13 -61.99 -26.01
CA HIS E 320 27.27 -62.89 -26.17
C HIS E 320 26.89 -63.93 -27.19
N ALA E 321 25.75 -63.71 -27.84
CA ALA E 321 25.24 -64.64 -28.83
C ALA E 321 26.26 -64.94 -29.94
N THR E 322 26.28 -66.19 -30.39
CA THR E 322 27.11 -66.60 -31.50
C THR E 322 26.23 -66.89 -32.69
N GLY E 323 26.21 -66.00 -33.66
CA GLY E 323 25.22 -66.06 -34.72
C GLY E 323 23.89 -65.48 -34.29
N LYS E 324 22.78 -66.12 -34.63
CA LYS E 324 21.49 -65.49 -34.45
C LYS E 324 20.57 -66.21 -33.47
N ILE E 325 19.93 -65.43 -32.60
CA ILE E 325 18.96 -65.96 -31.65
C ILE E 325 17.58 -66.10 -32.29
N ILE E 326 16.96 -67.26 -32.09
CA ILE E 326 15.68 -67.57 -32.73
C ILE E 326 14.56 -67.84 -31.72
N VAL E 327 13.37 -67.30 -32.00
CA VAL E 327 12.20 -67.64 -31.21
C VAL E 327 11.15 -68.31 -32.08
N GLU E 328 10.80 -69.53 -31.66
CA GLU E 328 9.86 -70.40 -32.38
C GLU E 328 8.59 -70.53 -31.58
N PRO E 329 7.51 -71.00 -32.22
CA PRO E 329 6.31 -71.14 -31.41
C PRO E 329 6.35 -72.46 -30.62
N GLY F 3 60.28 -6.89 -49.60
CA GLY F 3 61.31 -6.81 -50.65
C GLY F 3 60.84 -7.15 -52.06
N LYS F 4 59.95 -8.14 -52.18
CA LYS F 4 59.21 -8.48 -53.41
C LYS F 4 57.69 -8.63 -53.13
N LEU F 5 56.87 -7.73 -53.70
CA LEU F 5 55.45 -7.63 -53.36
C LEU F 5 54.55 -7.73 -54.56
N MET F 6 53.25 -7.70 -54.29
CA MET F 6 52.22 -7.82 -55.32
C MET F 6 50.95 -7.17 -54.84
N HIS F 7 50.13 -6.71 -55.78
CA HIS F 7 48.82 -6.17 -55.43
C HIS F 7 47.79 -7.28 -55.17
N ALA F 8 46.95 -7.06 -54.17
CA ALA F 8 45.91 -8.03 -53.85
C ALA F 8 44.71 -7.37 -53.23
N LEU F 9 43.65 -8.15 -53.05
CA LEU F 9 42.51 -7.66 -52.33
C LEU F 9 42.26 -8.53 -51.10
N GLN F 10 41.94 -7.85 -50.00
CA GLN F 10 41.74 -8.48 -48.70
C GLN F 10 40.49 -7.99 -48.02
N TYR F 11 39.83 -8.85 -47.25
CA TYR F 11 38.90 -8.36 -46.24
C TYR F 11 39.45 -8.79 -44.90
N ASN F 12 39.21 -7.96 -43.89
CA ASN F 12 39.81 -8.17 -42.58
C ASN F 12 38.71 -8.36 -41.54
N SER F 13 37.51 -8.64 -42.03
CA SER F 13 36.34 -8.58 -41.17
C SER F 13 35.14 -9.19 -41.87
N TYR F 14 34.18 -9.68 -41.09
CA TYR F 14 32.94 -10.16 -41.65
C TYR F 14 32.03 -9.01 -42.05
N GLY F 15 31.22 -9.22 -43.06
CA GLY F 15 30.10 -8.34 -43.35
C GLY F 15 30.38 -7.10 -44.16
N GLY F 16 31.62 -6.92 -44.60
CA GLY F 16 31.97 -5.76 -45.39
C GLY F 16 31.22 -5.56 -46.69
N GLY F 17 30.93 -6.66 -47.39
CA GLY F 17 30.43 -6.54 -48.75
C GLY F 17 31.58 -6.07 -49.64
N ALA F 18 31.26 -5.46 -50.78
CA ALA F 18 32.33 -4.99 -51.67
C ALA F 18 33.07 -3.85 -51.02
N ALA F 19 32.39 -3.11 -50.15
CA ALA F 19 33.00 -2.00 -49.44
C ALA F 19 34.13 -2.48 -48.57
N GLY F 20 33.96 -3.66 -47.98
CA GLY F 20 34.93 -4.21 -47.06
C GLY F 20 36.18 -4.80 -47.68
N LEU F 21 36.24 -4.87 -49.01
CA LEU F 21 37.44 -5.29 -49.73
C LEU F 21 38.45 -4.15 -49.68
N GLU F 22 39.72 -4.50 -49.48
CA GLU F 22 40.78 -3.49 -49.47
C GLU F 22 41.89 -3.83 -50.45
N HIS F 23 42.32 -2.84 -51.22
CA HIS F 23 43.47 -3.08 -52.07
C HIS F 23 44.72 -2.97 -51.22
N VAL F 24 45.61 -3.93 -51.36
CA VAL F 24 46.80 -3.95 -50.50
C VAL F 24 48.02 -4.46 -51.25
N GLN F 25 49.19 -4.16 -50.70
CA GLN F 25 50.40 -4.73 -51.22
C GLN F 25 50.82 -5.82 -50.24
N VAL F 26 51.16 -6.99 -50.76
CA VAL F 26 51.37 -8.17 -49.93
C VAL F 26 52.53 -8.93 -50.55
N PRO F 27 53.38 -9.56 -49.71
CA PRO F 27 54.49 -10.39 -50.18
C PRO F 27 54.04 -11.53 -51.09
N VAL F 28 54.72 -11.68 -52.22
CA VAL F 28 54.46 -12.77 -53.15
C VAL F 28 54.68 -14.11 -52.47
N PRO F 29 53.71 -15.00 -52.58
CA PRO F 29 53.83 -16.24 -51.81
C PRO F 29 54.95 -17.11 -52.33
N THR F 30 55.47 -17.97 -51.46
CA THR F 30 56.52 -18.90 -51.84
C THR F 30 56.04 -20.36 -51.88
N PRO F 31 56.26 -21.04 -53.00
CA PRO F 31 55.75 -22.39 -53.17
C PRO F 31 56.44 -23.39 -52.25
N LYS F 32 55.66 -24.28 -51.64
CA LYS F 32 56.20 -25.35 -50.82
C LYS F 32 56.60 -26.54 -51.69
N SER F 33 57.03 -27.62 -51.06
CA SER F 33 57.58 -28.79 -51.75
C SER F 33 56.77 -29.20 -52.97
N ASN F 34 55.46 -29.20 -52.81
CA ASN F 34 54.54 -29.73 -53.80
C ASN F 34 53.75 -28.66 -54.55
N GLU F 35 54.03 -27.40 -54.24
CA GLU F 35 53.22 -26.30 -54.78
C GLU F 35 53.89 -25.72 -56.00
N VAL F 36 53.11 -25.02 -56.83
CA VAL F 36 53.67 -24.18 -57.88
C VAL F 36 53.19 -22.75 -57.67
N CYS F 37 53.99 -21.80 -58.12
CA CYS F 37 53.65 -20.39 -58.00
C CYS F 37 53.25 -19.85 -59.38
N LEU F 38 52.09 -19.19 -59.44
CA LEU F 38 51.56 -18.67 -60.68
C LEU F 38 51.49 -17.15 -60.78
N LYS F 39 51.96 -16.62 -61.90
CA LYS F 39 51.59 -15.28 -62.30
C LYS F 39 50.19 -15.37 -62.86
N LEU F 40 49.22 -14.75 -62.20
CA LEU F 40 47.83 -14.94 -62.59
C LEU F 40 47.48 -14.19 -63.86
N GLU F 41 46.70 -14.85 -64.72
CA GLU F 41 46.21 -14.23 -65.95
C GLU F 41 44.70 -14.03 -65.88
N ALA F 42 44.02 -14.87 -65.12
CA ALA F 42 42.57 -14.73 -64.94
C ALA F 42 42.14 -15.41 -63.68
N THR F 43 41.21 -14.78 -62.97
CA THR F 43 40.65 -15.37 -61.76
C THR F 43 39.14 -15.33 -61.84
N SER F 44 38.51 -16.41 -61.41
CA SER F 44 37.06 -16.51 -61.46
C SER F 44 36.42 -16.43 -60.06
N LEU F 45 35.28 -15.75 -59.95
CA LEU F 45 34.57 -15.69 -58.67
C LEU F 45 33.51 -16.79 -58.55
N ASN F 46 33.28 -17.25 -57.32
CA ASN F 46 32.19 -18.19 -57.01
C ASN F 46 31.41 -17.62 -55.85
N PRO F 47 30.10 -17.87 -55.79
CA PRO F 47 29.24 -17.34 -54.72
C PRO F 47 29.74 -17.64 -53.31
N VAL F 48 30.38 -18.79 -53.16
CA VAL F 48 31.03 -19.15 -51.91
C VAL F 48 31.91 -18.01 -51.40
N ASP F 49 32.66 -17.42 -52.32
CA ASP F 49 33.67 -16.42 -51.99
C ASP F 49 33.09 -15.27 -51.17
N TRP F 50 31.94 -14.73 -51.55
CA TRP F 50 31.38 -13.60 -50.81
C TRP F 50 30.53 -14.06 -49.64
N LYS F 51 30.02 -15.28 -49.73
CA LYS F 51 29.31 -15.86 -48.61
C LYS F 51 30.23 -16.04 -47.39
N ILE F 52 31.45 -16.48 -47.65
CA ILE F 52 32.42 -16.65 -46.59
C ILE F 52 32.60 -15.34 -45.85
N GLN F 53 32.70 -14.27 -46.63
CA GLN F 53 32.90 -12.94 -46.09
C GLN F 53 31.69 -12.51 -45.27
N LYS F 54 30.49 -12.85 -45.74
CA LYS F 54 29.27 -12.41 -45.03
C LYS F 54 29.27 -13.10 -43.67
N GLY F 55 29.94 -14.24 -43.58
CA GLY F 55 30.00 -15.00 -42.35
C GLY F 55 29.20 -16.28 -42.42
N MET F 56 28.61 -16.55 -43.59
CA MET F 56 27.69 -17.66 -43.70
C MET F 56 28.38 -19.00 -43.58
N ILE F 57 29.70 -19.04 -43.70
CA ILE F 57 30.38 -20.33 -43.66
C ILE F 57 31.08 -20.50 -42.34
N ARG F 58 30.79 -19.62 -41.39
CA ARG F 58 31.28 -19.82 -40.03
C ARG F 58 30.61 -21.07 -39.43
N PRO F 59 31.35 -21.85 -38.64
CA PRO F 59 32.69 -21.59 -38.12
C PRO F 59 33.80 -22.22 -38.91
N PHE F 60 33.51 -22.77 -40.09
CA PHE F 60 34.55 -23.39 -40.93
C PHE F 60 35.43 -22.41 -41.74
N LEU F 61 34.84 -21.38 -42.31
CA LEU F 61 35.62 -20.38 -43.05
C LEU F 61 35.15 -18.96 -42.75
N PRO F 62 36.05 -17.99 -42.89
CA PRO F 62 37.48 -18.13 -43.25
C PRO F 62 38.30 -18.62 -42.09
N ARG F 63 39.48 -19.15 -42.35
CA ARG F 63 40.32 -19.66 -41.28
C ARG F 63 40.91 -18.55 -40.41
N LYS F 64 41.62 -17.62 -41.03
CA LYS F 64 42.12 -16.45 -40.32
C LYS F 64 41.88 -15.21 -41.16
N PHE F 65 41.78 -14.05 -40.52
CA PHE F 65 41.83 -12.78 -41.24
C PHE F 65 43.27 -12.31 -41.28
N PRO F 66 43.64 -11.58 -42.32
CA PRO F 66 42.84 -11.11 -43.43
C PRO F 66 42.80 -12.13 -44.51
N CYS F 67 41.96 -11.90 -45.49
CA CYS F 67 41.61 -12.96 -46.40
C CYS F 67 41.65 -12.48 -47.84
N ILE F 68 42.42 -13.19 -48.65
CA ILE F 68 42.43 -12.91 -50.06
C ILE F 68 41.52 -13.90 -50.76
N PRO F 69 40.41 -13.42 -51.33
CA PRO F 69 39.35 -14.25 -51.88
C PRO F 69 39.65 -14.95 -53.20
N ALA F 70 38.84 -15.96 -53.51
CA ALA F 70 38.74 -16.66 -54.81
C ALA F 70 39.72 -17.84 -54.91
N THR F 71 39.26 -18.88 -55.58
CA THR F 71 40.05 -20.11 -55.70
C THR F 71 40.32 -20.49 -57.16
N ASP F 72 39.45 -20.06 -58.07
CA ASP F 72 39.49 -20.47 -59.47
C ASP F 72 40.42 -19.57 -60.27
N VAL F 73 41.45 -20.19 -60.83
CA VAL F 73 42.62 -19.43 -61.24
C VAL F 73 43.29 -20.00 -62.50
N ALA F 74 43.80 -19.12 -63.35
CA ALA F 74 44.57 -19.54 -64.52
C ALA F 74 45.74 -18.58 -64.72
N GLY F 75 46.89 -19.12 -65.11
CA GLY F 75 48.06 -18.29 -65.28
C GLY F 75 49.29 -19.02 -65.76
N GLU F 76 50.43 -18.37 -65.57
CA GLU F 76 51.70 -18.90 -66.01
C GLU F 76 52.54 -19.28 -64.82
N VAL F 77 53.12 -20.48 -64.84
CA VAL F 77 54.01 -20.92 -63.78
C VAL F 77 55.26 -20.05 -63.74
N VAL F 78 55.51 -19.48 -62.56
CA VAL F 78 56.66 -18.62 -62.33
C VAL F 78 57.78 -19.40 -61.64
N GLU F 79 57.39 -20.34 -60.79
CA GLU F 79 58.33 -21.04 -59.93
C GLU F 79 57.69 -22.29 -59.34
N VAL F 80 58.44 -23.39 -59.28
CA VAL F 80 57.92 -24.62 -58.72
C VAL F 80 58.68 -25.00 -57.46
N GLY F 81 58.07 -25.86 -56.64
CA GLY F 81 58.69 -26.33 -55.42
C GLY F 81 59.59 -27.49 -55.74
N SER F 82 60.42 -27.89 -54.77
CA SER F 82 61.38 -28.98 -54.97
C SER F 82 60.75 -30.30 -55.47
N GLY F 83 59.55 -30.62 -54.98
CA GLY F 83 58.92 -31.87 -55.33
C GLY F 83 58.18 -31.87 -56.65
N VAL F 84 58.01 -30.70 -57.25
CA VAL F 84 57.18 -30.63 -58.43
C VAL F 84 57.83 -31.30 -59.64
N LYS F 85 57.14 -32.28 -60.21
CA LYS F 85 57.68 -33.04 -61.32
C LYS F 85 57.07 -32.63 -62.67
N ASN F 86 55.79 -32.32 -62.68
CA ASN F 86 55.09 -32.16 -63.96
C ASN F 86 54.99 -30.76 -64.54
N PHE F 87 55.46 -29.76 -63.82
CA PHE F 87 55.39 -28.39 -64.33
C PHE F 87 56.72 -27.65 -64.23
N LYS F 88 56.98 -26.82 -65.23
CA LYS F 88 58.18 -26.01 -65.28
C LYS F 88 57.77 -24.55 -65.42
N ALA F 89 58.68 -23.64 -65.13
CA ALA F 89 58.38 -22.24 -65.32
C ALA F 89 58.06 -21.99 -66.77
N GLY F 90 57.12 -21.10 -67.02
CA GLY F 90 56.70 -20.80 -68.37
C GLY F 90 55.44 -21.52 -68.78
N ASP F 91 55.19 -22.68 -68.17
CA ASP F 91 53.97 -23.45 -68.43
C ASP F 91 52.71 -22.64 -68.16
N LYS F 92 51.75 -22.69 -69.08
CA LYS F 92 50.47 -22.08 -68.83
C LYS F 92 49.52 -23.09 -68.16
N VAL F 93 48.86 -22.69 -67.09
CA VAL F 93 47.99 -23.63 -66.41
C VAL F 93 46.62 -23.07 -66.05
N VAL F 94 45.76 -23.96 -65.60
CA VAL F 94 44.57 -23.63 -64.83
C VAL F 94 44.69 -24.38 -63.51
N ALA F 95 44.24 -23.81 -62.41
CA ALA F 95 44.42 -24.48 -61.12
C ALA F 95 43.33 -24.13 -60.14
N VAL F 96 43.22 -24.92 -59.07
CA VAL F 96 42.33 -24.63 -57.95
C VAL F 96 43.12 -24.38 -56.68
N LEU F 97 43.00 -23.17 -56.17
CA LEU F 97 43.69 -22.81 -54.93
C LEU F 97 42.98 -23.41 -53.74
N SER F 98 43.71 -23.55 -52.63
CA SER F 98 43.08 -24.07 -51.45
C SER F 98 41.98 -23.13 -51.00
N HIS F 99 40.80 -23.69 -50.75
CA HIS F 99 39.70 -22.92 -50.23
C HIS F 99 40.01 -22.47 -48.80
N LEU F 100 41.09 -22.99 -48.22
CA LEU F 100 41.47 -22.61 -46.87
C LEU F 100 42.25 -21.32 -46.87
N GLY F 101 43.02 -21.12 -47.92
CA GLY F 101 43.92 -19.98 -47.97
C GLY F 101 43.48 -18.92 -48.94
N GLY F 102 42.61 -19.29 -49.88
CA GLY F 102 42.18 -18.36 -50.90
C GLY F 102 43.32 -17.99 -51.81
N GLY F 103 43.46 -16.70 -52.11
CA GLY F 103 44.57 -16.21 -52.91
C GLY F 103 44.29 -15.73 -54.33
N GLY F 104 43.08 -15.99 -54.83
CA GLY F 104 42.69 -15.64 -56.18
C GLY F 104 42.80 -14.16 -56.60
N LEU F 105 42.34 -13.26 -55.77
CA LEU F 105 42.39 -11.86 -56.15
C LEU F 105 43.77 -11.28 -55.85
N ALA F 106 44.73 -11.60 -56.70
CA ALA F 106 46.10 -11.16 -56.52
C ALA F 106 46.88 -11.36 -57.81
N GLU F 107 48.12 -10.87 -57.85
CA GLU F 107 48.92 -11.04 -59.05
C GLU F 107 49.57 -12.39 -59.07
N PHE F 108 49.81 -12.94 -57.89
CA PHE F 108 50.44 -14.25 -57.75
C PHE F 108 49.70 -15.15 -56.75
N ALA F 109 49.71 -16.44 -57.01
CA ALA F 109 49.10 -17.40 -56.10
C ALA F 109 49.88 -18.69 -56.12
N VAL F 110 49.89 -19.43 -55.01
CA VAL F 110 50.43 -20.79 -55.05
C VAL F 110 49.33 -21.85 -55.09
N ALA F 111 49.50 -22.83 -55.96
CA ALA F 111 48.58 -23.95 -56.04
C ALA F 111 49.34 -25.27 -55.86
N THR F 112 48.69 -26.27 -55.28
CA THR F 112 49.27 -27.60 -55.16
C THR F 112 49.39 -28.22 -56.53
N GLU F 113 50.41 -29.03 -56.74
CA GLU F 113 50.60 -29.66 -58.03
C GLU F 113 49.41 -30.55 -58.34
N LYS F 114 48.84 -31.17 -57.31
CA LYS F 114 47.73 -32.11 -57.47
C LYS F 114 46.45 -31.44 -57.95
N LEU F 115 46.40 -30.12 -57.87
CA LEU F 115 45.26 -29.37 -58.38
C LEU F 115 45.65 -28.34 -59.44
N THR F 116 46.69 -28.65 -60.20
CA THR F 116 47.12 -27.80 -61.29
C THR F 116 47.10 -28.59 -62.60
N VAL F 117 46.55 -27.99 -63.63
CA VAL F 117 46.43 -28.64 -64.94
C VAL F 117 47.02 -27.76 -66.05
N LYS F 118 47.80 -28.35 -66.95
CA LYS F 118 48.33 -27.63 -68.10
C LYS F 118 47.17 -27.13 -68.97
N ARG F 119 47.23 -25.84 -69.34
CA ARG F 119 46.21 -25.21 -70.16
C ARG F 119 46.66 -25.16 -71.60
N PRO F 120 45.93 -25.84 -72.50
CA PRO F 120 46.32 -25.89 -73.91
C PRO F 120 46.22 -24.54 -74.61
N GLN F 121 46.89 -24.40 -75.75
CA GLN F 121 46.93 -23.14 -76.50
C GLN F 121 45.52 -22.71 -76.88
N GLU F 122 44.68 -23.70 -77.13
CA GLU F 122 43.35 -23.48 -77.67
C GLU F 122 42.43 -22.80 -76.68
N VAL F 123 42.69 -22.99 -75.40
CA VAL F 123 41.79 -22.49 -74.35
C VAL F 123 42.32 -21.26 -73.65
N GLY F 124 41.55 -20.18 -73.69
CA GLY F 124 41.95 -18.92 -73.07
C GLY F 124 42.13 -19.03 -71.58
N ALA F 125 42.69 -17.98 -70.96
CA ALA F 125 42.90 -17.99 -69.53
C ALA F 125 41.62 -17.66 -68.78
N ALA F 126 40.78 -16.82 -69.36
CA ALA F 126 39.49 -16.54 -68.74
C ALA F 126 38.54 -17.71 -68.90
N GLU F 127 38.54 -18.31 -70.08
CA GLU F 127 37.71 -19.48 -70.35
C GLU F 127 38.05 -20.62 -69.39
N ALA F 128 39.36 -20.77 -69.11
CA ALA F 128 39.83 -21.86 -68.26
C ALA F 128 39.53 -21.60 -66.80
N ALA F 129 39.82 -20.38 -66.35
CA ALA F 129 39.66 -20.06 -64.94
C ALA F 129 38.21 -20.18 -64.47
N ALA F 130 37.26 -20.08 -65.39
CA ALA F 130 35.86 -20.19 -65.03
C ALA F 130 35.48 -21.64 -64.69
N LEU F 131 36.29 -22.59 -65.17
CA LEU F 131 35.95 -24.00 -65.06
C LEU F 131 35.94 -24.59 -63.65
N PRO F 132 37.01 -24.41 -62.86
CA PRO F 132 37.20 -25.29 -61.70
C PRO F 132 35.95 -25.54 -60.85
N VAL F 133 35.60 -24.68 -59.90
CA VAL F 133 34.46 -24.92 -59.03
C VAL F 133 33.14 -25.11 -59.77
N ALA F 134 32.77 -24.18 -60.64
CA ALA F 134 31.49 -24.31 -61.32
C ALA F 134 31.45 -25.58 -62.16
N GLY F 135 32.44 -25.75 -63.02
CA GLY F 135 32.44 -26.88 -63.92
C GLY F 135 32.56 -28.24 -63.25
N LEU F 136 33.47 -28.36 -62.29
CA LEU F 136 33.67 -29.62 -61.59
C LEU F 136 32.41 -29.97 -60.81
N THR F 137 31.76 -28.96 -60.24
CA THR F 137 30.52 -29.19 -59.48
C THR F 137 29.44 -29.75 -60.41
N ALA F 138 29.24 -29.09 -61.54
CA ALA F 138 28.29 -29.59 -62.51
C ALA F 138 28.66 -31.03 -62.89
N LEU F 139 29.95 -31.26 -63.10
CA LEU F 139 30.43 -32.58 -63.50
C LEU F 139 30.14 -33.60 -62.45
N GLN F 140 30.47 -33.28 -61.21
CA GLN F 140 30.31 -34.23 -60.13
C GLN F 140 28.85 -34.59 -59.93
N ALA F 141 27.99 -33.58 -59.99
CA ALA F 141 26.56 -33.80 -59.80
C ALA F 141 26.00 -34.76 -60.85
N LEU F 142 26.36 -34.55 -62.12
CA LEU F 142 25.83 -35.39 -63.16
C LEU F 142 26.50 -36.78 -63.20
N THR F 143 27.75 -36.84 -62.75
CA THR F 143 28.54 -38.07 -62.83
C THR F 143 28.29 -39.00 -61.67
N ASN F 144 28.23 -38.46 -60.46
CA ASN F 144 28.08 -39.32 -59.30
C ASN F 144 26.58 -39.53 -58.92
N PRO F 145 25.91 -38.53 -58.29
CA PRO F 145 24.54 -38.90 -57.87
C PRO F 145 23.57 -39.18 -59.03
N ALA F 146 23.66 -38.46 -60.14
CA ALA F 146 22.76 -38.67 -61.28
C ALA F 146 23.17 -39.88 -62.09
N GLY F 147 24.46 -40.19 -62.00
CA GLY F 147 25.01 -41.42 -62.55
C GLY F 147 25.00 -41.54 -64.06
N LEU F 148 25.16 -40.42 -64.77
CA LEU F 148 25.24 -40.45 -66.23
C LEU F 148 26.66 -40.75 -66.66
N LYS F 149 26.89 -40.77 -67.96
CA LYS F 149 28.13 -41.35 -68.49
C LYS F 149 28.94 -40.43 -69.38
N LEU F 150 28.25 -39.53 -70.09
CA LEU F 150 28.92 -38.49 -70.87
C LEU F 150 29.60 -38.91 -72.16
N ASP F 151 29.59 -40.18 -72.52
CA ASP F 151 29.96 -40.51 -73.89
C ASP F 151 28.74 -40.99 -74.69
N GLY F 152 28.11 -42.08 -74.25
CA GLY F 152 26.94 -42.63 -74.94
C GLY F 152 26.61 -43.97 -74.33
N THR F 153 27.65 -44.62 -73.83
CA THR F 153 27.54 -45.80 -72.99
C THR F 153 26.62 -45.61 -71.77
N GLY F 154 25.73 -44.62 -71.84
CA GLY F 154 24.96 -44.24 -70.68
C GLY F 154 23.49 -44.63 -70.68
N LYS F 155 22.83 -44.22 -69.61
CA LYS F 155 21.39 -44.36 -69.48
C LYS F 155 20.70 -43.08 -69.92
N LYS F 156 19.65 -43.20 -70.74
CA LYS F 156 18.85 -42.04 -71.07
C LYS F 156 18.24 -41.50 -69.78
N ALA F 157 18.24 -40.19 -69.60
CA ALA F 157 17.58 -39.63 -68.42
C ALA F 157 16.97 -38.25 -68.61
N ASN F 158 16.05 -37.90 -67.72
CA ASN F 158 15.42 -36.60 -67.72
C ASN F 158 16.06 -35.73 -66.68
N ILE F 159 16.69 -34.64 -67.10
CA ILE F 159 17.36 -33.76 -66.15
C ILE F 159 16.68 -32.41 -66.06
N LEU F 160 16.48 -31.94 -64.84
CA LEU F 160 16.08 -30.56 -64.60
C LEU F 160 17.29 -29.78 -64.07
N VAL F 161 17.61 -28.64 -64.70
CA VAL F 161 18.62 -27.73 -64.16
C VAL F 161 17.99 -26.42 -63.70
N THR F 162 18.00 -26.14 -62.40
CA THR F 162 17.50 -24.86 -61.90
C THR F 162 18.58 -23.81 -62.06
N ALA F 163 18.17 -22.57 -62.25
CA ALA F 163 19.05 -21.41 -62.38
C ALA F 163 20.15 -21.69 -63.39
N ALA F 164 19.74 -22.11 -64.57
CA ALA F 164 20.68 -22.63 -65.53
C ALA F 164 21.41 -21.54 -66.26
N SER F 165 21.17 -20.28 -65.93
CA SER F 165 21.86 -19.17 -66.60
C SER F 165 23.10 -18.76 -65.81
N GLY F 166 23.30 -19.39 -64.67
CA GLY F 166 24.42 -19.06 -63.80
C GLY F 166 25.68 -19.90 -63.94
N GLY F 167 26.59 -19.78 -62.98
CA GLY F 167 27.86 -20.46 -63.01
C GLY F 167 27.77 -21.97 -63.17
N VAL F 168 27.30 -22.66 -62.14
CA VAL F 168 27.22 -24.12 -62.24
C VAL F 168 26.16 -24.49 -63.25
N GLY F 169 25.06 -23.75 -63.21
CA GLY F 169 23.93 -23.92 -64.12
C GLY F 169 24.28 -24.11 -65.57
N HIS F 170 25.05 -23.19 -66.14
CA HIS F 170 25.26 -23.19 -67.60
C HIS F 170 26.24 -24.29 -68.02
N TYR F 171 27.12 -24.71 -67.12
CA TYR F 171 27.93 -25.89 -67.38
C TYR F 171 27.06 -27.13 -67.31
N ALA F 172 26.17 -27.17 -66.30
CA ALA F 172 25.34 -28.35 -66.08
C ALA F 172 24.53 -28.69 -67.32
N VAL F 173 23.90 -27.68 -67.93
CA VAL F 173 23.07 -27.92 -69.11
C VAL F 173 23.87 -28.53 -70.26
N GLN F 174 25.05 -27.96 -70.50
CA GLN F 174 25.90 -28.44 -71.58
C GLN F 174 26.35 -29.87 -71.33
N LEU F 175 26.84 -30.14 -70.12
CA LEU F 175 27.32 -31.48 -69.78
C LEU F 175 26.20 -32.52 -69.83
N ALA F 176 25.01 -32.14 -69.38
CA ALA F 176 23.88 -33.06 -69.37
C ALA F 176 23.53 -33.48 -70.79
N LYS F 177 23.71 -32.55 -71.73
CA LYS F 177 23.42 -32.85 -73.13
C LYS F 177 24.43 -33.84 -73.70
N LEU F 178 25.69 -33.74 -73.28
CA LEU F 178 26.69 -34.70 -73.72
C LEU F 178 26.45 -36.12 -73.21
N ALA F 179 25.60 -36.25 -72.20
CA ALA F 179 25.29 -37.57 -71.65
C ALA F 179 24.00 -38.09 -72.26
N ASN F 180 23.53 -37.39 -73.29
CA ASN F 180 22.28 -37.73 -73.99
C ASN F 180 21.10 -37.76 -73.06
N ALA F 181 20.92 -36.67 -72.34
CA ALA F 181 19.80 -36.53 -71.44
C ALA F 181 18.86 -35.52 -72.03
N HIS F 182 17.57 -35.64 -71.72
CA HIS F 182 16.62 -34.56 -71.95
C HIS F 182 16.79 -33.53 -70.83
N VAL F 183 17.00 -32.26 -71.21
CA VAL F 183 17.25 -31.23 -70.24
C VAL F 183 16.12 -30.21 -70.20
N THR F 184 15.56 -30.02 -69.01
CA THR F 184 14.55 -28.99 -68.74
C THR F 184 15.27 -27.96 -67.89
N ALA F 185 15.17 -26.68 -68.21
CA ALA F 185 15.89 -25.65 -67.46
C ALA F 185 15.03 -24.48 -67.00
N THR F 186 15.37 -23.93 -65.84
CA THR F 186 14.73 -22.69 -65.38
C THR F 186 15.72 -21.53 -65.29
N CYS F 187 15.24 -20.34 -65.57
CA CYS F 187 16.06 -19.13 -65.53
C CYS F 187 15.15 -17.92 -65.64
N GLY F 188 15.73 -16.75 -65.56
CA GLY F 188 14.93 -15.55 -65.68
C GLY F 188 14.44 -15.38 -67.09
N ALA F 189 13.36 -14.63 -67.26
CA ALA F 189 12.84 -14.34 -68.59
C ALA F 189 13.92 -13.84 -69.59
N ARG F 190 14.83 -12.97 -69.14
CA ARG F 190 15.86 -12.40 -70.02
C ARG F 190 16.79 -13.44 -70.64
N ASN F 191 17.04 -14.50 -69.89
CA ASN F 191 18.05 -15.48 -70.25
C ASN F 191 17.48 -16.69 -70.97
N ILE F 192 16.17 -16.67 -71.22
CA ILE F 192 15.50 -17.81 -71.79
C ILE F 192 16.09 -18.22 -73.16
N GLU F 193 16.45 -17.26 -73.98
CA GLU F 193 17.07 -17.58 -75.26
C GLU F 193 18.49 -18.11 -75.07
N PHE F 194 19.20 -17.54 -74.11
CA PHE F 194 20.58 -17.95 -73.84
C PHE F 194 20.65 -19.39 -73.39
N VAL F 195 19.73 -19.80 -72.51
CA VAL F 195 19.74 -21.16 -71.99
C VAL F 195 19.35 -22.15 -73.09
N LYS F 196 18.49 -21.73 -74.01
CA LYS F 196 18.18 -22.57 -75.15
C LYS F 196 19.46 -22.90 -75.92
N SER F 197 20.32 -21.91 -76.06
CA SER F 197 21.51 -22.04 -76.87
C SER F 197 22.56 -22.95 -76.21
N LEU F 198 22.40 -23.21 -74.93
CA LEU F 198 23.32 -24.12 -74.26
C LEU F 198 22.95 -25.56 -74.55
N GLY F 199 21.78 -25.75 -75.17
CA GLY F 199 21.28 -27.06 -75.53
C GLY F 199 20.09 -27.57 -74.75
N ALA F 200 19.53 -26.73 -73.89
CA ALA F 200 18.36 -27.13 -73.13
C ALA F 200 17.23 -27.44 -74.10
N ASP F 201 16.54 -28.54 -73.85
CA ASP F 201 15.36 -28.95 -74.63
C ASP F 201 14.11 -28.14 -74.24
N GLU F 202 13.90 -27.92 -72.95
CA GLU F 202 12.82 -27.08 -72.48
C GLU F 202 13.34 -26.01 -71.54
N VAL F 203 12.85 -24.77 -71.68
CA VAL F 203 13.28 -23.69 -70.79
C VAL F 203 12.09 -22.90 -70.20
N LEU F 204 12.08 -22.76 -68.88
CA LEU F 204 10.95 -22.16 -68.16
C LEU F 204 11.34 -20.86 -67.41
N ASP F 205 10.54 -19.82 -67.59
CA ASP F 205 10.70 -18.60 -66.81
C ASP F 205 10.24 -18.92 -65.40
N TYR F 206 11.15 -18.82 -64.43
CA TYR F 206 10.83 -19.25 -63.08
C TYR F 206 9.77 -18.40 -62.37
N LYS F 207 9.40 -17.28 -62.98
CA LYS F 207 8.42 -16.39 -62.38
C LYS F 207 7.00 -16.79 -62.88
N THR F 208 6.97 -17.67 -63.89
CA THR F 208 5.72 -18.16 -64.50
C THR F 208 5.28 -19.54 -64.01
N PRO F 209 3.96 -19.81 -64.05
CA PRO F 209 3.29 -21.05 -63.61
C PRO F 209 4.08 -22.33 -63.81
N GLU F 210 4.32 -22.72 -65.06
CA GLU F 210 5.14 -23.87 -65.37
C GLU F 210 6.52 -23.85 -64.67
N GLY F 211 7.18 -22.70 -64.63
CA GLY F 211 8.52 -22.60 -64.06
C GLY F 211 8.55 -22.53 -62.55
N ALA F 212 7.43 -22.12 -61.97
CA ALA F 212 7.37 -22.04 -60.54
C ALA F 212 6.97 -23.41 -59.94
N ALA F 213 6.32 -24.23 -60.75
CA ALA F 213 5.93 -25.55 -60.29
C ALA F 213 6.96 -26.52 -60.80
N LEU F 214 7.84 -26.00 -61.67
CA LEU F 214 8.78 -26.81 -62.46
C LEU F 214 8.09 -27.92 -63.33
N LYS F 215 6.85 -27.66 -63.77
CA LYS F 215 6.18 -28.67 -64.59
C LYS F 215 6.61 -28.57 -66.07
N SER F 216 7.44 -29.53 -66.46
CA SER F 216 7.78 -29.79 -67.84
C SER F 216 6.60 -29.86 -68.83
N PRO F 217 6.63 -29.02 -69.86
CA PRO F 217 5.72 -29.02 -70.99
C PRO F 217 5.62 -30.32 -71.73
N SER F 218 6.67 -31.12 -71.74
CA SER F 218 6.52 -32.48 -72.25
C SER F 218 5.95 -33.36 -71.15
N GLY F 219 5.52 -32.79 -70.03
CA GLY F 219 5.05 -33.62 -68.94
C GLY F 219 6.13 -34.59 -68.46
N LYS F 220 7.39 -34.26 -68.69
CA LYS F 220 8.51 -35.06 -68.20
C LYS F 220 8.55 -35.15 -66.66
N LYS F 221 8.93 -36.32 -66.16
CA LYS F 221 9.28 -36.44 -64.75
C LYS F 221 10.81 -36.55 -64.69
N TYR F 222 11.43 -35.85 -63.76
CA TYR F 222 12.89 -35.78 -63.74
C TYR F 222 13.51 -36.91 -62.95
N ASP F 223 14.54 -37.53 -63.52
CA ASP F 223 15.31 -38.52 -62.79
C ASP F 223 16.29 -37.85 -61.85
N ALA F 224 16.73 -36.66 -62.22
CA ALA F 224 17.65 -35.92 -61.37
C ALA F 224 17.53 -34.44 -61.62
N VAL F 225 17.78 -33.66 -60.57
CA VAL F 225 17.79 -32.22 -60.65
C VAL F 225 19.14 -31.70 -60.19
N VAL F 226 19.85 -31.00 -61.07
CA VAL F 226 20.99 -30.22 -60.63
C VAL F 226 20.45 -28.88 -60.14
N HIS F 227 20.21 -28.79 -58.83
CA HIS F 227 19.51 -27.66 -58.21
C HIS F 227 20.46 -26.53 -57.84
N CYS F 228 20.48 -25.48 -58.66
CA CYS F 228 21.44 -24.40 -58.45
C CYS F 228 20.79 -23.17 -57.85
N ALA F 229 19.45 -23.11 -57.90
CA ALA F 229 18.70 -22.00 -57.33
C ALA F 229 18.56 -22.20 -55.81
N ASN F 230 17.80 -21.34 -55.11
CA ASN F 230 17.83 -21.43 -53.65
C ASN F 230 16.51 -21.46 -52.92
N GLY F 231 15.50 -20.78 -53.45
CA GLY F 231 14.26 -20.65 -52.72
C GLY F 231 13.26 -21.80 -52.78
N ILE F 232 13.70 -23.01 -53.11
CA ILE F 232 12.73 -24.08 -53.41
C ILE F 232 12.73 -25.22 -52.37
N PRO F 233 11.56 -25.48 -51.75
CA PRO F 233 11.41 -26.57 -50.80
C PRO F 233 11.15 -27.86 -51.52
N PHE F 234 11.40 -28.98 -50.87
CA PHE F 234 11.30 -30.28 -51.53
C PHE F 234 9.91 -30.53 -52.07
N SER F 235 8.89 -30.02 -51.36
CA SER F 235 7.49 -30.00 -51.80
C SER F 235 7.31 -29.71 -53.30
N VAL F 236 8.03 -28.71 -53.81
CA VAL F 236 7.84 -28.28 -55.20
C VAL F 236 8.49 -29.27 -56.17
N PHE F 237 9.59 -29.87 -55.75
CA PHE F 237 10.27 -30.85 -56.61
C PHE F 237 9.45 -32.12 -56.73
N GLU F 238 9.04 -32.63 -55.57
CA GLU F 238 8.47 -33.97 -55.41
C GLU F 238 7.52 -34.43 -56.55
N PRO F 239 6.42 -33.71 -56.79
CA PRO F 239 5.53 -34.24 -57.83
C PRO F 239 6.13 -34.28 -59.22
N ASN F 240 7.23 -33.56 -59.45
CA ASN F 240 7.87 -33.57 -60.74
C ASN F 240 8.95 -34.63 -60.86
N LEU F 241 9.26 -35.28 -59.75
CA LEU F 241 10.31 -36.29 -59.78
C LEU F 241 9.78 -37.60 -60.30
N SER F 242 10.62 -38.34 -61.00
CA SER F 242 10.34 -39.74 -61.29
C SER F 242 10.24 -40.57 -59.98
N GLU F 243 9.98 -41.87 -60.08
CA GLU F 243 9.74 -42.67 -58.88
C GLU F 243 10.94 -42.67 -57.93
N ASN F 244 12.14 -42.67 -58.49
CA ASN F 244 13.33 -42.64 -57.66
C ASN F 244 14.21 -41.43 -57.90
N GLY F 245 13.60 -40.32 -58.33
CA GLY F 245 14.30 -39.09 -58.63
C GLY F 245 15.11 -38.52 -57.48
N LYS F 246 16.27 -37.96 -57.81
CA LYS F 246 17.10 -37.31 -56.82
C LYS F 246 17.19 -35.82 -57.15
N VAL F 247 16.91 -34.97 -56.17
CA VAL F 247 17.23 -33.55 -56.30
C VAL F 247 18.62 -33.30 -55.65
N ILE F 248 19.54 -32.80 -56.45
CA ILE F 248 20.92 -32.58 -56.03
C ILE F 248 21.14 -31.09 -55.71
N ASP F 249 21.15 -30.76 -54.42
CA ASP F 249 21.37 -29.39 -53.99
C ASP F 249 22.88 -29.11 -54.02
N ILE F 250 23.33 -28.28 -54.95
CA ILE F 250 24.75 -28.00 -55.08
C ILE F 250 25.16 -26.82 -54.22
N THR F 251 24.22 -26.29 -53.45
CA THR F 251 24.51 -25.21 -52.51
C THR F 251 23.71 -25.40 -51.21
N PRO F 252 23.98 -26.51 -50.50
CA PRO F 252 23.09 -27.04 -49.45
C PRO F 252 23.19 -26.32 -48.12
N GLY F 253 22.07 -25.89 -47.56
CA GLY F 253 22.10 -25.28 -46.25
C GLY F 253 21.59 -26.24 -45.21
N PRO F 254 21.25 -25.71 -44.03
CA PRO F 254 20.72 -26.52 -42.95
C PRO F 254 19.42 -27.21 -43.36
N ASN F 255 18.56 -26.52 -44.11
CA ASN F 255 17.33 -27.12 -44.62
C ASN F 255 17.61 -28.34 -45.49
N ALA F 256 18.56 -28.20 -46.40
CA ALA F 256 18.86 -29.34 -47.27
C ALA F 256 19.45 -30.47 -46.45
N MET F 257 20.40 -30.14 -45.60
CA MET F 257 21.00 -31.11 -44.70
C MET F 257 19.96 -31.89 -43.91
N TRP F 258 18.98 -31.18 -43.35
CA TRP F 258 17.93 -31.80 -42.57
C TRP F 258 17.05 -32.67 -43.43
N THR F 259 16.64 -32.12 -44.56
CA THR F 259 15.80 -32.85 -45.48
C THR F 259 16.46 -34.15 -45.87
N TYR F 260 17.76 -34.06 -46.20
CA TYR F 260 18.61 -35.21 -46.51
C TYR F 260 18.51 -36.31 -45.44
N ALA F 261 18.61 -35.89 -44.18
CA ALA F 261 18.56 -36.80 -43.06
C ALA F 261 17.22 -37.47 -42.99
N VAL F 262 16.16 -36.69 -43.12
CA VAL F 262 14.83 -37.22 -42.92
C VAL F 262 14.46 -38.20 -44.02
N LYS F 263 14.73 -37.79 -45.26
CA LYS F 263 14.48 -38.65 -46.41
C LYS F 263 15.28 -39.97 -46.32
N LYS F 264 16.41 -39.92 -45.62
CA LYS F 264 17.29 -41.06 -45.53
C LYS F 264 16.72 -41.99 -44.51
N ILE F 265 16.39 -41.42 -43.36
CA ILE F 265 15.93 -42.21 -42.24
C ILE F 265 14.51 -42.76 -42.46
N THR F 266 13.74 -42.14 -43.35
CA THR F 266 12.41 -42.64 -43.68
C THR F 266 12.41 -43.41 -44.98
N MET F 267 13.62 -43.68 -45.49
CA MET F 267 13.81 -44.46 -46.69
C MET F 267 12.92 -43.99 -47.83
N SER F 268 12.80 -42.67 -48.00
CA SER F 268 12.03 -42.10 -49.10
C SER F 268 12.64 -42.53 -50.42
N LYS F 269 11.80 -42.96 -51.36
CA LYS F 269 12.34 -43.44 -52.63
C LYS F 269 12.87 -42.23 -53.41
N LYS F 270 12.18 -41.10 -53.31
CA LYS F 270 12.68 -39.83 -53.85
C LYS F 270 13.61 -39.19 -52.81
N GLN F 271 14.78 -38.74 -53.26
CA GLN F 271 15.89 -38.41 -52.36
C GLN F 271 16.41 -36.99 -52.53
N LEU F 272 16.85 -36.35 -51.46
CA LEU F 272 17.55 -35.09 -51.62
C LEU F 272 19.02 -35.28 -51.28
N VAL F 273 19.87 -35.00 -52.25
CA VAL F 273 21.31 -35.23 -52.12
C VAL F 273 22.08 -33.92 -52.03
N PRO F 274 22.65 -33.62 -50.86
CA PRO F 274 23.55 -32.46 -50.73
C PRO F 274 24.85 -32.76 -51.44
N LEU F 275 25.38 -31.81 -52.18
CA LEU F 275 26.63 -32.05 -52.88
C LEU F 275 27.75 -31.23 -52.32
N LEU F 276 28.83 -31.88 -51.90
CA LEU F 276 30.07 -31.17 -51.67
C LEU F 276 31.08 -31.57 -52.74
N LEU F 277 31.64 -30.58 -53.43
CA LEU F 277 32.62 -30.85 -54.46
C LEU F 277 33.90 -31.45 -53.89
N ILE F 278 34.40 -32.48 -54.57
CA ILE F 278 35.78 -32.91 -54.37
C ILE F 278 36.59 -32.71 -55.66
N PRO F 279 37.30 -31.60 -55.75
CA PRO F 279 38.05 -31.27 -56.97
C PRO F 279 39.19 -32.25 -57.20
N LYS F 280 39.15 -32.97 -58.32
CA LYS F 280 40.23 -33.90 -58.63
C LYS F 280 40.84 -33.50 -59.96
N ALA F 281 42.16 -33.54 -60.05
CA ALA F 281 42.86 -33.05 -61.24
C ALA F 281 42.44 -33.74 -62.53
N GLU F 282 42.09 -35.02 -62.45
CA GLU F 282 41.60 -35.77 -63.60
C GLU F 282 40.39 -35.12 -64.22
N ASN F 283 39.47 -34.67 -63.36
CA ASN F 283 38.25 -34.02 -63.79
C ASN F 283 38.47 -32.68 -64.38
N LEU F 284 39.34 -31.90 -63.77
CA LEU F 284 39.67 -30.59 -64.34
C LEU F 284 40.30 -30.78 -65.71
N GLU F 285 41.22 -31.72 -65.84
CA GLU F 285 41.85 -32.01 -67.12
C GLU F 285 40.80 -32.36 -68.16
N PHE F 286 39.84 -33.17 -67.75
CA PHE F 286 38.73 -33.59 -68.58
C PHE F 286 37.89 -32.41 -69.09
N MET F 287 37.48 -31.52 -68.17
CA MET F 287 36.67 -30.35 -68.49
C MET F 287 37.42 -29.42 -69.44
N VAL F 288 38.72 -29.28 -69.19
CA VAL F 288 39.56 -28.45 -70.04
C VAL F 288 39.55 -28.98 -71.46
N ASN F 289 39.65 -30.29 -71.62
CA ASN F 289 39.59 -30.92 -72.93
C ASN F 289 38.27 -30.66 -73.63
N LEU F 290 37.20 -30.71 -72.86
CA LEU F 290 35.87 -30.51 -73.41
C LEU F 290 35.77 -29.11 -73.96
N VAL F 291 36.37 -28.15 -73.28
CA VAL F 291 36.38 -26.77 -73.76
C VAL F 291 37.26 -26.66 -75.01
N LYS F 292 38.44 -27.30 -74.98
CA LYS F 292 39.34 -27.33 -76.12
C LYS F 292 38.68 -27.90 -77.35
N GLU F 293 37.96 -29.00 -77.18
CA GLU F 293 37.32 -29.68 -78.29
C GLU F 293 36.00 -29.04 -78.69
N GLY F 294 35.66 -27.94 -78.03
CA GLY F 294 34.44 -27.22 -78.34
C GLY F 294 33.15 -27.88 -77.88
N LYS F 295 33.25 -29.01 -77.18
CA LYS F 295 32.05 -29.72 -76.70
C LYS F 295 31.39 -28.98 -75.53
N VAL F 296 32.13 -28.07 -74.90
CA VAL F 296 31.62 -27.23 -73.82
C VAL F 296 32.19 -25.82 -73.97
N LYS F 297 31.33 -24.81 -73.94
CA LYS F 297 31.82 -23.44 -73.98
C LYS F 297 31.60 -22.75 -72.64
N THR F 298 32.61 -22.02 -72.19
CA THR F 298 32.52 -21.16 -71.02
C THR F 298 31.90 -19.84 -71.39
N VAL F 299 30.78 -19.47 -70.80
CA VAL F 299 30.33 -18.11 -71.09
C VAL F 299 30.85 -17.21 -69.96
N ILE F 300 31.40 -16.05 -70.34
CA ILE F 300 31.90 -15.08 -69.38
C ILE F 300 30.92 -13.91 -69.23
N ASP F 301 30.48 -13.66 -67.99
CA ASP F 301 29.50 -12.60 -67.76
C ASP F 301 30.16 -11.25 -67.91
N SER F 302 31.37 -11.12 -67.41
CA SER F 302 32.07 -9.85 -67.43
C SER F 302 33.54 -10.04 -67.08
N LYS F 303 34.38 -9.12 -67.55
CA LYS F 303 35.79 -9.10 -67.21
C LYS F 303 36.12 -7.79 -66.51
N HIS F 304 36.77 -7.89 -65.35
CA HIS F 304 37.17 -6.72 -64.58
C HIS F 304 38.65 -6.76 -64.26
N PRO F 305 39.29 -5.58 -64.26
CA PRO F 305 40.70 -5.53 -63.87
C PRO F 305 40.84 -5.63 -62.36
N LEU F 306 41.92 -6.25 -61.88
CA LEU F 306 42.16 -6.40 -60.46
C LEU F 306 42.05 -5.08 -59.71
N SER F 307 42.39 -3.99 -60.38
CA SER F 307 42.32 -2.64 -59.80
C SER F 307 40.89 -2.24 -59.50
N LYS F 308 39.95 -2.88 -60.18
CA LYS F 308 38.54 -2.55 -59.99
C LYS F 308 37.76 -3.81 -59.59
N ALA F 309 38.43 -4.72 -58.87
CA ALA F 309 37.85 -6.04 -58.53
C ALA F 309 36.58 -5.96 -57.67
N GLU F 310 36.45 -4.92 -56.85
CA GLU F 310 35.24 -4.73 -56.04
C GLU F 310 33.98 -4.74 -56.90
N ASP F 311 34.07 -4.15 -58.09
CA ASP F 311 32.96 -4.21 -59.04
C ASP F 311 32.57 -5.65 -59.32
N ALA F 312 33.55 -6.50 -59.58
CA ALA F 312 33.28 -7.90 -59.86
C ALA F 312 32.66 -8.57 -58.63
N TRP F 313 33.17 -8.22 -57.46
CA TRP F 313 32.69 -8.74 -56.19
C TRP F 313 31.22 -8.37 -55.97
N ALA F 314 30.89 -7.12 -56.20
CA ALA F 314 29.51 -6.66 -56.08
C ALA F 314 28.58 -7.35 -57.09
N LYS F 315 29.06 -7.54 -58.30
CA LYS F 315 28.29 -8.20 -59.35
C LYS F 315 27.97 -9.63 -58.88
N SER F 316 28.96 -10.28 -58.26
CA SER F 316 28.78 -11.63 -57.75
C SER F 316 27.77 -11.62 -56.64
N ILE F 317 27.95 -10.70 -55.70
CA ILE F 317 26.98 -10.56 -54.60
C ILE F 317 25.52 -10.33 -55.06
N ASP F 318 25.30 -9.50 -56.08
CA ASP F 318 23.99 -9.36 -56.72
C ASP F 318 23.52 -10.66 -57.34
N GLY F 319 24.46 -11.43 -57.85
CA GLY F 319 24.15 -12.73 -58.39
C GLY F 319 23.19 -12.76 -59.55
N HIS F 320 23.22 -11.73 -60.38
CA HIS F 320 22.45 -11.77 -61.61
C HIS F 320 23.38 -12.13 -62.77
N ALA F 321 24.59 -12.55 -62.45
CA ALA F 321 25.58 -12.88 -63.44
C ALA F 321 25.09 -13.97 -64.40
N THR F 322 25.45 -13.84 -65.66
CA THR F 322 25.13 -14.88 -66.62
C THR F 322 26.39 -15.60 -66.98
N GLY F 323 26.56 -16.83 -66.48
CA GLY F 323 27.83 -17.52 -66.62
C GLY F 323 28.80 -17.09 -65.53
N LYS F 324 30.06 -16.86 -65.88
CA LYS F 324 31.05 -16.64 -64.83
C LYS F 324 31.72 -15.28 -64.88
N ILE F 325 31.91 -14.68 -63.71
CA ILE F 325 32.57 -13.40 -63.55
C ILE F 325 34.09 -13.56 -63.42
N ILE F 326 34.85 -12.82 -64.24
CA ILE F 326 36.30 -12.96 -64.32
C ILE F 326 37.05 -11.70 -63.87
N VAL F 327 38.13 -11.87 -63.12
CA VAL F 327 39.03 -10.78 -62.81
C VAL F 327 40.40 -11.04 -63.40
N GLU F 328 40.84 -10.13 -64.25
CA GLU F 328 42.10 -10.22 -64.95
C GLU F 328 43.02 -9.14 -64.38
N PRO F 329 44.34 -9.24 -64.63
CA PRO F 329 45.20 -8.16 -64.16
C PRO F 329 45.19 -6.94 -65.09
N LEU G 5 63.22 -11.76 -31.88
CA LEU G 5 63.04 -13.18 -32.23
C LEU G 5 63.23 -14.10 -30.99
N MET G 6 62.63 -15.28 -31.02
CA MET G 6 62.48 -16.10 -29.81
C MET G 6 62.18 -17.60 -30.02
N HIS G 7 62.47 -18.38 -28.99
CA HIS G 7 62.20 -19.81 -28.96
C HIS G 7 60.69 -20.07 -28.83
N ALA G 8 60.28 -21.22 -29.34
CA ALA G 8 58.90 -21.68 -29.23
C ALA G 8 58.75 -23.11 -29.69
N LEU G 9 57.58 -23.69 -29.42
CA LEU G 9 57.27 -25.02 -29.90
C LEU G 9 56.10 -25.01 -30.88
N GLN G 10 56.25 -25.76 -31.97
CA GLN G 10 55.31 -25.78 -33.06
C GLN G 10 55.02 -27.18 -33.47
N TYR G 11 53.79 -27.44 -33.86
CA TYR G 11 53.54 -28.60 -34.70
C TYR G 11 53.03 -28.09 -36.05
N ASN G 12 53.39 -28.80 -37.12
CA ASN G 12 53.07 -28.39 -38.47
C ASN G 12 52.15 -29.37 -39.14
N SER G 13 51.53 -30.23 -38.34
CA SER G 13 50.91 -31.41 -38.89
C SER G 13 50.03 -32.07 -37.84
N TYR G 14 48.96 -32.74 -38.26
CA TYR G 14 48.14 -33.51 -37.33
C TYR G 14 48.85 -34.80 -36.94
N GLY G 15 48.54 -35.28 -35.74
CA GLY G 15 48.90 -36.62 -35.31
C GLY G 15 50.31 -36.85 -34.80
N GLY G 16 51.12 -35.80 -34.76
CA GLY G 16 52.49 -35.96 -34.32
C GLY G 16 52.69 -36.52 -32.92
N GLY G 17 51.82 -36.18 -31.98
CA GLY G 17 52.09 -36.45 -30.59
C GLY G 17 53.23 -35.56 -30.12
N ALA G 18 53.95 -35.99 -29.09
CA ALA G 18 55.03 -35.18 -28.57
C ALA G 18 56.21 -35.17 -29.53
N ALA G 19 56.29 -36.24 -30.31
CA ALA G 19 57.31 -36.35 -31.33
C ALA G 19 57.14 -35.24 -32.35
N GLY G 20 55.88 -34.93 -32.68
CA GLY G 20 55.57 -33.92 -33.68
C GLY G 20 55.85 -32.47 -33.28
N LEU G 21 56.15 -32.25 -32.01
CA LEU G 21 56.49 -30.91 -31.57
C LEU G 21 57.88 -30.59 -32.08
N GLU G 22 58.11 -29.34 -32.47
CA GLU G 22 59.45 -28.91 -32.91
C GLU G 22 59.86 -27.64 -32.19
N HIS G 23 61.10 -27.62 -31.70
CA HIS G 23 61.62 -26.37 -31.17
C HIS G 23 62.03 -25.49 -32.34
N VAL G 24 61.64 -24.23 -32.29
CA VAL G 24 61.88 -23.34 -33.40
C VAL G 24 62.18 -21.96 -32.86
N GLN G 25 62.84 -21.15 -33.69
CA GLN G 25 62.97 -19.77 -33.33
C GLN G 25 62.07 -19.01 -34.29
N VAL G 26 61.33 -18.08 -33.70
CA VAL G 26 60.18 -17.42 -34.33
C VAL G 26 60.17 -15.96 -33.91
N PRO G 27 59.73 -15.07 -34.81
CA PRO G 27 59.60 -13.66 -34.47
C PRO G 27 58.73 -13.38 -33.25
N VAL G 28 59.22 -12.56 -32.34
CA VAL G 28 58.44 -12.09 -31.20
C VAL G 28 57.18 -11.38 -31.70
N PRO G 29 56.01 -11.80 -31.22
CA PRO G 29 54.80 -11.17 -31.73
C PRO G 29 54.69 -9.68 -31.36
N THR G 30 53.91 -8.94 -32.13
CA THR G 30 53.69 -7.53 -31.86
C THR G 30 52.25 -7.29 -31.44
N PRO G 31 52.06 -6.61 -30.31
CA PRO G 31 50.72 -6.33 -29.78
C PRO G 31 49.91 -5.39 -30.66
N LYS G 32 48.65 -5.74 -30.88
CA LYS G 32 47.76 -4.85 -31.64
C LYS G 32 47.16 -3.80 -30.71
N SER G 33 46.22 -3.01 -31.22
CA SER G 33 45.63 -1.88 -30.49
C SER G 33 45.24 -2.23 -29.04
N ASN G 34 44.56 -3.38 -28.92
CA ASN G 34 43.97 -3.91 -27.67
C ASN G 34 44.84 -4.91 -26.89
N GLU G 35 45.93 -5.34 -27.49
CA GLU G 35 46.69 -6.45 -26.95
C GLU G 35 47.85 -5.99 -26.05
N VAL G 36 48.33 -6.88 -25.19
CA VAL G 36 49.58 -6.63 -24.49
C VAL G 36 50.55 -7.76 -24.80
N CYS G 37 51.84 -7.44 -24.78
CA CYS G 37 52.85 -8.46 -25.03
C CYS G 37 53.52 -8.88 -23.72
N LEU G 38 53.60 -10.19 -23.49
CA LEU G 38 54.13 -10.74 -22.25
C LEU G 38 55.43 -11.53 -22.42
N LYS G 39 56.42 -11.22 -21.58
CA LYS G 39 57.52 -12.14 -21.35
C LYS G 39 57.00 -13.23 -20.42
N LEU G 40 56.94 -14.45 -20.93
CA LEU G 40 56.25 -15.54 -20.20
C LEU G 40 57.08 -16.05 -19.02
N GLU G 41 56.40 -16.24 -17.88
CA GLU G 41 57.04 -16.81 -16.69
C GLU G 41 56.51 -18.21 -16.42
N ALA G 42 55.29 -18.48 -16.85
CA ALA G 42 54.73 -19.82 -16.69
C ALA G 42 53.60 -20.04 -17.70
N THR G 43 53.54 -21.24 -18.24
CA THR G 43 52.48 -21.61 -19.13
C THR G 43 51.85 -22.93 -18.66
N SER G 44 50.53 -23.04 -18.76
CA SER G 44 49.85 -24.23 -18.31
C SER G 44 49.24 -24.99 -19.49
N LEU G 45 49.31 -26.32 -19.44
CA LEU G 45 48.69 -27.15 -20.48
C LEU G 45 47.25 -27.57 -20.12
N ASN G 46 46.44 -27.74 -21.17
CA ASN G 46 45.09 -28.27 -21.04
C ASN G 46 44.93 -29.35 -22.08
N PRO G 47 44.10 -30.36 -21.79
CA PRO G 47 43.92 -31.50 -22.70
C PRO G 47 43.52 -31.10 -24.11
N VAL G 48 42.75 -30.01 -24.23
CA VAL G 48 42.38 -29.45 -25.51
C VAL G 48 43.60 -29.30 -26.41
N ASP G 49 44.68 -28.83 -25.81
CA ASP G 49 45.88 -28.46 -26.54
C ASP G 49 46.43 -29.64 -27.39
N TRP G 50 46.51 -30.83 -26.80
CA TRP G 50 47.02 -31.97 -27.58
C TRP G 50 45.93 -32.64 -28.42
N LYS G 51 44.68 -32.48 -28.00
CA LYS G 51 43.57 -32.97 -28.80
C LYS G 51 43.49 -32.25 -30.13
N ILE G 52 43.70 -30.93 -30.10
CA ILE G 52 43.70 -30.15 -31.35
C ILE G 52 44.71 -30.72 -32.34
N GLN G 53 45.88 -31.07 -31.81
CA GLN G 53 46.96 -31.63 -32.61
C GLN G 53 46.59 -33.01 -33.12
N LYS G 54 45.92 -33.82 -32.31
CA LYS G 54 45.55 -35.16 -32.78
C LYS G 54 44.58 -35.01 -33.95
N GLY G 55 43.84 -33.91 -33.96
CA GLY G 55 42.92 -33.60 -35.04
C GLY G 55 41.47 -33.75 -34.59
N MET G 56 41.30 -33.92 -33.30
CA MET G 56 39.97 -34.18 -32.77
C MET G 56 39.08 -32.96 -32.84
N ILE G 57 39.67 -31.78 -33.04
CA ILE G 57 38.86 -30.56 -33.01
C ILE G 57 38.63 -30.05 -34.43
N ARG G 58 38.99 -30.88 -35.41
CA ARG G 58 38.66 -30.55 -36.77
C ARG G 58 37.14 -30.61 -36.96
N PRO G 59 36.60 -29.70 -37.78
CA PRO G 59 37.29 -28.73 -38.64
C PRO G 59 37.48 -27.35 -38.01
N PHE G 60 37.15 -27.18 -36.73
CA PHE G 60 37.28 -25.88 -36.08
C PHE G 60 38.72 -25.45 -35.73
N LEU G 61 39.52 -26.39 -35.24
CA LEU G 61 40.90 -26.10 -34.85
C LEU G 61 41.85 -27.21 -35.27
N PRO G 62 43.12 -26.85 -35.53
CA PRO G 62 43.70 -25.50 -35.50
C PRO G 62 43.32 -24.74 -36.75
N ARG G 63 43.44 -23.43 -36.68
CA ARG G 63 43.06 -22.64 -37.83
C ARG G 63 44.05 -22.76 -39.03
N LYS G 64 45.34 -22.51 -38.76
CA LYS G 64 46.40 -22.71 -39.76
C LYS G 64 47.57 -23.43 -39.11
N PHE G 65 48.34 -24.15 -39.90
CA PHE G 65 49.64 -24.62 -39.44
C PHE G 65 50.71 -23.59 -39.83
N PRO G 66 51.79 -23.50 -39.06
CA PRO G 66 52.12 -24.26 -37.86
C PRO G 66 51.45 -23.65 -36.65
N CYS G 67 51.28 -24.45 -35.60
CA CYS G 67 50.55 -23.99 -34.45
C CYS G 67 51.45 -24.04 -33.22
N ILE G 68 51.50 -22.93 -32.48
CA ILE G 68 52.19 -22.87 -31.18
C ILE G 68 51.17 -23.06 -30.06
N PRO G 69 51.24 -24.21 -29.35
CA PRO G 69 50.19 -24.66 -28.41
C PRO G 69 50.09 -23.86 -27.13
N ALA G 70 48.96 -24.06 -26.44
CA ALA G 70 48.68 -23.58 -25.06
C ALA G 70 48.09 -22.16 -25.01
N THR G 71 47.20 -21.98 -24.05
CA THR G 71 46.47 -20.73 -23.92
C THR G 71 46.64 -20.09 -22.53
N ASP G 72 46.93 -20.92 -21.52
CA ASP G 72 46.99 -20.46 -20.12
C ASP G 72 48.39 -20.01 -19.75
N VAL G 73 48.47 -18.77 -19.30
CA VAL G 73 49.72 -18.05 -19.37
C VAL G 73 49.86 -17.00 -18.25
N ALA G 74 51.07 -16.86 -17.75
CA ALA G 74 51.36 -15.86 -16.74
C ALA G 74 52.75 -15.30 -16.97
N GLY G 75 52.91 -13.99 -16.81
CA GLY G 75 54.16 -13.36 -17.14
C GLY G 75 54.20 -11.88 -16.86
N GLU G 76 55.23 -11.22 -17.37
CA GLU G 76 55.40 -9.79 -17.16
C GLU G 76 55.14 -9.02 -18.45
N VAL G 77 54.36 -7.97 -18.35
CA VAL G 77 54.10 -7.11 -19.49
C VAL G 77 55.40 -6.46 -20.02
N VAL G 78 55.68 -6.70 -21.29
CA VAL G 78 56.85 -6.15 -21.95
C VAL G 78 56.49 -4.90 -22.73
N GLU G 79 55.30 -4.90 -23.31
CA GLU G 79 54.87 -3.84 -24.21
C GLU G 79 53.34 -3.87 -24.37
N VAL G 80 52.72 -2.70 -24.45
CA VAL G 80 51.28 -2.66 -24.66
C VAL G 80 50.96 -2.00 -25.99
N GLY G 81 49.73 -2.18 -26.46
CA GLY G 81 49.28 -1.56 -27.69
C GLY G 81 48.76 -0.17 -27.41
N SER G 82 48.50 0.60 -28.45
CA SER G 82 48.02 1.98 -28.33
C SER G 82 46.75 2.15 -27.47
N GLY G 83 45.82 1.19 -27.56
CA GLY G 83 44.56 1.30 -26.87
C GLY G 83 44.57 0.82 -25.41
N VAL G 84 45.67 0.19 -25.02
CA VAL G 84 45.71 -0.42 -23.70
C VAL G 84 45.74 0.61 -22.57
N LYS G 85 44.73 0.55 -21.71
CA LYS G 85 44.59 1.53 -20.64
C LYS G 85 45.07 1.02 -19.28
N ASN G 86 44.79 -0.23 -18.98
CA ASN G 86 44.97 -0.74 -17.61
C ASN G 86 46.31 -1.41 -17.27
N PHE G 87 47.19 -1.56 -18.26
CA PHE G 87 48.47 -2.24 -18.01
C PHE G 87 49.65 -1.46 -18.57
N LYS G 88 50.73 -1.49 -17.81
CA LYS G 88 51.99 -0.86 -18.21
C LYS G 88 53.11 -1.90 -18.22
N ALA G 89 54.21 -1.58 -18.89
CA ALA G 89 55.36 -2.47 -18.90
C ALA G 89 55.83 -2.70 -17.46
N GLY G 90 56.22 -3.93 -17.15
CA GLY G 90 56.66 -4.26 -15.82
C GLY G 90 55.58 -4.94 -15.00
N ASP G 91 54.32 -4.67 -15.33
CA ASP G 91 53.20 -5.30 -14.63
C ASP G 91 53.29 -6.83 -14.70
N LYS G 92 53.09 -7.48 -13.57
CA LYS G 92 52.93 -8.92 -13.58
C LYS G 92 51.47 -9.31 -13.85
N VAL G 93 51.24 -10.27 -14.74
CA VAL G 93 49.87 -10.68 -15.07
C VAL G 93 49.66 -12.18 -15.20
N VAL G 94 48.38 -12.54 -15.26
CA VAL G 94 47.94 -13.85 -15.74
C VAL G 94 46.95 -13.56 -16.86
N ALA G 95 46.97 -14.37 -17.91
CA ALA G 95 46.14 -14.08 -19.07
C ALA G 95 45.70 -15.33 -19.82
N VAL G 96 44.69 -15.14 -20.68
CA VAL G 96 44.22 -16.20 -21.56
C VAL G 96 44.45 -15.82 -23.00
N LEU G 97 45.34 -16.55 -23.68
CA LEU G 97 45.63 -16.31 -25.08
C LEU G 97 44.44 -16.75 -25.92
N SER G 98 44.32 -16.25 -27.14
CA SER G 98 43.24 -16.69 -28.01
C SER G 98 43.38 -18.16 -28.32
N HIS G 99 42.28 -18.88 -28.18
CA HIS G 99 42.24 -20.29 -28.53
C HIS G 99 42.39 -20.51 -30.04
N LEU G 100 42.40 -19.42 -30.81
CA LEU G 100 42.56 -19.47 -32.27
C LEU G 100 44.02 -19.39 -32.68
N GLY G 101 44.81 -18.65 -31.91
CA GLY G 101 46.20 -18.42 -32.26
C GLY G 101 47.22 -19.15 -31.41
N GLY G 102 46.77 -19.65 -30.26
CA GLY G 102 47.65 -20.32 -29.33
C GLY G 102 48.71 -19.38 -28.80
N GLY G 103 49.94 -19.88 -28.71
CA GLY G 103 51.06 -19.02 -28.34
C GLY G 103 51.73 -19.30 -26.99
N GLY G 104 51.11 -20.16 -26.19
CA GLY G 104 51.62 -20.45 -24.87
C GLY G 104 53.02 -21.01 -24.74
N LEU G 105 53.39 -21.97 -25.59
CA LEU G 105 54.73 -22.58 -25.50
C LEU G 105 55.80 -21.75 -26.21
N ALA G 106 56.12 -20.60 -25.64
CA ALA G 106 57.06 -19.65 -26.21
C ALA G 106 57.56 -18.70 -25.13
N GLU G 107 58.52 -17.86 -25.48
CA GLU G 107 59.07 -16.90 -24.52
C GLU G 107 58.20 -15.67 -24.42
N PHE G 108 57.49 -15.39 -25.51
CA PHE G 108 56.61 -14.22 -25.58
C PHE G 108 55.27 -14.55 -26.21
N ALA G 109 54.24 -13.84 -25.78
CA ALA G 109 52.91 -14.06 -26.31
C ALA G 109 52.12 -12.78 -26.20
N VAL G 110 51.17 -12.59 -27.11
CA VAL G 110 50.29 -11.44 -26.99
C VAL G 110 48.91 -11.87 -26.52
N ALA G 111 48.35 -11.13 -25.57
CA ALA G 111 47.00 -11.40 -25.07
C ALA G 111 46.18 -10.14 -25.22
N THR G 112 44.88 -10.30 -25.44
CA THR G 112 43.98 -9.13 -25.42
C THR G 112 43.88 -8.59 -24.01
N GLU G 113 43.65 -7.29 -23.91
CA GLU G 113 43.54 -6.66 -22.60
C GLU G 113 42.33 -7.20 -21.86
N LYS G 114 41.28 -7.54 -22.60
CA LYS G 114 40.03 -8.03 -22.02
C LYS G 114 40.17 -9.40 -21.36
N LEU G 115 41.29 -10.07 -21.65
CA LEU G 115 41.58 -11.35 -21.04
C LEU G 115 42.93 -11.35 -20.32
N THR G 116 43.30 -10.19 -19.79
CA THR G 116 44.53 -10.08 -19.01
C THR G 116 44.20 -9.52 -17.62
N VAL G 117 44.73 -10.15 -16.59
CA VAL G 117 44.48 -9.74 -15.22
C VAL G 117 45.78 -9.52 -14.47
N LYS G 118 45.87 -8.43 -13.71
CA LYS G 118 47.03 -8.20 -12.84
C LYS G 118 47.19 -9.32 -11.81
N ARG G 119 48.42 -9.85 -11.71
CA ARG G 119 48.78 -10.92 -10.77
C ARG G 119 49.41 -10.36 -9.51
N PRO G 120 48.71 -10.48 -8.36
CA PRO G 120 49.24 -9.95 -7.09
C PRO G 120 50.57 -10.61 -6.67
N GLN G 121 51.29 -9.94 -5.77
CA GLN G 121 52.59 -10.43 -5.31
C GLN G 121 52.45 -11.81 -4.63
N GLU G 122 51.30 -12.03 -3.99
CA GLU G 122 51.08 -13.22 -3.19
C GLU G 122 50.99 -14.48 -4.04
N VAL G 123 50.56 -14.33 -5.29
CA VAL G 123 50.30 -15.47 -6.15
C VAL G 123 51.43 -15.71 -7.16
N GLY G 124 52.05 -16.88 -7.09
CA GLY G 124 53.12 -17.24 -8.02
C GLY G 124 52.68 -17.21 -9.48
N ALA G 125 53.64 -17.32 -10.38
CA ALA G 125 53.32 -17.34 -11.79
C ALA G 125 52.80 -18.71 -12.23
N ALA G 126 53.36 -19.79 -11.66
CA ALA G 126 52.86 -21.12 -12.02
C ALA G 126 51.47 -21.36 -11.41
N GLU G 127 51.28 -20.90 -10.18
CA GLU G 127 49.98 -21.02 -9.49
C GLU G 127 48.89 -20.31 -10.28
N ALA G 128 49.23 -19.17 -10.87
CA ALA G 128 48.28 -18.34 -11.59
C ALA G 128 48.00 -18.88 -12.98
N ALA G 129 49.04 -19.30 -13.69
CA ALA G 129 48.91 -19.80 -15.05
C ALA G 129 48.04 -21.07 -15.12
N ALA G 130 47.99 -21.84 -14.04
CA ALA G 130 47.15 -23.03 -14.02
C ALA G 130 45.63 -22.69 -13.95
N LEU G 131 45.29 -21.48 -13.53
CA LEU G 131 43.91 -21.09 -13.30
C LEU G 131 43.01 -20.99 -14.54
N PRO G 132 43.39 -20.23 -15.59
CA PRO G 132 42.40 -19.83 -16.62
C PRO G 132 41.44 -20.92 -17.09
N VAL G 133 41.81 -21.75 -18.06
CA VAL G 133 40.85 -22.76 -18.56
C VAL G 133 40.28 -23.70 -17.48
N ALA G 134 41.15 -24.37 -16.73
CA ALA G 134 40.66 -25.31 -15.73
C ALA G 134 39.78 -24.63 -14.72
N GLY G 135 40.27 -23.52 -14.17
CA GLY G 135 39.62 -22.87 -13.04
C GLY G 135 38.31 -22.22 -13.46
N LEU G 136 38.34 -21.52 -14.59
CA LEU G 136 37.15 -20.83 -15.05
C LEU G 136 36.08 -21.80 -15.47
N THR G 137 36.49 -22.93 -16.05
CA THR G 137 35.57 -24.00 -16.40
C THR G 137 34.89 -24.52 -15.14
N ALA G 138 35.67 -24.86 -14.13
CA ALA G 138 35.11 -25.31 -12.87
C ALA G 138 34.14 -24.25 -12.34
N LEU G 139 34.57 -23.01 -12.39
CA LEU G 139 33.76 -21.90 -11.93
C LEU G 139 32.45 -21.80 -12.69
N GLN G 140 32.53 -21.88 -14.02
CA GLN G 140 31.34 -21.68 -14.84
C GLN G 140 30.33 -22.77 -14.59
N ALA G 141 30.81 -23.99 -14.49
CA ALA G 141 29.95 -25.16 -14.33
C ALA G 141 29.17 -25.06 -13.03
N LEU G 142 29.85 -24.64 -11.98
CA LEU G 142 29.21 -24.59 -10.68
C LEU G 142 28.32 -23.36 -10.56
N THR G 143 28.70 -22.28 -11.23
CA THR G 143 28.01 -20.99 -11.14
C THR G 143 26.79 -20.91 -12.02
N ASN G 144 26.89 -21.44 -13.25
CA ASN G 144 25.78 -21.30 -14.18
C ASN G 144 24.86 -22.53 -14.16
N PRO G 145 25.27 -23.68 -14.75
CA PRO G 145 24.25 -24.74 -14.78
C PRO G 145 23.86 -25.28 -13.38
N ALA G 146 24.83 -25.41 -12.49
CA ALA G 146 24.57 -25.92 -11.15
C ALA G 146 23.91 -24.87 -10.24
N GLY G 147 24.09 -23.60 -10.58
CA GLY G 147 23.46 -22.49 -9.89
C GLY G 147 23.94 -22.21 -8.47
N LEU G 148 25.10 -22.75 -8.12
CA LEU G 148 25.65 -22.54 -6.79
C LEU G 148 26.18 -21.12 -6.68
N LYS G 149 26.18 -20.57 -5.49
CA LYS G 149 26.79 -19.27 -5.28
C LYS G 149 27.78 -19.48 -4.18
N LEU G 150 29.01 -19.06 -4.41
CA LEU G 150 30.03 -19.34 -3.43
C LEU G 150 30.38 -18.08 -2.67
N ASP G 151 29.38 -17.25 -2.40
CA ASP G 151 29.38 -16.49 -1.18
C ASP G 151 28.57 -17.37 -0.23
N GLY G 152 27.96 -16.75 0.78
CA GLY G 152 27.10 -17.49 1.67
C GLY G 152 25.66 -17.42 1.21
N THR G 153 25.41 -16.72 0.12
CA THR G 153 24.05 -16.51 -0.37
C THR G 153 23.56 -17.57 -1.34
N GLY G 154 23.91 -18.83 -1.09
CA GLY G 154 24.04 -19.81 -2.15
C GLY G 154 22.85 -20.57 -2.70
N LYS G 155 22.74 -21.82 -2.24
CA LYS G 155 21.74 -22.80 -2.66
C LYS G 155 22.26 -24.20 -2.36
N LYS G 156 22.35 -24.56 -1.08
CA LYS G 156 22.86 -25.86 -0.65
C LYS G 156 22.55 -27.03 -1.64
N ALA G 157 23.54 -27.91 -1.87
CA ALA G 157 23.36 -28.97 -2.87
C ALA G 157 24.35 -30.13 -2.80
N ASN G 158 24.01 -31.22 -3.48
CA ASN G 158 24.84 -32.40 -3.56
C ASN G 158 25.56 -32.42 -4.89
N ILE G 159 26.90 -32.36 -4.83
CA ILE G 159 27.72 -32.31 -6.04
C ILE G 159 28.54 -33.60 -6.19
N LEU G 160 28.53 -34.15 -7.40
CA LEU G 160 29.47 -35.19 -7.76
C LEU G 160 30.52 -34.60 -8.70
N VAL G 161 31.80 -34.90 -8.44
CA VAL G 161 32.87 -34.48 -9.33
C VAL G 161 33.60 -35.69 -9.80
N THR G 162 33.51 -35.98 -11.09
CA THR G 162 34.26 -37.07 -11.69
C THR G 162 35.64 -36.64 -12.03
N ALA G 163 36.60 -37.55 -11.87
CA ALA G 163 38.00 -37.31 -12.20
C ALA G 163 38.49 -36.08 -11.44
N ALA G 164 38.26 -36.07 -10.14
CA ALA G 164 38.53 -34.88 -9.37
C ALA G 164 40.01 -34.67 -9.08
N SER G 165 40.88 -35.55 -9.56
CA SER G 165 42.31 -35.44 -9.28
C SER G 165 42.99 -34.64 -10.38
N GLY G 166 42.24 -34.34 -11.42
CA GLY G 166 42.78 -33.64 -12.59
C GLY G 166 42.63 -32.13 -12.58
N GLY G 167 42.91 -31.52 -13.74
CA GLY G 167 42.89 -30.08 -13.90
C GLY G 167 41.59 -29.42 -13.47
N VAL G 168 40.52 -29.58 -14.23
CA VAL G 168 39.25 -28.97 -13.84
C VAL G 168 38.75 -29.61 -12.56
N GLY G 169 38.91 -30.93 -12.45
CA GLY G 169 38.46 -31.66 -11.28
C GLY G 169 38.84 -31.07 -9.91
N HIS G 170 40.11 -30.73 -9.76
CA HIS G 170 40.61 -30.39 -8.44
C HIS G 170 40.22 -28.98 -8.07
N TYR G 171 40.01 -28.14 -9.08
CA TYR G 171 39.41 -26.83 -8.84
C TYR G 171 37.95 -26.97 -8.48
N ALA G 172 37.25 -27.80 -9.24
CA ALA G 172 35.82 -28.01 -9.03
C ALA G 172 35.50 -28.41 -7.59
N VAL G 173 36.27 -29.34 -7.02
CA VAL G 173 36.02 -29.79 -5.65
C VAL G 173 36.15 -28.66 -4.62
N GLN G 174 37.24 -27.93 -4.72
CA GLN G 174 37.49 -26.78 -3.85
C GLN G 174 36.41 -25.71 -3.96
N LEU G 175 36.06 -25.34 -5.19
CA LEU G 175 35.02 -24.35 -5.42
C LEU G 175 33.66 -24.79 -4.89
N ALA G 176 33.33 -26.07 -5.10
CA ALA G 176 32.04 -26.61 -4.68
C ALA G 176 31.91 -26.54 -3.17
N LYS G 177 33.02 -26.75 -2.48
CA LYS G 177 33.02 -26.61 -1.04
C LYS G 177 32.77 -25.17 -0.58
N LEU G 178 33.29 -24.19 -1.32
CA LEU G 178 33.04 -22.79 -0.97
C LEU G 178 31.57 -22.38 -1.13
N ALA G 179 30.82 -23.17 -1.90
CA ALA G 179 29.40 -22.89 -2.08
C ALA G 179 28.58 -23.70 -1.10
N ASN G 180 29.25 -24.25 -0.09
CA ASN G 180 28.61 -25.06 0.94
C ASN G 180 27.81 -26.20 0.35
N ALA G 181 28.47 -26.96 -0.52
CA ALA G 181 27.87 -28.14 -1.11
C ALA G 181 28.50 -29.39 -0.51
N HIS G 182 27.74 -30.49 -0.49
CA HIS G 182 28.29 -31.79 -0.18
C HIS G 182 28.96 -32.30 -1.45
N VAL G 183 30.24 -32.63 -1.36
CA VAL G 183 30.96 -33.09 -2.54
C VAL G 183 31.31 -34.57 -2.49
N THR G 184 30.88 -35.29 -3.52
CA THR G 184 31.26 -36.68 -3.71
C THR G 184 32.22 -36.71 -4.91
N ALA G 185 33.35 -37.40 -4.78
CA ALA G 185 34.35 -37.37 -5.87
C ALA G 185 34.80 -38.74 -6.31
N THR G 186 35.17 -38.85 -7.58
CA THR G 186 35.83 -40.06 -8.08
C THR G 186 37.24 -39.77 -8.62
N CYS G 187 38.15 -40.71 -8.41
CA CYS G 187 39.53 -40.60 -8.88
C CYS G 187 40.20 -41.96 -8.78
N GLY G 188 41.47 -42.01 -9.15
CA GLY G 188 42.18 -43.26 -9.08
C GLY G 188 42.48 -43.58 -7.63
N ALA G 189 42.70 -44.85 -7.33
CA ALA G 189 43.07 -45.28 -5.99
C ALA G 189 44.23 -44.47 -5.37
N ARG G 190 45.26 -44.18 -6.17
CA ARG G 190 46.42 -43.46 -5.68
C ARG G 190 46.10 -42.06 -5.18
N ASN G 191 45.09 -41.44 -5.78
CA ASN G 191 44.80 -40.04 -5.50
C ASN G 191 43.72 -39.83 -4.45
N ILE G 192 43.25 -40.93 -3.87
CA ILE G 192 42.09 -40.87 -2.98
C ILE G 192 42.35 -39.95 -1.77
N GLU G 193 43.57 -40.00 -1.22
CA GLU G 193 43.90 -39.16 -0.09
C GLU G 193 43.98 -37.70 -0.51
N PHE G 194 44.55 -37.49 -1.69
CA PHE G 194 44.73 -36.16 -2.24
C PHE G 194 43.39 -35.47 -2.41
N VAL G 195 42.42 -36.18 -2.97
CA VAL G 195 41.12 -35.60 -3.23
C VAL G 195 40.37 -35.32 -1.93
N LYS G 196 40.60 -36.14 -0.92
CA LYS G 196 40.05 -35.84 0.39
C LYS G 196 40.56 -34.49 0.86
N SER G 197 41.83 -34.21 0.59
CA SER G 197 42.48 -33.00 1.10
C SER G 197 41.98 -31.72 0.40
N LEU G 198 41.34 -31.88 -0.74
CA LEU G 198 40.79 -30.73 -1.45
C LEU G 198 39.47 -30.32 -0.83
N GLY G 199 38.93 -31.19 0.01
CA GLY G 199 37.71 -30.87 0.74
C GLY G 199 36.56 -31.79 0.45
N ALA G 200 36.82 -32.83 -0.34
CA ALA G 200 35.78 -33.77 -0.74
C ALA G 200 35.23 -34.46 0.49
N ASP G 201 33.90 -34.56 0.59
CA ASP G 201 33.27 -35.25 1.69
C ASP G 201 33.33 -36.76 1.51
N GLU G 202 33.05 -37.23 0.30
CA GLU G 202 33.17 -38.64 -0.04
C GLU G 202 34.06 -38.83 -1.27
N VAL G 203 34.93 -39.83 -1.24
CA VAL G 203 35.79 -40.11 -2.39
C VAL G 203 35.73 -41.60 -2.80
N LEU G 204 35.50 -41.85 -4.09
CA LEU G 204 35.36 -43.20 -4.62
C LEU G 204 36.44 -43.60 -5.64
N ASP G 205 37.03 -44.79 -5.45
CA ASP G 205 37.94 -45.38 -6.44
C ASP G 205 37.10 -45.80 -7.62
N TYR G 206 37.37 -45.23 -8.79
CA TYR G 206 36.47 -45.42 -9.92
C TYR G 206 36.60 -46.81 -10.50
N LYS G 207 37.57 -47.57 -9.98
CA LYS G 207 37.71 -48.93 -10.44
C LYS G 207 36.89 -49.93 -9.58
N THR G 208 36.43 -49.51 -8.41
CA THR G 208 35.53 -50.39 -7.62
C THR G 208 34.20 -50.45 -8.37
N PRO G 209 33.45 -51.58 -8.24
CA PRO G 209 32.16 -51.64 -8.96
C PRO G 209 31.29 -50.46 -8.56
N GLU G 210 31.51 -50.06 -7.31
CA GLU G 210 30.90 -48.95 -6.62
C GLU G 210 31.21 -47.54 -7.18
N GLY G 211 32.46 -47.31 -7.57
CA GLY G 211 32.88 -46.01 -8.05
C GLY G 211 32.49 -45.85 -9.50
N ALA G 212 32.56 -46.95 -10.22
CA ALA G 212 32.03 -46.94 -11.57
C ALA G 212 30.51 -46.84 -11.51
N ALA G 213 29.93 -47.36 -10.42
CA ALA G 213 28.48 -47.28 -10.24
C ALA G 213 28.04 -45.85 -10.08
N LEU G 214 28.96 -45.05 -9.53
CA LEU G 214 28.76 -43.65 -9.20
C LEU G 214 27.83 -43.52 -8.00
N LYS G 215 27.71 -44.60 -7.21
CA LYS G 215 26.91 -44.58 -5.99
C LYS G 215 27.74 -44.17 -4.74
N SER G 216 27.29 -43.15 -4.00
CA SER G 216 28.01 -42.76 -2.79
C SER G 216 27.71 -43.57 -1.55
N PRO G 217 28.71 -43.68 -0.66
CA PRO G 217 28.53 -44.45 0.56
C PRO G 217 27.52 -43.78 1.51
N SER G 218 26.90 -42.70 1.06
CA SER G 218 26.06 -41.85 1.87
C SER G 218 24.66 -41.93 1.35
N GLY G 219 24.49 -42.65 0.25
CA GLY G 219 23.21 -42.71 -0.41
C GLY G 219 22.73 -41.37 -0.96
N LYS G 220 23.66 -40.43 -1.14
CA LYS G 220 23.34 -39.15 -1.75
C LYS G 220 22.85 -39.25 -3.20
N LYS G 221 21.87 -38.44 -3.57
CA LYS G 221 21.52 -38.24 -4.97
C LYS G 221 22.02 -36.83 -5.38
N TYR G 222 22.66 -36.74 -6.54
CA TYR G 222 23.37 -35.52 -6.88
C TYR G 222 22.51 -34.54 -7.63
N ASP G 223 22.57 -33.27 -7.22
CA ASP G 223 21.83 -32.23 -7.90
C ASP G 223 22.57 -31.82 -9.17
N ALA G 224 23.89 -31.98 -9.14
CA ALA G 224 24.69 -31.65 -10.31
C ALA G 224 25.96 -32.46 -10.32
N VAL G 225 26.43 -32.74 -11.52
CA VAL G 225 27.71 -33.42 -11.69
C VAL G 225 28.65 -32.57 -12.54
N VAL G 226 29.79 -32.22 -11.99
CA VAL G 226 30.85 -31.66 -12.81
C VAL G 226 31.62 -32.84 -13.39
N HIS G 227 31.24 -33.23 -14.61
CA HIS G 227 31.75 -34.44 -15.21
C HIS G 227 33.04 -34.21 -15.98
N CYS G 228 34.16 -34.58 -15.39
CA CYS G 228 35.47 -34.34 -16.01
C CYS G 228 36.05 -35.57 -16.64
N ALA G 229 35.54 -36.75 -16.27
CA ALA G 229 35.96 -38.03 -16.84
C ALA G 229 35.35 -38.21 -18.24
N ASN G 230 35.54 -39.38 -18.85
CA ASN G 230 35.09 -39.53 -20.24
C ASN G 230 34.27 -40.75 -20.60
N GLY G 231 34.53 -41.87 -19.95
CA GLY G 231 33.90 -43.10 -20.39
C GLY G 231 32.51 -43.42 -19.86
N ILE G 232 31.76 -42.41 -19.44
CA ILE G 232 30.52 -42.69 -18.74
C ILE G 232 29.27 -42.27 -19.49
N PRO G 233 28.39 -43.24 -19.78
CA PRO G 233 27.12 -42.98 -20.46
C PRO G 233 26.12 -42.49 -19.49
N PHE G 234 25.06 -41.84 -19.97
CA PHE G 234 24.09 -41.19 -19.10
C PHE G 234 23.41 -42.20 -18.18
N SER G 235 23.21 -43.41 -18.69
CA SER G 235 22.70 -44.54 -17.94
C SER G 235 23.31 -44.61 -16.52
N VAL G 236 24.63 -44.45 -16.42
CA VAL G 236 25.29 -44.64 -15.14
C VAL G 236 24.97 -43.49 -14.18
N PHE G 237 24.84 -42.29 -14.72
CA PHE G 237 24.52 -41.12 -13.90
C PHE G 237 23.09 -41.19 -13.38
N GLU G 238 22.18 -41.47 -14.29
CA GLU G 238 20.74 -41.34 -14.08
C GLU G 238 20.23 -41.77 -12.70
N PRO G 239 20.44 -43.04 -12.28
CA PRO G 239 19.87 -43.42 -11.01
C PRO G 239 20.50 -42.73 -9.79
N ASN G 240 21.67 -42.12 -9.97
CA ASN G 240 22.30 -41.35 -8.91
C ASN G 240 21.95 -39.86 -8.89
N LEU G 241 21.18 -39.43 -9.87
CA LEU G 241 20.76 -38.04 -9.93
C LEU G 241 19.52 -37.79 -9.08
N SER G 242 19.43 -36.59 -8.52
CA SER G 242 18.20 -36.12 -7.90
C SER G 242 17.11 -35.97 -8.97
N GLU G 243 15.91 -35.55 -8.57
CA GLU G 243 14.78 -35.55 -9.49
C GLU G 243 15.02 -34.68 -10.70
N ASN G 244 15.73 -33.57 -10.47
CA ASN G 244 16.06 -32.66 -11.56
C ASN G 244 17.54 -32.43 -11.76
N GLY G 245 18.34 -33.42 -11.38
CA GLY G 245 19.80 -33.36 -11.52
C GLY G 245 20.34 -33.08 -12.92
N LYS G 246 21.40 -32.30 -12.98
CA LYS G 246 22.08 -32.02 -14.24
C LYS G 246 23.48 -32.61 -14.23
N VAL G 247 23.81 -33.41 -15.24
CA VAL G 247 25.21 -33.82 -15.42
C VAL G 247 25.83 -32.83 -16.42
N ILE G 248 26.91 -32.21 -16.00
CA ILE G 248 27.56 -31.16 -16.76
C ILE G 248 28.83 -31.69 -17.38
N ASP G 249 28.77 -32.00 -18.67
CA ASP G 249 29.92 -32.54 -19.38
C ASP G 249 30.83 -31.39 -19.77
N ILE G 250 31.99 -31.29 -19.14
CA ILE G 250 32.86 -30.17 -19.41
C ILE G 250 33.80 -30.49 -20.56
N THR G 251 33.61 -31.66 -21.16
CA THR G 251 34.44 -32.09 -22.28
C THR G 251 33.58 -32.86 -23.29
N PRO G 252 32.55 -32.18 -23.82
CA PRO G 252 31.44 -32.84 -24.50
C PRO G 252 31.74 -33.30 -25.92
N GLY G 253 31.49 -34.58 -26.20
CA GLY G 253 31.64 -35.08 -27.56
C GLY G 253 30.31 -35.16 -28.28
N PRO G 254 30.30 -35.80 -29.46
CA PRO G 254 29.08 -35.99 -30.23
C PRO G 254 28.05 -36.74 -29.40
N ASN G 255 28.49 -37.72 -28.61
CA ASN G 255 27.56 -38.43 -27.71
C ASN G 255 26.86 -37.47 -26.75
N ALA G 256 27.65 -36.54 -26.19
CA ALA G 256 27.08 -35.63 -25.20
C ALA G 256 26.13 -34.71 -25.90
N MET G 257 26.58 -34.21 -27.04
CA MET G 257 25.77 -33.31 -27.84
C MET G 257 24.43 -33.92 -28.21
N TRP G 258 24.48 -35.19 -28.61
CA TRP G 258 23.26 -35.90 -28.98
C TRP G 258 22.36 -36.14 -27.77
N THR G 259 22.95 -36.68 -26.71
CA THR G 259 22.21 -36.90 -25.49
C THR G 259 21.49 -35.61 -25.09
N TYR G 260 22.20 -34.49 -25.13
CA TYR G 260 21.67 -33.17 -24.81
C TYR G 260 20.42 -32.86 -25.61
N ALA G 261 20.49 -33.14 -26.90
CA ALA G 261 19.38 -32.85 -27.80
C ALA G 261 18.17 -33.71 -27.45
N VAL G 262 18.40 -35.01 -27.24
CA VAL G 262 17.32 -35.93 -26.98
C VAL G 262 16.64 -35.61 -25.66
N LYS G 263 17.43 -35.47 -24.59
CA LYS G 263 16.91 -35.10 -23.28
C LYS G 263 16.13 -33.78 -23.34
N LYS G 264 16.52 -32.87 -24.22
CA LYS G 264 15.83 -31.58 -24.37
C LYS G 264 14.48 -31.76 -25.05
N ILE G 265 14.50 -32.49 -26.16
CA ILE G 265 13.31 -32.66 -26.98
C ILE G 265 12.28 -33.61 -26.38
N THR G 266 12.70 -34.46 -25.46
CA THR G 266 11.77 -35.34 -24.73
C THR G 266 11.46 -34.76 -23.33
N MET G 267 11.95 -33.55 -23.08
CA MET G 267 11.69 -32.87 -21.81
C MET G 267 12.02 -33.70 -20.58
N SER G 268 13.09 -34.50 -20.64
CA SER G 268 13.57 -35.25 -19.48
C SER G 268 13.84 -34.31 -18.30
N LYS G 269 13.36 -34.66 -17.13
CA LYS G 269 13.55 -33.79 -15.99
C LYS G 269 15.04 -33.82 -15.62
N LYS G 270 15.67 -35.00 -15.73
CA LYS G 270 17.11 -35.10 -15.57
C LYS G 270 17.78 -34.68 -16.88
N GLN G 271 18.79 -33.82 -16.78
CA GLN G 271 19.36 -33.12 -17.95
C GLN G 271 20.87 -33.34 -18.15
N LEU G 272 21.30 -33.47 -19.39
CA LEU G 272 22.73 -33.41 -19.67
C LEU G 272 23.10 -32.08 -20.31
N VAL G 273 24.00 -31.37 -19.65
CA VAL G 273 24.38 -30.05 -20.11
C VAL G 273 25.82 -30.02 -20.63
N PRO G 274 25.99 -29.79 -21.93
CA PRO G 274 27.33 -29.61 -22.51
C PRO G 274 27.86 -28.27 -22.10
N LEU G 275 29.11 -28.18 -21.67
CA LEU G 275 29.65 -26.90 -21.25
C LEU G 275 30.70 -26.42 -22.18
N LEU G 276 30.53 -25.21 -22.71
CA LEU G 276 31.62 -24.51 -23.38
C LEU G 276 31.98 -23.27 -22.57
N LEU G 277 33.26 -23.18 -22.20
CA LEU G 277 33.75 -22.06 -21.40
C LEU G 277 33.68 -20.74 -22.13
N ILE G 278 33.20 -19.72 -21.44
CA ILE G 278 33.34 -18.36 -21.92
C ILE G 278 34.18 -17.60 -20.92
N PRO G 279 35.49 -17.52 -21.18
CA PRO G 279 36.43 -16.86 -20.27
C PRO G 279 36.14 -15.35 -20.16
N LYS G 280 35.75 -14.89 -18.97
CA LYS G 280 35.50 -13.47 -18.77
C LYS G 280 36.49 -12.96 -17.71
N ALA G 281 37.08 -11.79 -17.95
CA ALA G 281 38.15 -11.27 -17.07
C ALA G 281 37.72 -11.10 -15.62
N GLU G 282 36.45 -10.75 -15.40
CA GLU G 282 35.89 -10.68 -14.04
C GLU G 282 36.14 -11.98 -13.27
N ASN G 283 35.87 -13.11 -13.92
CA ASN G 283 35.99 -14.44 -13.32
C ASN G 283 37.43 -14.83 -13.03
N LEU G 284 38.32 -14.53 -13.96
CA LEU G 284 39.74 -14.77 -13.77
C LEU G 284 40.27 -13.95 -12.60
N GLU G 285 39.86 -12.68 -12.52
CA GLU G 285 40.21 -11.82 -11.39
C GLU G 285 39.74 -12.43 -10.08
N PHE G 286 38.49 -12.91 -10.10
CA PHE G 286 37.87 -13.59 -8.96
C PHE G 286 38.67 -14.81 -8.50
N MET G 287 39.01 -15.68 -9.45
CA MET G 287 39.73 -16.91 -9.14
C MET G 287 41.10 -16.60 -8.56
N VAL G 288 41.77 -15.62 -9.16
CA VAL G 288 43.06 -15.16 -8.66
C VAL G 288 42.97 -14.71 -7.21
N ASN G 289 41.91 -13.98 -6.88
CA ASN G 289 41.72 -13.55 -5.50
C ASN G 289 41.57 -14.73 -4.59
N LEU G 290 40.78 -15.70 -5.02
CA LEU G 290 40.55 -16.89 -4.22
C LEU G 290 41.89 -17.57 -3.89
N VAL G 291 42.78 -17.60 -4.87
CA VAL G 291 44.08 -18.19 -4.65
C VAL G 291 44.93 -17.33 -3.72
N LYS G 292 44.86 -16.01 -3.90
CA LYS G 292 45.56 -15.08 -3.04
C LYS G 292 45.12 -15.22 -1.59
N GLU G 293 43.81 -15.33 -1.38
CA GLU G 293 43.24 -15.40 -0.04
C GLU G 293 43.30 -16.81 0.55
N GLY G 294 43.95 -17.71 -0.19
CA GLY G 294 44.11 -19.10 0.25
C GLY G 294 42.84 -19.96 0.23
N LYS G 295 41.74 -19.41 -0.26
CA LYS G 295 40.47 -20.13 -0.28
C LYS G 295 40.47 -21.24 -1.34
N VAL G 296 41.41 -21.15 -2.27
CA VAL G 296 41.60 -22.14 -3.33
C VAL G 296 43.10 -22.31 -3.59
N LYS G 297 43.59 -23.55 -3.57
CA LYS G 297 45.00 -23.77 -3.88
C LYS G 297 45.15 -24.46 -5.24
N THR G 298 46.08 -23.97 -6.05
CA THR G 298 46.46 -24.64 -7.29
C THR G 298 47.46 -25.76 -7.01
N VAL G 299 47.16 -26.99 -7.40
CA VAL G 299 48.17 -28.02 -7.25
C VAL G 299 48.86 -28.20 -8.59
N ILE G 300 50.18 -28.19 -8.55
CA ILE G 300 50.98 -28.32 -9.76
C ILE G 300 51.49 -29.75 -9.90
N ASP G 301 51.14 -30.43 -10.99
CA ASP G 301 51.59 -31.80 -11.18
C ASP G 301 53.09 -31.87 -11.43
N SER G 302 53.59 -30.94 -12.23
CA SER G 302 54.99 -30.93 -12.59
C SER G 302 55.38 -29.63 -13.25
N LYS G 303 56.67 -29.32 -13.18
CA LYS G 303 57.20 -28.14 -13.84
C LYS G 303 58.28 -28.56 -14.84
N HIS G 304 58.14 -28.12 -16.08
CA HIS G 304 59.10 -28.43 -17.11
C HIS G 304 59.65 -27.18 -17.79
N PRO G 305 60.94 -27.20 -18.13
CA PRO G 305 61.51 -26.05 -18.85
C PRO G 305 61.08 -26.08 -20.32
N LEU G 306 60.89 -24.91 -20.91
CA LEU G 306 60.49 -24.80 -22.31
C LEU G 306 61.38 -25.65 -23.22
N SER G 307 62.66 -25.79 -22.87
CA SER G 307 63.61 -26.60 -23.64
C SER G 307 63.23 -28.09 -23.62
N LYS G 308 62.47 -28.50 -22.60
CA LYS G 308 62.07 -29.90 -22.51
C LYS G 308 60.54 -30.00 -22.48
N ALA G 309 59.86 -29.07 -23.18
CA ALA G 309 58.40 -29.00 -23.12
C ALA G 309 57.71 -30.28 -23.60
N GLU G 310 58.31 -30.97 -24.57
CA GLU G 310 57.71 -32.20 -25.11
C GLU G 310 57.37 -33.15 -23.98
N ASP G 311 58.21 -33.15 -22.94
CA ASP G 311 57.98 -33.98 -21.78
C ASP G 311 56.66 -33.64 -21.15
N ALA G 312 56.42 -32.34 -20.97
CA ALA G 312 55.14 -31.87 -20.43
C ALA G 312 53.97 -32.26 -21.35
N TRP G 313 54.19 -32.12 -22.65
CA TRP G 313 53.20 -32.45 -23.65
C TRP G 313 52.79 -33.92 -23.54
N ALA G 314 53.79 -34.79 -23.41
CA ALA G 314 53.56 -36.24 -23.34
C ALA G 314 52.87 -36.59 -22.04
N LYS G 315 53.24 -35.87 -20.97
CA LYS G 315 52.58 -36.06 -19.66
C LYS G 315 51.08 -35.74 -19.75
N SER G 316 50.76 -34.63 -20.42
CA SER G 316 49.38 -34.23 -20.67
C SER G 316 48.67 -35.29 -21.50
N ILE G 317 49.32 -35.76 -22.57
CA ILE G 317 48.71 -36.76 -23.43
C ILE G 317 48.36 -38.04 -22.65
N ASP G 318 49.25 -38.46 -21.75
CA ASP G 318 48.98 -39.61 -20.87
C ASP G 318 47.83 -39.33 -19.94
N GLY G 319 47.70 -38.05 -19.57
CA GLY G 319 46.61 -37.60 -18.74
C GLY G 319 46.50 -38.32 -17.42
N HIS G 320 47.63 -38.61 -16.79
CA HIS G 320 47.60 -39.14 -15.44
C HIS G 320 47.99 -38.03 -14.48
N ALA G 321 48.09 -36.82 -15.04
CA ALA G 321 48.52 -35.66 -14.27
C ALA G 321 47.61 -35.44 -13.06
N THR G 322 48.21 -34.98 -11.97
CA THR G 322 47.45 -34.65 -10.78
C THR G 322 47.50 -33.16 -10.61
N GLY G 323 46.40 -32.49 -10.95
CA GLY G 323 46.38 -31.04 -11.00
C GLY G 323 46.85 -30.54 -12.36
N LYS G 324 47.68 -29.51 -12.36
CA LYS G 324 48.02 -28.88 -13.62
C LYS G 324 49.50 -28.96 -13.97
N ILE G 325 49.77 -29.30 -15.24
CA ILE G 325 51.14 -29.35 -15.78
C ILE G 325 51.64 -27.97 -16.25
N ILE G 326 52.81 -27.58 -15.77
CA ILE G 326 53.35 -26.23 -16.02
C ILE G 326 54.63 -26.26 -16.86
N VAL G 327 54.74 -25.32 -17.79
CA VAL G 327 56.00 -25.14 -18.51
C VAL G 327 56.52 -23.73 -18.23
N GLU G 328 57.75 -23.69 -17.74
CA GLU G 328 58.44 -22.46 -17.36
C GLU G 328 59.61 -22.26 -18.32
N PRO G 329 60.12 -21.03 -18.40
CA PRO G 329 61.30 -20.85 -19.26
C PRO G 329 62.56 -21.36 -18.58
N GLY H 3 -18.82 -49.59 -26.42
CA GLY H 3 -19.93 -49.41 -27.35
C GLY H 3 -20.20 -47.95 -27.71
N LYS H 4 -19.73 -47.04 -26.87
CA LYS H 4 -20.02 -45.63 -27.07
C LYS H 4 -19.16 -45.08 -28.17
N LEU H 5 -19.77 -44.40 -29.13
CA LEU H 5 -19.02 -43.70 -30.16
C LEU H 5 -18.87 -42.19 -29.87
N MET H 6 -18.04 -41.53 -30.69
CA MET H 6 -17.69 -40.12 -30.50
C MET H 6 -17.20 -39.44 -31.80
N HIS H 7 -17.76 -38.28 -32.08
CA HIS H 7 -17.43 -37.54 -33.30
C HIS H 7 -16.03 -36.91 -33.24
N ALA H 8 -15.21 -37.17 -34.24
CA ALA H 8 -13.87 -36.60 -34.21
C ALA H 8 -13.40 -36.30 -35.60
N LEU H 9 -12.25 -35.62 -35.68
CA LEU H 9 -11.61 -35.36 -36.96
C LEU H 9 -10.24 -36.02 -37.06
N GLN H 10 -9.99 -36.65 -38.20
CA GLN H 10 -8.81 -37.45 -38.40
C GLN H 10 -8.19 -37.12 -39.71
N TYR H 11 -6.86 -37.12 -39.78
CA TYR H 11 -6.22 -37.28 -41.08
C TYR H 11 -5.47 -38.61 -41.06
N ASN H 12 -5.42 -39.29 -42.19
CA ASN H 12 -4.81 -40.63 -42.25
C ASN H 12 -3.60 -40.63 -43.17
N SER H 13 -3.10 -39.43 -43.46
CA SER H 13 -2.14 -39.27 -44.53
C SER H 13 -1.47 -37.89 -44.45
N TYR H 14 -0.24 -37.79 -44.99
CA TYR H 14 0.43 -36.49 -45.03
C TYR H 14 -0.12 -35.66 -46.18
N GLY H 15 -0.11 -34.34 -46.00
CA GLY H 15 -0.35 -33.40 -47.08
C GLY H 15 -1.79 -33.08 -47.46
N GLY H 16 -2.75 -33.66 -46.77
CA GLY H 16 -4.14 -33.41 -47.10
C GLY H 16 -4.60 -31.96 -47.05
N GLY H 17 -4.04 -31.17 -46.14
CA GLY H 17 -4.60 -29.86 -45.84
C GLY H 17 -5.96 -30.04 -45.18
N ALA H 18 -6.86 -29.06 -45.34
CA ALA H 18 -8.18 -29.15 -44.71
C ALA H 18 -9.01 -30.21 -45.40
N ALA H 19 -8.75 -30.41 -46.69
CA ALA H 19 -9.41 -31.46 -47.45
C ALA H 19 -9.15 -32.86 -46.86
N GLY H 20 -7.92 -33.08 -46.41
CA GLY H 20 -7.52 -34.36 -45.86
C GLY H 20 -8.07 -34.70 -44.48
N LEU H 21 -8.76 -33.75 -43.85
CA LEU H 21 -9.44 -34.04 -42.60
C LEU H 21 -10.70 -34.84 -42.89
N GLU H 22 -10.99 -35.83 -42.04
CA GLU H 22 -12.22 -36.60 -42.17
C GLU H 22 -13.03 -36.59 -40.87
N HIS H 23 -14.34 -36.41 -40.98
CA HIS H 23 -15.19 -36.59 -39.82
C HIS H 23 -15.44 -38.07 -39.61
N VAL H 24 -15.21 -38.54 -38.41
CA VAL H 24 -15.32 -39.96 -38.11
C VAL H 24 -15.99 -40.17 -36.78
N GLN H 25 -16.44 -41.39 -36.54
CA GLN H 25 -16.96 -41.74 -35.23
C GLN H 25 -15.98 -42.73 -34.66
N VAL H 26 -15.57 -42.47 -33.45
CA VAL H 26 -14.44 -43.15 -32.88
C VAL H 26 -14.80 -43.48 -31.43
N PRO H 27 -14.31 -44.61 -30.92
CA PRO H 27 -14.55 -44.94 -29.51
C PRO H 27 -14.05 -43.89 -28.53
N VAL H 28 -14.88 -43.57 -27.53
CA VAL H 28 -14.52 -42.63 -26.49
C VAL H 28 -13.33 -43.17 -25.73
N PRO H 29 -12.29 -42.37 -25.57
CA PRO H 29 -11.09 -42.90 -24.92
C PRO H 29 -11.33 -43.24 -23.46
N THR H 30 -10.50 -44.14 -22.91
CA THR H 30 -10.59 -44.52 -21.50
C THR H 30 -9.37 -44.06 -20.72
N PRO H 31 -9.60 -43.35 -19.61
CA PRO H 31 -8.49 -42.79 -18.81
C PRO H 31 -7.66 -43.84 -18.14
N LYS H 32 -6.34 -43.72 -18.21
CA LYS H 32 -5.47 -44.66 -17.50
C LYS H 32 -5.32 -44.20 -16.05
N SER H 33 -4.41 -44.83 -15.31
CA SER H 33 -4.29 -44.62 -13.86
C SER H 33 -4.26 -43.14 -13.47
N ASN H 34 -3.54 -42.33 -14.23
CA ASN H 34 -3.32 -40.93 -13.88
C ASN H 34 -3.90 -39.96 -14.89
N GLU H 35 -4.80 -40.46 -15.73
CA GLU H 35 -5.43 -39.61 -16.72
C GLU H 35 -6.82 -39.23 -16.25
N VAL H 36 -7.37 -38.15 -16.81
CA VAL H 36 -8.78 -37.82 -16.65
C VAL H 36 -9.41 -37.74 -18.02
N CYS H 37 -10.70 -38.04 -18.09
CA CYS H 37 -11.45 -37.98 -19.34
C CYS H 37 -12.38 -36.78 -19.38
N LEU H 38 -12.28 -35.97 -20.43
CA LEU H 38 -13.02 -34.72 -20.53
C LEU H 38 -14.07 -34.70 -21.62
N LYS H 39 -15.27 -34.27 -21.28
CA LYS H 39 -16.22 -33.84 -22.28
C LYS H 39 -15.76 -32.46 -22.72
N LEU H 40 -15.35 -32.34 -23.97
CA LEU H 40 -14.76 -31.07 -24.42
C LEU H 40 -15.78 -29.95 -24.58
N GLU H 41 -15.40 -28.76 -24.14
CA GLU H 41 -16.22 -27.56 -24.30
C GLU H 41 -15.60 -26.57 -25.29
N ALA H 42 -14.27 -26.59 -25.40
CA ALA H 42 -13.56 -25.77 -26.36
C ALA H 42 -12.19 -26.35 -26.66
N THR H 43 -11.81 -26.30 -27.94
CA THR H 43 -10.49 -26.73 -28.33
C THR H 43 -9.82 -25.61 -29.12
N SER H 44 -8.53 -25.43 -28.92
CA SER H 44 -7.78 -24.38 -29.60
C SER H 44 -6.78 -24.96 -30.59
N LEU H 45 -6.65 -24.33 -31.76
CA LEU H 45 -5.65 -24.77 -32.74
C LEU H 45 -4.29 -24.06 -32.57
N ASN H 46 -3.22 -24.77 -32.91
CA ASN H 46 -1.88 -24.19 -32.96
C ASN H 46 -1.28 -24.54 -34.32
N PRO H 47 -0.38 -23.69 -34.83
CA PRO H 47 0.18 -23.93 -36.16
C PRO H 47 0.90 -25.28 -36.26
N VAL H 48 1.47 -25.73 -35.14
CA VAL H 48 2.08 -27.04 -35.07
C VAL H 48 1.15 -28.11 -35.61
N ASP H 49 -0.12 -27.99 -35.26
CA ASP H 49 -1.12 -28.99 -35.58
C ASP H 49 -1.21 -29.28 -37.07
N TRP H 50 -1.26 -28.25 -37.92
CA TRP H 50 -1.36 -28.49 -39.36
C TRP H 50 0.00 -28.71 -40.01
N LYS H 51 1.05 -28.22 -39.36
CA LYS H 51 2.42 -28.51 -39.81
C LYS H 51 2.75 -30.00 -39.69
N ILE H 52 2.31 -30.63 -38.61
CA ILE H 52 2.49 -32.07 -38.45
C ILE H 52 1.89 -32.83 -39.61
N GLN H 53 0.68 -32.43 -39.98
CA GLN H 53 -0.01 -33.03 -41.12
C GLN H 53 0.68 -32.80 -42.47
N LYS H 54 1.23 -31.60 -42.68
CA LYS H 54 1.96 -31.33 -43.93
C LYS H 54 3.17 -32.25 -43.98
N GLY H 55 3.68 -32.67 -42.83
CA GLY H 55 4.80 -33.56 -42.80
C GLY H 55 6.06 -32.89 -42.31
N MET H 56 5.94 -31.62 -41.92
CA MET H 56 7.10 -30.84 -41.55
C MET H 56 7.76 -31.30 -40.27
N ILE H 57 7.07 -32.09 -39.46
CA ILE H 57 7.64 -32.50 -38.19
C ILE H 57 8.14 -33.95 -38.24
N ARG H 58 8.15 -34.50 -39.45
CA ARG H 58 8.78 -35.80 -39.64
C ARG H 58 10.29 -35.68 -39.35
N PRO H 59 10.90 -36.71 -38.75
CA PRO H 59 10.34 -38.02 -38.44
C PRO H 59 9.72 -38.15 -37.04
N PHE H 60 9.62 -37.04 -36.31
CA PHE H 60 9.14 -37.08 -34.93
C PHE H 60 7.63 -37.23 -34.78
N LEU H 61 6.88 -36.49 -35.61
CA LEU H 61 5.41 -36.52 -35.59
C LEU H 61 4.83 -36.51 -36.98
N PRO H 62 3.66 -37.14 -37.16
CA PRO H 62 2.88 -37.82 -36.12
C PRO H 62 3.44 -39.19 -35.82
N ARG H 63 3.05 -39.78 -34.70
CA ARG H 63 3.57 -41.07 -34.35
C ARG H 63 2.97 -42.23 -35.18
N LYS H 64 1.67 -42.25 -35.30
CA LYS H 64 0.97 -43.24 -36.10
C LYS H 64 -0.22 -42.56 -36.76
N PHE H 65 -0.62 -43.07 -37.93
CA PHE H 65 -1.90 -42.65 -38.49
C PHE H 65 -2.97 -43.64 -38.01
N PRO H 66 -4.23 -43.19 -37.92
CA PRO H 66 -4.73 -41.84 -38.20
C PRO H 66 -4.43 -40.94 -37.03
N CYS H 67 -4.50 -39.63 -37.25
CA CYS H 67 -4.22 -38.71 -36.15
CA CYS H 67 -4.23 -38.70 -36.17
C CYS H 67 -5.45 -37.84 -35.95
N ILE H 68 -5.76 -37.59 -34.66
CA ILE H 68 -6.79 -36.63 -34.27
C ILE H 68 -6.06 -35.43 -33.73
N PRO H 69 -6.18 -34.28 -34.42
CA PRO H 69 -5.35 -33.08 -34.14
C PRO H 69 -5.73 -32.32 -32.89
N ALA H 70 -4.80 -31.46 -32.48
CA ALA H 70 -4.95 -30.40 -31.47
C ALA H 70 -4.64 -30.92 -30.07
N THR H 71 -4.09 -30.01 -29.23
CA THR H 71 -3.69 -30.35 -27.87
C THR H 71 -4.33 -29.46 -26.81
N ASP H 72 -4.69 -28.24 -27.21
CA ASP H 72 -5.18 -27.22 -26.27
C ASP H 72 -6.69 -27.35 -26.11
N VAL H 73 -7.12 -27.52 -24.86
CA VAL H 73 -8.40 -28.12 -24.59
C VAL H 73 -8.95 -27.63 -23.25
N ALA H 74 -10.26 -27.44 -23.21
CA ALA H 74 -10.98 -27.08 -21.98
C ALA H 74 -12.31 -27.81 -21.95
N GLY H 75 -12.72 -28.28 -20.78
CA GLY H 75 -13.96 -29.02 -20.71
C GLY H 75 -14.33 -29.45 -19.32
N GLU H 76 -15.24 -30.43 -19.24
CA GLU H 76 -15.72 -30.93 -17.95
C GLU H 76 -15.27 -32.35 -17.73
N VAL H 77 -14.78 -32.63 -16.53
CA VAL H 77 -14.33 -33.97 -16.22
C VAL H 77 -15.50 -34.95 -16.22
N VAL H 78 -15.39 -35.99 -17.02
CA VAL H 78 -16.42 -37.01 -17.12
C VAL H 78 -16.07 -38.20 -16.25
N GLU H 79 -14.78 -38.49 -16.15
CA GLU H 79 -14.32 -39.71 -15.50
C GLU H 79 -12.83 -39.60 -15.19
N VAL H 80 -12.41 -40.12 -14.05
CA VAL H 80 -11.00 -40.08 -13.72
C VAL H 80 -10.45 -41.49 -13.59
N GLY H 81 -9.14 -41.62 -13.63
CA GLY H 81 -8.50 -42.92 -13.46
C GLY H 81 -8.28 -43.21 -12.00
N SER H 82 -7.82 -44.41 -11.70
CA SER H 82 -7.66 -44.86 -10.30
C SER H 82 -6.73 -43.98 -9.47
N GLY H 83 -5.68 -43.47 -10.10
CA GLY H 83 -4.70 -42.69 -9.37
C GLY H 83 -5.02 -41.22 -9.19
N VAL H 84 -6.06 -40.75 -9.87
CA VAL H 84 -6.34 -39.32 -9.88
C VAL H 84 -6.82 -38.86 -8.51
N LYS H 85 -6.11 -37.89 -7.95
CA LYS H 85 -6.43 -37.39 -6.62
C LYS H 85 -7.15 -36.05 -6.67
N ASN H 86 -6.75 -35.17 -7.57
CA ASN H 86 -7.19 -33.77 -7.47
C ASN H 86 -8.44 -33.40 -8.25
N PHE H 87 -8.97 -34.31 -9.03
CA PHE H 87 -10.13 -33.99 -9.87
C PHE H 87 -11.23 -35.02 -9.74
N LYS H 88 -12.47 -34.54 -9.78
CA LYS H 88 -13.65 -35.37 -9.69
C LYS H 88 -14.53 -35.07 -10.88
N ALA H 89 -15.44 -35.99 -11.19
CA ALA H 89 -16.39 -35.77 -12.27
C ALA H 89 -17.18 -34.51 -11.97
N GLY H 90 -17.43 -33.73 -13.01
CA GLY H 90 -18.17 -32.50 -12.85
C GLY H 90 -17.27 -31.28 -12.81
N ASP H 91 -16.02 -31.47 -12.40
CA ASP H 91 -15.03 -30.39 -12.41
C ASP H 91 -14.81 -29.80 -13.80
N LYS H 92 -14.77 -28.47 -13.87
CA LYS H 92 -14.42 -27.79 -15.12
C LYS H 92 -12.91 -27.57 -15.18
N VAL H 93 -12.30 -27.85 -16.32
CA VAL H 93 -10.86 -27.75 -16.41
C VAL H 93 -10.39 -27.14 -17.71
N VAL H 94 -9.10 -26.82 -17.73
CA VAL H 94 -8.35 -26.59 -18.94
C VAL H 94 -7.16 -27.55 -18.87
N ALA H 95 -6.72 -28.06 -20.01
CA ALA H 95 -5.69 -29.09 -20.00
C ALA H 95 -4.89 -29.11 -21.30
N VAL H 96 -3.74 -29.78 -21.23
CA VAL H 96 -2.90 -29.98 -22.41
C VAL H 96 -2.80 -31.44 -22.73
N LEU H 97 -3.32 -31.84 -23.88
CA LEU H 97 -3.24 -33.23 -24.32
C LEU H 97 -1.81 -33.55 -24.75
N SER H 98 -1.45 -34.82 -24.72
CA SER H 98 -0.12 -35.21 -25.19
C SER H 98 0.02 -34.88 -26.65
N HIS H 99 1.13 -34.25 -27.02
CA HIS H 99 1.40 -33.89 -28.41
C HIS H 99 1.56 -35.14 -29.27
N LEU H 100 1.85 -36.26 -28.59
CA LEU H 100 2.09 -37.55 -29.23
C LEU H 100 0.80 -38.17 -29.72
N GLY H 101 -0.28 -38.01 -28.95
CA GLY H 101 -1.55 -38.64 -29.26
C GLY H 101 -2.59 -37.70 -29.85
N GLY H 102 -2.42 -36.40 -29.63
CA GLY H 102 -3.39 -35.41 -30.05
C GLY H 102 -4.71 -35.55 -29.31
N GLY H 103 -5.80 -35.48 -30.04
CA GLY H 103 -7.09 -35.71 -29.41
C GLY H 103 -8.05 -34.54 -29.31
N GLY H 104 -7.57 -33.34 -29.57
CA GLY H 104 -8.37 -32.14 -29.40
C GLY H 104 -9.65 -32.00 -30.23
N LEU H 105 -9.60 -32.37 -31.51
CA LEU H 105 -10.78 -32.23 -32.36
C LEU H 105 -11.74 -33.43 -32.22
N ALA H 106 -12.35 -33.52 -31.04
CA ALA H 106 -13.26 -34.61 -30.70
C ALA H 106 -14.18 -34.18 -29.56
N GLU H 107 -15.18 -35.00 -29.23
CA GLU H 107 -16.09 -34.65 -28.17
C GLU H 107 -15.45 -34.96 -26.82
N PHE H 108 -14.58 -35.97 -26.81
CA PHE H 108 -13.91 -36.40 -25.59
C PHE H 108 -12.41 -36.55 -25.79
N ALA H 109 -11.67 -36.28 -24.73
CA ALA H 109 -10.24 -36.51 -24.76
C ALA H 109 -9.74 -36.90 -23.39
N VAL H 110 -8.63 -37.63 -23.34
CA VAL H 110 -7.97 -37.88 -22.05
C VAL H 110 -6.71 -37.04 -21.88
N ALA H 111 -6.58 -36.45 -20.70
CA ALA H 111 -5.40 -35.66 -20.36
C ALA H 111 -4.78 -36.23 -19.10
N THR H 112 -3.46 -36.11 -18.97
CA THR H 112 -2.80 -36.53 -17.75
C THR H 112 -3.16 -35.54 -16.66
N GLU H 113 -3.26 -36.01 -15.42
CA GLU H 113 -3.57 -35.14 -14.30
C GLU H 113 -2.51 -34.04 -14.17
N LYS H 114 -1.26 -34.38 -14.46
CA LYS H 114 -0.15 -33.45 -14.31
C LYS H 114 -0.25 -32.28 -15.29
N LEU H 115 -1.13 -32.40 -16.27
CA LEU H 115 -1.33 -31.33 -17.23
C LEU H 115 -2.80 -30.91 -17.30
N THR H 116 -3.47 -31.02 -16.16
CA THR H 116 -4.86 -30.61 -16.05
C THR H 116 -5.02 -29.62 -14.92
N VAL H 117 -5.72 -28.54 -15.20
CA VAL H 117 -5.86 -27.47 -14.22
C VAL H 117 -7.34 -27.12 -14.07
N LYS H 118 -7.79 -26.93 -12.82
CA LYS H 118 -9.16 -26.48 -12.57
C LYS H 118 -9.42 -25.11 -13.19
N ARG H 119 -10.54 -24.98 -13.91
CA ARG H 119 -10.95 -23.73 -14.58
C ARG H 119 -11.96 -23.00 -13.73
N PRO H 120 -11.58 -21.82 -13.17
CA PRO H 120 -12.48 -21.04 -12.33
C PRO H 120 -13.74 -20.57 -13.08
N GLN H 121 -14.75 -20.17 -12.34
CA GLN H 121 -16.03 -19.77 -12.93
C GLN H 121 -15.85 -18.56 -13.81
N GLU H 122 -14.90 -17.70 -13.44
CA GLU H 122 -14.71 -16.42 -14.10
C GLU H 122 -14.19 -16.56 -15.53
N VAL H 123 -13.49 -17.65 -15.80
CA VAL H 123 -12.86 -17.83 -17.11
C VAL H 123 -13.61 -18.80 -18.02
N GLY H 124 -14.06 -18.31 -19.17
CA GLY H 124 -14.77 -19.16 -20.11
C GLY H 124 -13.97 -20.37 -20.60
N ALA H 125 -14.63 -21.30 -21.27
CA ALA H 125 -13.94 -22.45 -21.84
C ALA H 125 -13.09 -22.07 -23.05
N ALA H 126 -13.59 -21.19 -23.91
CA ALA H 126 -12.81 -20.80 -25.07
C ALA H 126 -11.63 -19.94 -24.65
N GLU H 127 -11.87 -19.05 -23.68
CA GLU H 127 -10.80 -18.20 -23.17
C GLU H 127 -9.64 -19.02 -22.57
N ALA H 128 -10.00 -20.11 -21.91
CA ALA H 128 -9.02 -20.97 -21.27
C ALA H 128 -8.29 -21.85 -22.27
N ALA H 129 -9.03 -22.43 -23.21
CA ALA H 129 -8.43 -23.39 -24.12
C ALA H 129 -7.40 -22.72 -25.03
N ALA H 130 -7.52 -21.43 -25.23
CA ALA H 130 -6.55 -20.72 -26.04
C ALA H 130 -5.17 -20.60 -25.35
N LEU H 131 -5.16 -20.79 -24.03
CA LEU H 131 -3.97 -20.53 -23.21
C LEU H 131 -2.78 -21.48 -23.34
N PRO H 132 -2.97 -22.80 -23.27
CA PRO H 132 -1.84 -23.72 -23.05
C PRO H 132 -0.62 -23.49 -23.93
N VAL H 133 -0.61 -23.95 -25.18
CA VAL H 133 0.59 -23.79 -26.00
C VAL H 133 0.99 -22.34 -26.22
N ALA H 134 0.08 -21.52 -26.75
CA ALA H 134 0.45 -20.13 -27.04
C ALA H 134 0.85 -19.35 -25.78
N GLY H 135 0.03 -19.43 -24.73
CA GLY H 135 0.31 -18.71 -23.51
C GLY H 135 1.57 -19.17 -22.80
N LEU H 136 1.73 -20.47 -22.61
CA LEU H 136 2.90 -21.01 -21.90
C LEU H 136 4.18 -20.74 -22.67
N THR H 137 4.11 -20.79 -24.00
CA THR H 137 5.24 -20.47 -24.83
C THR H 137 5.66 -19.03 -24.60
N ALA H 138 4.71 -18.10 -24.70
CA ALA H 138 5.00 -16.69 -24.44
C ALA H 138 5.60 -16.55 -23.05
N LEU H 139 4.97 -17.21 -22.08
CA LEU H 139 5.43 -17.19 -20.69
C LEU H 139 6.86 -17.71 -20.57
N GLN H 140 7.13 -18.86 -21.19
CA GLN H 140 8.44 -19.47 -21.06
C GLN H 140 9.54 -18.59 -21.65
N ALA H 141 9.26 -18.02 -22.82
CA ALA H 141 10.25 -17.19 -23.52
C ALA H 141 10.60 -15.97 -22.70
N LEU H 142 9.60 -15.35 -22.09
CA LEU H 142 9.87 -14.16 -21.32
C LEU H 142 10.50 -14.49 -19.96
N THR H 143 10.12 -15.64 -19.41
CA THR H 143 10.55 -16.04 -18.06
C THR H 143 11.95 -16.64 -18.01
N ASN H 144 12.27 -17.51 -18.97
CA ASN H 144 13.55 -18.19 -18.94
C ASN H 144 14.62 -17.46 -19.77
N PRO H 145 14.58 -17.53 -21.13
CA PRO H 145 15.70 -16.87 -21.80
C PRO H 145 15.80 -15.35 -21.62
N ALA H 146 14.67 -14.65 -21.61
CA ALA H 146 14.65 -13.20 -21.43
C ALA H 146 14.90 -12.80 -19.96
N GLY H 147 14.73 -13.75 -19.04
CA GLY H 147 15.06 -13.54 -17.64
C GLY H 147 14.12 -12.64 -16.85
N LEU H 148 12.91 -12.48 -17.38
CA LEU H 148 11.97 -11.55 -16.76
C LEU H 148 11.21 -12.21 -15.61
N LYS H 149 10.44 -11.44 -14.84
CA LYS H 149 9.84 -12.00 -13.63
C LYS H 149 8.32 -11.84 -13.46
N LEU H 150 7.73 -10.78 -14.02
CA LEU H 150 6.26 -10.64 -14.03
C LEU H 150 5.63 -10.57 -12.63
N ASP H 151 6.30 -9.89 -11.72
CA ASP H 151 5.79 -9.56 -10.38
C ASP H 151 6.54 -8.34 -9.88
N GLY H 152 7.32 -7.73 -10.78
CA GLY H 152 7.96 -6.47 -10.53
C GLY H 152 9.44 -6.64 -10.30
N THR H 153 9.82 -7.77 -9.72
CA THR H 153 11.20 -7.95 -9.23
C THR H 153 12.16 -8.15 -10.40
N GLY H 154 11.65 -7.96 -11.61
CA GLY H 154 12.34 -8.32 -12.84
C GLY H 154 13.25 -7.26 -13.41
N LYS H 155 13.63 -7.43 -14.66
CA LYS H 155 14.86 -6.83 -15.16
C LYS H 155 14.80 -5.33 -15.45
N LYS H 156 13.69 -4.85 -15.99
CA LYS H 156 13.61 -3.60 -16.75
C LYS H 156 14.27 -3.91 -18.07
N ALA H 157 13.49 -3.95 -19.15
CA ALA H 157 14.11 -4.31 -20.43
C ALA H 157 13.33 -3.90 -21.67
N ASN H 158 14.00 -3.94 -22.81
CA ASN H 158 13.41 -3.63 -24.10
C ASN H 158 13.08 -4.89 -24.87
N ILE H 159 11.79 -5.10 -25.13
CA ILE H 159 11.34 -6.32 -25.78
C ILE H 159 10.82 -6.01 -27.16
N LEU H 160 11.24 -6.81 -28.14
CA LEU H 160 10.62 -6.82 -29.46
C LEU H 160 9.74 -8.07 -29.61
N VAL H 161 8.48 -7.89 -30.01
CA VAL H 161 7.65 -9.03 -30.33
C VAL H 161 7.26 -9.03 -31.80
N THR H 162 7.76 -9.98 -32.58
CA THR H 162 7.38 -10.12 -33.99
C THR H 162 6.07 -10.84 -34.09
N ALA H 163 5.31 -10.50 -35.13
CA ALA H 163 4.01 -11.10 -35.39
C ALA H 163 3.13 -11.11 -34.14
N ALA H 164 2.98 -9.95 -33.53
CA ALA H 164 2.36 -9.85 -32.23
C ALA H 164 0.86 -9.91 -32.32
N SER H 165 0.30 -10.02 -33.53
CA SER H 165 -1.17 -10.10 -33.68
C SER H 165 -1.67 -11.56 -33.62
N GLY H 166 -0.72 -12.51 -33.54
CA GLY H 166 -1.04 -13.93 -33.58
C GLY H 166 -1.12 -14.57 -32.23
N GLY H 167 -1.19 -15.90 -32.23
CA GLY H 167 -1.39 -16.66 -31.01
C GLY H 167 -0.34 -16.40 -29.93
N VAL H 168 0.91 -16.79 -30.16
CA VAL H 168 1.89 -16.58 -29.13
C VAL H 168 2.13 -15.08 -29.01
N GLY H 169 2.20 -14.41 -30.15
CA GLY H 169 2.41 -12.97 -30.19
C GLY H 169 1.59 -12.14 -29.21
N HIS H 170 0.27 -12.31 -29.22
CA HIS H 170 -0.60 -11.40 -28.49
C HIS H 170 -0.56 -11.68 -26.98
N TYR H 171 -0.28 -12.91 -26.59
CA TYR H 171 0.04 -13.21 -25.19
C TYR H 171 1.37 -12.60 -24.78
N ALA H 172 2.36 -12.71 -25.67
CA ALA H 172 3.70 -12.21 -25.38
C ALA H 172 3.69 -10.72 -25.05
N VAL H 173 2.95 -9.93 -25.83
CA VAL H 173 2.94 -8.49 -25.60
C VAL H 173 2.36 -8.15 -24.23
N GLN H 174 1.24 -8.78 -23.92
CA GLN H 174 0.56 -8.59 -22.63
C GLN H 174 1.48 -8.96 -21.48
N LEU H 175 2.01 -10.17 -21.52
CA LEU H 175 2.92 -10.65 -20.48
C LEU H 175 4.15 -9.77 -20.30
N ALA H 176 4.72 -9.29 -21.41
CA ALA H 176 5.93 -8.50 -21.35
C ALA H 176 5.65 -7.18 -20.64
N LYS H 177 4.45 -6.64 -20.84
CA LYS H 177 4.04 -5.43 -20.13
C LYS H 177 3.91 -5.61 -18.62
N LEU H 178 3.42 -6.76 -18.18
CA LEU H 178 3.36 -7.09 -16.76
C LEU H 178 4.73 -7.21 -16.11
N ALA H 179 5.78 -7.40 -16.91
CA ALA H 179 7.14 -7.45 -16.38
C ALA H 179 7.83 -6.09 -16.47
N ASN H 180 7.03 -5.06 -16.74
CA ASN H 180 7.50 -3.68 -16.84
C ASN H 180 8.60 -3.58 -17.85
N ALA H 181 8.34 -4.09 -19.03
CA ALA H 181 9.25 -3.95 -20.14
C ALA H 181 8.70 -2.95 -21.15
N HIS H 182 9.60 -2.32 -21.90
CA HIS H 182 9.19 -1.56 -23.09
C HIS H 182 8.94 -2.51 -24.27
N VAL H 183 7.75 -2.48 -24.84
CA VAL H 183 7.42 -3.44 -25.88
C VAL H 183 7.29 -2.82 -27.25
N THR H 184 8.10 -3.31 -28.18
CA THR H 184 8.05 -2.88 -29.57
C THR H 184 7.46 -4.05 -30.34
N ALA H 185 6.46 -3.82 -31.17
CA ALA H 185 5.79 -4.93 -31.83
C ALA H 185 5.67 -4.77 -33.35
N THR H 186 5.69 -5.88 -34.08
CA THR H 186 5.42 -5.87 -35.52
C THR H 186 4.21 -6.70 -35.84
N CYS H 187 3.43 -6.22 -36.82
CA CYS H 187 2.22 -6.91 -37.30
C CYS H 187 1.77 -6.32 -38.61
N GLY H 188 0.69 -6.86 -39.16
CA GLY H 188 0.17 -6.36 -40.42
C GLY H 188 -0.44 -5.00 -40.19
N ALA H 189 -0.56 -4.20 -41.24
CA ALA H 189 -1.15 -2.87 -41.16
C ALA H 189 -2.52 -2.90 -40.50
N ARG H 190 -3.35 -3.88 -40.88
CA ARG H 190 -4.71 -3.97 -40.35
C ARG H 190 -4.75 -4.10 -38.81
N ASN H 191 -3.75 -4.75 -38.22
CA ASN H 191 -3.77 -5.11 -36.80
C ASN H 191 -3.05 -4.14 -35.90
N ILE H 192 -2.58 -3.05 -36.50
CA ILE H 192 -1.73 -2.10 -35.80
C ILE H 192 -2.46 -1.51 -34.57
N GLU H 193 -3.74 -1.20 -34.72
CA GLU H 193 -4.51 -0.66 -33.61
C GLU H 193 -4.71 -1.73 -32.54
N PHE H 194 -5.05 -2.92 -33.00
CA PHE H 194 -5.23 -4.05 -32.11
C PHE H 194 -4.03 -4.30 -31.23
N VAL H 195 -2.84 -4.31 -31.83
CA VAL H 195 -1.63 -4.61 -31.07
C VAL H 195 -1.36 -3.48 -30.07
N LYS H 196 -1.67 -2.23 -30.43
CA LYS H 196 -1.53 -1.12 -29.49
C LYS H 196 -2.36 -1.41 -28.24
N SER H 197 -3.54 -1.98 -28.43
CA SER H 197 -4.49 -2.20 -27.35
C SER H 197 -4.05 -3.31 -26.41
N LEU H 198 -3.07 -4.10 -26.85
CA LEU H 198 -2.54 -5.17 -26.01
C LEU H 198 -1.54 -4.59 -25.02
N GLY H 199 -1.15 -3.34 -25.25
CA GLY H 199 -0.19 -2.68 -24.38
C GLY H 199 1.15 -2.33 -25.00
N ALA H 200 1.32 -2.65 -26.28
CA ALA H 200 2.57 -2.39 -26.99
C ALA H 200 2.85 -0.90 -26.95
N ASP H 201 4.11 -0.54 -26.68
CA ASP H 201 4.51 0.86 -26.64
C ASP H 201 4.75 1.38 -28.05
N GLU H 202 5.36 0.56 -28.89
CA GLU H 202 5.57 0.94 -30.29
C GLU H 202 5.08 -0.20 -31.18
N VAL H 203 4.42 0.14 -32.29
CA VAL H 203 3.96 -0.89 -33.23
C VAL H 203 4.35 -0.56 -34.67
N LEU H 204 4.94 -1.53 -35.37
CA LEU H 204 5.44 -1.32 -36.73
C LEU H 204 4.75 -2.22 -37.76
N ASP H 205 4.29 -1.62 -38.86
CA ASP H 205 3.81 -2.37 -40.03
C ASP H 205 5.02 -3.07 -40.67
N TYR H 206 5.00 -4.40 -40.69
CA TYR H 206 6.18 -5.15 -41.11
C TYR H 206 6.45 -5.03 -42.61
N LYS H 207 5.53 -4.41 -43.34
CA LYS H 207 5.73 -4.26 -44.77
C LYS H 207 6.38 -2.91 -45.11
N THR H 208 6.23 -1.91 -44.25
CA THR H 208 7.03 -0.71 -44.47
C THR H 208 8.49 -1.03 -44.16
N PRO H 209 9.43 -0.37 -44.88
CA PRO H 209 10.85 -0.62 -44.62
C PRO H 209 11.19 -0.54 -43.14
N GLU H 210 10.53 0.38 -42.44
CA GLU H 210 10.72 0.58 -41.02
C GLU H 210 10.41 -0.72 -40.27
N GLY H 211 9.30 -1.38 -40.64
CA GLY H 211 8.90 -2.62 -40.01
C GLY H 211 9.68 -3.85 -40.44
N ALA H 212 10.05 -3.90 -41.71
CA ALA H 212 10.92 -4.95 -42.24
C ALA H 212 12.33 -4.91 -41.62
N ALA H 213 12.78 -3.70 -41.31
CA ALA H 213 14.12 -3.51 -40.81
C ALA H 213 14.16 -3.72 -39.32
N LEU H 214 12.97 -3.72 -38.73
CA LEU H 214 12.77 -3.92 -37.28
C LEU H 214 13.25 -2.72 -36.47
N LYS H 215 13.46 -1.59 -37.15
CA LYS H 215 13.97 -0.37 -36.52
C LYS H 215 13.00 0.29 -35.52
N SER H 216 13.45 0.40 -34.27
CA SER H 216 12.61 1.07 -33.28
C SER H 216 12.46 2.51 -33.61
N PRO H 217 11.21 2.98 -33.64
CA PRO H 217 10.93 4.41 -33.85
C PRO H 217 11.69 5.33 -32.84
N SER H 218 11.76 4.91 -31.57
CA SER H 218 12.42 5.69 -30.54
C SER H 218 13.88 5.24 -30.38
N GLY H 219 14.38 4.47 -31.33
CA GLY H 219 15.78 4.12 -31.35
C GLY H 219 16.18 3.09 -30.31
N LYS H 220 15.20 2.34 -29.83
CA LYS H 220 15.46 1.28 -28.86
C LYS H 220 16.35 0.18 -29.45
N LYS H 221 17.22 -0.38 -28.61
CA LYS H 221 17.90 -1.62 -28.93
C LYS H 221 17.29 -2.71 -28.01
N TYR H 222 16.99 -3.87 -28.56
CA TYR H 222 16.23 -4.88 -27.80
C TYR H 222 17.09 -5.86 -27.02
N ASP H 223 16.72 -6.08 -25.77
CA ASP H 223 17.44 -7.02 -24.92
C ASP H 223 16.99 -8.43 -25.29
N ALA H 224 15.76 -8.52 -25.76
CA ALA H 224 15.23 -9.82 -26.16
C ALA H 224 14.16 -9.66 -27.22
N VAL H 225 14.09 -10.66 -28.09
CA VAL H 225 13.03 -10.73 -29.08
C VAL H 225 12.22 -12.02 -28.93
N VAL H 226 10.91 -11.89 -28.71
CA VAL H 226 10.04 -13.05 -28.80
C VAL H 226 9.62 -13.14 -30.27
N HIS H 227 10.39 -13.90 -31.03
CA HIS H 227 10.28 -13.96 -32.48
C HIS H 227 9.23 -14.97 -32.93
N CYS H 228 8.06 -14.48 -33.32
CA CYS H 228 6.96 -15.36 -33.68
C CYS H 228 6.74 -15.41 -35.18
N ALA H 229 7.35 -14.47 -35.91
CA ALA H 229 7.26 -14.48 -37.38
C ALA H 229 8.27 -15.49 -37.94
N ASN H 230 8.42 -15.55 -39.26
CA ASN H 230 9.25 -16.62 -39.82
C ASN H 230 10.32 -16.23 -40.83
N GLY H 231 10.06 -15.22 -41.63
CA GLY H 231 10.97 -14.94 -42.73
C GLY H 231 12.20 -14.11 -42.43
N ILE H 232 12.66 -14.09 -41.17
CA ILE H 232 13.72 -13.15 -40.82
C ILE H 232 15.05 -13.81 -40.42
N PRO H 233 16.12 -13.46 -41.14
CA PRO H 233 17.49 -13.93 -40.84
C PRO H 233 18.12 -13.14 -39.73
N PHE H 234 19.13 -13.69 -39.09
CA PHE H 234 19.70 -13.06 -37.93
C PHE H 234 20.27 -11.68 -38.26
N SER H 235 20.75 -11.55 -39.49
CA SER H 235 21.23 -10.29 -40.04
C SER H 235 20.32 -9.10 -39.70
N VAL H 236 19.01 -9.30 -39.83
CA VAL H 236 18.06 -8.21 -39.63
C VAL H 236 17.87 -7.86 -38.15
N PHE H 237 17.99 -8.86 -37.30
CA PHE H 237 17.86 -8.62 -35.88
C PHE H 237 19.10 -7.88 -35.36
N GLU H 238 20.27 -8.41 -35.75
CA GLU H 238 21.56 -8.05 -35.16
C GLU H 238 21.78 -6.56 -34.81
N PRO H 239 21.65 -5.63 -35.80
CA PRO H 239 21.93 -4.25 -35.44
C PRO H 239 20.89 -3.61 -34.53
N ASN H 240 19.72 -4.25 -34.36
CA ASN H 240 18.70 -3.78 -33.42
C ASN H 240 18.81 -4.35 -32.00
N LEU H 241 19.70 -5.33 -31.83
CA LEU H 241 19.90 -5.95 -30.53
C LEU H 241 20.82 -5.14 -29.65
N SER H 242 20.57 -5.19 -28.35
CA SER H 242 21.50 -4.66 -27.36
C SER H 242 22.80 -5.49 -27.38
N GLU H 243 23.79 -5.09 -26.57
CA GLU H 243 25.10 -5.74 -26.62
C GLU H 243 25.00 -7.24 -26.43
N ASN H 244 24.11 -7.68 -25.55
CA ASN H 244 23.95 -9.10 -25.27
C ASN H 244 22.54 -9.60 -25.55
N GLY H 245 21.84 -8.91 -26.44
CA GLY H 245 20.49 -9.27 -26.81
C GLY H 245 20.32 -10.69 -27.34
N LYS H 246 19.21 -11.31 -26.95
CA LYS H 246 18.86 -12.63 -27.43
C LYS H 246 17.59 -12.57 -28.29
N VAL H 247 17.68 -13.11 -29.49
CA VAL H 247 16.47 -13.36 -30.27
C VAL H 247 15.98 -14.79 -29.99
N ILE H 248 14.74 -14.90 -29.50
CA ILE H 248 14.16 -16.18 -29.10
C ILE H 248 13.20 -16.71 -30.16
N ASP H 249 13.64 -17.69 -30.94
CA ASP H 249 12.82 -18.21 -32.02
C ASP H 249 11.88 -19.26 -31.43
N ILE H 250 10.58 -18.94 -31.38
CA ILE H 250 9.64 -19.84 -30.73
C ILE H 250 9.08 -20.83 -31.75
N THR H 251 9.58 -20.77 -32.97
CA THR H 251 9.17 -21.72 -34.01
C THR H 251 10.39 -22.13 -34.86
N PRO H 252 11.40 -22.75 -34.21
CA PRO H 252 12.77 -22.86 -34.77
C PRO H 252 12.93 -23.95 -35.83
N GLY H 253 13.45 -23.59 -36.99
CA GLY H 253 13.74 -24.57 -38.01
C GLY H 253 15.21 -24.96 -38.00
N PRO H 254 15.64 -25.66 -39.06
CA PRO H 254 17.05 -26.01 -39.22
C PRO H 254 17.96 -24.78 -39.28
N ASN H 255 17.49 -23.71 -39.92
CA ASN H 255 18.23 -22.46 -39.96
C ASN H 255 18.49 -21.93 -38.57
N ALA H 256 17.45 -21.91 -37.73
CA ALA H 256 17.57 -21.37 -36.38
C ALA H 256 18.49 -22.25 -35.57
N MET H 257 18.28 -23.57 -35.69
CA MET H 257 19.11 -24.57 -35.01
C MET H 257 20.58 -24.40 -35.35
N TRP H 258 20.89 -24.25 -36.64
CA TRP H 258 22.25 -24.02 -37.10
C TRP H 258 22.81 -22.72 -36.54
N THR H 259 22.06 -21.65 -36.73
CA THR H 259 22.48 -20.35 -36.24
C THR H 259 22.83 -20.46 -34.75
N TYR H 260 21.95 -21.11 -34.00
CA TYR H 260 22.17 -21.34 -32.59
C TYR H 260 23.51 -21.98 -32.32
N ALA H 261 23.84 -22.98 -33.12
CA ALA H 261 25.09 -23.71 -32.94
C ALA H 261 26.29 -22.81 -33.21
N VAL H 262 26.24 -22.07 -34.30
CA VAL H 262 27.37 -21.26 -34.72
C VAL H 262 27.61 -20.14 -33.73
N LYS H 263 26.55 -19.40 -33.38
CA LYS H 263 26.65 -18.33 -32.40
C LYS H 263 27.15 -18.86 -31.05
N LYS H 264 26.89 -20.12 -30.75
CA LYS H 264 27.34 -20.72 -29.50
C LYS H 264 28.84 -20.99 -29.54
N ILE H 265 29.25 -21.66 -30.61
CA ILE H 265 30.62 -22.11 -30.78
C ILE H 265 31.59 -20.95 -31.06
N THR H 266 31.06 -19.83 -31.55
CA THR H 266 31.89 -18.65 -31.78
C THR H 266 31.73 -17.66 -30.64
N MET H 267 31.06 -18.08 -29.58
CA MET H 267 30.82 -17.24 -28.41
C MET H 267 30.30 -15.85 -28.72
N SER H 268 29.36 -15.74 -29.66
CA SER H 268 28.77 -14.46 -30.03
C SER H 268 28.05 -13.87 -28.82
N LYS H 269 28.28 -12.59 -28.54
CA LYS H 269 27.65 -11.97 -27.39
C LYS H 269 26.14 -11.88 -27.65
N LYS H 270 25.77 -11.56 -28.88
CA LYS H 270 24.37 -11.62 -29.30
C LYS H 270 24.04 -13.05 -29.68
N GLN H 271 22.92 -13.57 -29.16
CA GLN H 271 22.64 -15.00 -29.22
C GLN H 271 21.30 -15.29 -29.90
N LEU H 272 21.20 -16.44 -30.59
CA LEU H 272 19.87 -16.93 -31.05
C LEU H 272 19.44 -18.15 -30.26
N VAL H 273 18.31 -18.05 -29.60
CA VAL H 273 17.86 -19.10 -28.69
C VAL H 273 16.63 -19.77 -29.25
N PRO H 274 16.77 -21.04 -29.62
CA PRO H 274 15.61 -21.82 -30.04
C PRO H 274 14.76 -22.15 -28.82
N LEU H 275 13.44 -22.06 -28.93
CA LEU H 275 12.62 -22.38 -27.77
C LEU H 275 11.75 -23.61 -28.00
N LEU H 276 11.86 -24.60 -27.12
CA LEU H 276 10.90 -25.69 -27.08
C LEU H 276 10.15 -25.58 -25.76
N LEU H 277 8.82 -25.58 -25.88
CA LEU H 277 7.97 -25.45 -24.72
C LEU H 277 8.00 -26.68 -23.85
N ILE H 278 8.09 -26.47 -22.54
CA ILE H 278 7.88 -27.52 -21.57
C ILE H 278 6.70 -27.12 -20.71
N PRO H 279 5.50 -27.59 -21.09
CA PRO H 279 4.26 -27.26 -20.38
C PRO H 279 4.27 -27.79 -18.96
N LYS H 280 4.22 -26.91 -17.98
CA LYS H 280 4.19 -27.34 -16.59
C LYS H 280 2.90 -26.82 -15.96
N ALA H 281 2.23 -27.64 -15.16
CA ALA H 281 0.90 -27.30 -14.67
C ALA H 281 0.88 -26.02 -13.83
N GLU H 282 1.97 -25.78 -13.11
CA GLU H 282 2.11 -24.57 -12.30
C GLU H 282 1.92 -23.33 -13.17
N ASN H 283 2.51 -23.37 -14.37
CA ASN H 283 2.48 -22.26 -15.30
C ASN H 283 1.12 -22.06 -15.90
N LEU H 284 0.46 -23.16 -16.23
CA LEU H 284 -0.90 -23.11 -16.75
C LEU H 284 -1.85 -22.53 -15.70
N GLU H 285 -1.72 -23.01 -14.47
CA GLU H 285 -2.48 -22.46 -13.36
C GLU H 285 -2.26 -20.96 -13.27
N PHE H 286 -0.99 -20.55 -13.37
CA PHE H 286 -0.59 -19.15 -13.29
C PHE H 286 -1.26 -18.29 -14.36
N MET H 287 -1.15 -18.73 -15.62
CA MET H 287 -1.76 -18.04 -16.75
C MET H 287 -3.28 -17.92 -16.60
N VAL H 288 -3.90 -19.01 -16.15
CA VAL H 288 -5.34 -19.02 -15.89
C VAL H 288 -5.70 -17.95 -14.88
N ASN H 289 -4.91 -17.82 -13.82
CA ASN H 289 -5.15 -16.77 -12.84
C ASN H 289 -5.03 -15.37 -13.45
N LEU H 290 -4.05 -15.19 -14.31
CA LEU H 290 -3.86 -13.90 -14.96
C LEU H 290 -5.10 -13.52 -15.75
N VAL H 291 -5.71 -14.52 -16.38
CA VAL H 291 -6.89 -14.27 -17.19
C VAL H 291 -8.05 -13.94 -16.28
N LYS H 292 -8.19 -14.74 -15.21
CA LYS H 292 -9.23 -14.52 -14.19
C LYS H 292 -9.17 -13.11 -13.60
N GLU H 293 -7.96 -12.67 -13.26
CA GLU H 293 -7.78 -11.37 -12.63
C GLU H 293 -7.77 -10.24 -13.65
N GLY H 294 -7.99 -10.58 -14.92
CA GLY H 294 -8.07 -9.58 -15.97
C GLY H 294 -6.74 -8.98 -16.37
N LYS H 295 -5.65 -9.48 -15.81
CA LYS H 295 -4.32 -8.96 -16.15
C LYS H 295 -3.86 -9.41 -17.54
N VAL H 296 -4.53 -10.43 -18.08
CA VAL H 296 -4.26 -10.92 -19.43
C VAL H 296 -5.57 -11.29 -20.08
N LYS H 297 -5.81 -10.80 -21.29
CA LYS H 297 -7.03 -11.20 -21.99
C LYS H 297 -6.69 -12.10 -23.19
N THR H 298 -7.47 -13.16 -23.35
CA THR H 298 -7.42 -14.01 -24.52
C THR H 298 -8.24 -13.42 -25.64
N VAL H 299 -7.64 -13.09 -26.78
CA VAL H 299 -8.48 -12.68 -27.89
C VAL H 299 -8.74 -13.89 -28.77
N ILE H 300 -10.00 -14.08 -29.13
CA ILE H 300 -10.41 -15.21 -29.96
C ILE H 300 -10.62 -14.73 -31.38
N ASP H 301 -9.88 -15.30 -32.33
CA ASP H 301 -10.05 -14.95 -33.74
C ASP H 301 -11.41 -15.40 -34.26
N SER H 302 -11.83 -16.61 -33.91
CA SER H 302 -13.06 -17.18 -34.46
C SER H 302 -13.46 -18.43 -33.73
N LYS H 303 -14.76 -18.72 -33.76
CA LYS H 303 -15.29 -19.91 -33.14
C LYS H 303 -15.99 -20.76 -34.20
N HIS H 304 -15.59 -22.02 -34.28
CA HIS H 304 -16.20 -22.94 -35.21
C HIS H 304 -16.73 -24.19 -34.53
N PRO H 305 -17.87 -24.69 -35.00
CA PRO H 305 -18.40 -25.94 -34.48
C PRO H 305 -17.59 -27.11 -35.00
N LEU H 306 -17.47 -28.16 -34.19
CA LEU H 306 -16.75 -29.37 -34.57
C LEU H 306 -17.22 -29.91 -35.91
N SER H 307 -18.51 -29.73 -36.20
CA SER H 307 -19.06 -30.23 -37.46
C SER H 307 -18.46 -29.49 -38.63
N LYS H 308 -17.96 -28.29 -38.38
CA LYS H 308 -17.37 -27.48 -39.43
C LYS H 308 -15.89 -27.16 -39.12
N ALA H 309 -15.20 -28.06 -38.44
CA ALA H 309 -13.83 -27.81 -37.97
C ALA H 309 -12.79 -27.58 -39.09
N GLU H 310 -13.02 -28.16 -40.27
CA GLU H 310 -12.12 -27.94 -41.41
C GLU H 310 -11.95 -26.47 -41.68
N ASP H 311 -13.04 -25.70 -41.54
CA ASP H 311 -13.00 -24.26 -41.66
C ASP H 311 -11.96 -23.68 -40.72
N ALA H 312 -11.97 -24.12 -39.46
CA ALA H 312 -10.99 -23.63 -38.49
C ALA H 312 -9.59 -24.02 -38.92
N TRP H 313 -9.44 -25.27 -39.35
CA TRP H 313 -8.17 -25.82 -39.83
C TRP H 313 -7.57 -24.99 -40.97
N ALA H 314 -8.39 -24.70 -41.98
CA ALA H 314 -7.94 -23.89 -43.10
C ALA H 314 -7.58 -22.47 -42.65
N LYS H 315 -8.30 -21.95 -41.67
CA LYS H 315 -8.05 -20.61 -41.18
C LYS H 315 -6.67 -20.59 -40.55
N SER H 316 -6.38 -21.62 -39.77
CA SER H 316 -5.05 -21.77 -39.19
C SER H 316 -3.94 -21.93 -40.23
N ILE H 317 -4.16 -22.80 -41.20
CA ILE H 317 -3.23 -22.96 -42.31
C ILE H 317 -2.94 -21.63 -43.04
N ASP H 318 -3.96 -20.80 -43.24
CA ASP H 318 -3.76 -19.47 -43.83
C ASP H 318 -2.96 -18.59 -42.90
N GLY H 319 -3.14 -18.82 -41.60
CA GLY H 319 -2.41 -18.12 -40.56
C GLY H 319 -2.57 -16.62 -40.58
N HIS H 320 -3.75 -16.13 -40.95
CA HIS H 320 -3.98 -14.70 -40.84
C HIS H 320 -4.77 -14.45 -39.58
N ALA H 321 -4.91 -15.50 -38.77
CA ALA H 321 -5.66 -15.40 -37.53
C ALA H 321 -5.16 -14.30 -36.60
N THR H 322 -6.09 -13.63 -35.94
CA THR H 322 -5.75 -12.62 -34.94
C THR H 322 -6.07 -13.12 -33.55
N GLY H 323 -5.06 -13.55 -32.82
CA GLY H 323 -5.31 -14.28 -31.59
C GLY H 323 -5.48 -15.76 -31.88
N LYS H 324 -6.40 -16.42 -31.16
CA LYS H 324 -6.51 -17.88 -31.25
C LYS H 324 -7.81 -18.38 -31.85
N ILE H 325 -7.71 -19.38 -32.71
CA ILE H 325 -8.85 -20.02 -33.35
C ILE H 325 -9.42 -21.12 -32.45
N ILE H 326 -10.74 -21.11 -32.28
CA ILE H 326 -11.40 -22.03 -31.35
C ILE H 326 -12.38 -22.96 -32.04
N VAL H 327 -12.34 -24.24 -31.66
CA VAL H 327 -13.40 -25.15 -32.11
C VAL H 327 -14.21 -25.64 -30.89
N GLU H 328 -15.52 -25.38 -30.95
CA GLU H 328 -16.46 -25.78 -29.92
C GLU H 328 -17.37 -26.92 -30.41
N PRO H 329 -18.08 -27.59 -29.49
CA PRO H 329 -18.98 -28.60 -30.01
C PRO H 329 -20.30 -27.97 -30.48
N LEU I 5 56.25 -1.27 35.56
CA LEU I 5 55.25 -2.10 34.83
C LEU I 5 54.04 -2.64 35.63
N MET I 6 52.81 -2.30 35.23
CA MET I 6 51.59 -2.76 35.94
C MET I 6 50.52 -3.34 35.00
N HIS I 7 49.56 -4.08 35.56
CA HIS I 7 48.55 -4.79 34.78
C HIS I 7 47.32 -3.92 34.52
N ALA I 8 46.80 -3.96 33.31
CA ALA I 8 45.67 -3.09 33.02
C ALA I 8 44.83 -3.59 31.88
N LEU I 9 43.68 -2.96 31.69
CA LEU I 9 42.82 -3.30 30.57
C LEU I 9 42.63 -2.14 29.61
N GLN I 10 42.78 -2.43 28.31
CA GLN I 10 42.79 -1.43 27.25
C GLN I 10 41.88 -1.80 26.12
N TYR I 11 41.22 -0.84 25.51
CA TYR I 11 40.69 -1.08 24.17
C TYR I 11 41.43 -0.13 23.23
N ASN I 12 41.67 -0.58 22.00
CA ASN I 12 42.50 0.12 21.04
C ASN I 12 41.67 0.52 19.85
N SER I 13 40.35 0.44 20.00
CA SER I 13 39.46 0.54 18.86
C SER I 13 38.03 0.74 19.33
N TYR I 14 37.20 1.32 18.47
CA TYR I 14 35.76 1.43 18.77
C TYR I 14 35.05 0.09 18.52
N GLY I 15 34.00 -0.14 19.28
CA GLY I 15 33.05 -1.20 19.00
C GLY I 15 33.43 -2.62 19.41
N GLY I 16 34.57 -2.79 20.06
CA GLY I 16 34.96 -4.11 20.51
C GLY I 16 33.99 -4.84 21.45
N GLY I 17 33.31 -4.12 22.33
CA GLY I 17 32.56 -4.76 23.40
C GLY I 17 33.55 -5.35 24.39
N ALA I 18 33.13 -6.37 25.15
CA ALA I 18 34.04 -6.96 26.12
C ALA I 18 35.14 -7.72 25.40
N ALA I 19 34.85 -8.17 24.19
CA ALA I 19 35.84 -8.86 23.39
C ALA I 19 37.01 -7.96 23.10
N GLY I 20 36.71 -6.68 22.87
CA GLY I 20 37.71 -5.71 22.47
C GLY I 20 38.61 -5.22 23.58
N LEU I 21 38.31 -5.60 24.82
CA LEU I 21 39.22 -5.33 25.95
C LEU I 21 40.44 -6.25 25.86
N GLU I 22 41.61 -5.72 26.20
CA GLU I 22 42.84 -6.51 26.20
C GLU I 22 43.54 -6.38 27.53
N HIS I 23 43.99 -7.50 28.08
CA HIS I 23 44.85 -7.40 29.24
C HIS I 23 46.25 -7.07 28.77
N VAL I 24 46.86 -6.06 29.39
CA VAL I 24 48.18 -5.56 28.98
C VAL I 24 49.03 -5.25 30.21
N GLN I 25 50.32 -5.16 30.00
CA GLN I 25 51.16 -4.64 31.06
C GLN I 25 51.73 -3.32 30.57
N VAL I 26 51.61 -2.32 31.43
CA VAL I 26 51.77 -0.91 31.08
C VAL I 26 52.54 -0.25 32.21
N PRO I 27 53.37 0.75 31.87
CA PRO I 27 54.11 1.49 32.90
C PRO I 27 53.19 2.14 33.94
N VAL I 28 53.57 2.00 35.21
CA VAL I 28 52.87 2.63 36.31
C VAL I 28 52.95 4.11 36.15
N PRO I 29 51.80 4.80 36.17
CA PRO I 29 51.82 6.24 35.92
C PRO I 29 52.57 7.03 37.01
N THR I 30 53.03 8.23 36.65
CA THR I 30 53.75 9.09 37.58
C THR I 30 52.93 10.34 37.93
N PRO I 31 52.73 10.59 39.23
CA PRO I 31 51.92 11.75 39.64
C PRO I 31 52.57 13.08 39.29
N LYS I 32 51.77 14.00 38.78
CA LYS I 32 52.24 15.35 38.51
C LYS I 32 52.16 16.19 39.79
N SER I 33 52.51 17.48 39.68
CA SER I 33 52.60 18.39 40.82
C SER I 33 51.46 18.22 41.80
N ASN I 34 50.24 18.14 41.26
CA ASN I 34 49.04 18.13 42.07
C ASN I 34 48.27 16.82 42.08
N GLU I 35 48.91 15.76 41.59
CA GLU I 35 48.28 14.46 41.51
C GLU I 35 48.77 13.56 42.63
N VAL I 36 48.01 12.51 42.94
CA VAL I 36 48.50 11.45 43.81
C VAL I 36 48.45 10.15 43.05
N CYS I 37 49.32 9.21 43.41
CA CYS I 37 49.30 7.89 42.79
C CYS I 37 48.73 6.84 43.74
N LEU I 38 47.75 6.07 43.27
CA LEU I 38 47.06 5.09 44.09
C LEU I 38 47.29 3.64 43.69
N LYS I 39 47.62 2.81 44.67
CA LYS I 39 47.48 1.38 44.50
C LYS I 39 45.99 1.12 44.65
N LEU I 40 45.36 0.62 43.58
CA LEU I 40 43.90 0.46 43.60
C LEU I 40 43.46 -0.73 44.45
N GLU I 41 42.36 -0.53 45.17
CA GLU I 41 41.76 -1.58 45.97
C GLU I 41 40.39 -1.96 45.41
N ALA I 42 39.74 -0.97 44.78
CA ALA I 42 38.45 -1.22 44.14
C ALA I 42 38.17 -0.21 43.04
N THR I 43 37.63 -0.69 41.93
CA THR I 43 37.21 0.19 40.85
C THR I 43 35.76 -0.10 40.47
N SER I 44 35.00 0.97 40.21
CA SER I 44 33.60 0.87 39.88
C SER I 44 33.34 1.23 38.41
N LEU I 45 32.46 0.49 37.76
CA LEU I 45 32.08 0.78 36.38
C LEU I 45 30.84 1.70 36.29
N ASN I 46 30.78 2.47 35.21
CA ASN I 46 29.64 3.32 34.92
C ASN I 46 29.33 3.09 33.47
N PRO I 47 28.04 3.21 33.09
CA PRO I 47 27.61 2.95 31.71
C PRO I 47 28.38 3.81 30.69
N VAL I 48 28.72 5.03 31.08
CA VAL I 48 29.53 5.88 30.23
C VAL I 48 30.74 5.14 29.67
N ASP I 49 31.37 4.36 30.55
CA ASP I 49 32.63 3.68 30.25
C ASP I 49 32.54 2.80 29.00
N TRP I 50 31.48 2.01 28.85
CA TRP I 50 31.39 1.14 27.68
C TRP I 50 30.76 1.88 26.51
N LYS I 51 29.98 2.91 26.79
CA LYS I 51 29.44 3.75 25.74
C LYS I 51 30.55 4.49 24.98
N ILE I 52 31.57 4.93 25.71
CA ILE I 52 32.68 5.61 25.07
C ILE I 52 33.30 4.68 24.03
N GLN I 53 33.48 3.43 24.44
CA GLN I 53 34.06 2.41 23.59
C GLN I 53 33.18 2.12 22.38
N LYS I 54 31.86 2.10 22.58
CA LYS I 54 30.95 1.84 21.45
C LYS I 54 31.08 2.97 20.44
N GLY I 55 31.51 4.14 20.91
CA GLY I 55 31.75 5.30 20.06
C GLY I 55 30.65 6.33 20.21
N MET I 56 29.78 6.10 21.17
CA MET I 56 28.62 6.95 21.33
C MET I 56 29.02 8.34 21.83
N ILE I 57 30.22 8.48 22.37
CA ILE I 57 30.59 9.78 22.91
C ILE I 57 31.54 10.52 21.95
N ARG I 58 31.68 9.98 20.75
CA ARG I 58 32.38 10.71 19.73
C ARG I 58 31.60 12.00 19.42
N PRO I 59 32.32 13.12 19.14
CA PRO I 59 33.77 13.23 18.94
C PRO I 59 34.51 13.63 20.19
N PHE I 60 33.84 13.73 21.33
CA PHE I 60 34.49 14.15 22.59
C PHE I 60 35.37 13.10 23.28
N LEU I 61 34.94 11.83 23.28
CA LEU I 61 35.68 10.73 23.91
C LEU I 61 35.62 9.46 23.08
N PRO I 62 36.66 8.64 23.18
CA PRO I 62 37.88 8.84 23.95
C PRO I 62 38.86 9.79 23.28
N ARG I 63 39.79 10.35 24.03
CA ARG I 63 40.69 11.34 23.45
C ARG I 63 41.68 10.67 22.48
N LYS I 64 42.37 9.65 22.95
CA LYS I 64 43.34 8.92 22.13
C LYS I 64 43.22 7.45 22.48
N PHE I 65 43.48 6.58 21.51
CA PHE I 65 43.66 5.15 21.80
C PHE I 65 45.12 4.89 22.10
N PRO I 66 45.42 3.86 22.90
CA PRO I 66 44.49 2.96 23.58
C PRO I 66 43.92 3.62 24.83
N CYS I 67 42.78 3.15 25.28
CA CYS I 67 42.13 3.67 26.46
CA CYS I 67 42.17 3.65 26.49
C CYS I 67 42.17 2.63 27.59
N ILE I 68 42.33 3.13 28.81
CA ILE I 68 42.14 2.32 29.98
C ILE I 68 40.88 2.84 30.66
N PRO I 69 39.82 2.01 30.70
CA PRO I 69 38.49 2.46 31.14
C PRO I 69 38.34 2.68 32.66
N ALA I 70 37.28 3.40 33.02
CA ALA I 70 36.76 3.58 34.39
C ALA I 70 37.38 4.78 35.10
N THR I 71 36.57 5.45 35.91
CA THR I 71 36.97 6.65 36.61
C THR I 71 36.79 6.54 38.13
N ASP I 72 35.87 5.69 38.59
CA ASP I 72 35.50 5.58 40.03
C ASP I 72 36.38 4.60 40.74
N VAL I 73 37.07 5.09 41.76
CA VAL I 73 38.27 4.43 42.22
C VAL I 73 38.48 4.61 43.72
N ALA I 74 38.99 3.58 44.38
CA ALA I 74 39.34 3.68 45.79
C ALA I 74 40.61 2.87 46.02
N GLY I 75 41.51 3.40 46.82
CA GLY I 75 42.77 2.72 47.05
C GLY I 75 43.65 3.35 48.11
N GLU I 76 44.92 2.95 48.10
CA GLU I 76 45.89 3.49 49.06
C GLU I 76 46.89 4.35 48.35
N VAL I 77 47.21 5.48 48.95
CA VAL I 77 48.18 6.40 48.35
C VAL I 77 49.55 5.76 48.38
N VAL I 78 50.17 5.68 47.22
CA VAL I 78 51.50 5.11 47.07
C VAL I 78 52.54 6.24 47.04
N GLU I 79 52.16 7.34 46.39
CA GLU I 79 53.10 8.43 46.09
C GLU I 79 52.35 9.71 45.76
N VAL I 80 52.84 10.84 46.24
CA VAL I 80 52.21 12.12 45.94
C VAL I 80 53.14 13.03 45.13
N GLY I 81 52.58 14.04 44.50
CA GLY I 81 53.36 14.98 43.72
C GLY I 81 53.87 16.07 44.63
N SER I 82 54.75 16.91 44.11
CA SER I 82 55.38 17.97 44.89
C SER I 82 54.39 18.93 45.55
N GLY I 83 53.28 19.21 44.87
CA GLY I 83 52.33 20.17 45.39
C GLY I 83 51.33 19.61 46.38
N VAL I 84 51.27 18.29 46.50
CA VAL I 84 50.23 17.68 47.31
C VAL I 84 50.42 17.96 48.79
N LYS I 85 49.40 18.56 49.40
CA LYS I 85 49.47 18.96 50.79
C LYS I 85 48.69 18.05 51.72
N ASN I 86 47.53 17.58 51.27
CA ASN I 86 46.61 16.90 52.16
C ASN I 86 46.71 15.38 52.24
N PHE I 87 47.55 14.76 51.43
CA PHE I 87 47.67 13.32 51.47
C PHE I 87 49.11 12.85 51.53
N LYS I 88 49.33 11.78 52.30
CA LYS I 88 50.62 11.15 52.42
C LYS I 88 50.52 9.70 51.97
N ALA I 89 51.67 9.07 51.73
CA ALA I 89 51.69 7.66 51.39
C ALA I 89 51.11 6.88 52.55
N GLY I 90 50.29 5.87 52.22
CA GLY I 90 49.67 5.04 53.23
C GLY I 90 48.22 5.41 53.46
N ASP I 91 47.87 6.66 53.14
CA ASP I 91 46.47 7.11 53.25
C ASP I 91 45.53 6.28 52.38
N LYS I 92 44.39 5.91 52.94
CA LYS I 92 43.34 5.24 52.16
C LYS I 92 42.39 6.28 51.61
N VAL I 93 42.08 6.18 50.33
CA VAL I 93 41.24 7.19 49.70
C VAL I 93 40.16 6.63 48.80
N VAL I 94 39.26 7.52 48.42
CA VAL I 94 38.36 7.32 47.28
C VAL I 94 38.59 8.51 46.37
N ALA I 95 38.53 8.31 45.06
CA ALA I 95 38.88 9.37 44.12
C ALA I 95 38.16 9.25 42.78
N VAL I 96 38.17 10.35 42.04
CA VAL I 96 37.62 10.36 40.70
C VAL I 96 38.71 10.66 39.69
N LEU I 97 38.97 9.69 38.82
CA LEU I 97 39.98 9.85 37.78
C LEU I 97 39.47 10.79 36.70
N SER I 98 40.36 11.42 35.95
CA SER I 98 39.88 12.24 34.85
C SER I 98 39.16 11.37 33.83
N HIS I 99 37.92 11.72 33.51
CA HIS I 99 37.25 11.13 32.35
C HIS I 99 38.06 11.21 31.03
N LEU I 100 39.04 12.10 30.97
CA LEU I 100 39.82 12.26 29.74
C LEU I 100 40.86 11.17 29.60
N GLY I 101 41.44 10.75 30.73
CA GLY I 101 42.50 9.76 30.71
C GLY I 101 42.10 8.36 31.15
N GLY I 102 40.96 8.27 31.84
CA GLY I 102 40.50 7.00 32.38
C GLY I 102 41.46 6.51 33.44
N GLY I 103 41.76 5.21 33.40
CA GLY I 103 42.79 4.63 34.24
C GLY I 103 42.30 3.67 35.31
N GLY I 104 40.97 3.56 35.46
CA GLY I 104 40.35 2.70 36.44
C GLY I 104 40.67 1.21 36.44
N LEU I 105 40.64 0.58 35.28
CA LEU I 105 40.94 -0.84 35.21
C LEU I 105 42.43 -1.13 35.18
N ALA I 106 43.10 -0.94 36.31
CA ALA I 106 44.53 -1.09 36.42
C ALA I 106 44.95 -1.22 37.88
N GLU I 107 46.21 -1.55 38.12
CA GLU I 107 46.66 -1.75 39.49
C GLU I 107 46.94 -0.41 40.13
N PHE I 108 47.30 0.56 39.29
CA PHE I 108 47.64 1.90 39.78
C PHE I 108 46.98 2.96 38.91
N ALA I 109 46.61 4.05 39.57
CA ALA I 109 46.05 5.20 38.85
C ALA I 109 46.51 6.51 39.49
N VAL I 110 46.56 7.58 38.72
CA VAL I 110 46.82 8.90 39.31
C VAL I 110 45.55 9.74 39.31
N ALA I 111 45.28 10.37 40.44
CA ALA I 111 44.12 11.24 40.60
C ALA I 111 44.58 12.62 41.06
N THR I 112 43.86 13.65 40.63
CA THR I 112 44.18 15.00 41.10
C THR I 112 43.82 15.10 42.55
N GLU I 113 44.57 15.89 43.31
CA GLU I 113 44.28 16.07 44.73
C GLU I 113 42.88 16.65 44.94
N LYS I 114 42.46 17.53 44.04
CA LYS I 114 41.14 18.17 44.12
C LYS I 114 39.98 17.19 43.95
N LEU I 115 40.28 15.99 43.49
CA LEU I 115 39.26 14.97 43.36
C LEU I 115 39.64 13.71 44.12
N THR I 116 40.35 13.89 45.23
CA THR I 116 40.71 12.79 46.10
C THR I 116 40.20 13.07 47.52
N VAL I 117 39.54 12.08 48.11
CA VAL I 117 38.99 12.20 49.46
C VAL I 117 39.47 11.06 50.37
N LYS I 118 39.88 11.39 51.60
CA LYS I 118 40.29 10.38 52.55
C LYS I 118 39.12 9.44 52.84
N ARG I 119 39.39 8.13 52.79
CA ARG I 119 38.39 7.10 53.08
C ARG I 119 38.50 6.63 54.53
N PRO I 120 37.45 6.87 55.34
CA PRO I 120 37.48 6.46 56.75
C PRO I 120 37.54 4.94 56.92
N GLN I 121 37.94 4.49 58.11
CA GLN I 121 38.07 3.06 58.42
C GLN I 121 36.75 2.36 58.23
N GLU I 122 35.67 3.06 58.54
CA GLU I 122 34.33 2.47 58.55
C GLU I 122 33.83 2.07 57.17
N VAL I 123 34.33 2.73 56.14
CA VAL I 123 33.83 2.51 54.79
C VAL I 123 34.77 1.67 53.94
N GLY I 124 34.26 0.54 53.44
CA GLY I 124 35.06 -0.35 52.61
C GLY I 124 35.55 0.30 51.32
N ALA I 125 36.47 -0.36 50.64
CA ALA I 125 36.98 0.19 49.40
C ALA I 125 35.95 0.04 48.28
N ALA I 126 35.25 -1.09 48.25
CA ALA I 126 34.25 -1.30 47.22
C ALA I 126 33.05 -0.38 47.45
N GLU I 127 32.66 -0.22 48.71
CA GLU I 127 31.54 0.63 49.08
C GLU I 127 31.80 2.07 48.65
N ALA I 128 33.04 2.50 48.80
CA ALA I 128 33.43 3.86 48.44
C ALA I 128 33.59 4.08 46.94
N ALA I 129 34.25 3.15 46.27
CA ALA I 129 34.50 3.32 44.85
C ALA I 129 33.20 3.41 44.03
N ALA I 130 32.12 2.87 44.57
CA ALA I 130 30.87 2.91 43.87
C ALA I 130 30.26 4.31 43.89
N LEU I 131 30.72 5.13 44.85
CA LEU I 131 30.12 6.43 45.11
C LEU I 131 30.27 7.51 44.02
N PRO I 132 31.50 7.79 43.56
CA PRO I 132 31.74 9.02 42.78
C PRO I 132 30.70 9.35 41.70
N VAL I 133 30.77 8.76 40.51
CA VAL I 133 29.83 9.18 39.45
C VAL I 133 28.36 8.95 39.81
N ALA I 134 28.00 7.72 40.16
CA ALA I 134 26.58 7.43 40.48
C ALA I 134 26.06 8.28 41.66
N GLY I 135 26.80 8.28 42.76
CA GLY I 135 26.40 9.02 43.93
C GLY I 135 26.32 10.51 43.72
N LEU I 136 27.38 11.11 43.20
CA LEU I 136 27.43 12.56 42.99
C LEU I 136 26.39 13.02 41.97
N THR I 137 26.16 12.21 40.93
CA THR I 137 25.08 12.48 40.00
C THR I 137 23.73 12.55 40.73
N ALA I 138 23.42 11.50 41.50
CA ALA I 138 22.17 11.45 42.24
C ALA I 138 22.08 12.68 43.11
N LEU I 139 23.18 12.97 43.79
CA LEU I 139 23.26 14.13 44.68
C LEU I 139 23.02 15.45 43.94
N GLN I 140 23.69 15.65 42.80
CA GLN I 140 23.59 16.91 42.09
C GLN I 140 22.17 17.11 41.58
N ALA I 141 21.57 16.05 41.05
CA ALA I 141 20.22 16.16 40.50
C ALA I 141 19.22 16.57 41.57
N LEU I 142 19.33 15.98 42.75
CA LEU I 142 18.40 16.30 43.84
C LEU I 142 18.68 17.64 44.49
N THR I 143 19.95 18.02 44.52
CA THR I 143 20.39 19.26 45.16
C THR I 143 20.20 20.50 44.29
N ASN I 144 20.58 20.42 43.01
CA ASN I 144 20.52 21.60 42.16
C ASN I 144 19.16 21.73 41.41
N PRO I 145 18.88 20.91 40.37
CA PRO I 145 17.61 21.19 39.69
C PRO I 145 16.37 20.93 40.51
N ALA I 146 16.36 19.88 41.33
CA ALA I 146 15.21 19.56 42.19
C ALA I 146 15.09 20.50 43.37
N GLY I 147 16.21 21.09 43.76
CA GLY I 147 16.18 22.13 44.76
C GLY I 147 15.71 21.63 46.12
N LEU I 148 16.17 20.44 46.49
CA LEU I 148 15.94 19.88 47.81
C LEU I 148 17.14 20.16 48.73
N LYS I 149 16.91 20.14 50.05
CA LYS I 149 17.98 20.13 51.04
C LYS I 149 17.94 18.79 51.80
N LEU I 150 19.09 18.29 52.26
CA LEU I 150 19.14 17.02 53.02
C LEU I 150 19.32 17.13 54.57
N ASP I 151 19.14 18.33 55.12
CA ASP I 151 19.27 18.56 56.56
C ASP I 151 17.92 18.73 57.26
N GLY I 152 16.84 18.50 56.51
CA GLY I 152 15.50 18.56 57.07
C GLY I 152 14.89 19.95 57.05
N THR I 153 15.31 20.80 56.12
CA THR I 153 14.68 22.12 55.94
C THR I 153 14.19 22.36 54.52
N GLY I 154 14.08 21.29 53.73
CA GLY I 154 13.73 21.38 52.33
C GLY I 154 12.27 21.69 52.03
N LYS I 155 11.82 21.36 50.82
CA LYS I 155 10.50 21.77 50.35
C LYS I 155 9.46 20.65 50.39
N LYS I 156 9.84 19.49 50.91
CA LYS I 156 8.90 18.39 51.12
C LYS I 156 8.12 18.11 49.84
N ALA I 157 8.76 17.41 48.90
CA ALA I 157 8.33 17.31 47.49
C ALA I 157 8.03 15.88 47.04
N ASN I 158 7.42 15.76 45.86
CA ASN I 158 7.18 14.45 45.24
C ASN I 158 8.24 14.09 44.19
N ILE I 159 9.00 13.03 44.45
CA ILE I 159 10.06 12.63 43.54
C ILE I 159 9.75 11.33 42.83
N LEU I 160 9.95 11.28 41.52
CA LEU I 160 9.91 10.03 40.78
C LEU I 160 11.34 9.64 40.44
N VAL I 161 11.71 8.39 40.71
CA VAL I 161 13.01 7.87 40.25
C VAL I 161 12.81 6.70 39.27
N THR I 162 13.13 6.90 37.99
CA THR I 162 13.09 5.81 37.01
C THR I 162 14.34 4.97 37.13
N ALA I 163 14.17 3.69 36.83
CA ALA I 163 15.26 2.71 36.89
C ALA I 163 16.00 2.81 38.20
N ALA I 164 15.25 2.73 39.29
CA ALA I 164 15.82 2.97 40.61
C ALA I 164 16.59 1.77 41.17
N SER I 165 16.70 0.70 40.41
CA SER I 165 17.44 -0.47 40.87
C SER I 165 18.92 -0.39 40.41
N GLY I 166 19.23 0.61 39.58
CA GLY I 166 20.56 0.76 39.00
C GLY I 166 21.52 1.65 39.78
N GLY I 167 22.63 2.01 39.14
CA GLY I 167 23.69 2.78 39.78
C GLY I 167 23.25 4.12 40.32
N VAL I 168 22.86 5.05 39.45
CA VAL I 168 22.41 6.34 39.95
C VAL I 168 21.10 6.18 40.69
N GLY I 169 20.22 5.37 40.13
CA GLY I 169 18.89 5.13 40.69
C GLY I 169 18.87 4.83 42.18
N HIS I 170 19.68 3.88 42.63
CA HIS I 170 19.53 3.39 43.97
C HIS I 170 20.09 4.40 44.98
N TYR I 171 21.03 5.21 44.53
CA TYR I 171 21.51 6.31 45.36
C TYR I 171 20.46 7.38 45.42
N ALA I 172 19.84 7.64 44.27
CA ALA I 172 18.81 8.68 44.17
C ALA I 172 17.68 8.47 45.17
N VAL I 173 17.15 7.25 45.24
CA VAL I 173 16.04 6.93 46.15
C VAL I 173 16.36 7.17 47.61
N GLN I 174 17.48 6.62 48.05
CA GLN I 174 17.98 6.87 49.40
C GLN I 174 18.18 8.37 49.69
N LEU I 175 18.90 9.08 48.83
CA LEU I 175 19.12 10.51 49.03
C LEU I 175 17.82 11.29 49.08
N ALA I 176 16.88 10.95 48.20
CA ALA I 176 15.62 11.69 48.14
C ALA I 176 14.83 11.51 49.45
N LYS I 177 14.97 10.35 50.06
CA LYS I 177 14.33 10.12 51.35
C LYS I 177 14.96 10.97 52.45
N LEU I 178 16.26 11.20 52.40
CA LEU I 178 16.91 12.05 53.42
C LEU I 178 16.46 13.51 53.31
N ALA I 179 15.89 13.88 52.17
CA ALA I 179 15.40 15.24 51.97
C ALA I 179 13.91 15.32 52.28
N ASN I 180 13.38 14.28 52.92
CA ASN I 180 11.98 14.20 53.29
C ASN I 180 11.07 14.42 52.10
N ALA I 181 11.34 13.64 51.06
CA ALA I 181 10.51 13.63 49.86
C ALA I 181 9.70 12.35 49.80
N HIS I 182 8.55 12.42 49.16
CA HIS I 182 7.83 11.21 48.81
C HIS I 182 8.43 10.65 47.52
N VAL I 183 8.86 9.39 47.57
CA VAL I 183 9.55 8.80 46.45
C VAL I 183 8.73 7.71 45.78
N THR I 184 8.49 7.91 44.49
CA THR I 184 7.85 6.92 43.63
C THR I 184 8.93 6.36 42.72
N ALA I 185 9.01 5.04 42.61
CA ALA I 185 10.11 4.42 41.85
C ALA I 185 9.68 3.40 40.79
N THR I 186 10.44 3.30 39.70
CA THR I 186 10.18 2.26 38.68
C THR I 186 11.40 1.38 38.56
N CYS I 187 11.14 0.09 38.36
CA CYS I 187 12.17 -0.91 38.21
C CYS I 187 11.59 -2.18 37.62
N GLY I 188 12.42 -3.18 37.41
CA GLY I 188 11.94 -4.44 36.88
C GLY I 188 11.20 -5.15 37.98
N ALA I 189 10.33 -6.08 37.59
CA ALA I 189 9.56 -6.86 38.55
C ALA I 189 10.44 -7.53 39.63
N ARG I 190 11.57 -8.09 39.22
CA ARG I 190 12.47 -8.79 40.15
C ARG I 190 12.98 -7.90 41.27
N ASN I 191 13.16 -6.62 40.99
CA ASN I 191 13.81 -5.71 41.93
C ASN I 191 12.85 -4.93 42.80
N ILE I 192 11.56 -5.21 42.65
CA ILE I 192 10.54 -4.40 43.28
C ILE I 192 10.69 -4.39 44.80
N GLU I 193 11.05 -5.54 45.38
CA GLU I 193 11.25 -5.61 46.84
C GLU I 193 12.52 -4.86 47.24
N PHE I 194 13.54 -5.00 46.42
CA PHE I 194 14.81 -4.32 46.66
C PHE I 194 14.64 -2.81 46.72
N VAL I 195 13.89 -2.25 45.79
CA VAL I 195 13.74 -0.81 45.72
C VAL I 195 12.92 -0.32 46.92
N LYS I 196 11.97 -1.15 47.37
CA LYS I 196 11.20 -0.81 48.56
C LYS I 196 12.13 -0.64 49.73
N SER I 197 13.13 -1.50 49.81
CA SER I 197 14.09 -1.48 50.91
C SER I 197 15.03 -0.28 50.90
N LEU I 198 15.10 0.43 49.78
CA LEU I 198 15.92 1.63 49.71
C LEU I 198 15.18 2.80 50.33
N GLY I 199 13.89 2.62 50.56
CA GLY I 199 13.07 3.64 51.20
C GLY I 199 11.97 4.19 50.30
N ALA I 200 11.84 3.63 49.10
CA ALA I 200 10.82 4.12 48.16
C ALA I 200 9.44 3.95 48.76
N ASP I 201 8.61 4.99 48.66
CA ASP I 201 7.26 4.88 49.17
C ASP I 201 6.36 4.10 48.22
N GLU I 202 6.51 4.33 46.92
CA GLU I 202 5.76 3.56 45.94
C GLU I 202 6.71 2.97 44.92
N VAL I 203 6.49 1.73 44.50
CA VAL I 203 7.33 1.11 43.48
C VAL I 203 6.52 0.47 42.35
N LEU I 204 6.85 0.77 41.10
CA LEU I 204 6.08 0.30 39.95
C LEU I 204 6.90 -0.57 39.01
N ASP I 205 6.37 -1.73 38.65
CA ASP I 205 6.97 -2.53 37.59
C ASP I 205 6.80 -1.81 36.28
N TYR I 206 7.92 -1.49 35.62
CA TYR I 206 7.83 -0.63 34.43
C TYR I 206 7.22 -1.33 33.21
N LYS I 207 6.99 -2.63 33.34
CA LYS I 207 6.37 -3.35 32.24
C LYS I 207 4.86 -3.47 32.44
N THR I 208 4.46 -3.40 33.70
CA THR I 208 3.05 -3.14 34.00
C THR I 208 2.71 -1.81 33.34
N PRO I 209 1.50 -1.73 32.75
CA PRO I 209 1.04 -0.53 32.05
C PRO I 209 1.09 0.72 32.90
N GLU I 210 0.70 0.61 34.17
CA GLU I 210 0.81 1.73 35.08
C GLU I 210 2.26 1.94 35.51
N GLY I 211 3.17 1.20 34.89
CA GLY I 211 4.60 1.42 35.07
C GLY I 211 5.16 2.08 33.82
N ALA I 212 4.63 1.70 32.65
CA ALA I 212 5.11 2.32 31.44
C ALA I 212 4.54 3.71 31.33
N ALA I 213 3.49 3.97 32.09
CA ALA I 213 2.82 5.26 32.05
C ALA I 213 3.27 6.14 33.18
N LEU I 214 4.10 5.55 34.05
CA LEU I 214 4.57 6.16 35.28
C LEU I 214 3.44 6.79 36.11
N LYS I 215 2.30 6.10 36.20
CA LYS I 215 1.21 6.51 37.12
C LYS I 215 1.39 6.01 38.56
N SER I 216 1.52 6.97 39.45
CA SER I 216 1.50 6.69 40.88
C SER I 216 0.15 6.17 41.29
N PRO I 217 0.15 5.00 41.95
CA PRO I 217 -1.10 4.41 42.44
C PRO I 217 -1.88 5.40 43.31
N SER I 218 -1.13 6.23 44.05
CA SER I 218 -1.70 7.19 44.98
C SER I 218 -2.12 8.48 44.36
N GLY I 219 -1.87 8.65 43.07
CA GLY I 219 -2.29 9.85 42.38
C GLY I 219 -1.34 11.03 42.49
N LYS I 220 -0.11 10.80 42.93
CA LYS I 220 0.88 11.86 43.09
C LYS I 220 1.26 12.49 41.75
N LYS I 221 1.44 13.81 41.73
CA LYS I 221 2.09 14.45 40.60
C LYS I 221 3.52 14.83 41.07
N TYR I 222 4.52 14.59 40.21
CA TYR I 222 5.91 14.73 40.63
C TYR I 222 6.45 16.14 40.41
N ASP I 223 7.15 16.64 41.43
CA ASP I 223 7.78 17.94 41.30
C ASP I 223 9.04 17.76 40.49
N ALA I 224 9.67 16.60 40.62
CA ALA I 224 10.91 16.35 39.92
C ALA I 224 11.08 14.87 39.64
N VAL I 225 11.70 14.57 38.50
CA VAL I 225 12.04 13.20 38.13
C VAL I 225 13.55 13.00 37.98
N VAL I 226 14.14 12.11 38.77
CA VAL I 226 15.50 11.73 38.49
C VAL I 226 15.41 10.60 37.49
N HIS I 227 15.52 10.96 36.21
CA HIS I 227 15.29 10.01 35.12
C HIS I 227 16.53 9.24 34.74
N CYS I 228 16.59 7.99 35.17
CA CYS I 228 17.77 7.19 34.92
C CYS I 228 17.55 6.16 33.82
N ALA I 229 16.29 5.94 33.43
CA ALA I 229 15.96 5.02 32.35
C ALA I 229 16.15 5.71 31.02
N ASN I 230 15.78 5.08 29.92
CA ASN I 230 16.14 5.66 28.62
C ASN I 230 15.06 5.78 27.57
N GLY I 231 14.13 4.86 27.56
CA GLY I 231 13.18 4.85 26.47
C GLY I 231 11.95 5.73 26.59
N ILE I 232 12.02 6.79 27.38
CA ILE I 232 10.82 7.53 27.70
C ILE I 232 10.79 8.95 27.14
N PRO I 233 9.80 9.24 26.28
CA PRO I 233 9.61 10.56 25.72
C PRO I 233 8.90 11.48 26.71
N PHE I 234 8.98 12.78 26.47
CA PHE I 234 8.47 13.73 27.42
C PHE I 234 6.97 13.57 27.60
N SER I 235 6.32 13.16 26.51
CA SER I 235 4.89 12.86 26.49
C SER I 235 4.46 12.05 27.71
N VAL I 236 5.25 11.03 28.05
CA VAL I 236 4.86 10.13 29.12
C VAL I 236 4.99 10.78 30.50
N PHE I 237 6.01 11.62 30.66
CA PHE I 237 6.20 12.32 31.93
C PHE I 237 5.12 13.36 32.15
N GLU I 238 4.86 14.15 31.12
CA GLU I 238 4.06 15.37 31.18
C GLU I 238 2.82 15.31 32.08
N PRO I 239 1.89 14.39 31.81
CA PRO I 239 0.67 14.41 32.62
C PRO I 239 0.89 13.98 34.08
N ASN I 240 2.05 13.40 34.39
CA ASN I 240 2.37 13.04 35.76
C ASN I 240 3.12 14.10 36.53
N LEU I 241 3.52 15.17 35.84
CA LEU I 241 4.29 16.24 36.46
C LEU I 241 3.38 17.24 37.15
N SER I 242 3.87 17.83 38.22
CA SER I 242 3.19 18.95 38.84
C SER I 242 3.22 20.14 37.88
N GLU I 243 2.63 21.27 38.28
CA GLU I 243 2.51 22.41 37.38
C GLU I 243 3.86 22.88 36.87
N ASN I 244 4.88 22.81 37.72
CA ASN I 244 6.19 23.25 37.31
C ASN I 244 7.24 22.17 37.42
N GLY I 245 6.80 20.91 37.32
CA GLY I 245 7.68 19.77 37.45
C GLY I 245 8.83 19.70 36.44
N LYS I 246 10.00 19.28 36.92
CA LYS I 246 11.19 19.15 36.08
C LYS I 246 11.56 17.69 35.97
N VAL I 247 11.64 17.17 34.74
CA VAL I 247 12.23 15.85 34.54
C VAL I 247 13.74 16.02 34.28
N ILE I 248 14.56 15.37 35.11
CA ILE I 248 16.01 15.53 35.07
C ILE I 248 16.66 14.33 34.41
N ASP I 249 17.06 14.48 33.14
CA ASP I 249 17.65 13.39 32.38
C ASP I 249 19.12 13.33 32.74
N ILE I 250 19.52 12.29 33.48
CA ILE I 250 20.90 12.18 33.93
C ILE I 250 21.76 11.43 32.90
N THR I 251 21.15 11.10 31.76
CA THR I 251 21.86 10.44 30.67
C THR I 251 21.37 10.98 29.32
N PRO I 252 21.54 12.31 29.11
CA PRO I 252 20.84 13.05 28.05
C PRO I 252 21.40 12.86 26.63
N GLY I 253 20.56 12.48 25.69
CA GLY I 253 21.01 12.36 24.31
C GLY I 253 20.58 13.56 23.53
N PRO I 254 20.62 13.46 22.20
CA PRO I 254 20.21 14.54 21.30
C PRO I 254 18.73 14.86 21.47
N ASN I 255 17.92 13.83 21.69
CA ASN I 255 16.51 14.03 21.98
C ASN I 255 16.31 14.90 23.19
N ALA I 256 17.03 14.60 24.26
CA ALA I 256 16.88 15.36 25.50
C ALA I 256 17.33 16.78 25.29
N MET I 257 18.50 16.92 24.69
CA MET I 257 19.06 18.22 24.37
C MET I 257 18.08 19.06 23.59
N TRP I 258 17.53 18.51 22.53
CA TRP I 258 16.53 19.21 21.73
C TRP I 258 15.32 19.61 22.55
N THR I 259 14.73 18.63 23.22
CA THR I 259 13.57 18.88 24.05
C THR I 259 13.86 20.02 25.02
N TYR I 260 15.02 19.98 25.64
CA TYR I 260 15.45 21.04 26.54
C TYR I 260 15.36 22.38 25.86
N ALA I 261 15.90 22.45 24.64
CA ALA I 261 15.91 23.70 23.90
C ALA I 261 14.49 24.20 23.64
N VAL I 262 13.63 23.32 23.11
CA VAL I 262 12.29 23.72 22.74
C VAL I 262 11.52 24.19 23.98
N LYS I 263 11.58 23.41 25.07
CA LYS I 263 10.85 23.73 26.30
C LYS I 263 11.34 25.07 26.86
N LYS I 264 12.59 25.39 26.57
CA LYS I 264 13.18 26.64 27.03
C LYS I 264 12.70 27.84 26.22
N ILE I 265 12.78 27.70 24.92
CA ILE I 265 12.41 28.78 24.04
C ILE I 265 10.89 29.01 24.01
N THR I 266 10.09 28.00 24.38
CA THR I 266 8.64 28.14 24.40
C THR I 266 8.16 28.40 25.81
N MET I 267 9.13 28.64 26.69
CA MET I 267 8.87 28.89 28.11
C MET I 267 7.87 27.93 28.75
N SER I 268 7.95 26.64 28.43
CA SER I 268 7.11 25.63 29.04
C SER I 268 7.28 25.66 30.56
N LYS I 269 6.17 25.62 31.29
CA LYS I 269 6.25 25.65 32.73
C LYS I 269 6.84 24.34 33.21
N LYS I 270 6.45 23.24 32.57
CA LYS I 270 7.10 21.94 32.78
C LYS I 270 8.37 21.89 31.93
N GLN I 271 9.48 21.47 32.55
CA GLN I 271 10.82 21.61 31.96
C GLN I 271 11.59 20.28 31.88
N LEU I 272 12.41 20.14 30.85
CA LEU I 272 13.33 19.00 30.83
C LEU I 272 14.75 19.49 31.01
N VAL I 273 15.39 18.99 32.04
CA VAL I 273 16.72 19.42 32.44
C VAL I 273 17.77 18.35 32.18
N PRO I 274 18.66 18.60 31.21
CA PRO I 274 19.80 17.70 30.98
C PRO I 274 20.79 17.86 32.10
N LEU I 275 21.33 16.78 32.62
CA LEU I 275 22.28 16.92 33.71
C LEU I 275 23.68 16.47 33.31
N LEU I 276 24.65 17.35 33.47
CA LEU I 276 26.04 16.94 33.37
C LEU I 276 26.65 17.07 34.74
N LEU I 277 27.27 16.01 35.21
CA LEU I 277 27.89 16.02 36.53
C LEU I 277 29.12 16.96 36.59
N ILE I 278 29.19 17.72 37.68
CA ILE I 278 30.42 18.40 38.04
C ILE I 278 30.88 17.87 39.38
N PRO I 279 31.82 16.92 39.36
CA PRO I 279 32.34 16.29 40.57
C PRO I 279 33.13 17.25 41.42
N LYS I 280 32.67 17.54 42.63
CA LYS I 280 33.39 18.44 43.50
C LYS I 280 33.74 17.67 44.76
N ALA I 281 34.96 17.85 45.26
CA ALA I 281 35.45 17.02 46.36
C ALA I 281 34.60 17.17 47.62
N GLU I 282 34.03 18.36 47.84
CA GLU I 282 33.15 18.60 48.99
C GLU I 282 31.98 17.60 48.98
N ASN I 283 31.42 17.37 47.79
CA ASN I 283 30.29 16.46 47.63
C ASN I 283 30.68 15.01 47.84
N LEU I 284 31.84 14.63 47.33
CA LEU I 284 32.33 13.28 47.52
C LEU I 284 32.58 13.02 48.99
N GLU I 285 33.20 13.99 49.66
CA GLU I 285 33.40 13.88 51.10
C GLU I 285 32.07 13.69 51.82
N PHE I 286 31.09 14.49 51.45
CA PHE I 286 29.74 14.44 52.00
C PHE I 286 29.12 13.05 51.86
N MET I 287 29.15 12.51 50.64
CA MET I 287 28.57 11.20 50.34
C MET I 287 29.28 10.12 51.14
N VAL I 288 30.59 10.23 51.22
CA VAL I 288 31.37 9.28 51.99
C VAL I 288 30.89 9.29 53.45
N ASN I 289 30.65 10.47 54.00
CA ASN I 289 30.13 10.56 55.36
C ASN I 289 28.78 9.88 55.51
N LEU I 290 27.91 10.08 54.54
CA LEU I 290 26.59 9.51 54.59
C LEU I 290 26.70 8.00 54.66
N VAL I 291 27.65 7.44 53.92
CA VAL I 291 27.85 6.01 53.94
C VAL I 291 28.40 5.56 55.27
N LYS I 292 29.36 6.31 55.80
CA LYS I 292 29.96 6.03 57.12
C LYS I 292 28.92 6.07 58.23
N GLU I 293 28.04 7.07 58.19
CA GLU I 293 27.00 7.23 59.21
C GLU I 293 25.81 6.30 58.97
N GLY I 294 25.90 5.42 57.98
CA GLY I 294 24.82 4.51 57.68
C GLY I 294 23.56 5.15 57.10
N LYS I 295 23.60 6.45 56.80
CA LYS I 295 22.43 7.11 56.23
C LYS I 295 22.23 6.78 54.76
N VAL I 296 23.27 6.24 54.12
CA VAL I 296 23.23 5.78 52.73
C VAL I 296 24.02 4.49 52.60
N LYS I 297 23.44 3.46 51.98
CA LYS I 297 24.19 2.23 51.80
C LYS I 297 24.45 2.02 50.30
N THR I 298 25.69 1.64 49.99
CA THR I 298 26.10 1.24 48.65
C THR I 298 25.69 -0.19 48.41
N VAL I 299 24.89 -0.49 47.41
CA VAL I 299 24.68 -1.90 47.11
C VAL I 299 25.62 -2.27 45.97
N ILE I 300 26.30 -3.39 46.14
CA ILE I 300 27.21 -3.91 45.12
C ILE I 300 26.59 -5.06 44.33
N ASP I 301 26.43 -4.87 43.02
CA ASP I 301 25.86 -5.93 42.19
C ASP I 301 26.78 -7.14 42.12
N SER I 302 28.08 -6.91 41.95
CA SER I 302 29.01 -8.02 41.80
C SER I 302 30.44 -7.56 41.97
N LYS I 303 31.31 -8.49 42.33
CA LYS I 303 32.72 -8.19 42.46
C LYS I 303 33.50 -9.09 41.54
N HIS I 304 34.35 -8.50 40.70
CA HIS I 304 35.20 -9.25 39.79
C HIS I 304 36.67 -8.90 39.95
N PRO I 305 37.54 -9.90 39.81
CA PRO I 305 38.96 -9.64 39.85
C PRO I 305 39.45 -9.02 38.54
N LEU I 306 40.47 -8.17 38.62
CA LEU I 306 41.01 -7.49 37.45
C LEU I 306 41.34 -8.48 36.34
N SER I 307 41.74 -9.68 36.71
CA SER I 307 42.08 -10.70 35.72
C SER I 307 40.87 -11.12 34.93
N LYS I 308 39.69 -10.90 35.49
CA LYS I 308 38.48 -11.32 34.80
C LYS I 308 37.56 -10.11 34.58
N ALA I 309 38.17 -8.95 34.37
CA ALA I 309 37.40 -7.70 34.32
C ALA I 309 36.44 -7.64 33.15
N GLU I 310 36.73 -8.36 32.06
CA GLU I 310 35.82 -8.39 30.90
C GLU I 310 34.41 -8.84 31.30
N ASP I 311 34.35 -9.72 32.28
CA ASP I 311 33.08 -10.19 32.79
C ASP I 311 32.29 -9.02 33.36
N ALA I 312 32.95 -8.21 34.19
CA ALA I 312 32.32 -7.00 34.72
C ALA I 312 31.89 -6.04 33.61
N TRP I 313 32.75 -5.84 32.62
CA TRP I 313 32.44 -5.01 31.46
C TRP I 313 31.17 -5.50 30.75
N ALA I 314 31.12 -6.79 30.44
CA ALA I 314 29.94 -7.35 29.79
C ALA I 314 28.69 -7.20 30.67
N LYS I 315 28.84 -7.39 31.98
CA LYS I 315 27.73 -7.20 32.91
C LYS I 315 27.18 -5.80 32.78
N SER I 316 28.09 -4.82 32.75
CA SER I 316 27.74 -3.41 32.59
C SER I 316 27.03 -3.20 31.26
N ILE I 317 27.61 -3.74 30.19
CA ILE I 317 27.02 -3.57 28.88
C ILE I 317 25.57 -4.09 28.83
N ASP I 318 25.31 -5.23 29.46
CA ASP I 318 23.96 -5.78 29.58
C ASP I 318 23.07 -4.88 30.40
N GLY I 319 23.68 -4.21 31.36
CA GLY I 319 23.00 -3.24 32.19
C GLY I 319 21.80 -3.80 32.88
N HIS I 320 21.91 -5.02 33.42
CA HIS I 320 20.87 -5.53 34.29
C HIS I 320 21.35 -5.47 35.74
N ALA I 321 22.46 -4.77 35.92
CA ALA I 321 23.10 -4.67 37.21
C ALA I 321 22.17 -4.06 38.24
N THR I 322 22.27 -4.56 39.47
CA THR I 322 21.49 -4.00 40.56
C THR I 322 22.42 -3.30 41.50
N GLY I 323 22.41 -1.97 41.48
CA GLY I 323 23.48 -1.24 42.14
C GLY I 323 24.74 -1.15 41.27
N LYS I 324 25.90 -1.25 41.89
CA LYS I 324 27.14 -0.95 41.20
C LYS I 324 28.07 -2.14 41.03
N ILE I 325 28.64 -2.28 39.84
CA ILE I 325 29.59 -3.34 39.55
C ILE I 325 30.99 -2.92 39.96
N ILE I 326 31.70 -3.83 40.63
CA ILE I 326 33.01 -3.52 41.18
C ILE I 326 34.10 -4.40 40.60
N VAL I 327 35.27 -3.83 40.30
CA VAL I 327 36.42 -4.65 39.96
C VAL I 327 37.54 -4.46 40.99
N GLU I 328 37.99 -5.56 41.56
CA GLU I 328 39.00 -5.53 42.60
C GLU I 328 40.26 -6.21 42.05
N PRO I 329 41.40 -6.05 42.72
CA PRO I 329 42.58 -6.74 42.21
C PRO I 329 42.60 -8.19 42.69
N GLY J 3 65.04 3.64 20.24
CA GLY J 3 65.23 4.75 21.17
C GLY J 3 65.85 6.04 20.64
N LYS J 4 66.17 6.13 19.33
CA LYS J 4 66.76 7.34 18.70
C LYS J 4 65.85 8.54 18.81
N LEU J 5 66.43 9.71 19.08
CA LEU J 5 65.65 10.90 19.36
C LEU J 5 65.60 11.90 18.22
N MET J 6 64.75 12.91 18.38
CA MET J 6 64.33 13.78 17.30
C MET J 6 64.04 15.21 17.83
N HIS J 7 64.32 16.22 17.03
CA HIS J 7 64.04 17.58 17.46
C HIS J 7 62.56 17.87 17.14
N ALA J 8 61.84 18.50 18.05
CA ALA J 8 60.48 18.89 17.71
C ALA J 8 60.03 20.07 18.54
N LEU J 9 58.85 20.59 18.19
CA LEU J 9 58.21 21.66 18.93
C LEU J 9 56.87 21.22 19.49
N GLN J 10 56.66 21.53 20.76
CA GLN J 10 55.49 21.12 21.54
C GLN J 10 54.88 22.27 22.28
N TYR J 11 53.56 22.31 22.36
CA TYR J 11 52.94 23.08 23.44
C TYR J 11 52.24 22.10 24.39
N ASN J 12 52.24 22.41 25.67
CA ASN J 12 51.74 21.51 26.71
C ASN J 12 50.52 22.13 27.41
N SER J 13 49.95 23.15 26.77
CA SER J 13 48.99 24.00 27.45
C SER J 13 48.27 24.93 26.45
N TYR J 14 47.07 25.39 26.81
CA TYR J 14 46.35 26.28 25.92
C TYR J 14 46.86 27.69 26.16
N GLY J 15 46.77 28.54 25.14
CA GLY J 15 47.00 29.96 25.30
C GLY J 15 48.42 30.49 25.27
N GLY J 16 49.40 29.60 25.13
CA GLY J 16 50.77 30.03 25.15
C GLY J 16 51.17 31.01 24.05
N GLY J 17 50.59 30.91 22.86
CA GLY J 17 51.09 31.67 21.72
C GLY J 17 52.44 31.11 21.32
N ALA J 18 53.28 31.92 20.69
CA ALA J 18 54.60 31.43 20.25
C ALA J 18 55.49 31.19 21.44
N ALA J 19 55.25 31.92 22.52
CA ALA J 19 56.00 31.74 23.78
C ALA J 19 55.79 30.34 24.32
N GLY J 20 54.58 29.83 24.15
CA GLY J 20 54.22 28.54 24.69
C GLY J 20 54.79 27.36 23.94
N LEU J 21 55.38 27.60 22.78
CA LEU J 21 56.05 26.52 22.08
C LEU J 21 57.33 26.18 22.83
N GLU J 22 57.68 24.90 22.87
CA GLU J 22 58.95 24.47 23.47
C GLU J 22 59.73 23.58 22.51
N HIS J 23 61.04 23.80 22.40
CA HIS J 23 61.88 22.88 21.66
C HIS J 23 62.20 21.69 22.54
N VAL J 24 62.04 20.49 22.01
CA VAL J 24 62.18 19.29 22.81
C VAL J 24 62.85 18.19 22.01
N GLN J 25 63.51 17.28 22.70
CA GLN J 25 63.91 15.97 22.16
C GLN J 25 62.81 14.92 22.36
N VAL J 26 62.43 14.22 21.30
CA VAL J 26 61.30 13.31 21.36
C VAL J 26 61.62 12.10 20.51
N PRO J 27 61.16 10.91 20.94
CA PRO J 27 61.39 9.70 20.16
C PRO J 27 60.85 9.79 18.75
N VAL J 28 61.65 9.38 17.77
CA VAL J 28 61.20 9.26 16.38
C VAL J 28 60.03 8.32 16.29
N PRO J 29 58.94 8.75 15.64
CA PRO J 29 57.76 7.89 15.61
C PRO J 29 57.98 6.64 14.77
N THR J 30 57.23 5.58 15.08
CA THR J 30 57.31 4.32 14.32
C THR J 30 56.06 4.09 13.47
N PRO J 31 56.25 3.82 12.17
CA PRO J 31 55.11 3.64 11.27
C PRO J 31 54.31 2.39 11.58
N LYS J 32 52.99 2.52 11.58
CA LYS J 32 52.12 1.36 11.73
C LYS J 32 51.92 0.66 10.39
N SER J 33 51.08 -0.36 10.37
CA SER J 33 50.89 -1.23 9.20
C SER J 33 50.82 -0.44 7.90
N ASN J 34 50.03 0.62 7.93
CA ASN J 34 49.66 1.42 6.76
C ASN J 34 50.31 2.81 6.70
N GLU J 35 51.26 3.07 7.59
CA GLU J 35 51.89 4.38 7.67
C GLU J 35 53.27 4.36 7.02
N VAL J 36 53.75 5.53 6.60
CA VAL J 36 55.16 5.66 6.21
C VAL J 36 55.79 6.70 7.11
N CYS J 37 57.10 6.53 7.34
CA CYS J 37 57.85 7.47 8.16
C CYS J 37 58.71 8.39 7.29
N LEU J 38 58.59 9.69 7.50
CA LEU J 38 59.28 10.69 6.67
C LEU J 38 60.36 11.46 7.38
N LYS J 39 61.52 11.58 6.76
CA LYS J 39 62.50 12.58 7.17
C LYS J 39 62.02 13.88 6.56
N LEU J 40 61.64 14.86 7.38
CA LEU J 40 60.98 16.03 6.82
C LEU J 40 61.95 16.98 6.13
N GLU J 41 61.52 17.50 4.98
CA GLU J 41 62.27 18.49 4.22
C GLU J 41 61.61 19.88 4.26
N ALA J 42 60.30 19.90 4.43
CA ALA J 42 59.57 21.15 4.54
C ALA J 42 58.24 20.93 5.24
N THR J 43 57.87 21.84 6.12
CA THR J 43 56.58 21.81 6.77
C THR J 43 55.86 23.16 6.55
N SER J 44 54.55 23.11 6.35
CA SER J 44 53.76 24.31 6.12
C SER J 44 52.80 24.56 7.30
N LEU J 45 52.64 25.82 7.69
CA LEU J 45 51.68 26.19 8.74
C LEU J 45 50.31 26.59 8.18
N ASN J 46 49.27 26.34 8.97
CA ASN J 46 47.91 26.73 8.64
C ASN J 46 47.37 27.40 9.88
N PRO J 47 46.46 28.35 9.72
CA PRO J 47 45.89 29.08 10.84
C PRO J 47 45.22 28.18 11.87
N VAL J 48 44.63 27.07 11.42
CA VAL J 48 44.11 26.05 12.32
C VAL J 48 45.09 25.68 13.43
N ASP J 49 46.34 25.45 13.02
CA ASP J 49 47.40 25.04 13.90
C ASP J 49 47.54 25.90 15.16
N TRP J 50 47.58 27.23 15.04
CA TRP J 50 47.69 28.08 16.25
C TRP J 50 46.35 28.32 16.93
N LYS J 51 45.27 28.19 16.16
CA LYS J 51 43.93 28.27 16.75
C LYS J 51 43.66 27.12 17.72
N ILE J 52 44.07 25.92 17.35
CA ILE J 52 43.94 24.78 18.24
C ILE J 52 44.62 25.09 19.57
N GLN J 53 45.81 25.68 19.50
CA GLN J 53 46.56 26.04 20.70
C GLN J 53 45.90 27.15 21.51
N LYS J 54 45.24 28.11 20.86
CA LYS J 54 44.55 29.16 21.60
C LYS J 54 43.40 28.55 22.37
N GLY J 55 42.90 27.42 21.89
CA GLY J 55 41.79 26.71 22.52
C GLY J 55 40.49 26.86 21.75
N MET J 56 40.55 27.48 20.59
CA MET J 56 39.36 27.76 19.82
C MET J 56 38.73 26.52 19.23
N ILE J 57 39.45 25.40 19.19
CA ILE J 57 38.88 24.20 18.58
C ILE J 57 38.47 23.21 19.66
N ARG J 58 38.44 23.65 20.92
CA ARG J 58 37.87 22.84 21.98
C ARG J 58 36.34 22.70 21.78
N PRO J 59 35.78 21.54 22.14
CA PRO J 59 36.39 20.39 22.80
C PRO J 59 36.98 19.33 21.85
N PHE J 60 36.97 19.54 20.53
CA PHE J 60 37.49 18.57 19.55
C PHE J 60 39.02 18.43 19.51
N LEU J 61 39.76 19.55 19.54
CA LEU J 61 41.22 19.55 19.45
C LEU J 61 41.85 20.58 20.39
N PRO J 62 43.05 20.27 20.88
CA PRO J 62 43.84 19.07 20.62
C PRO J 62 43.36 17.86 21.43
N ARG J 63 43.74 16.66 20.99
CA ARG J 63 43.23 15.48 21.67
C ARG J 63 43.87 15.29 23.07
N LYS J 64 45.19 15.28 23.12
CA LYS J 64 45.95 15.18 24.36
C LYS J 64 47.08 16.19 24.28
N PHE J 65 47.54 16.67 25.43
CA PHE J 65 48.83 17.37 25.49
C PHE J 65 49.93 16.36 25.80
N PRO J 66 51.16 16.64 25.39
CA PRO J 66 51.62 17.80 24.61
C PRO J 66 51.29 17.59 23.11
N CYS J 67 51.11 18.65 22.34
CA CYS J 67 50.86 18.59 20.92
CA CYS J 67 50.93 18.57 20.92
C CYS J 67 52.10 19.00 20.10
N ILE J 68 52.33 18.28 18.99
CA ILE J 68 53.34 18.75 18.07
C ILE J 68 52.61 19.24 16.83
N PRO J 69 52.69 20.56 16.57
CA PRO J 69 51.82 21.21 15.57
C PRO J 69 52.17 20.94 14.13
N ALA J 70 51.24 21.28 13.26
CA ALA J 70 51.33 21.25 11.78
C ALA J 70 51.00 19.88 11.15
N THR J 71 50.35 19.92 10.00
CA THR J 71 49.95 18.72 9.27
C THR J 71 50.54 18.66 7.85
N ASP J 72 50.81 19.81 7.24
CA ASP J 72 51.25 19.87 5.84
C ASP J 72 52.75 19.69 5.74
N VAL J 73 53.16 18.69 4.97
CA VAL J 73 54.49 18.14 5.15
C VAL J 73 55.02 17.57 3.82
N ALA J 74 56.32 17.67 3.65
CA ALA J 74 56.97 17.09 2.49
C ALA J 74 58.34 16.58 2.92
N GLY J 75 58.76 15.47 2.35
CA GLY J 75 60.01 14.87 2.78
C GLY J 75 60.37 13.57 2.08
N GLU J 76 61.35 12.87 2.65
CA GLU J 76 61.83 11.63 2.07
C GLU J 76 61.41 10.46 2.95
N VAL J 77 60.92 9.41 2.31
CA VAL J 77 60.53 8.21 3.04
C VAL J 77 61.76 7.55 3.64
N VAL J 78 61.70 7.35 4.95
CA VAL J 78 62.78 6.71 5.68
C VAL J 78 62.46 5.25 5.91
N GLU J 79 61.18 4.97 6.13
CA GLU J 79 60.73 3.64 6.54
C GLU J 79 59.22 3.46 6.31
N VAL J 80 58.81 2.29 5.82
CA VAL J 80 57.40 2.05 5.60
C VAL J 80 56.90 0.95 6.53
N GLY J 81 55.59 0.86 6.69
CA GLY J 81 55.01 -0.19 7.51
C GLY J 81 54.78 -1.44 6.67
N SER J 82 54.42 -2.54 7.32
CA SER J 82 54.23 -3.83 6.64
C SER J 82 53.24 -3.80 5.47
N GLY J 83 52.16 -3.03 5.61
CA GLY J 83 51.13 -2.98 4.60
C GLY J 83 51.38 -2.06 3.42
N VAL J 84 52.43 -1.25 3.53
CA VAL J 84 52.66 -0.21 2.53
C VAL J 84 53.10 -0.82 1.20
N LYS J 85 52.34 -0.54 0.16
CA LYS J 85 52.63 -1.10 -1.15
C LYS J 85 53.28 -0.09 -2.09
N ASN J 86 52.85 1.16 -2.03
CA ASN J 86 53.23 2.13 -3.07
C ASN J 86 54.46 2.99 -2.81
N PHE J 87 55.04 2.89 -1.61
CA PHE J 87 56.22 3.69 -1.32
C PHE J 87 57.39 2.89 -0.74
N LYS J 88 58.59 3.27 -1.12
CA LYS J 88 59.79 2.63 -0.63
C LYS J 88 60.67 3.69 0.00
N ALA J 89 61.64 3.26 0.80
CA ALA J 89 62.60 4.19 1.37
C ALA J 89 63.33 4.91 0.25
N GLY J 90 63.54 6.21 0.43
CA GLY J 90 64.23 7.03 -0.55
C GLY J 90 63.28 7.86 -1.41
N ASP J 91 62.03 7.43 -1.47
CA ASP J 91 61.00 8.14 -2.22
C ASP J 91 60.78 9.54 -1.65
N LYS J 92 60.71 10.54 -2.52
CA LYS J 92 60.35 11.88 -2.08
C LYS J 92 58.83 12.04 -2.12
N VAL J 93 58.24 12.55 -1.06
CA VAL J 93 56.78 12.70 -1.02
C VAL J 93 56.30 14.04 -0.50
N VAL J 94 55.00 14.26 -0.69
CA VAL J 94 54.25 15.27 0.03
C VAL J 94 53.11 14.52 0.71
N ALA J 95 52.77 14.90 1.94
CA ALA J 95 51.76 14.16 2.68
C ALA J 95 50.94 15.04 3.62
N VAL J 96 49.81 14.51 4.07
CA VAL J 96 49.00 15.14 5.11
C VAL J 96 48.99 14.32 6.37
N LEU J 97 49.52 14.87 7.44
CA LEU J 97 49.53 14.18 8.72
C LEU J 97 48.14 14.22 9.31
N SER J 98 47.83 13.31 10.22
CA SER J 98 46.55 13.39 10.92
C SER J 98 46.49 14.66 11.80
N HIS J 99 45.42 15.43 11.68
CA HIS J 99 45.22 16.60 12.55
C HIS J 99 44.90 16.17 13.97
N LEU J 100 44.70 14.87 14.16
CA LEU J 100 44.48 14.39 15.51
C LEU J 100 45.80 14.34 16.23
N GLY J 101 46.87 14.00 15.50
CA GLY J 101 48.18 13.75 16.10
C GLY J 101 49.20 14.83 15.81
N GLY J 102 48.93 15.63 14.78
CA GLY J 102 49.88 16.64 14.36
C GLY J 102 51.18 16.02 13.91
N GLY J 103 52.30 16.60 14.35
CA GLY J 103 53.61 16.05 14.06
C GLY J 103 54.49 16.79 13.07
N GLY J 104 53.94 17.83 12.44
CA GLY J 104 54.67 18.59 11.43
C GLY J 104 55.95 19.30 11.85
N LEU J 105 55.95 19.95 13.01
CA LEU J 105 57.13 20.67 13.47
C LEU J 105 58.10 19.71 14.17
N ALA J 106 58.72 18.84 13.37
CA ALA J 106 59.68 17.86 13.86
C ALA J 106 60.57 17.41 12.72
N GLU J 107 61.62 16.65 13.03
CA GLU J 107 62.51 16.14 11.98
C GLU J 107 61.88 14.95 11.27
N PHE J 108 61.04 14.20 12.00
CA PHE J 108 60.36 13.04 11.46
C PHE J 108 58.85 13.04 11.76
N ALA J 109 58.08 12.46 10.85
CA ALA J 109 56.65 12.32 11.07
C ALA J 109 56.18 11.06 10.38
N VAL J 110 55.09 10.48 10.88
CA VAL J 110 54.47 9.37 10.17
C VAL J 110 53.19 9.83 9.50
N ALA J 111 52.99 9.42 8.24
CA ALA J 111 51.75 9.70 7.52
C ALA J 111 51.13 8.40 7.05
N THR J 112 49.80 8.39 6.94
CA THR J 112 49.13 7.24 6.36
C THR J 112 49.45 7.18 4.88
N GLU J 113 49.55 5.98 4.34
CA GLU J 113 49.80 5.82 2.91
C GLU J 113 48.68 6.45 2.10
N LYS J 114 47.45 6.44 2.62
CA LYS J 114 46.30 6.95 1.87
C LYS J 114 46.34 8.46 1.74
N LEU J 115 47.21 9.11 2.51
CA LEU J 115 47.42 10.57 2.44
C LEU J 115 48.88 10.92 2.14
N THR J 116 49.54 10.09 1.34
CA THR J 116 50.91 10.33 0.93
C THR J 116 50.98 10.27 -0.58
N VAL J 117 51.64 11.27 -1.19
CA VAL J 117 51.75 11.33 -2.64
C VAL J 117 53.20 11.50 -3.06
N LYS J 118 53.63 10.76 -4.08
CA LYS J 118 54.96 10.92 -4.60
C LYS J 118 55.17 12.36 -5.12
N ARG J 119 56.28 12.97 -4.73
CA ARG J 119 56.66 14.33 -5.16
C ARG J 119 57.64 14.28 -6.33
N PRO J 120 57.20 14.72 -7.51
CA PRO J 120 58.07 14.71 -8.70
C PRO J 120 59.33 15.57 -8.53
N GLN J 121 60.34 15.35 -9.37
CA GLN J 121 61.61 16.10 -9.31
C GLN J 121 61.40 17.58 -9.52
N GLU J 122 60.40 17.91 -10.35
CA GLU J 122 60.15 19.28 -10.76
C GLU J 122 59.66 20.16 -9.61
N VAL J 123 59.03 19.55 -8.62
CA VAL J 123 58.39 20.31 -7.55
C VAL J 123 59.19 20.27 -6.26
N GLY J 124 59.59 21.44 -5.78
CA GLY J 124 60.36 21.55 -4.55
C GLY J 124 59.62 21.03 -3.33
N ALA J 125 60.33 20.87 -2.23
CA ALA J 125 59.69 20.38 -1.03
C ALA J 125 58.88 21.48 -0.36
N ALA J 126 59.34 22.72 -0.39
CA ALA J 126 58.56 23.82 0.19
C ALA J 126 57.34 24.12 -0.67
N GLU J 127 57.50 24.06 -1.98
CA GLU J 127 56.40 24.32 -2.92
C GLU J 127 55.29 23.29 -2.68
N ALA J 128 55.70 22.05 -2.41
CA ALA J 128 54.74 20.96 -2.23
C ALA J 128 54.05 20.99 -0.86
N ALA J 129 54.82 21.18 0.19
CA ALA J 129 54.29 21.17 1.55
C ALA J 129 53.23 22.25 1.77
N ALA J 130 53.30 23.32 0.99
CA ALA J 130 52.31 24.37 1.11
C ALA J 130 50.96 23.93 0.55
N LEU J 131 50.95 22.89 -0.27
CA LEU J 131 49.74 22.51 -0.99
C LEU J 131 48.58 21.93 -0.15
N PRO J 132 48.84 20.90 0.68
CA PRO J 132 47.73 20.10 1.23
C PRO J 132 46.51 20.88 1.77
N VAL J 133 46.53 21.39 3.01
CA VAL J 133 45.35 22.06 3.52
C VAL J 133 44.91 23.25 2.66
N ALA J 134 45.79 24.19 2.39
CA ALA J 134 45.36 25.38 1.67
C ALA J 134 44.88 25.07 0.27
N GLY J 135 45.66 24.26 -0.45
CA GLY J 135 45.34 23.96 -1.84
C GLY J 135 44.10 23.11 -1.98
N LEU J 136 44.02 22.05 -1.17
CA LEU J 136 42.88 21.12 -1.26
C LEU J 136 41.58 21.80 -0.86
N THR J 137 41.67 22.72 0.11
CA THR J 137 40.53 23.52 0.53
C THR J 137 40.04 24.37 -0.65
N ALA J 138 40.96 25.13 -1.25
CA ALA J 138 40.63 25.94 -2.41
C ALA J 138 40.00 25.05 -3.49
N LEU J 139 40.64 23.90 -3.72
CA LEU J 139 40.14 22.95 -4.69
C LEU J 139 38.72 22.46 -4.36
N GLN J 140 38.50 22.05 -3.12
CA GLN J 140 37.21 21.49 -2.77
C GLN J 140 36.10 22.53 -2.88
N ALA J 141 36.40 23.77 -2.48
CA ALA J 141 35.40 24.83 -2.50
C ALA J 141 34.96 25.14 -3.92
N LEU J 142 35.90 25.18 -4.85
CA LEU J 142 35.57 25.49 -6.22
C LEU J 142 34.98 24.32 -6.97
N THR J 143 35.37 23.11 -6.58
CA THR J 143 34.93 21.87 -7.22
C THR J 143 33.56 21.40 -6.77
N ASN J 144 33.31 21.42 -5.47
CA ASN J 144 32.06 20.89 -4.93
C ASN J 144 30.99 21.98 -4.83
N PRO J 145 31.01 22.85 -3.80
CA PRO J 145 29.85 23.77 -3.74
C PRO J 145 29.72 24.73 -4.92
N ALA J 146 30.83 25.25 -5.46
CA ALA J 146 30.79 26.17 -6.58
C ALA J 146 30.54 25.45 -7.90
N GLY J 147 30.79 24.14 -7.88
CA GLY J 147 30.66 23.29 -9.05
C GLY J 147 31.36 23.77 -10.33
N LEU J 148 32.62 24.14 -10.23
CA LEU J 148 33.35 24.46 -11.44
C LEU J 148 34.13 23.23 -11.91
N LYS J 149 34.43 23.19 -13.19
CA LYS J 149 35.41 22.23 -13.68
C LYS J 149 36.55 23.01 -14.28
N LEU J 150 37.77 22.61 -13.91
CA LEU J 150 39.00 23.10 -14.51
C LEU J 150 39.27 22.36 -15.81
N ASP J 151 38.31 21.53 -16.20
CA ASP J 151 38.31 20.79 -17.45
C ASP J 151 38.39 21.77 -18.61
N GLY J 152 38.01 23.02 -18.32
CA GLY J 152 37.66 23.98 -19.33
C GLY J 152 36.20 23.76 -19.74
N THR J 153 35.67 22.57 -19.46
CA THR J 153 34.32 22.19 -19.88
C THR J 153 33.22 23.10 -19.31
N GLY J 154 33.27 23.36 -18.01
CA GLY J 154 32.11 23.77 -17.23
C GLY J 154 31.36 25.09 -17.36
N LYS J 155 30.78 25.50 -16.23
CA LYS J 155 30.02 26.73 -16.05
C LYS J 155 30.91 27.93 -16.26
N LYS J 156 30.42 28.96 -16.95
CA LYS J 156 31.16 30.23 -17.01
C LYS J 156 30.67 31.07 -15.85
N ALA J 157 31.47 31.19 -14.78
CA ALA J 157 30.94 31.78 -13.56
C ALA J 157 31.71 32.97 -13.00
N ASN J 158 31.04 33.72 -12.13
CA ASN J 158 31.64 34.85 -11.44
C ASN J 158 32.06 34.47 -10.04
N ILE J 159 33.36 34.54 -9.76
CA ILE J 159 33.86 34.16 -8.45
C ILE J 159 34.41 35.37 -7.67
N LEU J 160 34.00 35.50 -6.41
CA LEU J 160 34.67 36.42 -5.48
C LEU J 160 35.57 35.63 -4.54
N VAL J 161 36.81 36.09 -4.38
CA VAL J 161 37.73 35.51 -3.41
C VAL J 161 38.12 36.56 -2.37
N THR J 162 37.63 36.43 -1.13
CA THR J 162 38.06 37.31 -0.05
C THR J 162 39.40 36.85 0.48
N ALA J 163 40.20 37.82 0.93
CA ALA J 163 41.53 37.59 1.48
C ALA J 163 42.38 36.74 0.54
N ALA J 164 42.46 37.17 -0.71
CA ALA J 164 43.07 36.34 -1.73
C ALA J 164 44.60 36.37 -1.65
N SER J 165 45.17 37.12 -0.72
CA SER J 165 46.62 37.21 -0.65
C SER J 165 47.17 36.15 0.27
N GLY J 166 46.26 35.40 0.90
CA GLY J 166 46.64 34.43 1.91
C GLY J 166 46.79 33.02 1.44
N GLY J 167 46.83 32.09 2.39
CA GLY J 167 47.04 30.68 2.09
C GLY J 167 46.03 30.08 1.15
N VAL J 168 44.79 29.92 1.61
CA VAL J 168 43.75 29.36 0.74
C VAL J 168 43.43 30.36 -0.38
N GLY J 169 43.33 31.63 -0.03
CA GLY J 169 43.08 32.67 -1.01
C GLY J 169 43.88 32.65 -2.32
N HIS J 170 45.20 32.51 -2.23
CA HIS J 170 46.04 32.66 -3.42
C HIS J 170 45.98 31.43 -4.30
N TYR J 171 45.72 30.27 -3.72
CA TYR J 171 45.41 29.08 -4.50
C TYR J 171 44.05 29.24 -5.16
N ALA J 172 43.07 29.72 -4.41
CA ALA J 172 41.70 29.82 -4.91
C ALA J 172 41.67 30.65 -6.18
N VAL J 173 42.37 31.78 -6.22
CA VAL J 173 42.33 32.67 -7.38
C VAL J 173 42.88 32.00 -8.62
N GLN J 174 44.03 31.36 -8.48
CA GLN J 174 44.65 30.62 -9.56
C GLN J 174 43.75 29.48 -10.06
N LEU J 175 43.24 28.66 -9.14
CA LEU J 175 42.38 27.56 -9.51
C LEU J 175 41.11 28.04 -10.21
N ALA J 176 40.54 29.14 -9.72
CA ALA J 176 39.31 29.68 -10.28
C ALA J 176 39.53 30.13 -11.71
N LYS J 177 40.75 30.56 -12.02
CA LYS J 177 41.05 30.98 -13.39
C LYS J 177 41.14 29.79 -14.33
N LEU J 178 41.70 28.68 -13.85
CA LEU J 178 41.75 27.47 -14.66
C LEU J 178 40.36 26.92 -15.02
N ALA J 179 39.34 27.29 -14.24
CA ALA J 179 37.99 26.87 -14.55
C ALA J 179 37.26 27.91 -15.40
N ASN J 180 38.04 28.83 -15.99
CA ASN J 180 37.55 29.94 -16.83
C ASN J 180 36.44 30.74 -16.17
N ALA J 181 36.71 31.18 -14.95
CA ALA J 181 35.79 32.00 -14.21
C ALA J 181 36.31 33.41 -14.20
N HIS J 182 35.41 34.38 -14.09
CA HIS J 182 35.82 35.74 -13.80
C HIS J 182 36.04 35.87 -12.30
N VAL J 183 37.24 36.28 -11.91
CA VAL J 183 37.60 36.35 -10.50
C VAL J 183 37.71 37.79 -10.02
N THR J 184 36.95 38.09 -8.96
CA THR J 184 37.03 39.36 -8.25
C THR J 184 37.67 39.07 -6.91
N ALA J 185 38.64 39.85 -6.46
CA ALA J 185 39.37 39.50 -5.24
C ALA J 185 39.50 40.66 -4.28
N THR J 186 39.57 40.36 -2.99
CA THR J 186 39.88 41.39 -2.00
C THR J 186 41.16 41.07 -1.21
N CYS J 187 41.94 42.11 -0.91
CA CYS J 187 43.17 41.96 -0.13
C CYS J 187 43.59 43.31 0.39
N GLY J 188 44.71 43.34 1.11
CA GLY J 188 45.23 44.60 1.61
C GLY J 188 45.78 45.43 0.47
N ALA J 189 45.86 46.75 0.67
CA ALA J 189 46.42 47.63 -0.36
C ALA J 189 47.80 47.16 -0.85
N ARG J 190 48.67 46.74 0.06
CA ARG J 190 50.02 46.28 -0.28
C ARG J 190 50.05 45.11 -1.28
N ASN J 191 49.05 44.25 -1.21
CA ASN J 191 49.06 43.03 -2.00
C ASN J 191 48.26 43.10 -3.29
N ILE J 192 47.73 44.28 -3.58
CA ILE J 192 46.87 44.45 -4.74
C ILE J 192 47.58 44.07 -6.06
N GLU J 193 48.86 44.39 -6.20
CA GLU J 193 49.55 44.02 -7.42
C GLU J 193 49.79 42.52 -7.45
N PHE J 194 50.13 41.97 -6.29
CA PHE J 194 50.37 40.53 -6.15
C PHE J 194 49.17 39.70 -6.56
N VAL J 195 47.99 40.10 -6.10
CA VAL J 195 46.78 39.35 -6.38
C VAL J 195 46.43 39.45 -7.86
N LYS J 196 46.69 40.59 -8.47
CA LYS J 196 46.52 40.72 -9.93
C LYS J 196 47.35 39.64 -10.64
N SER J 197 48.56 39.43 -10.17
CA SER J 197 49.50 38.52 -10.81
C SER J 197 49.08 37.05 -10.70
N LEU J 198 48.17 36.75 -9.78
CA LEU J 198 47.68 35.39 -9.62
C LEU J 198 46.63 35.10 -10.69
N GLY J 199 46.15 36.16 -11.35
CA GLY J 199 45.20 36.02 -12.42
C GLY J 199 43.87 36.69 -12.17
N ALA J 200 43.76 37.40 -11.06
CA ALA J 200 42.50 38.03 -10.68
C ALA J 200 42.14 39.05 -11.73
N ASP J 201 40.87 39.06 -12.13
CA ASP J 201 40.40 40.02 -13.10
C ASP J 201 40.15 41.39 -12.45
N GLU J 202 39.56 41.38 -11.26
CA GLU J 202 39.37 42.61 -10.50
C GLU J 202 39.95 42.43 -9.09
N VAL J 203 40.59 43.45 -8.56
CA VAL J 203 41.11 43.41 -7.20
C VAL J 203 40.74 44.66 -6.35
N LEU J 204 40.20 44.44 -5.17
CA LEU J 204 39.69 45.52 -4.32
C LEU J 204 40.41 45.61 -2.98
N ASP J 205 40.86 46.81 -2.63
CA ASP J 205 41.39 47.09 -1.30
C ASP J 205 40.23 46.97 -0.34
N TYR J 206 40.33 46.07 0.64
CA TYR J 206 39.18 45.82 1.51
C TYR J 206 38.94 46.93 2.52
N LYS J 207 39.84 47.90 2.59
CA LYS J 207 39.68 49.05 3.48
C LYS J 207 38.95 50.21 2.75
N THR J 208 39.10 50.25 1.42
CA THR J 208 38.26 51.07 0.55
C THR J 208 36.81 50.83 0.95
N PRO J 209 35.97 51.88 0.92
CA PRO J 209 34.54 51.62 1.06
C PRO J 209 34.06 50.64 -0.02
N GLU J 210 34.52 50.86 -1.27
CA GLU J 210 34.27 49.99 -2.40
C GLU J 210 34.43 48.52 -2.02
N GLY J 211 35.60 48.18 -1.45
CA GLY J 211 35.95 46.80 -1.12
C GLY J 211 35.38 46.25 0.18
N ALA J 212 35.00 47.12 1.11
CA ALA J 212 34.41 46.68 2.36
C ALA J 212 32.95 46.32 2.11
N ALA J 213 32.48 46.62 0.90
CA ALA J 213 31.10 46.39 0.55
C ALA J 213 31.07 45.32 -0.50
N LEU J 214 32.26 44.91 -0.95
CA LEU J 214 32.43 43.85 -1.95
C LEU J 214 31.68 44.18 -3.23
N LYS J 215 31.78 45.45 -3.63
CA LYS J 215 31.27 45.93 -4.91
C LYS J 215 32.30 45.79 -6.02
N SER J 216 32.07 44.79 -6.87
CA SER J 216 32.73 44.72 -8.17
C SER J 216 32.72 46.03 -8.97
N PRO J 217 33.92 46.51 -9.36
CA PRO J 217 33.98 47.79 -10.10
C PRO J 217 33.14 47.74 -11.37
N SER J 218 32.98 46.54 -11.88
CA SER J 218 32.39 46.32 -13.18
C SER J 218 30.92 45.90 -13.08
N GLY J 219 30.44 45.70 -11.85
CA GLY J 219 29.03 45.43 -11.59
C GLY J 219 28.64 43.96 -11.54
N LYS J 220 29.64 43.10 -11.49
CA LYS J 220 29.42 41.66 -11.45
C LYS J 220 28.61 41.26 -10.22
N LYS J 221 27.74 40.26 -10.38
CA LYS J 221 27.20 39.57 -9.23
C LYS J 221 27.87 38.21 -9.17
N TYR J 222 28.23 37.79 -7.97
CA TYR J 222 28.97 36.53 -7.84
C TYR J 222 28.09 35.29 -7.72
N ASP J 223 28.47 34.25 -8.44
CA ASP J 223 27.79 32.97 -8.32
C ASP J 223 28.31 32.23 -7.09
N ALA J 224 29.55 32.48 -6.74
CA ALA J 224 30.13 31.84 -5.56
C ALA J 224 31.24 32.69 -4.95
N VAL J 225 31.36 32.59 -3.63
CA VAL J 225 32.41 33.27 -2.93
C VAL J 225 33.27 32.26 -2.19
N VAL J 226 34.56 32.22 -2.49
CA VAL J 226 35.47 31.50 -1.64
C VAL J 226 35.87 32.48 -0.54
N HIS J 227 35.17 32.42 0.59
CA HIS J 227 35.33 33.40 1.67
C HIS J 227 36.43 33.05 2.67
N CYS J 228 37.57 33.69 2.55
CA CYS J 228 38.69 33.29 3.39
C CYS J 228 38.93 34.30 4.49
N ALA J 229 38.33 35.48 4.36
CA ALA J 229 38.45 36.52 5.38
C ALA J 229 37.54 36.16 6.55
N ASN J 230 37.40 37.05 7.54
CA ASN J 230 36.61 36.68 8.73
C ASN J 230 35.54 37.63 9.23
N GLY J 231 35.76 38.92 9.11
CA GLY J 231 34.82 39.84 9.73
C GLY J 231 33.55 40.19 8.97
N ILE J 232 33.11 39.35 8.05
CA ILE J 232 32.01 39.75 7.17
C ILE J 232 30.70 38.98 7.41
N PRO J 233 29.62 39.72 7.73
CA PRO J 233 28.29 39.12 7.92
C PRO J 233 27.62 38.93 6.58
N PHE J 234 26.63 38.04 6.53
CA PHE J 234 25.99 37.68 5.28
C PHE J 234 25.36 38.91 4.58
N SER J 235 24.88 39.85 5.38
CA SER J 235 24.36 41.13 4.92
C SER J 235 25.22 41.75 3.81
N VAL J 236 26.53 41.75 4.00
CA VAL J 236 27.43 42.40 3.05
C VAL J 236 27.57 41.60 1.73
N PHE J 237 27.54 40.28 1.82
CA PHE J 237 27.59 39.45 0.63
C PHE J 237 26.31 39.59 -0.20
N GLU J 238 25.16 39.50 0.47
CA GLU J 238 23.85 39.32 -0.14
C GLU J 238 23.56 40.13 -1.39
N PRO J 239 23.68 41.45 -1.31
CA PRO J 239 23.33 42.21 -2.53
C PRO J 239 24.31 42.01 -3.67
N ASN J 240 25.49 41.46 -3.40
CA ASN J 240 26.48 41.19 -4.45
C ASN J 240 26.38 39.80 -5.04
N LEU J 241 25.48 38.98 -4.50
CA LEU J 241 25.33 37.61 -4.97
C LEU J 241 24.37 37.55 -6.13
N SER J 242 24.62 36.62 -7.04
CA SER J 242 23.66 36.27 -8.09
C SER J 242 22.42 35.65 -7.44
N GLU J 243 21.40 35.34 -8.25
CA GLU J 243 20.11 34.93 -7.68
C GLU J 243 20.25 33.72 -6.77
N ASN J 244 21.16 32.81 -7.12
CA ASN J 244 21.35 31.59 -6.33
C ASN J 244 22.78 31.47 -5.84
N GLY J 245 23.47 32.60 -5.69
CA GLY J 245 24.85 32.62 -5.23
C GLY J 245 25.12 31.98 -3.87
N LYS J 246 26.23 31.28 -3.77
CA LYS J 246 26.64 30.64 -2.53
C LYS J 246 27.90 31.32 -1.98
N VAL J 247 27.86 31.78 -0.74
CA VAL J 247 29.10 32.17 -0.08
C VAL J 247 29.64 30.94 0.66
N ILE J 248 30.86 30.56 0.33
CA ILE J 248 31.50 29.38 0.94
C ILE J 248 32.52 29.78 2.03
N ASP J 249 32.13 29.62 3.28
CA ASP J 249 32.98 29.98 4.41
C ASP J 249 33.96 28.84 4.66
N ILE J 250 35.22 29.06 4.30
CA ILE J 250 36.21 28.01 4.47
C ILE J 250 36.82 28.02 5.87
N THR J 251 36.30 28.90 6.72
CA THR J 251 36.77 28.97 8.10
C THR J 251 35.57 29.27 9.03
N PRO J 252 34.58 28.38 9.04
CA PRO J 252 33.24 28.66 9.57
C PRO J 252 33.11 28.61 11.08
N GLY J 253 32.58 29.67 11.66
CA GLY J 253 32.35 29.66 13.09
C GLY J 253 30.92 29.37 13.45
N PRO J 254 30.56 29.58 14.72
CA PRO J 254 29.17 29.39 15.16
C PRO J 254 28.22 30.28 14.37
N ASN J 255 28.65 31.51 14.05
CA ASN J 255 27.87 32.42 13.21
C ASN J 255 27.57 31.82 11.84
N ALA J 256 28.59 31.27 11.20
CA ALA J 256 28.41 30.70 9.89
C ALA J 256 27.49 29.48 10.00
N MET J 257 27.77 28.65 10.99
CA MET J 257 27.01 27.44 11.21
C MET J 257 25.52 27.75 11.39
N TRP J 258 25.23 28.78 12.19
CA TRP J 258 23.85 29.21 12.43
C TRP J 258 23.21 29.72 11.15
N THR J 259 23.89 30.67 10.51
CA THR J 259 23.40 31.24 9.28
C THR J 259 23.09 30.14 8.26
N TYR J 260 23.99 29.16 8.18
CA TYR J 260 23.75 27.99 7.33
C TYR J 260 22.43 27.34 7.63
N ALA J 261 22.18 27.10 8.92
CA ALA J 261 20.97 26.46 9.36
C ALA J 261 19.74 27.29 8.96
N VAL J 262 19.77 28.59 9.26
CA VAL J 262 18.60 29.44 9.01
C VAL J 262 18.33 29.51 7.51
N LYS J 263 19.35 29.80 6.72
CA LYS J 263 19.19 29.90 5.28
C LYS J 263 18.67 28.57 4.71
N LYS J 264 18.98 27.47 5.37
CA LYS J 264 18.54 26.16 4.91
C LYS J 264 17.06 25.97 5.22
N ILE J 265 16.70 26.26 6.47
CA ILE J 265 15.34 25.99 6.95
C ILE J 265 14.34 26.97 6.36
N THR J 266 14.81 28.14 5.91
CA THR J 266 13.94 29.14 5.30
C THR J 266 14.00 29.06 3.78
N MET J 267 14.71 28.04 3.30
CA MET J 267 14.92 27.82 1.86
C MET J 267 15.38 29.06 1.08
N SER J 268 16.29 29.86 1.65
CA SER J 268 16.83 31.03 0.97
C SER J 268 17.49 30.59 -0.32
N LYS J 269 17.19 31.29 -1.40
CA LYS J 269 17.80 30.95 -2.68
C LYS J 269 19.30 31.22 -2.61
N LYS J 270 19.68 32.33 -1.96
CA LYS J 270 21.09 32.62 -1.68
C LYS J 270 21.50 31.87 -0.43
N GLN J 271 22.64 31.20 -0.49
CA GLN J 271 23.00 30.19 0.52
C GLN J 271 24.38 30.45 1.17
N LEU J 272 24.53 30.11 2.43
CA LEU J 272 25.86 30.10 3.04
C LEU J 272 26.31 28.66 3.31
N VAL J 273 27.42 28.29 2.70
CA VAL J 273 27.92 26.94 2.81
C VAL J 273 29.19 26.84 3.66
N PRO J 274 29.09 26.18 4.81
CA PRO J 274 30.28 25.94 5.61
C PRO J 274 31.12 24.88 4.93
N LEU J 275 32.44 25.05 4.89
CA LEU J 275 33.26 24.03 4.26
C LEU J 275 34.16 23.33 5.26
N LEU J 276 34.09 22.01 5.31
CA LEU J 276 35.10 21.23 6.02
C LEU J 276 35.84 20.41 5.00
N LEU J 277 37.16 20.49 5.04
CA LEU J 277 37.97 19.81 4.06
C LEU J 277 37.93 18.32 4.28
N ILE J 278 37.79 17.56 3.21
CA ILE J 278 38.10 16.14 3.24
C ILE J 278 39.28 15.88 2.31
N PRO J 279 40.48 15.78 2.87
CA PRO J 279 41.68 15.52 2.08
C PRO J 279 41.67 14.14 1.44
N LYS J 280 41.71 14.09 0.12
CA LYS J 280 41.73 12.84 -0.59
C LYS J 280 42.99 12.82 -1.46
N ALA J 281 43.73 11.72 -1.42
CA ALA J 281 45.02 11.63 -2.11
C ALA J 281 44.94 11.94 -3.61
N GLU J 282 43.84 11.58 -4.26
CA GLU J 282 43.63 11.89 -5.67
C GLU J 282 43.76 13.39 -5.92
N ASN J 283 43.16 14.19 -5.02
CA ASN J 283 43.19 15.63 -5.13
C ASN J 283 44.59 16.21 -4.92
N LEU J 284 45.29 15.68 -3.91
CA LEU J 284 46.66 16.11 -3.64
C LEU J 284 47.56 15.81 -4.84
N GLU J 285 47.46 14.61 -5.38
CA GLU J 285 48.17 14.24 -6.59
C GLU J 285 47.87 15.23 -7.72
N PHE J 286 46.60 15.58 -7.87
CA PHE J 286 46.15 16.53 -8.86
C PHE J 286 46.79 17.90 -8.72
N MET J 287 46.70 18.46 -7.52
CA MET J 287 47.29 19.75 -7.21
C MET J 287 48.80 19.72 -7.48
N VAL J 288 49.45 18.64 -7.08
CA VAL J 288 50.88 18.50 -7.29
C VAL J 288 51.22 18.56 -8.78
N ASN J 289 50.43 17.89 -9.59
CA ASN J 289 50.58 17.97 -11.04
C ASN J 289 50.41 19.38 -11.57
N LEU J 290 49.42 20.10 -11.04
CA LEU J 290 49.18 21.47 -11.47
C LEU J 290 50.41 22.34 -11.20
N VAL J 291 51.05 22.10 -10.08
CA VAL J 291 52.27 22.83 -9.73
C VAL J 291 53.43 22.44 -10.66
N LYS J 292 53.55 21.13 -10.90
CA LYS J 292 54.56 20.59 -11.82
C LYS J 292 54.41 21.16 -13.22
N GLU J 293 53.18 21.26 -13.70
CA GLU J 293 52.92 21.74 -15.05
C GLU J 293 52.88 23.26 -15.14
N GLY J 294 53.17 23.91 -14.02
CA GLY J 294 53.21 25.35 -13.98
C GLY J 294 51.86 26.04 -14.05
N LYS J 295 50.78 25.28 -14.02
CA LYS J 295 49.43 25.84 -14.09
C LYS J 295 49.02 26.47 -12.76
N VAL J 296 49.76 26.14 -11.70
CA VAL J 296 49.54 26.74 -10.38
C VAL J 296 50.86 26.94 -9.68
N LYS J 297 51.11 28.13 -9.14
CA LYS J 297 52.38 28.36 -8.44
C LYS J 297 52.07 28.53 -6.97
N THR J 298 52.89 27.91 -6.14
CA THR J 298 52.91 28.14 -4.70
C THR J 298 53.71 29.39 -4.38
N VAL J 299 53.14 30.38 -3.72
CA VAL J 299 53.99 31.48 -3.25
C VAL J 299 54.29 31.22 -1.79
N ILE J 300 55.57 31.31 -1.46
CA ILE J 300 56.06 31.15 -0.10
C ILE J 300 56.28 32.51 0.57
N ASP J 301 55.57 32.75 1.68
CA ASP J 301 55.73 33.99 2.42
C ASP J 301 57.10 34.06 3.04
N SER J 302 57.55 32.97 3.64
CA SER J 302 58.81 32.96 4.34
C SER J 302 59.26 31.55 4.66
N LYS J 303 60.57 31.40 4.86
CA LYS J 303 61.15 30.12 5.23
C LYS J 303 61.88 30.27 6.54
N HIS J 304 61.53 29.43 7.50
CA HIS J 304 62.19 29.41 8.80
C HIS J 304 62.79 28.05 9.16
N PRO J 305 63.95 28.05 9.83
CA PRO J 305 64.52 26.78 10.29
C PRO J 305 63.78 26.28 11.51
N LEU J 306 63.69 24.95 11.64
CA LEU J 306 63.03 24.34 12.79
C LEU J 306 63.53 24.92 14.12
N SER J 307 64.81 25.28 14.17
CA SER J 307 65.39 25.84 15.39
C SER J 307 64.77 27.17 15.74
N LYS J 308 64.17 27.82 14.75
CA LYS J 308 63.59 29.14 14.98
C LYS J 308 62.12 29.14 14.59
N ALA J 309 61.47 27.99 14.77
CA ALA J 309 60.09 27.80 14.30
C ALA J 309 59.05 28.72 14.98
N GLU J 310 59.29 29.10 16.24
CA GLU J 310 58.42 30.05 16.92
C GLU J 310 58.17 31.29 16.05
N ASP J 311 59.23 31.78 15.40
CA ASP J 311 59.14 32.93 14.51
C ASP J 311 58.07 32.70 13.45
N ALA J 312 58.04 31.49 12.89
CA ALA J 312 57.06 31.15 11.87
C ALA J 312 55.68 31.10 12.52
N TRP J 313 55.64 30.54 13.72
CA TRP J 313 54.38 30.43 14.47
C TRP J 313 53.78 31.82 14.71
N ALA J 314 54.59 32.72 15.25
CA ALA J 314 54.15 34.09 15.46
C ALA J 314 53.70 34.77 14.17
N LYS J 315 54.42 34.53 13.07
CA LYS J 315 54.08 35.10 11.77
C LYS J 315 52.68 34.65 11.38
N SER J 316 52.41 33.37 11.60
CA SER J 316 51.10 32.78 11.32
C SER J 316 50.03 33.43 12.21
N ILE J 317 50.32 33.54 13.49
CA ILE J 317 49.38 34.13 14.43
C ILE J 317 49.01 35.55 13.99
N ASP J 318 49.99 36.33 13.54
CA ASP J 318 49.74 37.70 13.05
C ASP J 318 48.90 37.64 11.82
N GLY J 319 49.10 36.58 11.05
CA GLY J 319 48.33 36.35 9.84
C GLY J 319 48.39 37.48 8.86
N HIS J 320 49.56 38.06 8.67
CA HIS J 320 49.73 39.01 7.58
C HIS J 320 50.49 38.33 6.46
N ALA J 321 50.63 37.01 6.59
CA ALA J 321 51.38 36.22 5.64
C ALA J 321 50.83 36.34 4.23
N THR J 322 51.74 36.33 3.26
CA THR J 322 51.36 36.38 1.86
C THR J 322 51.67 35.06 1.22
N GLY J 323 50.67 34.24 1.03
CA GLY J 323 50.92 32.86 0.64
C GLY J 323 51.14 31.97 1.84
N LYS J 324 52.13 31.10 1.77
CA LYS J 324 52.27 30.06 2.80
C LYS J 324 53.58 30.12 3.56
N ILE J 325 53.51 30.00 4.87
CA ILE J 325 54.69 30.02 5.72
C ILE J 325 55.29 28.63 5.81
N ILE J 326 56.61 28.53 5.64
CA ILE J 326 57.28 27.24 5.59
C ILE J 326 58.32 27.09 6.70
N VAL J 327 58.39 25.90 7.30
CA VAL J 327 59.47 25.59 8.22
C VAL J 327 60.29 24.43 7.67
N GLU J 328 61.58 24.66 7.50
CA GLU J 328 62.53 23.68 6.97
C GLU J 328 63.49 23.25 8.09
N PRO J 329 64.23 22.17 7.87
CA PRO J 329 65.15 21.80 8.94
C PRO J 329 66.43 22.61 8.83
N MET K 6 -9.15 51.00 15.92
CA MET K 6 -8.01 51.75 16.42
C MET K 6 -6.88 51.89 15.40
N HIS K 7 -5.94 52.77 15.72
CA HIS K 7 -4.78 53.08 14.88
C HIS K 7 -3.56 52.33 15.43
N ALA K 8 -2.64 51.90 14.53
CA ALA K 8 -1.47 51.07 14.91
C ALA K 8 -0.34 51.11 13.89
N LEU K 9 0.79 50.52 14.23
CA LEU K 9 1.89 50.38 13.29
C LEU K 9 2.22 48.93 12.99
N GLN K 10 2.41 48.64 11.71
CA GLN K 10 2.65 47.29 11.20
C GLN K 10 3.84 47.23 10.27
N TYR K 11 4.58 46.13 10.29
CA TYR K 11 5.40 45.81 9.14
C TYR K 11 4.86 44.53 8.56
N ASN K 12 4.93 44.41 7.24
CA ASN K 12 4.34 43.27 6.53
C ASN K 12 5.44 42.48 5.83
N SER K 13 6.67 42.74 6.23
CA SER K 13 7.81 42.24 5.48
C SER K 13 9.12 42.36 6.29
N TYR K 14 10.10 41.50 5.99
CA TYR K 14 11.41 41.59 6.64
C TYR K 14 12.22 42.72 6.04
N GLY K 15 13.05 43.36 6.85
CA GLY K 15 14.08 44.27 6.35
C GLY K 15 13.67 45.71 6.07
N GLY K 16 12.42 46.05 6.34
CA GLY K 16 11.95 47.39 6.06
C GLY K 16 12.66 48.53 6.77
N GLY K 17 13.13 48.27 8.00
CA GLY K 17 13.62 49.34 8.84
C GLY K 17 12.45 50.22 9.24
N ALA K 18 12.72 51.49 9.56
CA ALA K 18 11.64 52.41 9.96
C ALA K 18 10.76 52.76 8.77
N ALA K 19 11.36 52.71 7.58
CA ALA K 19 10.62 52.89 6.34
C ALA K 19 9.50 51.84 6.19
N GLY K 20 9.83 50.60 6.56
CA GLY K 20 8.93 49.47 6.45
C GLY K 20 7.72 49.49 7.40
N LEU K 21 7.74 50.39 8.38
CA LEU K 21 6.59 50.52 9.27
C LEU K 21 5.45 51.19 8.52
N GLU K 22 4.22 50.76 8.78
CA GLU K 22 3.05 51.41 8.18
C GLU K 22 2.01 51.78 9.23
N HIS K 23 1.49 52.99 9.13
CA HIS K 23 0.38 53.36 9.99
C HIS K 23 -0.87 52.77 9.38
N VAL K 24 -1.66 52.11 10.21
CA VAL K 24 -2.84 51.41 9.73
C VAL K 24 -3.99 51.55 10.71
N GLN K 25 -5.20 51.28 10.21
CA GLN K 25 -6.41 51.19 11.04
C GLN K 25 -6.77 49.72 11.19
N VAL K 26 -6.82 49.27 12.43
CA VAL K 26 -6.95 47.84 12.73
C VAL K 26 -8.00 47.65 13.81
N PRO K 27 -8.80 46.54 13.72
CA PRO K 27 -9.79 46.22 14.75
C PRO K 27 -9.21 46.15 16.15
N VAL K 28 -9.87 46.80 17.10
CA VAL K 28 -9.49 46.73 18.51
C VAL K 28 -9.56 45.30 18.98
N PRO K 29 -8.48 44.80 19.60
CA PRO K 29 -8.49 43.38 19.99
C PRO K 29 -9.51 43.06 21.08
N THR K 30 -9.95 41.80 21.12
CA THR K 30 -10.92 41.36 22.13
C THR K 30 -10.27 40.42 23.13
N PRO K 31 -10.40 40.73 24.43
CA PRO K 31 -9.76 39.92 25.47
C PRO K 31 -10.33 38.52 25.60
N LYS K 32 -9.46 37.54 25.71
CA LYS K 32 -9.92 36.17 25.95
C LYS K 32 -10.18 35.94 27.44
N SER K 33 -10.47 34.69 27.82
CA SER K 33 -10.89 34.33 29.18
C SER K 33 -10.02 34.96 30.27
N ASN K 34 -8.71 34.80 30.13
CA ASN K 34 -7.75 35.28 31.12
C ASN K 34 -6.99 36.55 30.71
N GLU K 35 -7.42 37.22 29.63
CA GLU K 35 -6.77 38.46 29.16
C GLU K 35 -7.49 39.73 29.62
N VAL K 36 -6.76 40.85 29.64
CA VAL K 36 -7.41 42.15 29.83
C VAL K 36 -7.11 43.04 28.62
N CYS K 37 -8.02 43.97 28.33
CA CYS K 37 -7.80 44.91 27.23
C CYS K 37 -7.43 46.32 27.76
N LEU K 38 -6.35 46.89 27.23
CA LEU K 38 -5.83 48.15 27.72
C LEU K 38 -5.94 49.26 26.70
N LYS K 39 -6.42 50.42 27.15
CA LYS K 39 -6.17 51.68 26.45
C LYS K 39 -4.74 52.08 26.79
N LEU K 40 -3.87 52.11 25.80
CA LEU K 40 -2.45 52.32 26.08
C LEU K 40 -2.16 53.77 26.39
N GLU K 41 -1.31 53.98 27.40
CA GLU K 41 -0.87 55.32 27.79
C GLU K 41 0.61 55.52 27.47
N ALA K 42 1.37 54.42 27.48
CA ALA K 42 2.78 54.46 27.14
C ALA K 42 3.25 53.10 26.69
N THR K 43 4.07 53.09 25.63
CA THR K 43 4.70 51.87 25.14
C THR K 43 6.21 52.06 25.05
N SER K 44 6.96 51.02 25.42
CA SER K 44 8.41 51.07 25.42
C SER K 44 9.00 50.16 24.34
N LEU K 45 10.03 50.63 23.65
CA LEU K 45 10.71 49.80 22.67
C LEU K 45 11.89 49.01 23.28
N ASN K 46 12.17 47.85 22.70
CA ASN K 46 13.33 47.04 23.02
C ASN K 46 14.01 46.66 21.73
N PRO K 47 15.34 46.49 21.75
CA PRO K 47 16.09 46.18 20.54
C PRO K 47 15.57 44.93 19.81
N VAL K 48 15.13 43.93 20.59
CA VAL K 48 14.47 42.76 20.06
C VAL K 48 13.46 43.11 18.98
N ASP K 49 12.65 44.14 19.26
CA ASP K 49 11.55 44.57 18.41
C ASP K 49 11.99 44.86 16.96
N TRP K 50 13.07 45.61 16.76
CA TRP K 50 13.49 45.90 15.38
C TRP K 50 14.34 44.79 14.81
N LYS K 51 15.03 44.05 15.67
CA LYS K 51 15.78 42.87 15.23
C LYS K 51 14.86 41.81 14.59
N ILE K 52 13.68 41.60 15.19
CA ILE K 52 12.70 40.64 14.67
C ILE K 52 12.35 41.04 13.24
N GLN K 53 12.17 42.34 13.04
CA GLN K 53 11.82 42.86 11.72
C GLN K 53 12.97 42.69 10.74
N LYS K 54 14.20 42.88 11.20
CA LYS K 54 15.37 42.70 10.31
C LYS K 54 15.46 41.25 9.85
N GLY K 55 14.93 40.33 10.66
CA GLY K 55 14.86 38.92 10.32
C GLY K 55 15.82 38.11 11.18
N MET K 56 16.45 38.77 12.13
CA MET K 56 17.48 38.14 12.93
C MET K 56 16.94 37.07 13.84
N ILE K 57 15.64 37.06 14.09
CA ILE K 57 15.09 36.09 15.02
C ILE K 57 14.40 34.97 14.27
N ARG K 58 14.61 34.94 12.96
CA ARG K 58 14.13 33.81 12.16
C ARG K 58 14.88 32.56 12.54
N PRO K 59 14.20 31.39 12.57
CA PRO K 59 12.82 31.13 12.18
C PRO K 59 11.80 31.24 13.31
N PHE K 60 12.17 31.72 14.51
CA PHE K 60 11.23 31.79 15.63
C PHE K 60 10.23 32.96 15.60
N LEU K 61 10.70 34.13 15.18
CA LEU K 61 9.87 35.32 15.12
C LEU K 61 10.17 36.12 13.85
N PRO K 62 9.16 36.82 13.32
CA PRO K 62 7.79 36.92 13.82
C PRO K 62 6.98 35.71 13.42
N ARG K 63 5.88 35.48 14.09
CA ARG K 63 5.12 34.28 13.80
C ARG K 63 4.42 34.39 12.44
N LYS K 64 3.63 35.45 12.26
CA LYS K 64 2.93 35.72 11.00
C LYS K 64 3.07 37.21 10.71
N PHE K 65 3.00 37.56 9.42
CA PHE K 65 2.84 38.96 9.02
C PHE K 65 1.34 39.24 8.83
N PRO K 66 0.92 40.50 9.04
CA PRO K 66 1.71 41.65 9.45
C PRO K 66 1.95 41.65 10.95
N CYS K 67 2.85 42.52 11.40
CA CYS K 67 3.30 42.47 12.77
C CYS K 67 3.21 43.84 13.43
N ILE K 68 2.47 43.88 14.54
CA ILE K 68 2.45 45.08 15.38
C ILE K 68 3.48 44.96 16.51
N PRO K 69 4.54 45.78 16.44
CA PRO K 69 5.72 45.66 17.32
C PRO K 69 5.51 46.06 18.76
N ALA K 70 6.43 45.63 19.62
CA ALA K 70 6.60 46.08 21.01
C ALA K 70 5.80 45.25 21.97
N THR K 71 6.33 45.11 23.17
CA THR K 71 5.72 44.26 24.20
C THR K 71 5.52 45.02 25.53
N ASP K 72 6.33 46.04 25.77
CA ASP K 72 6.34 46.74 27.06
C ASP K 72 5.33 47.87 27.05
N VAL K 73 4.41 47.80 28.00
CA VAL K 73 3.16 48.54 27.86
C VAL K 73 2.59 48.98 29.21
N ALA K 74 1.97 50.14 29.22
CA ALA K 74 1.29 50.66 30.40
C ALA K 74 0.06 51.41 29.95
N GLY K 75 -1.03 51.25 30.69
CA GLY K 75 -2.28 51.86 30.30
C GLY K 75 -3.41 51.60 31.27
N GLU K 76 -4.62 51.91 30.82
CA GLU K 76 -5.81 51.75 31.65
C GLU K 76 -6.65 50.59 31.15
N VAL K 77 -7.10 49.74 32.08
CA VAL K 77 -7.97 48.64 31.73
C VAL K 77 -9.32 49.12 31.18
N VAL K 78 -9.63 48.67 29.97
CA VAL K 78 -10.84 49.04 29.29
C VAL K 78 -11.89 47.95 29.49
N GLU K 79 -11.42 46.72 29.52
CA GLU K 79 -12.31 45.55 29.49
C GLU K 79 -11.56 44.30 29.90
N VAL K 80 -12.20 43.46 30.70
CA VAL K 80 -11.55 42.24 31.11
C VAL K 80 -12.29 41.02 30.55
N GLY K 81 -11.64 39.86 30.58
CA GLY K 81 -12.23 38.63 30.11
C GLY K 81 -13.00 37.98 31.24
N SER K 82 -13.75 36.93 30.92
CA SER K 82 -14.59 36.25 31.89
C SER K 82 -13.82 35.72 33.11
N GLY K 83 -12.62 35.21 32.88
CA GLY K 83 -11.84 34.62 33.96
C GLY K 83 -11.08 35.62 34.82
N VAL K 84 -11.04 36.89 34.41
CA VAL K 84 -10.20 37.87 35.10
C VAL K 84 -10.77 38.21 36.48
N LYS K 85 -9.96 37.98 37.51
CA LYS K 85 -10.37 38.19 38.89
C LYS K 85 -9.78 39.47 39.49
N ASN K 86 -8.53 39.78 39.18
CA ASN K 86 -7.81 40.84 39.88
C ASN K 86 -7.86 42.25 39.27
N PHE K 87 -8.46 42.40 38.10
CA PHE K 87 -8.52 43.72 37.47
C PHE K 87 -9.91 44.09 37.00
N LYS K 88 -10.25 45.37 37.16
CA LYS K 88 -11.53 45.91 36.71
C LYS K 88 -11.26 47.05 35.74
N ALA K 89 -12.27 47.42 34.95
CA ALA K 89 -12.16 48.57 34.07
C ALA K 89 -11.84 49.81 34.89
N GLY K 90 -10.95 50.65 34.36
CA GLY K 90 -10.55 51.86 35.06
C GLY K 90 -9.21 51.72 35.76
N ASP K 91 -8.85 50.48 36.11
CA ASP K 91 -7.55 50.21 36.74
C ASP K 91 -6.40 50.67 35.86
N LYS K 92 -5.42 51.34 36.45
CA LYS K 92 -4.19 51.66 35.76
C LYS K 92 -3.20 50.50 35.93
N VAL K 93 -2.58 50.08 34.83
CA VAL K 93 -1.63 48.97 34.89
C VAL K 93 -0.33 49.17 34.10
N VAL K 94 0.62 48.29 34.37
CA VAL K 94 1.75 48.05 33.50
C VAL K 94 1.68 46.56 33.15
N ALA K 95 2.06 46.20 31.92
CA ALA K 95 1.91 44.82 31.48
C ALA K 95 2.95 44.42 30.43
N VAL K 96 3.07 43.11 30.22
CA VAL K 96 3.92 42.56 29.17
C VAL K 96 3.08 41.80 28.17
N LEU K 97 3.06 42.29 26.93
CA LEU K 97 2.30 41.63 25.87
C LEU K 97 3.05 40.39 25.44
N SER K 98 2.35 39.45 24.82
CA SER K 98 3.01 38.27 24.30
C SER K 98 3.98 38.66 23.22
N HIS K 99 5.20 38.20 23.35
CA HIS K 99 6.22 38.42 22.33
C HIS K 99 5.82 37.77 21.01
N LEU K 100 4.86 36.84 21.06
CA LEU K 100 4.39 36.13 19.87
C LEU K 100 3.46 37.00 19.05
N GLY K 101 2.67 37.83 19.72
CA GLY K 101 1.66 38.61 19.04
C GLY K 101 1.98 40.09 18.95
N GLY K 102 2.93 40.54 19.77
CA GLY K 102 3.28 41.94 19.83
C GLY K 102 2.10 42.78 20.25
N GLY K 103 1.91 43.91 19.60
CA GLY K 103 0.74 44.72 19.89
C GLY K 103 0.97 46.07 20.53
N GLY K 104 2.20 46.34 20.94
CA GLY K 104 2.53 47.58 21.65
C GLY K 104 2.30 48.89 20.94
N LEU K 105 2.66 48.98 19.66
CA LEU K 105 2.48 50.20 18.90
C LEU K 105 1.06 50.33 18.37
N ALA K 106 0.14 50.59 19.28
CA ALA K 106 -1.27 50.72 18.97
C ALA K 106 -1.98 51.44 20.11
N GLU K 107 -3.25 51.79 19.89
CA GLU K 107 -4.04 52.47 20.93
C GLU K 107 -4.53 51.50 21.99
N PHE K 108 -4.74 50.25 21.56
CA PHE K 108 -5.24 49.18 22.43
C PHE K 108 -4.44 47.88 22.26
N ALA K 109 -4.34 47.14 23.36
CA ALA K 109 -3.64 45.87 23.35
C ALA K 109 -4.27 44.94 24.38
N VAL K 110 -4.17 43.64 24.16
CA VAL K 110 -4.61 42.70 25.18
C VAL K 110 -3.40 42.05 25.85
N ALA K 111 -3.43 41.97 27.17
CA ALA K 111 -2.36 41.31 27.94
C ALA K 111 -2.96 40.23 28.78
N THR K 112 -2.20 39.18 29.05
CA THR K 112 -2.67 38.13 29.95
C THR K 112 -2.68 38.71 31.36
N GLU K 113 -3.61 38.23 32.18
CA GLU K 113 -3.71 38.66 33.56
C GLU K 113 -2.44 38.31 34.31
N LYS K 114 -1.84 37.18 33.96
CA LYS K 114 -0.64 36.70 34.64
C LYS K 114 0.57 37.57 34.36
N LEU K 115 0.45 38.47 33.39
CA LEU K 115 1.52 39.39 33.08
C LEU K 115 1.03 40.83 33.13
N THR K 116 0.07 41.10 34.01
CA THR K 116 -0.46 42.44 34.22
C THR K 116 -0.34 42.84 35.69
N VAL K 117 0.21 44.02 35.95
CA VAL K 117 0.42 44.50 37.31
C VAL K 117 -0.22 45.87 37.52
N LYS K 118 -0.93 46.06 38.63
CA LYS K 118 -1.51 47.35 38.95
C LYS K 118 -0.40 48.38 39.10
N ARG K 119 -0.56 49.52 38.43
CA ARG K 119 0.37 50.65 38.49
C ARG K 119 -0.06 51.69 39.53
N PRO K 120 0.72 51.86 40.60
CA PRO K 120 0.39 52.83 41.65
C PRO K 120 0.35 54.28 41.14
N GLN K 121 -0.30 55.16 41.89
CA GLN K 121 -0.47 56.57 41.50
C GLN K 121 0.90 57.26 41.36
N GLU K 122 1.85 56.83 42.19
CA GLU K 122 3.18 57.43 42.26
C GLU K 122 4.02 57.23 41.00
N VAL K 123 3.74 56.16 40.28
CA VAL K 123 4.56 55.82 39.12
C VAL K 123 3.84 56.18 37.81
N GLY K 124 4.47 57.04 37.01
CA GLY K 124 3.94 57.42 35.72
C GLY K 124 3.76 56.25 34.75
N ALA K 125 3.09 56.50 33.64
CA ALA K 125 2.87 55.45 32.65
C ALA K 125 4.14 55.20 31.82
N ALA K 126 4.87 56.25 31.49
CA ALA K 126 6.12 56.09 30.74
C ALA K 126 7.21 55.45 31.60
N GLU K 127 7.29 55.87 32.86
CA GLU K 127 8.24 55.30 33.83
C GLU K 127 8.02 53.79 34.01
N ALA K 128 6.75 53.38 33.99
CA ALA K 128 6.37 51.98 34.19
C ALA K 128 6.56 51.14 32.95
N ALA K 129 6.11 51.65 31.80
CA ALA K 129 6.21 50.90 30.56
C ALA K 129 7.67 50.57 30.18
N ALA K 130 8.62 51.35 30.69
CA ALA K 130 10.04 51.11 30.41
C ALA K 130 10.56 49.89 31.17
N LEU K 131 9.87 49.55 32.26
CA LEU K 131 10.33 48.49 33.16
C LEU K 131 10.40 47.02 32.59
N PRO K 132 9.28 46.49 32.05
CA PRO K 132 9.19 45.04 31.82
C PRO K 132 10.44 44.34 31.27
N VAL K 133 10.67 44.37 29.97
CA VAL K 133 11.81 43.65 29.41
C VAL K 133 13.15 44.09 30.01
N ALA K 134 13.46 45.38 29.88
CA ALA K 134 14.78 45.83 30.32
C ALA K 134 14.98 45.56 31.81
N GLY K 135 14.02 45.98 32.63
CA GLY K 135 14.11 45.87 34.08
C GLY K 135 14.16 44.43 34.56
N LEU K 136 13.20 43.61 34.11
CA LEU K 136 13.17 42.20 34.50
C LEU K 136 14.44 41.47 34.09
N THR K 137 14.96 41.80 32.90
CA THR K 137 16.20 41.19 32.43
C THR K 137 17.32 41.51 33.40
N ALA K 138 17.47 42.79 33.71
CA ALA K 138 18.51 43.23 34.65
C ALA K 138 18.31 42.50 35.97
N LEU K 139 17.05 42.42 36.38
CA LEU K 139 16.72 41.76 37.63
C LEU K 139 17.11 40.29 37.58
N GLN K 140 16.71 39.61 36.52
CA GLN K 140 16.94 38.18 36.44
C GLN K 140 18.43 37.86 36.42
N ALA K 141 19.19 38.67 35.67
CA ALA K 141 20.62 38.45 35.56
C ALA K 141 21.32 38.53 36.91
N LEU K 142 20.96 39.55 37.68
CA LEU K 142 21.60 39.76 38.97
C LEU K 142 21.10 38.80 40.03
N THR K 143 19.83 38.41 39.92
CA THR K 143 19.20 37.53 40.89
C THR K 143 19.55 36.05 40.70
N ASN K 144 19.50 35.55 39.46
CA ASN K 144 19.70 34.13 39.23
C ASN K 144 21.17 33.79 38.97
N PRO K 145 21.74 34.11 37.77
CA PRO K 145 23.13 33.65 37.60
C PRO K 145 24.16 34.32 38.50
N ALA K 146 24.00 35.62 38.78
CA ALA K 146 24.92 36.36 39.63
C ALA K 146 24.69 36.09 41.11
N GLY K 147 23.45 35.77 41.45
CA GLY K 147 23.06 35.43 42.80
C GLY K 147 23.26 36.52 43.83
N LEU K 148 22.80 37.73 43.54
CA LEU K 148 22.86 38.84 44.50
C LEU K 148 21.48 39.14 45.10
N LYS K 149 21.43 39.66 46.33
CA LYS K 149 20.17 39.66 47.08
C LYS K 149 19.34 40.95 47.01
N LEU K 150 20.04 42.07 46.83
CA LEU K 150 19.48 43.44 46.92
C LEU K 150 18.57 43.79 48.10
N ASP K 151 18.42 42.88 49.07
CA ASP K 151 17.85 43.25 50.36
C ASP K 151 19.03 43.57 51.31
N GLY K 152 20.14 44.06 50.76
CA GLY K 152 21.32 44.40 51.52
C GLY K 152 22.26 43.23 51.82
N THR K 153 21.69 42.14 52.33
CA THR K 153 22.42 40.93 52.69
C THR K 153 23.14 40.23 51.51
N GLY K 154 23.62 41.01 50.55
CA GLY K 154 24.22 40.46 49.35
C GLY K 154 25.57 39.81 49.57
N LYS K 155 26.29 39.54 48.48
CA LYS K 155 27.57 38.87 48.60
C LYS K 155 28.73 39.85 48.70
N LYS K 156 28.42 41.15 48.61
CA LYS K 156 29.44 42.20 48.46
C LYS K 156 30.34 41.86 47.28
N ALA K 157 29.72 41.48 46.17
CA ALA K 157 30.43 41.02 44.98
C ALA K 157 30.86 42.17 44.04
N ASN K 158 31.75 41.85 43.10
CA ASN K 158 32.18 42.79 42.07
C ASN K 158 31.44 42.59 40.76
N ILE K 159 30.74 43.63 40.32
CA ILE K 159 29.92 43.53 39.11
C ILE K 159 30.44 44.44 38.02
N LEU K 160 30.59 43.90 36.82
CA LEU K 160 30.83 44.72 35.62
C LEU K 160 29.54 44.82 34.81
N VAL K 161 29.16 46.03 34.42
CA VAL K 161 28.04 46.20 33.52
C VAL K 161 28.50 46.85 32.24
N THR K 162 28.44 46.12 31.14
CA THR K 162 28.74 46.70 29.84
C THR K 162 27.54 47.44 29.29
N ALA K 163 27.83 48.48 28.51
CA ALA K 163 26.81 49.32 27.88
C ALA K 163 25.79 49.81 28.90
N ALA K 164 26.29 50.37 30.01
CA ALA K 164 25.42 50.67 31.14
C ALA K 164 24.55 51.92 30.92
N SER K 165 24.70 52.57 29.78
CA SER K 165 23.92 53.77 29.50
C SER K 165 22.60 53.42 28.81
N GLY K 166 22.44 52.15 28.42
CA GLY K 166 21.28 51.70 27.66
C GLY K 166 20.15 51.14 28.49
N GLY K 167 19.20 50.52 27.79
CA GLY K 167 18.00 49.98 28.41
C GLY K 167 18.26 49.04 29.60
N VAL K 168 18.75 47.83 29.33
CA VAL K 168 19.02 46.91 30.42
C VAL K 168 20.17 47.45 31.29
N GLY K 169 21.19 48.00 30.63
CA GLY K 169 22.33 48.59 31.31
C GLY K 169 22.03 49.48 32.52
N HIS K 170 21.15 50.46 32.34
CA HIS K 170 20.97 51.48 33.35
C HIS K 170 20.14 50.97 34.54
N TYR K 171 19.28 49.98 34.27
CA TYR K 171 18.60 49.28 35.35
C TYR K 171 19.58 48.40 36.11
N ALA K 172 20.44 47.72 35.36
CA ALA K 172 21.42 46.80 35.95
C ALA K 172 22.30 47.49 36.99
N VAL K 173 22.82 48.66 36.65
CA VAL K 173 23.71 49.38 37.58
C VAL K 173 22.99 49.74 38.89
N GLN K 174 21.80 50.32 38.77
CA GLN K 174 21.00 50.67 39.94
C GLN K 174 20.69 49.44 40.83
N LEU K 175 20.18 48.37 40.21
CA LEU K 175 19.84 47.15 40.95
C LEU K 175 21.06 46.56 41.64
N ALA K 176 22.20 46.57 40.94
CA ALA K 176 23.41 45.93 41.45
C ALA K 176 23.88 46.66 42.70
N LYS K 177 23.61 47.97 42.73
CA LYS K 177 23.92 48.77 43.91
C LYS K 177 23.04 48.44 45.11
N LEU K 178 21.79 48.12 44.85
CA LEU K 178 20.90 47.72 45.93
C LEU K 178 21.31 46.41 46.55
N ALA K 179 22.12 45.64 45.85
CA ALA K 179 22.56 44.35 46.37
C ALA K 179 23.90 44.47 47.04
N ASN K 180 24.30 45.73 47.27
CA ASN K 180 25.58 46.05 47.88
C ASN K 180 26.73 45.39 47.13
N ALA K 181 26.77 45.63 45.82
CA ALA K 181 27.89 45.22 45.00
C ALA K 181 28.74 46.44 44.62
N HIS K 182 30.02 46.19 44.35
CA HIS K 182 30.86 47.17 43.68
C HIS K 182 30.60 47.10 42.18
N VAL K 183 30.19 48.22 41.59
CA VAL K 183 29.83 48.24 40.18
C VAL K 183 30.84 48.97 39.31
N THR K 184 31.39 48.27 38.33
CA THR K 184 32.24 48.86 37.32
C THR K 184 31.43 48.90 36.04
N ALA K 185 31.42 50.03 35.33
CA ALA K 185 30.56 50.13 34.14
C ALA K 185 31.29 50.67 32.91
N THR K 186 30.82 50.26 31.74
CA THR K 186 31.34 50.82 30.49
C THR K 186 30.23 51.50 29.69
N CYS K 187 30.58 52.61 29.04
CA CYS K 187 29.65 53.38 28.22
C CYS K 187 30.41 54.33 27.31
N GLY K 188 29.70 55.07 26.48
CA GLY K 188 30.35 56.05 25.62
C GLY K 188 30.84 57.21 26.46
N ALA K 189 31.83 57.93 25.95
CA ALA K 189 32.37 59.08 26.67
C ALA K 189 31.27 60.05 27.14
N ARG K 190 30.31 60.33 26.26
CA ARG K 190 29.23 61.29 26.55
C ARG K 190 28.42 60.93 27.80
N ASN K 191 28.26 59.65 28.04
CA ASN K 191 27.37 59.18 29.11
C ASN K 191 28.05 58.89 30.44
N ILE K 192 29.36 59.19 30.48
CA ILE K 192 30.19 58.79 31.62
C ILE K 192 29.67 59.42 32.92
N GLU K 193 29.21 60.67 32.85
CA GLU K 193 28.68 61.34 34.03
C GLU K 193 27.33 60.71 34.41
N PHE K 194 26.54 60.42 33.39
CA PHE K 194 25.22 59.83 33.58
C PHE K 194 25.30 58.49 34.29
N VAL K 195 26.24 57.67 33.88
CA VAL K 195 26.37 56.34 34.48
C VAL K 195 26.84 56.44 35.92
N LYS K 196 27.70 57.42 36.20
CA LYS K 196 28.13 57.69 37.57
C LYS K 196 26.91 57.98 38.46
N SER K 197 25.94 58.71 37.91
CA SER K 197 24.78 59.10 38.65
C SER K 197 23.83 57.96 38.96
N LEU K 198 23.99 56.85 38.24
CA LEU K 198 23.17 55.67 38.48
C LEU K 198 23.69 54.88 39.68
N GLY K 199 24.89 55.26 40.14
CA GLY K 199 25.51 54.68 41.32
C GLY K 199 26.76 53.86 41.01
N ALA K 200 27.19 53.87 39.75
CA ALA K 200 28.39 53.13 39.37
C ALA K 200 29.60 53.60 40.17
N ASP K 201 30.36 52.67 40.69
CA ASP K 201 31.55 53.06 41.44
C ASP K 201 32.68 53.42 40.50
N GLU K 202 32.84 52.66 39.42
CA GLU K 202 33.84 52.99 38.39
C GLU K 202 33.17 53.01 37.02
N VAL K 203 33.57 53.96 36.17
CA VAL K 203 33.00 54.05 34.83
C VAL K 203 34.10 54.24 33.78
N LEU K 204 34.06 53.41 32.74
CA LEU K 204 35.11 53.40 31.71
C LEU K 204 34.59 53.74 30.33
N ASP K 205 35.25 54.69 29.65
CA ASP K 205 34.97 54.96 28.25
C ASP K 205 35.41 53.75 27.44
N TYR K 206 34.48 53.14 26.72
CA TYR K 206 34.79 51.88 26.06
C TYR K 206 35.71 52.05 24.83
N LYS K 207 35.97 53.29 24.45
CA LYS K 207 36.82 53.54 23.30
C LYS K 207 38.29 53.76 23.72
N THR K 208 38.48 54.16 24.97
CA THR K 208 39.82 54.17 25.54
C THR K 208 40.32 52.72 25.55
N PRO K 209 41.65 52.52 25.62
CA PRO K 209 42.27 51.20 25.75
C PRO K 209 41.88 50.47 27.02
N GLU K 210 42.08 51.16 28.16
CA GLU K 210 41.70 50.68 29.48
C GLU K 210 40.29 50.06 29.46
N GLY K 211 39.39 50.66 28.68
CA GLY K 211 38.00 50.25 28.62
C GLY K 211 37.74 49.14 27.62
N ALA K 212 38.25 49.28 26.40
CA ALA K 212 37.97 48.27 25.39
C ALA K 212 38.58 46.91 25.78
N ALA K 213 39.31 46.89 26.87
CA ALA K 213 39.90 45.66 27.35
C ALA K 213 39.25 45.27 28.68
N LEU K 214 38.33 46.13 29.13
CA LEU K 214 37.52 45.90 30.35
C LEU K 214 38.31 45.79 31.66
N LYS K 215 39.40 46.56 31.81
CA LYS K 215 40.16 46.55 33.04
C LYS K 215 39.59 47.55 34.02
N SER K 216 39.32 47.09 35.24
CA SER K 216 38.87 48.04 36.24
C SER K 216 40.06 48.84 36.70
N PRO K 217 39.84 50.14 36.92
CA PRO K 217 40.95 51.00 37.36
C PRO K 217 41.49 50.52 38.72
N SER K 218 40.59 50.07 39.58
CA SER K 218 40.93 49.61 40.93
C SER K 218 41.79 48.34 40.93
N GLY K 219 41.65 47.57 39.88
CA GLY K 219 42.28 46.28 39.84
C GLY K 219 41.27 45.22 40.19
N LYS K 220 39.99 45.59 40.18
CA LYS K 220 38.96 44.65 40.58
C LYS K 220 38.89 43.46 39.57
N LYS K 221 38.58 42.27 40.08
CA LYS K 221 38.25 41.17 39.20
C LYS K 221 36.77 40.94 39.45
N TYR K 222 36.01 40.81 38.37
CA TYR K 222 34.55 40.68 38.48
C TYR K 222 34.02 39.27 38.75
N ASP K 223 33.07 39.19 39.68
CA ASP K 223 32.39 37.93 39.94
C ASP K 223 31.33 37.68 38.88
N ALA K 224 30.74 38.75 38.38
CA ALA K 224 29.75 38.61 37.34
C ALA K 224 29.73 39.81 36.42
N VAL K 225 29.40 39.57 35.15
CA VAL K 225 29.24 40.63 34.17
C VAL K 225 27.83 40.63 33.59
N VAL K 226 27.11 41.74 33.75
CA VAL K 226 25.85 41.87 33.03
C VAL K 226 26.23 42.46 31.70
N HIS K 227 26.46 41.60 30.73
CA HIS K 227 26.98 42.01 29.43
C HIS K 227 25.92 42.48 28.44
N CYS K 228 25.81 43.78 28.26
CA CYS K 228 24.71 44.33 27.46
C CYS K 228 25.20 44.81 26.11
N ALA K 229 26.53 44.97 25.99
CA ALA K 229 27.15 45.35 24.73
C ALA K 229 27.25 44.13 23.82
N ASN K 230 27.85 44.27 22.63
CA ASN K 230 27.85 43.17 21.67
C ASN K 230 29.18 42.71 21.09
N GLY K 231 30.12 43.61 20.92
CA GLY K 231 31.31 43.25 20.17
C GLY K 231 32.41 42.54 20.93
N ILE K 232 32.11 41.91 22.06
CA ILE K 232 33.17 41.43 22.92
C ILE K 232 33.27 39.93 23.02
N PRO K 233 34.43 39.37 22.63
CA PRO K 233 34.67 37.93 22.73
C PRO K 233 35.09 37.57 24.15
N PHE K 234 34.99 36.29 24.50
CA PHE K 234 35.26 35.88 25.87
C PHE K 234 36.68 36.17 26.31
N SER K 235 37.61 36.07 25.35
CA SER K 235 39.01 36.47 25.53
C SER K 235 39.16 37.73 26.36
N VAL K 236 38.38 38.76 26.04
CA VAL K 236 38.53 40.07 26.68
C VAL K 236 38.04 40.05 28.13
N PHE K 237 36.99 39.29 28.38
CA PHE K 237 36.42 39.19 29.72
C PHE K 237 37.37 38.40 30.62
N GLU K 238 37.84 37.27 30.10
CA GLU K 238 38.53 36.24 30.89
C GLU K 238 39.55 36.75 31.93
N PRO K 239 40.55 37.54 31.52
CA PRO K 239 41.53 37.92 32.54
C PRO K 239 40.96 38.89 33.59
N ASN K 240 39.81 39.50 33.31
CA ASN K 240 39.18 40.39 34.29
C ASN K 240 38.21 39.70 35.24
N LEU K 241 37.97 38.42 34.99
CA LEU K 241 37.04 37.66 35.81
C LEU K 241 37.74 37.11 37.05
N SER K 242 36.99 37.03 38.16
CA SER K 242 37.42 36.31 39.35
C SER K 242 37.55 34.82 39.01
N GLU K 243 37.95 33.99 39.98
CA GLU K 243 38.27 32.59 39.67
C GLU K 243 37.06 31.83 39.11
N ASN K 244 35.87 32.20 39.59
CA ASN K 244 34.65 31.55 39.11
C ASN K 244 33.63 32.52 38.52
N GLY K 245 34.13 33.62 37.99
CA GLY K 245 33.30 34.65 37.37
C GLY K 245 32.45 34.18 36.23
N LYS K 246 31.24 34.72 36.18
CA LYS K 246 30.30 34.41 35.10
C LYS K 246 30.03 35.66 34.28
N VAL K 247 30.24 35.59 32.98
CA VAL K 247 29.80 36.66 32.10
C VAL K 247 28.41 36.30 31.59
N ILE K 248 27.43 37.15 31.90
CA ILE K 248 26.01 36.92 31.54
C ILE K 248 25.61 37.70 30.28
N ASP K 249 25.54 37.02 29.16
CA ASP K 249 25.15 37.65 27.90
C ASP K 249 23.64 37.79 27.83
N ILE K 250 23.13 39.00 27.99
CA ILE K 250 21.70 39.19 27.99
C ILE K 250 21.16 39.38 26.58
N THR K 251 22.03 39.24 25.58
CA THR K 251 21.62 39.35 24.18
C THR K 251 22.39 38.32 23.33
N PRO K 252 22.25 37.02 23.65
CA PRO K 252 23.15 35.95 23.20
C PRO K 252 22.98 35.50 21.75
N GLY K 253 24.06 35.48 20.98
CA GLY K 253 23.97 34.98 19.64
C GLY K 253 24.49 33.56 19.55
N PRO K 254 24.73 33.09 18.32
CA PRO K 254 25.30 31.77 18.09
C PRO K 254 26.68 31.65 18.71
N ASN K 255 27.47 32.72 18.66
CA ASN K 255 28.77 32.75 19.32
C ASN K 255 28.63 32.47 20.80
N ALA K 256 27.69 33.16 21.44
CA ALA K 256 27.52 33.04 22.89
C ALA K 256 27.05 31.64 23.19
N MET K 257 26.08 31.19 22.42
CA MET K 257 25.53 29.86 22.57
C MET K 257 26.62 28.81 22.49
N TRP K 258 27.48 28.95 21.50
CA TRP K 258 28.59 28.02 21.31
C TRP K 258 29.57 28.08 22.47
N THR K 259 29.99 29.30 22.80
CA THR K 259 30.93 29.49 23.89
C THR K 259 30.38 28.82 25.16
N TYR K 260 29.10 29.02 25.41
CA TYR K 260 28.42 28.39 26.54
C TYR K 260 28.58 26.87 26.56
N ALA K 261 28.30 26.24 25.44
CA ALA K 261 28.45 24.81 25.31
C ALA K 261 29.90 24.38 25.59
N VAL K 262 30.87 25.06 24.99
CA VAL K 262 32.27 24.65 25.13
C VAL K 262 32.71 24.76 26.60
N LYS K 263 32.43 25.92 27.18
CA LYS K 263 32.81 26.18 28.56
C LYS K 263 32.15 25.20 29.53
N LYS K 264 30.98 24.73 29.15
CA LYS K 264 30.27 23.74 29.94
C LYS K 264 30.90 22.37 29.83
N ILE K 265 31.17 21.94 28.61
CA ILE K 265 31.66 20.59 28.35
C ILE K 265 33.12 20.46 28.75
N THR K 266 33.85 21.58 28.83
CA THR K 266 35.23 21.54 29.27
C THR K 266 35.34 21.92 30.74
N MET K 267 34.19 22.04 31.38
CA MET K 267 34.08 22.41 32.78
C MET K 267 34.92 23.61 33.17
N SER K 268 34.94 24.64 32.33
CA SER K 268 35.71 25.87 32.64
C SER K 268 35.18 26.46 33.90
N LYS K 269 36.08 26.84 34.78
CA LYS K 269 35.65 27.42 36.06
C LYS K 269 35.02 28.78 35.78
N LYS K 270 35.58 29.53 34.84
CA LYS K 270 34.96 30.78 34.39
C LYS K 270 33.92 30.38 33.33
N GLN K 271 32.74 30.98 33.42
CA GLN K 271 31.56 30.51 32.67
C GLN K 271 30.89 31.62 31.83
N LEU K 272 30.36 31.26 30.66
CA LEU K 272 29.53 32.21 29.92
C LEU K 272 28.08 31.74 29.96
N VAL K 273 27.22 32.58 30.49
CA VAL K 273 25.82 32.23 30.69
C VAL K 273 24.91 33.05 29.76
N PRO K 274 24.26 32.37 28.83
CA PRO K 274 23.26 33.03 27.98
C PRO K 274 22.04 33.30 28.81
N LEU K 275 21.43 34.47 28.67
CA LEU K 275 20.23 34.71 29.45
C LEU K 275 19.01 34.87 28.57
N LEU K 276 17.97 34.09 28.87
CA LEU K 276 16.66 34.33 28.29
C LEU K 276 15.70 34.71 29.38
N LEU K 277 15.02 35.83 29.18
CA LEU K 277 14.13 36.34 30.21
C LEU K 277 12.90 35.49 30.37
N ILE K 278 12.52 35.24 31.63
CA ILE K 278 11.22 34.66 31.92
C ILE K 278 10.49 35.66 32.76
N PRO K 279 9.63 36.46 32.12
CA PRO K 279 8.87 37.49 32.81
C PRO K 279 7.84 36.90 33.77
N LYS K 280 7.99 37.16 35.05
CA LYS K 280 7.03 36.68 36.04
C LYS K 280 6.45 37.91 36.77
N ALA K 281 5.13 37.90 36.97
CA ALA K 281 4.40 39.06 37.50
C ALA K 281 4.91 39.54 38.87
N GLU K 282 5.38 38.59 39.68
CA GLU K 282 5.95 38.90 40.98
C GLU K 282 7.12 39.87 40.82
N ASN K 283 7.98 39.60 39.85
CA ASN K 283 9.15 40.45 39.57
C ASN K 283 8.78 41.81 39.04
N LEU K 284 7.77 41.87 38.16
CA LEU K 284 7.29 43.13 37.63
C LEU K 284 6.70 43.96 38.75
N GLU K 285 5.91 43.33 39.60
CA GLU K 285 5.36 44.01 40.78
C GLU K 285 6.49 44.57 41.63
N PHE K 286 7.49 43.73 41.87
CA PHE K 286 8.68 44.11 42.63
C PHE K 286 9.39 45.34 42.07
N MET K 287 9.66 45.33 40.77
CA MET K 287 10.36 46.43 40.11
C MET K 287 9.55 47.71 40.17
N VAL K 288 8.24 47.57 39.97
CA VAL K 288 7.35 48.71 40.10
C VAL K 288 7.44 49.37 41.49
N ASN K 289 7.48 48.55 42.54
CA ASN K 289 7.64 49.05 43.89
C ASN K 289 8.94 49.78 44.08
N LEU K 290 10.01 49.24 43.50
CA LEU K 290 11.31 49.88 43.59
C LEU K 290 11.29 51.29 42.98
N VAL K 291 10.53 51.43 41.90
CA VAL K 291 10.39 52.73 41.23
C VAL K 291 9.53 53.65 42.08
N LYS K 292 8.44 53.11 42.61
CA LYS K 292 7.57 53.84 43.52
C LYS K 292 8.35 54.36 44.73
N GLU K 293 9.17 53.51 45.33
CA GLU K 293 9.92 53.84 46.53
C GLU K 293 11.18 54.65 46.22
N GLY K 294 11.38 54.99 44.96
CA GLY K 294 12.51 55.82 44.58
C GLY K 294 13.85 55.10 44.62
N LYS K 295 13.84 53.80 44.91
CA LYS K 295 15.08 53.02 44.97
C LYS K 295 15.64 52.73 43.58
N VAL K 296 14.79 52.89 42.57
CA VAL K 296 15.19 52.73 41.18
C VAL K 296 14.50 53.77 40.33
N LYS K 297 15.26 54.52 39.54
CA LYS K 297 14.63 55.47 38.62
C LYS K 297 14.75 55.01 37.16
N THR K 298 13.62 55.10 36.45
CA THR K 298 13.58 54.91 35.00
C THR K 298 14.06 56.13 34.26
N VAL K 299 15.12 56.05 33.48
CA VAL K 299 15.43 57.21 32.67
C VAL K 299 14.81 57.01 31.30
N ILE K 300 14.18 58.05 30.79
CA ILE K 300 13.55 58.02 29.48
C ILE K 300 14.41 58.76 28.46
N ASP K 301 14.87 58.06 27.43
CA ASP K 301 15.66 58.71 26.39
C ASP K 301 14.86 59.74 25.60
N SER K 302 13.62 59.41 25.26
CA SER K 302 12.79 60.27 24.42
C SER K 302 11.34 59.82 24.44
N LYS K 303 10.43 60.75 24.17
CA LYS K 303 9.02 60.44 24.06
C LYS K 303 8.53 60.83 22.68
N HIS K 304 7.87 59.88 22.02
CA HIS K 304 7.30 60.11 20.69
C HIS K 304 5.83 59.74 20.61
N PRO K 305 5.05 60.56 19.88
CA PRO K 305 3.64 60.24 19.66
C PRO K 305 3.50 59.06 18.68
N LEU K 306 2.45 58.27 18.88
CA LEU K 306 2.15 57.14 18.02
C LEU K 306 2.11 57.54 16.54
N SER K 307 1.68 58.76 16.27
CA SER K 307 1.63 59.27 14.91
C SER K 307 3.03 59.43 14.30
N LYS K 308 4.04 59.53 15.15
CA LYS K 308 5.40 59.69 14.68
C LYS K 308 6.29 58.57 15.23
N ALA K 309 5.71 57.38 15.40
CA ALA K 309 6.42 56.28 16.03
C ALA K 309 7.66 55.84 15.26
N GLU K 310 7.66 55.97 13.93
CA GLU K 310 8.82 55.56 13.13
C GLU K 310 10.10 56.22 13.62
N ASP K 311 9.96 57.46 14.08
CA ASP K 311 11.07 58.18 14.67
C ASP K 311 11.66 57.40 15.84
N ALA K 312 10.78 56.92 16.72
CA ALA K 312 11.22 56.14 17.88
C ALA K 312 11.89 54.85 17.42
N TRP K 313 11.30 54.23 16.40
CA TRP K 313 11.82 52.99 15.83
C TRP K 313 13.23 53.20 15.31
N ALA K 314 13.42 54.26 14.53
CA ALA K 314 14.73 54.59 13.97
C ALA K 314 15.75 54.92 15.07
N LYS K 315 15.28 55.56 16.13
CA LYS K 315 16.12 55.86 17.30
C LYS K 315 16.61 54.55 17.96
N SER K 316 15.70 53.59 18.11
CA SER K 316 16.05 52.27 18.65
C SER K 316 17.03 51.57 17.74
N ILE K 317 16.77 51.60 16.44
CA ILE K 317 17.64 50.95 15.48
C ILE K 317 19.06 51.49 15.55
N ASP K 318 19.21 52.81 15.69
CA ASP K 318 20.53 53.44 15.87
C ASP K 318 21.17 53.04 17.16
N GLY K 319 20.32 52.77 18.15
CA GLY K 319 20.76 52.28 19.44
C GLY K 319 21.77 53.17 20.13
N HIS K 320 21.58 54.48 20.04
CA HIS K 320 22.39 55.40 20.84
C HIS K 320 21.55 55.92 21.98
N ALA K 321 20.37 55.35 22.13
CA ALA K 321 19.45 55.73 23.18
C ALA K 321 20.09 55.64 24.55
N THR K 322 19.74 56.59 25.41
CA THR K 322 20.19 56.56 26.80
C THR K 322 19.00 56.26 27.70
N GLY K 323 18.95 55.05 28.23
CA GLY K 323 17.76 54.57 28.90
C GLY K 323 16.74 54.03 27.92
N LYS K 324 15.48 54.34 28.12
CA LYS K 324 14.43 53.72 27.33
C LYS K 324 13.63 54.69 26.46
N ILE K 325 13.39 54.28 25.23
CA ILE K 325 12.57 55.03 24.29
C ILE K 325 11.09 54.74 24.49
N ILE K 326 10.28 55.79 24.53
CA ILE K 326 8.85 55.64 24.83
C ILE K 326 7.97 56.17 23.69
N VAL K 327 6.88 55.44 23.41
CA VAL K 327 5.87 55.93 22.48
C VAL K 327 4.54 56.07 23.20
N GLU K 328 4.02 57.28 23.17
CA GLU K 328 2.77 57.64 23.83
C GLU K 328 1.73 57.92 22.75
N PRO K 329 0.44 57.97 23.13
CA PRO K 329 -0.56 58.34 22.12
C PRO K 329 -0.63 59.85 21.90
N GLY L 3 -19.11 36.27 4.32
CA GLY L 3 -19.92 36.35 3.11
C GLY L 3 -19.74 35.21 2.12
N LYS L 4 -18.48 34.93 1.74
CA LYS L 4 -18.14 33.74 0.96
C LYS L 4 -17.36 32.80 1.84
N LEU L 5 -18.02 31.77 2.36
CA LEU L 5 -17.39 30.91 3.35
C LEU L 5 -17.17 29.50 2.78
N MET L 6 -16.59 28.65 3.63
CA MET L 6 -15.76 27.54 3.21
C MET L 6 -15.75 26.56 4.39
N HIS L 7 -16.01 25.28 4.15
CA HIS L 7 -15.82 24.30 5.21
C HIS L 7 -14.36 23.93 5.32
N ALA L 8 -13.92 23.66 6.54
CA ALA L 8 -12.53 23.29 6.71
C ALA L 8 -12.33 22.56 8.00
N LEU L 9 -11.10 22.09 8.20
CA LEU L 9 -10.76 21.47 9.46
C LEU L 9 -9.61 22.21 10.11
N GLN L 10 -9.76 22.46 11.41
CA GLN L 10 -8.82 23.25 12.21
C GLN L 10 -8.43 22.55 13.49
N TYR L 11 -7.18 22.70 13.91
CA TYR L 11 -6.89 22.45 15.32
C TYR L 11 -6.43 23.79 15.93
N ASN L 12 -6.78 24.02 17.20
CA ASN L 12 -6.54 25.30 17.85
C ASN L 12 -5.57 25.14 18.99
N SER L 13 -4.86 24.01 19.01
CA SER L 13 -4.16 23.60 20.21
C SER L 13 -3.25 22.45 19.89
N TYR L 14 -2.17 22.30 20.67
CA TYR L 14 -1.28 21.15 20.52
C TYR L 14 -1.86 19.90 21.17
N GLY L 15 -1.57 18.73 20.60
CA GLY L 15 -1.84 17.47 21.26
C GLY L 15 -3.22 16.86 21.11
N GLY L 16 -4.11 17.53 20.37
CA GLY L 16 -5.45 17.01 20.20
C GLY L 16 -5.59 15.62 19.56
N GLY L 17 -4.71 15.27 18.63
CA GLY L 17 -4.94 14.07 17.84
C GLY L 17 -6.09 14.30 16.89
N ALA L 18 -6.77 13.25 16.48
CA ALA L 18 -7.88 13.43 15.56
C ALA L 18 -9.07 14.06 16.29
N ALA L 19 -9.11 13.84 17.61
CA ALA L 19 -10.15 14.42 18.45
C ALA L 19 -10.10 15.93 18.42
N GLY L 20 -8.87 16.47 18.40
CA GLY L 20 -8.65 17.91 18.41
C GLY L 20 -8.93 18.63 17.10
N LEU L 21 -9.16 17.89 16.00
CA LEU L 21 -9.64 18.49 14.77
C LEU L 21 -11.07 19.01 14.91
N GLU L 22 -11.36 20.18 14.36
CA GLU L 22 -12.70 20.72 14.43
C GLU L 22 -13.19 21.08 13.04
N HIS L 23 -14.45 20.75 12.75
CA HIS L 23 -15.05 21.17 11.51
C HIS L 23 -15.53 22.58 11.72
N VAL L 24 -15.17 23.45 10.80
CA VAL L 24 -15.48 24.86 10.93
C VAL L 24 -15.89 25.47 9.59
N GLN L 25 -16.54 26.62 9.68
CA GLN L 25 -16.84 27.40 8.52
C GLN L 25 -15.89 28.62 8.54
N VAL L 26 -15.21 28.87 7.42
CA VAL L 26 -14.11 29.83 7.37
C VAL L 26 -14.17 30.56 6.05
N PRO L 27 -13.82 31.85 6.05
CA PRO L 27 -13.84 32.62 4.80
C PRO L 27 -12.94 31.99 3.74
N VAL L 28 -13.46 31.87 2.53
CA VAL L 28 -12.65 31.47 1.37
C VAL L 28 -11.47 32.41 1.15
N PRO L 29 -10.26 31.86 1.08
CA PRO L 29 -9.08 32.74 0.98
C PRO L 29 -9.03 33.53 -0.33
N THR L 30 -8.36 34.68 -0.29
CA THR L 30 -8.19 35.50 -1.48
C THR L 30 -6.76 35.46 -2.00
N PRO L 31 -6.59 35.16 -3.30
CA PRO L 31 -5.26 35.05 -3.89
C PRO L 31 -4.50 36.37 -3.98
N LYS L 32 -3.23 36.36 -3.61
CA LYS L 32 -2.41 37.56 -3.68
C LYS L 32 -1.86 37.68 -5.11
N SER L 33 -0.98 38.65 -5.34
CA SER L 33 -0.48 38.97 -6.68
C SER L 33 -0.06 37.72 -7.46
N ASN L 34 0.62 36.81 -6.79
CA ASN L 34 1.26 35.68 -7.45
C ASN L 34 0.60 34.34 -7.09
N GLU L 35 -0.52 34.41 -6.40
CA GLU L 35 -1.18 33.21 -5.93
C GLU L 35 -2.33 32.84 -6.86
N VAL L 36 -2.74 31.56 -6.85
CA VAL L 36 -4.00 31.16 -7.48
C VAL L 36 -4.90 30.52 -6.43
N CYS L 37 -6.21 30.63 -6.65
CA CYS L 37 -7.19 30.06 -5.73
C CYS L 37 -7.86 28.82 -6.33
N LEU L 38 -7.83 27.72 -5.58
CA LEU L 38 -8.29 26.41 -6.07
C LEU L 38 -9.52 25.89 -5.37
N LYS L 39 -10.49 25.45 -6.16
CA LYS L 39 -11.56 24.62 -5.63
C LYS L 39 -10.94 23.24 -5.52
N LEU L 40 -10.81 22.72 -4.30
CA LEU L 40 -10.08 21.48 -4.10
C LEU L 40 -10.86 20.28 -4.59
N GLU L 41 -10.17 19.35 -5.25
CA GLU L 41 -10.75 18.09 -5.70
C GLU L 41 -10.13 16.92 -4.94
N ALA L 42 -8.90 17.06 -4.50
CA ALA L 42 -8.28 16.03 -3.67
C ALA L 42 -7.16 16.60 -2.83
N THR L 43 -7.05 16.12 -1.59
CA THR L 43 -5.98 16.56 -0.71
C THR L 43 -5.29 15.34 -0.12
N SER L 44 -3.98 15.40 -0.03
CA SER L 44 -3.17 14.30 0.49
C SER L 44 -2.54 14.63 1.85
N LEU L 45 -2.58 13.67 2.76
CA LEU L 45 -1.93 13.85 4.06
C LEU L 45 -0.44 13.41 4.05
N ASN L 46 0.36 14.04 4.90
CA ASN L 46 1.76 13.62 5.12
C ASN L 46 1.96 13.56 6.60
N PRO L 47 2.84 12.67 7.06
CA PRO L 47 3.10 12.50 8.50
C PRO L 47 3.45 13.79 9.22
N VAL L 48 4.18 14.67 8.52
CA VAL L 48 4.47 16.00 9.03
C VAL L 48 3.23 16.65 9.62
N ASP L 49 2.14 16.58 8.86
CA ASP L 49 0.91 17.26 9.20
C ASP L 49 0.44 16.98 10.64
N TRP L 50 0.40 15.72 11.06
CA TRP L 50 -0.09 15.45 12.42
C TRP L 50 1.02 15.64 13.44
N LYS L 51 2.27 15.48 13.02
CA LYS L 51 3.39 15.75 13.91
C LYS L 51 3.43 17.23 14.34
N ILE L 52 3.04 18.12 13.43
CA ILE L 52 3.03 19.53 13.74
C ILE L 52 2.07 19.78 14.87
N GLN L 53 0.92 19.14 14.76
CA GLN L 53 -0.13 19.26 15.76
C GLN L 53 0.33 18.65 17.09
N LYS L 54 1.07 17.54 17.06
CA LYS L 54 1.52 16.92 18.29
C LYS L 54 2.43 17.90 19.02
N GLY L 55 3.10 18.76 18.27
CA GLY L 55 4.03 19.72 18.83
C GLY L 55 5.48 19.36 18.55
N MET L 56 5.68 18.35 17.72
CA MET L 56 7.02 17.89 17.49
C MET L 56 7.82 18.86 16.62
N ILE L 57 7.15 19.80 15.98
CA ILE L 57 7.88 20.69 15.08
C ILE L 57 8.02 22.08 15.71
N ARG L 58 7.70 22.19 16.99
CA ARG L 58 8.01 23.39 17.73
C ARG L 58 9.52 23.53 17.85
N PRO L 59 10.03 24.77 17.77
CA PRO L 59 9.29 26.02 17.73
C PRO L 59 9.00 26.55 16.35
N PHE L 60 9.28 25.76 15.31
CA PHE L 60 9.11 26.25 13.94
C PHE L 60 7.68 26.24 13.44
N LEU L 61 6.93 25.19 13.76
CA LEU L 61 5.54 25.08 13.33
C LEU L 61 4.69 24.52 14.44
N PRO L 62 3.41 24.86 14.44
CA PRO L 62 2.74 25.75 13.49
C PRO L 62 3.03 27.22 13.80
N ARG L 63 2.80 28.10 12.86
CA ARG L 63 3.13 29.49 13.08
C ARG L 63 2.16 30.16 14.04
N LYS L 64 0.87 30.10 13.71
CA LYS L 64 -0.19 30.62 14.58
C LYS L 64 -1.32 29.60 14.64
N PHE L 65 -2.07 29.58 15.75
CA PHE L 65 -3.34 28.85 15.79
C PHE L 65 -4.46 29.81 15.39
N PRO L 66 -5.55 29.29 14.81
CA PRO L 66 -5.80 27.88 14.50
C PRO L 66 -5.09 27.48 13.21
N CYS L 67 -4.82 26.20 13.04
CA CYS L 67 -4.15 25.70 11.83
CA CYS L 67 -4.17 25.74 11.82
C CYS L 67 -5.15 24.88 11.02
N ILE L 68 -5.08 25.03 9.70
CA ILE L 68 -5.79 24.15 8.78
C ILE L 68 -4.72 23.31 8.10
N PRO L 69 -4.77 21.98 8.32
CA PRO L 69 -3.66 21.08 7.97
C PRO L 69 -3.58 20.74 6.49
N ALA L 70 -2.43 20.18 6.09
CA ALA L 70 -2.18 19.58 4.77
C ALA L 70 -1.70 20.60 3.73
N THR L 71 -0.80 20.11 2.88
CA THR L 71 -0.13 20.95 1.88
C THR L 71 -0.30 20.41 0.47
N ASP L 72 -0.49 19.08 0.34
CA ASP L 72 -0.55 18.40 -0.96
C ASP L 72 -1.96 18.39 -1.53
N VAL L 73 -2.11 18.96 -2.72
CA VAL L 73 -3.42 19.42 -3.13
C VAL L 73 -3.60 19.35 -4.65
N ALA L 74 -4.82 19.10 -5.07
CA ALA L 74 -5.12 19.07 -6.50
C ALA L 74 -6.54 19.58 -6.66
N GLY L 75 -6.77 20.35 -7.72
CA GLY L 75 -8.08 20.95 -7.92
C GLY L 75 -8.21 21.80 -9.17
N GLU L 76 -9.28 22.59 -9.20
CA GLU L 76 -9.55 23.46 -10.35
C GLU L 76 -9.33 24.91 -9.97
N VAL L 77 -8.62 25.66 -10.81
CA VAL L 77 -8.43 27.09 -10.59
C VAL L 77 -9.75 27.87 -10.64
N VAL L 78 -10.03 28.60 -9.58
CA VAL L 78 -11.24 29.38 -9.44
C VAL L 78 -10.95 30.83 -9.77
N GLU L 79 -9.75 31.27 -9.42
CA GLU L 79 -9.41 32.68 -9.47
C GLU L 79 -7.90 32.84 -9.37
N VAL L 80 -7.34 33.74 -10.16
CA VAL L 80 -5.92 34.03 -10.11
C VAL L 80 -5.65 35.47 -9.66
N GLY L 81 -4.42 35.73 -9.21
CA GLY L 81 -4.03 37.04 -8.76
C GLY L 81 -3.57 37.85 -9.95
N SER L 82 -3.36 39.16 -9.74
CA SER L 82 -2.98 40.07 -10.83
C SER L 82 -1.72 39.63 -11.60
N GLY L 83 -0.75 39.10 -10.88
CA GLY L 83 0.53 38.74 -11.47
C GLY L 83 0.54 37.40 -12.17
N VAL L 84 -0.49 36.59 -11.98
CA VAL L 84 -0.48 35.23 -12.51
C VAL L 84 -0.55 35.21 -14.04
N LYS L 85 0.46 34.61 -14.65
CA LYS L 85 0.54 34.55 -16.10
C LYS L 85 0.13 33.20 -16.70
N ASN L 86 0.49 32.11 -16.02
CA ASN L 86 0.37 30.79 -16.63
C ASN L 86 -0.90 30.00 -16.35
N PHE L 87 -1.79 30.53 -15.51
CA PHE L 87 -3.01 29.80 -15.21
C PHE L 87 -4.25 30.67 -15.31
N LYS L 88 -5.33 30.06 -15.78
CA LYS L 88 -6.61 30.75 -15.92
C LYS L 88 -7.65 29.96 -15.16
N ALA L 89 -8.79 30.59 -14.88
CA ALA L 89 -9.87 29.90 -14.22
C ALA L 89 -10.31 28.74 -15.09
N GLY L 90 -10.61 27.61 -14.45
CA GLY L 90 -11.02 26.43 -15.18
C GLY L 90 -9.91 25.42 -15.29
N ASP L 91 -8.66 25.88 -15.26
CA ASP L 91 -7.51 25.00 -15.33
C ASP L 91 -7.50 23.97 -14.20
N LYS L 92 -7.21 22.73 -14.53
CA LYS L 92 -7.02 21.70 -13.49
C LYS L 92 -5.55 21.67 -13.07
N VAL L 93 -5.30 21.69 -11.76
CA VAL L 93 -3.92 21.69 -11.33
C VAL L 93 -3.61 20.71 -10.21
N VAL L 94 -2.31 20.54 -9.97
CA VAL L 94 -1.80 20.00 -8.72
C VAL L 94 -0.85 21.05 -8.14
N ALA L 95 -0.81 21.17 -6.83
CA ALA L 95 -0.03 22.25 -6.21
C ALA L 95 0.47 21.91 -4.81
N VAL L 96 1.44 22.69 -4.36
CA VAL L 96 1.93 22.59 -3.01
C VAL L 96 1.63 23.87 -2.24
N LEU L 97 0.84 23.74 -1.18
CA LEU L 97 0.52 24.90 -0.38
C LEU L 97 1.72 25.26 0.49
N SER L 98 1.74 26.46 1.03
CA SER L 98 2.81 26.80 1.95
C SER L 98 2.70 25.99 3.20
N HIS L 99 3.79 25.35 3.58
CA HIS L 99 3.84 24.65 4.87
C HIS L 99 3.71 25.62 6.06
N LEU L 100 3.70 26.92 5.80
CA LEU L 100 3.56 27.88 6.87
C LEU L 100 2.08 28.10 7.17
N GLY L 101 1.28 28.03 6.13
CA GLY L 101 -0.13 28.38 6.25
C GLY L 101 -1.07 27.21 6.18
N GLY L 102 -0.56 26.09 5.68
CA GLY L 102 -1.37 24.90 5.47
C GLY L 102 -2.48 25.16 4.47
N GLY L 103 -3.69 24.73 4.77
CA GLY L 103 -4.81 25.03 3.91
C GLY L 103 -5.49 23.83 3.25
N GLY L 104 -4.82 22.69 3.27
CA GLY L 104 -5.28 21.49 2.57
C GLY L 104 -6.66 20.93 2.89
N LEU L 105 -6.97 20.80 4.17
CA LEU L 105 -8.27 20.26 4.56
C LEU L 105 -9.38 21.33 4.51
N ALA L 106 -9.80 21.66 3.28
CA ALA L 106 -10.78 22.71 3.07
C ALA L 106 -11.30 22.62 1.67
N GLU L 107 -12.31 23.42 1.35
CA GLU L 107 -12.91 23.37 0.02
C GLU L 107 -12.11 24.20 -0.94
N PHE L 108 -11.44 25.22 -0.40
CA PHE L 108 -10.62 26.12 -1.21
C PHE L 108 -9.26 26.42 -0.54
N ALA L 109 -8.27 26.66 -1.38
CA ALA L 109 -6.94 26.95 -0.90
C ALA L 109 -6.24 27.89 -1.88
N VAL L 110 -5.30 28.71 -1.40
CA VAL L 110 -4.47 29.47 -2.32
C VAL L 110 -3.07 28.87 -2.38
N ALA L 111 -2.54 28.76 -3.61
CA ALA L 111 -1.19 28.28 -3.84
C ALA L 111 -0.44 29.32 -4.63
N THR L 112 0.87 29.44 -4.38
CA THR L 112 1.72 30.31 -5.20
C THR L 112 1.86 29.74 -6.58
N GLU L 113 1.95 30.60 -7.59
CA GLU L 113 2.05 30.15 -8.96
C GLU L 113 3.30 29.32 -9.15
N LYS L 114 4.37 29.66 -8.42
CA LYS L 114 5.66 28.97 -8.53
C LYS L 114 5.59 27.53 -8.03
N LEU L 115 4.51 27.18 -7.34
CA LEU L 115 4.31 25.82 -6.85
C LEU L 115 2.97 25.26 -7.34
N THR L 116 2.56 25.66 -8.52
CA THR L 116 1.33 25.15 -9.12
C THR L 116 1.65 24.56 -10.50
N VAL L 117 1.19 23.35 -10.78
CA VAL L 117 1.44 22.67 -12.05
C VAL L 117 0.15 22.22 -12.70
N LYS L 118 0.03 22.46 -14.01
CA LYS L 118 -1.14 22.00 -14.75
C LYS L 118 -1.23 20.46 -14.69
N ARG L 119 -2.41 19.96 -14.32
CA ARG L 119 -2.69 18.52 -14.26
C ARG L 119 -3.32 18.01 -15.54
N PRO L 120 -2.64 17.13 -16.26
CA PRO L 120 -3.15 16.61 -17.53
C PRO L 120 -4.42 15.78 -17.36
N GLN L 121 -5.16 15.58 -18.45
CA GLN L 121 -6.43 14.85 -18.39
C GLN L 121 -6.20 13.44 -17.92
N GLU L 122 -5.05 12.89 -18.26
CA GLU L 122 -4.73 11.49 -18.00
C GLU L 122 -4.57 11.19 -16.52
N VAL L 123 -4.21 12.20 -15.74
CA VAL L 123 -3.91 11.99 -14.33
C VAL L 123 -5.03 12.48 -13.43
N GLY L 124 -5.58 11.57 -12.64
CA GLY L 124 -6.63 11.91 -11.70
C GLY L 124 -6.24 12.94 -10.66
N ALA L 125 -7.21 13.47 -9.94
CA ALA L 125 -6.93 14.45 -8.92
C ALA L 125 -6.31 13.82 -7.69
N ALA L 126 -6.77 12.63 -7.30
CA ALA L 126 -6.22 11.95 -6.14
C ALA L 126 -4.82 11.41 -6.44
N GLU L 127 -4.64 10.91 -7.66
CA GLU L 127 -3.34 10.39 -8.09
C GLU L 127 -2.30 11.49 -8.07
N ALA L 128 -2.71 12.70 -8.42
CA ALA L 128 -1.81 13.86 -8.48
C ALA L 128 -1.54 14.44 -7.10
N ALA L 129 -2.58 14.58 -6.29
CA ALA L 129 -2.44 15.22 -4.98
C ALA L 129 -1.56 14.41 -4.07
N ALA L 130 -1.39 13.12 -4.34
CA ALA L 130 -0.49 12.30 -3.52
C ALA L 130 1.00 12.61 -3.83
N LEU L 131 1.26 13.17 -5.01
CA LEU L 131 2.62 13.37 -5.48
C LEU L 131 3.51 14.33 -4.69
N PRO L 132 3.09 15.59 -4.47
CA PRO L 132 4.03 16.64 -4.04
C PRO L 132 5.06 16.25 -2.97
N VAL L 133 4.71 16.27 -1.68
CA VAL L 133 5.72 15.99 -0.65
C VAL L 133 6.37 14.61 -0.80
N ALA L 134 5.56 13.55 -0.85
CA ALA L 134 6.10 12.20 -0.87
C ALA L 134 6.97 12.00 -2.07
N GLY L 135 6.39 12.28 -3.24
CA GLY L 135 7.07 12.08 -4.51
C GLY L 135 8.32 12.91 -4.71
N LEU L 136 8.23 14.21 -4.40
CA LEU L 136 9.36 15.12 -4.56
C LEU L 136 10.49 14.77 -3.60
N THR L 137 10.14 14.36 -2.39
CA THR L 137 11.12 13.88 -1.44
C THR L 137 11.84 12.67 -2.00
N ALA L 138 11.09 11.69 -2.48
CA ALA L 138 11.70 10.49 -3.03
C ALA L 138 12.63 10.93 -4.15
N LEU L 139 12.11 11.78 -5.03
CA LEU L 139 12.88 12.29 -6.16
C LEU L 139 14.16 12.99 -5.73
N GLN L 140 14.07 13.88 -4.74
CA GLN L 140 15.22 14.64 -4.31
C GLN L 140 16.28 13.75 -3.69
N ALA L 141 15.86 12.79 -2.88
CA ALA L 141 16.81 11.87 -2.24
C ALA L 141 17.59 11.08 -3.27
N LEU L 142 16.90 10.59 -4.31
CA LEU L 142 17.56 9.78 -5.32
C LEU L 142 18.37 10.60 -6.30
N THR L 143 17.94 11.83 -6.53
CA THR L 143 18.56 12.73 -7.52
C THR L 143 19.76 13.47 -6.99
N ASN L 144 19.66 14.00 -5.78
CA ASN L 144 20.77 14.76 -5.20
C ASN L 144 21.76 13.91 -4.37
N PRO L 145 21.41 13.50 -3.12
CA PRO L 145 22.49 12.80 -2.40
C PRO L 145 22.90 11.44 -2.99
N ALA L 146 21.96 10.68 -3.55
CA ALA L 146 22.26 9.37 -4.14
C ALA L 146 22.88 9.55 -5.52
N GLY L 147 22.62 10.72 -6.09
CA GLY L 147 23.17 11.10 -7.38
C GLY L 147 22.82 10.23 -8.56
N LEU L 148 21.60 9.70 -8.60
CA LEU L 148 21.20 8.86 -9.71
C LEU L 148 20.64 9.73 -10.82
N LYS L 149 20.55 9.20 -12.03
CA LYS L 149 20.19 10.08 -13.14
C LYS L 149 18.85 9.76 -13.79
N LEU L 150 18.30 8.59 -13.47
CA LEU L 150 16.94 8.20 -13.88
C LEU L 150 16.74 7.95 -15.37
N ASP L 151 17.82 7.76 -16.12
CA ASP L 151 17.69 7.30 -17.50
C ASP L 151 19.01 6.71 -18.00
N GLY L 152 19.59 5.78 -17.23
CA GLY L 152 20.87 5.20 -17.60
C GLY L 152 22.10 6.07 -17.38
N THR L 153 22.06 7.31 -17.91
CA THR L 153 23.15 8.31 -17.85
C THR L 153 24.12 8.14 -16.70
N GLY L 154 23.56 7.77 -15.55
CA GLY L 154 24.33 7.68 -14.34
C GLY L 154 24.80 6.29 -13.96
N LYS L 155 24.66 6.02 -12.68
CA LYS L 155 25.56 5.17 -11.93
C LYS L 155 25.39 3.65 -12.07
N LYS L 156 24.15 3.17 -12.03
CA LYS L 156 23.86 1.76 -11.75
C LYS L 156 24.39 1.47 -10.37
N ALA L 157 23.48 1.45 -9.40
CA ALA L 157 23.83 1.42 -7.98
C ALA L 157 22.92 0.50 -7.17
N ASN L 158 23.31 0.22 -5.93
CA ASN L 158 22.51 -0.57 -5.01
C ASN L 158 21.75 0.32 -4.03
N ILE L 159 20.41 0.31 -4.12
CA ILE L 159 19.58 1.13 -3.25
C ILE L 159 18.82 0.28 -2.23
N LEU L 160 18.86 0.71 -0.97
CA LEU L 160 17.96 0.18 0.06
C LEU L 160 16.87 1.21 0.34
N VAL L 161 15.62 0.78 0.32
CA VAL L 161 14.51 1.63 0.74
C VAL L 161 13.83 1.04 1.99
N THR L 162 13.94 1.71 3.14
CA THR L 162 13.23 1.27 4.31
C THR L 162 11.77 1.75 4.28
N ALA L 163 10.88 0.97 4.88
CA ALA L 163 9.47 1.27 4.97
C ALA L 163 8.91 1.59 3.60
N ALA L 164 9.18 0.72 2.64
CA ALA L 164 8.87 1.03 1.25
C ALA L 164 7.37 0.91 0.92
N SER L 165 6.55 0.55 1.89
CA SER L 165 5.12 0.39 1.64
C SER L 165 4.37 1.70 1.90
N GLY L 166 5.08 2.69 2.42
CA GLY L 166 4.46 3.94 2.77
C GLY L 166 4.53 5.04 1.72
N GLY L 167 4.22 6.26 2.13
CA GLY L 167 4.20 7.40 1.22
C GLY L 167 5.47 7.66 0.39
N VAL L 168 6.54 8.11 1.06
CA VAL L 168 7.76 8.34 0.33
C VAL L 168 8.32 7.03 -0.17
N GLY L 169 8.23 6.00 0.66
CA GLY L 169 8.72 4.67 0.32
C GLY L 169 8.36 4.12 -1.04
N HIS L 170 7.07 4.18 -1.36
CA HIS L 170 6.58 3.47 -2.52
C HIS L 170 6.90 4.25 -3.78
N TYR L 171 7.09 5.56 -3.64
CA TYR L 171 7.57 6.37 -4.75
C TYR L 171 9.05 6.12 -4.94
N ALA L 172 9.78 6.03 -3.83
CA ALA L 172 11.22 5.81 -3.90
C ALA L 172 11.57 4.56 -4.67
N VAL L 173 10.88 3.44 -4.39
CA VAL L 173 11.19 2.18 -5.06
C VAL L 173 11.01 2.27 -6.57
N GLN L 174 9.86 2.80 -6.99
CA GLN L 174 9.57 3.00 -8.40
C GLN L 174 10.59 3.90 -9.12
N LEU L 175 10.88 5.06 -8.55
CA LEU L 175 11.89 5.98 -9.09
C LEU L 175 13.30 5.37 -9.15
N ALA L 176 13.66 4.66 -8.10
CA ALA L 176 14.97 4.03 -8.08
C ALA L 176 15.11 3.00 -9.20
N LYS L 177 14.01 2.31 -9.55
CA LYS L 177 14.07 1.38 -10.67
C LYS L 177 14.25 2.10 -12.00
N LEU L 178 13.68 3.29 -12.14
CA LEU L 178 13.84 4.03 -13.38
C LEU L 178 15.28 4.51 -13.58
N ALA L 179 16.05 4.54 -12.51
CA ALA L 179 17.46 4.93 -12.63
C ALA L 179 18.35 3.70 -12.78
N ASN L 180 17.73 2.56 -13.06
CA ASN L 180 18.43 1.30 -13.25
C ASN L 180 19.29 0.97 -12.05
N ALA L 181 18.66 0.97 -10.89
CA ALA L 181 19.30 0.57 -9.66
C ALA L 181 18.77 -0.77 -9.20
N HIS L 182 19.57 -1.47 -8.42
CA HIS L 182 19.08 -2.65 -7.75
C HIS L 182 18.43 -2.18 -6.44
N VAL L 183 17.16 -2.53 -6.26
CA VAL L 183 16.44 -2.07 -5.09
C VAL L 183 16.15 -3.17 -4.06
N THR L 184 16.60 -2.94 -2.83
CA THR L 184 16.34 -3.82 -1.72
C THR L 184 15.37 -3.04 -0.86
N ALA L 185 14.28 -3.68 -0.41
CA ALA L 185 13.25 -2.96 0.34
C ALA L 185 12.82 -3.66 1.63
N THR L 186 12.45 -2.88 2.65
CA THR L 186 11.87 -3.42 3.87
C THR L 186 10.44 -2.91 4.06
N CYS L 187 9.60 -3.79 4.61
CA CYS L 187 8.21 -3.47 4.89
C CYS L 187 7.62 -4.53 5.79
N GLY L 188 6.37 -4.37 6.18
CA GLY L 188 5.74 -5.36 7.03
C GLY L 188 5.47 -6.60 6.21
N ALA L 189 5.30 -7.73 6.90
CA ALA L 189 4.97 -8.98 6.22
C ALA L 189 3.79 -8.89 5.26
N ARG L 190 2.73 -8.17 5.65
CA ARG L 190 1.52 -8.02 4.83
C ARG L 190 1.78 -7.38 3.48
N ASN L 191 2.72 -6.45 3.43
CA ASN L 191 2.97 -5.66 2.24
C ASN L 191 4.07 -6.18 1.32
N ILE L 192 4.62 -7.33 1.67
CA ILE L 192 5.76 -7.87 0.95
C ILE L 192 5.44 -8.09 -0.54
N GLU L 193 4.24 -8.55 -0.84
CA GLU L 193 3.89 -8.77 -2.24
C GLU L 193 3.70 -7.44 -2.95
N PHE L 194 3.10 -6.49 -2.24
CA PHE L 194 2.85 -5.16 -2.78
C PHE L 194 4.15 -4.49 -3.17
N VAL L 195 5.15 -4.56 -2.30
CA VAL L 195 6.42 -3.89 -2.56
C VAL L 195 7.15 -4.55 -3.72
N LYS L 196 7.03 -5.86 -3.85
CA LYS L 196 7.58 -6.54 -5.01
C LYS L 196 7.00 -5.91 -6.28
N SER L 197 5.72 -5.61 -6.26
CA SER L 197 5.03 -5.14 -7.47
C SER L 197 5.47 -3.72 -7.86
N LEU L 198 6.11 -3.02 -6.95
CA LEU L 198 6.55 -1.68 -7.24
C LEU L 198 7.84 -1.76 -8.03
N GLY L 199 8.43 -2.94 -8.08
CA GLY L 199 9.65 -3.16 -8.83
C GLY L 199 10.86 -3.50 -7.98
N ALA L 200 10.67 -3.63 -6.67
CA ALA L 200 11.76 -4.00 -5.78
C ALA L 200 12.35 -5.34 -6.21
N ASP L 201 13.67 -5.42 -6.20
CA ASP L 201 14.35 -6.65 -6.55
C ASP L 201 14.38 -7.61 -5.35
N GLU L 202 14.62 -7.07 -4.16
CA GLU L 202 14.58 -7.86 -2.93
C GLU L 202 13.70 -7.19 -1.92
N VAL L 203 12.91 -7.98 -1.18
CA VAL L 203 12.03 -7.42 -0.16
C VAL L 203 12.14 -8.19 1.15
N LEU L 204 12.36 -7.46 2.24
CA LEU L 204 12.57 -8.07 3.55
C LEU L 204 11.49 -7.69 4.59
N ASP L 205 10.96 -8.69 5.30
CA ASP L 205 10.08 -8.45 6.44
C ASP L 205 10.93 -7.88 7.56
N TYR L 206 10.62 -6.67 7.98
CA TYR L 206 11.50 -5.99 8.93
C TYR L 206 11.49 -6.63 10.31
N LYS L 207 10.61 -7.60 10.52
CA LYS L 207 10.48 -8.26 11.80
C LYS L 207 11.30 -9.56 11.81
N THR L 208 11.61 -10.07 10.60
CA THR L 208 12.47 -11.28 10.32
C THR L 208 13.97 -11.01 10.27
N PRO L 209 14.81 -12.04 10.49
CA PRO L 209 16.19 -11.69 10.89
C PRO L 209 17.02 -10.91 9.86
N GLU L 210 16.84 -11.18 8.57
CA GLU L 210 17.62 -10.46 7.59
C GLU L 210 16.98 -9.10 7.26
N GLY L 211 15.82 -8.82 7.86
CA GLY L 211 15.19 -7.52 7.67
C GLY L 211 15.48 -6.56 8.82
N ALA L 212 15.93 -7.10 9.93
CA ALA L 212 16.26 -6.27 11.09
C ALA L 212 17.75 -6.05 11.07
N ALA L 213 18.40 -6.70 10.12
CA ALA L 213 19.82 -6.45 9.95
C ALA L 213 20.02 -5.76 8.64
N LEU L 214 18.91 -5.60 7.90
CA LEU L 214 18.97 -5.03 6.56
C LEU L 214 19.94 -5.82 5.63
N LYS L 215 20.24 -7.10 5.95
CA LYS L 215 21.18 -7.90 5.14
C LYS L 215 20.50 -8.41 3.86
N SER L 216 20.94 -7.84 2.75
CA SER L 216 20.51 -8.36 1.47
C SER L 216 20.92 -9.81 1.30
N PRO L 217 20.00 -10.65 0.85
CA PRO L 217 20.27 -12.08 0.64
C PRO L 217 20.91 -12.27 -0.73
N SER L 218 21.11 -11.17 -1.46
CA SER L 218 22.03 -11.11 -2.58
C SER L 218 23.39 -10.72 -2.06
N GLY L 219 23.53 -10.53 -0.74
CA GLY L 219 24.79 -10.01 -0.20
C GLY L 219 25.19 -8.64 -0.74
N LYS L 220 24.24 -7.90 -1.27
CA LYS L 220 24.45 -6.54 -1.72
C LYS L 220 24.91 -5.61 -0.59
N LYS L 221 25.81 -4.69 -0.93
CA LYS L 221 26.10 -3.54 -0.08
C LYS L 221 25.47 -2.31 -0.74
N TYR L 222 24.81 -1.48 0.06
CA TYR L 222 24.07 -0.35 -0.51
C TYR L 222 24.92 0.90 -0.67
N ASP L 223 24.77 1.52 -1.82
CA ASP L 223 25.46 2.77 -2.09
C ASP L 223 24.67 3.90 -1.44
N ALA L 224 23.36 3.71 -1.39
CA ALA L 224 22.51 4.70 -0.75
C ALA L 224 21.25 4.07 -0.15
N VAL L 225 20.79 4.64 0.96
CA VAL L 225 19.56 4.22 1.60
C VAL L 225 18.53 5.35 1.63
N VAL L 226 17.38 5.18 0.99
CA VAL L 226 16.29 6.10 1.22
C VAL L 226 15.59 5.63 2.49
N HIS L 227 15.96 6.23 3.61
CA HIS L 227 15.52 5.77 4.91
C HIS L 227 14.22 6.43 5.36
N CYS L 228 13.12 5.68 5.25
CA CYS L 228 11.81 6.24 5.54
C CYS L 228 11.28 5.75 6.87
N ALA L 229 11.85 4.67 7.39
CA ALA L 229 11.43 4.13 8.68
C ALA L 229 12.04 4.99 9.79
N ASN L 230 11.89 4.60 11.06
CA ASN L 230 12.33 5.49 12.12
C ASN L 230 13.23 4.94 13.20
N GLY L 231 13.07 3.67 13.52
CA GLY L 231 13.73 3.16 14.72
C GLY L 231 15.15 2.64 14.54
N ILE L 232 15.85 3.09 13.52
CA ILE L 232 17.11 2.46 13.19
C ILE L 232 18.34 3.34 13.38
N PRO L 233 19.28 2.88 14.23
CA PRO L 233 20.52 3.60 14.52
C PRO L 233 21.53 3.32 13.43
N PHE L 234 22.53 4.20 13.28
CA PHE L 234 23.47 4.08 12.19
C PHE L 234 24.21 2.77 12.25
N SER L 235 24.46 2.28 13.46
CA SER L 235 25.04 0.94 13.72
C SER L 235 24.49 -0.13 12.81
N VAL L 236 23.18 -0.16 12.62
CA VAL L 236 22.54 -1.21 11.83
C VAL L 236 22.78 -1.04 10.33
N PHE L 237 22.81 0.19 9.87
CA PHE L 237 23.08 0.46 8.47
C PHE L 237 24.52 0.11 8.11
N GLU L 238 25.45 0.56 8.97
CA GLU L 238 26.89 0.63 8.66
C GLU L 238 27.46 -0.61 7.94
N PRO L 239 27.32 -1.82 8.52
CA PRO L 239 27.94 -2.97 7.85
C PRO L 239 27.32 -3.34 6.52
N ASN L 240 26.12 -2.82 6.23
CA ASN L 240 25.46 -3.08 4.95
C ASN L 240 25.77 -2.05 3.91
N LEU L 241 26.46 -0.99 4.31
CA LEU L 241 26.80 0.09 3.39
C LEU L 241 28.05 -0.24 2.59
N SER L 242 28.07 0.18 1.32
CA SER L 242 29.28 0.17 0.53
C SER L 242 30.34 1.08 1.15
N GLU L 243 31.52 1.15 0.55
CA GLU L 243 32.62 1.88 1.17
C GLU L 243 32.29 3.34 1.40
N ASN L 244 31.52 3.94 0.49
CA ASN L 244 31.15 5.33 0.64
C ASN L 244 29.65 5.55 0.66
N GLY L 245 28.93 4.53 1.13
CA GLY L 245 27.47 4.56 1.19
C GLY L 245 26.88 5.67 2.04
N LYS L 246 25.80 6.25 1.53
CA LYS L 246 25.09 7.30 2.27
C LYS L 246 23.72 6.79 2.73
N VAL L 247 23.41 6.92 4.01
CA VAL L 247 22.04 6.70 4.46
C VAL L 247 21.32 8.05 4.51
N ILE L 248 20.25 8.18 3.74
CA ILE L 248 19.51 9.44 3.61
C ILE L 248 18.23 9.43 4.44
N ASP L 249 18.29 10.07 5.60
CA ASP L 249 17.16 10.11 6.52
C ASP L 249 16.16 11.18 6.06
N ILE L 250 15.00 10.74 5.56
CA ILE L 250 14.06 11.68 4.98
C ILE L 250 13.09 12.18 6.04
N THR L 251 13.34 11.80 7.27
CA THR L 251 12.53 12.28 8.39
C THR L 251 13.42 12.48 9.63
N PRO L 252 14.39 13.40 9.52
CA PRO L 252 15.55 13.46 10.44
C PRO L 252 15.23 14.09 11.77
N GLY L 253 15.59 13.45 12.87
CA GLY L 253 15.40 14.05 14.17
C GLY L 253 16.72 14.55 14.71
N PRO L 254 16.76 14.85 16.01
CA PRO L 254 17.98 15.30 16.70
C PRO L 254 19.10 14.28 16.61
N ASN L 255 18.72 13.02 16.73
CA ASN L 255 19.66 11.92 16.53
C ASN L 255 20.34 11.95 15.15
N ALA L 256 19.54 12.16 14.11
CA ALA L 256 20.07 12.17 12.75
C ALA L 256 20.97 13.36 12.58
N MET L 257 20.47 14.50 13.02
CA MET L 257 21.20 15.75 12.93
C MET L 257 22.55 15.63 13.60
N TRP L 258 22.57 15.01 14.79
CA TRP L 258 23.81 14.81 15.55
C TRP L 258 24.75 13.88 14.82
N THR L 259 24.21 12.72 14.44
CA THR L 259 24.97 11.75 13.69
C THR L 259 25.62 12.41 12.48
N TYR L 260 24.81 13.17 11.74
CA TYR L 260 25.30 13.95 10.59
C TYR L 260 26.52 14.78 10.94
N ALA L 261 26.44 15.49 12.05
CA ALA L 261 27.52 16.35 12.48
C ALA L 261 28.80 15.56 12.80
N VAL L 262 28.63 14.47 13.53
CA VAL L 262 29.75 13.69 13.96
C VAL L 262 30.45 13.05 12.78
N LYS L 263 29.65 12.41 11.92
CA LYS L 263 30.19 11.77 10.72
C LYS L 263 30.90 12.77 9.81
N LYS L 264 30.46 14.02 9.86
CA LYS L 264 31.03 15.06 9.04
C LYS L 264 32.38 15.47 9.61
N ILE L 265 32.40 15.70 10.92
CA ILE L 265 33.57 16.26 11.57
C ILE L 265 34.67 15.22 11.73
N THR L 266 34.29 13.94 11.67
CA THR L 266 35.25 12.86 11.75
C THR L 266 35.54 12.29 10.37
N MET L 267 35.06 12.99 9.35
CA MET L 267 35.29 12.63 7.95
C MET L 267 35.03 11.15 7.66
N SER L 268 33.98 10.60 8.27
CA SER L 268 33.59 9.21 8.01
C SER L 268 33.30 9.03 6.54
N LYS L 269 33.80 7.94 5.96
CA LYS L 269 33.61 7.72 4.54
C LYS L 269 32.14 7.35 4.34
N LYS L 270 31.57 6.63 5.29
CA LYS L 270 30.14 6.33 5.28
C LYS L 270 29.41 7.48 5.95
N GLN L 271 28.37 7.98 5.30
CA GLN L 271 27.78 9.26 5.68
C GLN L 271 26.28 9.17 6.03
N LEU L 272 25.82 9.98 6.97
CA LEU L 272 24.39 10.13 7.16
C LEU L 272 23.93 11.50 6.70
N VAL L 273 23.00 11.51 5.76
CA VAL L 273 22.54 12.74 5.15
C VAL L 273 21.10 13.06 5.52
N PRO L 274 20.88 14.14 6.30
CA PRO L 274 19.52 14.59 6.60
C PRO L 274 18.93 15.21 5.37
N LEU L 275 17.69 14.92 5.04
CA LEU L 275 17.10 15.50 3.86
C LEU L 275 15.97 16.45 4.21
N LEU L 276 16.06 17.69 3.73
CA LEU L 276 14.94 18.59 3.78
C LEU L 276 14.52 18.86 2.37
N LEU L 277 13.25 18.66 2.08
CA LEU L 277 12.71 18.86 0.74
C LEU L 277 12.70 20.33 0.33
N ILE L 278 13.15 20.60 -0.89
CA ILE L 278 12.91 21.88 -1.51
C ILE L 278 12.03 21.64 -2.74
N PRO L 279 10.71 21.85 -2.58
CA PRO L 279 9.76 21.64 -3.67
C PRO L 279 9.99 22.62 -4.81
N LYS L 280 10.35 22.16 -5.99
CA LYS L 280 10.52 23.05 -7.14
C LYS L 280 9.55 22.61 -8.22
N ALA L 281 8.88 23.57 -8.86
CA ALA L 281 7.81 23.25 -9.81
C ALA L 281 8.25 22.35 -10.98
N GLU L 282 9.51 22.50 -11.40
CA GLU L 282 10.08 21.66 -12.45
C GLU L 282 9.96 20.17 -12.06
N ASN L 283 10.26 19.87 -10.81
CA ASN L 283 10.21 18.49 -10.32
C ASN L 283 8.80 17.98 -10.24
N LEU L 284 7.89 18.82 -9.75
CA LEU L 284 6.48 18.42 -9.67
C LEU L 284 5.91 18.15 -11.07
N GLU L 285 6.27 19.00 -12.03
CA GLU L 285 5.87 18.79 -13.41
C GLU L 285 6.42 17.46 -13.93
N PHE L 286 7.67 17.17 -13.55
CA PHE L 286 8.36 15.96 -13.93
C PHE L 286 7.63 14.71 -13.41
N MET L 287 7.33 14.73 -12.12
CA MET L 287 6.68 13.59 -11.47
C MET L 287 5.30 13.35 -12.05
N VAL L 288 4.58 14.43 -12.32
CA VAL L 288 3.27 14.35 -12.94
C VAL L 288 3.37 13.67 -14.30
N ASN L 289 4.41 14.00 -15.07
CA ASN L 289 4.61 13.36 -16.38
C ASN L 289 4.85 11.86 -16.22
N LEU L 290 5.60 11.50 -15.20
CA LEU L 290 5.94 10.11 -14.96
C LEU L 290 4.69 9.32 -14.69
N VAL L 291 3.77 9.93 -13.96
CA VAL L 291 2.49 9.30 -13.66
C VAL L 291 1.63 9.23 -14.92
N LYS L 292 1.63 10.30 -15.72
CA LYS L 292 0.87 10.34 -16.97
C LYS L 292 1.36 9.25 -17.92
N GLU L 293 2.67 9.10 -18.02
CA GLU L 293 3.29 8.14 -18.92
C GLU L 293 3.30 6.72 -18.34
N GLY L 294 2.71 6.55 -17.16
CA GLY L 294 2.63 5.24 -16.55
C GLY L 294 3.94 4.69 -16.01
N LYS L 295 5.00 5.51 -16.03
CA LYS L 295 6.30 5.07 -15.53
C LYS L 295 6.32 5.05 -14.01
N VAL L 296 5.34 5.70 -13.38
CA VAL L 296 5.19 5.72 -11.93
C VAL L 296 3.71 5.71 -11.61
N LYS L 297 3.29 4.82 -10.70
CA LYS L 297 1.89 4.78 -10.29
C LYS L 297 1.76 5.22 -8.84
N THR L 298 0.78 6.09 -8.60
CA THR L 298 0.38 6.48 -7.24
C THR L 298 -0.50 5.43 -6.63
N VAL L 299 -0.14 4.84 -5.49
CA VAL L 299 -1.09 3.94 -4.84
C VAL L 299 -1.77 4.74 -3.74
N ILE L 300 -3.09 4.61 -3.71
CA ILE L 300 -3.91 5.31 -2.73
C ILE L 300 -4.35 4.37 -1.62
N ASP L 301 -3.99 4.67 -0.39
CA ASP L 301 -4.35 3.81 0.73
C ASP L 301 -5.82 3.87 1.02
N SER L 302 -6.39 5.08 0.96
CA SER L 302 -7.80 5.26 1.24
C SER L 302 -8.32 6.62 0.83
N LYS L 303 -9.61 6.71 0.59
CA LYS L 303 -10.22 7.98 0.22
C LYS L 303 -11.28 8.30 1.26
N HIS L 304 -11.19 9.51 1.83
CA HIS L 304 -12.17 9.99 2.81
C HIS L 304 -12.79 11.32 2.42
N PRO L 305 -14.08 11.49 2.70
CA PRO L 305 -14.73 12.77 2.45
C PRO L 305 -14.32 13.80 3.51
N LEU L 306 -14.20 15.07 3.11
CA LEU L 306 -13.83 16.14 4.03
C LEU L 306 -14.69 16.15 5.29
N SER L 307 -15.94 15.69 5.15
CA SER L 307 -16.86 15.62 6.26
C SER L 307 -16.42 14.61 7.28
N LYS L 308 -15.61 13.65 6.83
CA LYS L 308 -15.14 12.61 7.74
C LYS L 308 -13.61 12.59 7.76
N ALA L 309 -12.99 13.76 7.60
CA ALA L 309 -11.54 13.87 7.48
C ALA L 309 -10.74 13.38 8.70
N GLU L 310 -11.33 13.49 9.89
CA GLU L 310 -10.69 12.98 11.12
C GLU L 310 -10.29 11.52 10.99
N ASP L 311 -11.11 10.75 10.30
CA ASP L 311 -10.79 9.36 10.00
C ASP L 311 -9.46 9.26 9.28
N ALA L 312 -9.31 10.07 8.23
CA ALA L 312 -8.07 10.09 7.48
C ALA L 312 -6.91 10.49 8.39
N TRP L 313 -7.14 11.53 9.18
CA TRP L 313 -6.13 12.02 10.10
C TRP L 313 -5.66 10.91 11.02
N ALA L 314 -6.61 10.19 11.63
CA ALA L 314 -6.28 9.10 12.56
C ALA L 314 -5.55 7.96 11.84
N LYS L 315 -5.93 7.67 10.60
CA LYS L 315 -5.24 6.69 9.77
C LYS L 315 -3.76 7.09 9.59
N SER L 316 -3.53 8.38 9.34
CA SER L 316 -2.16 8.90 9.19
C SER L 316 -1.38 8.77 10.48
N ILE L 317 -2.00 9.20 11.57
CA ILE L 317 -1.38 9.06 12.89
C ILE L 317 -0.98 7.61 13.22
N ASP L 318 -1.83 6.62 12.93
CA ASP L 318 -1.47 5.21 13.08
C ASP L 318 -0.34 4.84 12.18
N GLY L 319 -0.29 5.47 11.02
CA GLY L 319 0.77 5.28 10.07
C GLY L 319 0.96 3.84 9.63
N HIS L 320 -0.12 3.13 9.38
CA HIS L 320 -0.02 1.81 8.77
C HIS L 320 -0.43 1.90 7.31
N ALA L 321 -0.59 3.13 6.85
CA ALA L 321 -1.08 3.40 5.52
C ALA L 321 -0.17 2.79 4.48
N THR L 322 -0.79 2.32 3.41
CA THR L 322 -0.05 1.75 2.31
C THR L 322 -0.16 2.68 1.15
N GLY L 323 0.91 3.42 0.88
CA GLY L 323 0.83 4.52 -0.06
C GLY L 323 0.26 5.77 0.55
N LYS L 324 -0.62 6.46 -0.17
CA LYS L 324 -1.03 7.79 0.30
C LYS L 324 -2.50 7.92 0.65
N ILE L 325 -2.77 8.56 1.80
CA ILE L 325 -4.13 8.82 2.26
C ILE L 325 -4.70 10.10 1.63
N ILE L 326 -5.89 10.00 1.06
CA ILE L 326 -6.51 11.10 0.32
C ILE L 326 -7.80 11.60 0.97
N VAL L 327 -8.01 12.91 0.98
CA VAL L 327 -9.26 13.49 1.41
C VAL L 327 -9.85 14.26 0.26
N GLU L 328 -11.08 13.89 -0.11
CA GLU L 328 -11.78 14.47 -1.23
C GLU L 328 -13.00 15.20 -0.68
N PRO L 329 -13.63 16.07 -1.48
CA PRO L 329 -14.83 16.74 -0.97
C PRO L 329 -16.06 15.85 -1.08
C12 KZH M . -39.47 -4.82 14.97
C11 KZH M . -40.42 -4.60 15.88
C10 KZH M . -41.07 -5.71 16.62
C9 KZH M . -42.40 -5.88 16.65
C8 KZH M . -43.16 -5.64 17.94
C7 KZH M . -44.65 -5.93 17.91
C6 KZH M . -45.11 -6.80 19.07
C5 KZH M . -46.46 -7.47 18.80
C4 KZH M . -47.56 -6.98 19.74
C3 KZH M . -48.58 -8.04 20.12
C2 KZH M . -49.15 -7.88 21.51
C1 KZH M . -50.63 -7.56 21.50
O1 KZH M . -51.33 -7.99 20.51
O2 KZH M . -51.11 -6.88 22.49
O3 KZH N . -56.11 18.03 4.65
C13 KZH N . -55.41 18.80 5.33
C14 KZH N . -54.85 19.99 4.61
C15 KZH N . -55.56 20.03 3.28
C16 KZH N . -54.91 19.52 2.24
C17 KZH N . -55.59 19.06 0.98
C18 KZH N . -54.65 19.11 -0.18
C12 KZH N . -55.11 18.52 6.81
C11 KZH N . -53.94 17.99 7.21
C10 KZH N . -52.66 18.77 7.19
C9 KZH N . -52.06 18.96 6.01
C8 KZH N . -51.38 20.25 5.73
C7 KZH N . -50.64 20.69 6.94
C6 KZH N . -49.17 20.82 6.67
C5 KZH N . -48.76 22.20 7.12
C4 KZH N . -47.31 22.27 7.58
C3 KZH N . -46.38 22.30 6.41
C2 KZH N . -45.20 23.17 6.67
C1 KZH N . -44.03 22.64 5.90
O1 KZH N . -44.23 22.10 4.76
O2 KZH N . -42.89 22.73 6.44
O3 KZH O . -37.39 22.88 20.93
C13 KZH O . -37.07 22.75 19.76
C14 KZH O . -35.83 21.97 19.37
C15 KZH O . -35.86 20.54 19.82
C16 KZH O . -35.04 19.60 19.30
C17 KZH O . -34.71 19.46 17.84
C18 KZH O . -34.58 18.05 17.36
C12 KZH O . -38.00 23.32 18.68
C11 KZH O . -39.06 24.04 19.08
C10 KZH O . -40.20 24.18 18.12
C9 KZH O . -41.30 24.74 18.58
C8 KZH O . -42.23 25.40 17.59
C7 KZH O . -43.63 25.40 18.11
C6 KZH O . -44.57 25.68 16.97
C5 KZH O . -45.91 26.13 17.50
C4 KZH O . -46.55 27.13 16.58
C3 KZH O . -48.03 26.88 16.40
C2 KZH O . -48.89 27.72 17.31
C1 KZH O . -50.25 27.71 16.67
O1 KZH O . -51.08 28.60 16.92
O2 KZH O . -50.50 26.78 15.83
O3 KZH P . -54.17 1.34 35.28
C13 KZH P . -53.10 0.78 35.09
C12 KZH P . -52.69 0.30 33.73
C11 KZH P . -52.05 1.05 32.85
C10 KZH P . -51.99 0.78 31.34
C9 KZH P . -50.95 1.16 30.57
C8 KZH P . -50.08 0.12 29.89
C7 KZH P . -48.77 -0.19 30.56
C6 KZH P . -48.24 -1.59 30.26
C5 KZH P . -46.79 -1.86 30.71
C4 KZH P . -45.78 -2.02 29.58
C3 KZH P . -44.67 -3.02 29.88
C2 KZH P . -43.37 -2.73 29.15
C1 KZH P . -42.18 -3.63 29.41
O1 KZH P . -41.78 -3.79 30.60
O2 KZH P . -41.58 -4.19 28.44
O3 KZH Q . 20.88 -46.07 -36.50
C13 KZH Q . 20.10 -46.99 -36.18
C14 KZH Q . 20.56 -48.43 -36.04
C15 KZH Q . 21.78 -48.54 -35.16
C16 KZH Q . 21.76 -48.01 -33.92
C17 KZH Q . 22.98 -48.02 -33.06
C12 KZH Q . 18.61 -46.69 -35.89
C11 KZH Q . 17.65 -46.86 -36.81
C10 KZH Q . 16.35 -46.24 -36.47
C9 KZH Q . 15.67 -45.55 -37.40
C8 KZH Q . 14.24 -45.15 -37.08
C7 KZH Q . 13.53 -44.35 -38.10
C6 KZH Q . 12.13 -44.05 -37.64
C5 KZH Q . 11.50 -42.99 -38.50
C4 KZH Q . 10.00 -43.15 -38.60
C3 KZH Q . 9.48 -42.35 -39.75
C2 KZH Q . 8.99 -41.02 -39.30
C1 KZH Q . 7.95 -40.56 -40.27
O1 KZH Q . 7.79 -41.25 -41.32
O2 KZH Q . 7.25 -39.53 -40.01
O3 KZH R . 33.32 -24.87 -52.33
C13 KZH R . 33.99 -25.15 -51.34
C14 KZH R . 35.28 -25.93 -51.55
C15 KZH R . 35.15 -27.31 -52.21
C12 KZH R . 33.51 -24.86 -49.90
C11 KZH R . 32.40 -25.33 -49.33
C10 KZH R . 32.35 -25.43 -47.83
C9 KZH R . 33.50 -25.36 -47.17
C8 KZH R . 33.77 -26.08 -45.87
C7 KZH R . 35.07 -25.65 -45.22
C6 KZH R . 35.87 -26.81 -44.61
C5 KZH R . 37.07 -26.37 -43.77
C4 KZH R . 38.05 -27.50 -43.56
C3 KZH R . 39.02 -27.37 -42.39
C2 KZH R . 39.92 -28.58 -42.28
C1 KZH R . 40.81 -28.63 -41.05
O1 KZH R . 42.06 -28.85 -41.20
O2 KZH R . 40.32 -28.44 -39.90
O3 KZH S . 36.92 -25.97 -26.49
C13 KZH S . 36.61 -27.13 -26.75
C14 KZH S . 36.77 -28.25 -25.72
C12 KZH S . 36.00 -27.40 -28.13
C11 KZH S . 35.28 -26.41 -28.71
C10 KZH S . 35.84 -25.79 -29.94
C9 KZH S . 35.48 -24.58 -30.36
C8 KZH S . 36.42 -23.75 -31.21
C7 KZH S . 35.74 -22.91 -32.26
C6 KZH S . 36.72 -22.37 -33.31
C5 KZH S . 36.08 -21.53 -34.42
C4 KZH S . 35.72 -20.14 -33.92
C3 KZH S . 35.67 -19.12 -35.05
C2 KZH S . 35.68 -19.78 -36.41
C1 KZH S . 34.80 -18.91 -37.27
O1 KZH S . 34.74 -19.09 -38.54
O2 KZH S . 34.16 -18.00 -36.66
O3 KZH T . 8.12 -26.09 -33.01
C13 KZH T . 8.90 -26.87 -33.57
C14 KZH T . 9.69 -26.41 -34.75
C15 KZH T . 8.89 -25.56 -35.72
C16 KZH T . 8.57 -25.97 -36.98
C17 KZH T . 9.53 -25.70 -38.11
C18 KZH T . 9.70 -26.79 -39.11
C12 KZH T . 9.01 -28.34 -33.14
C11 KZH T . 7.96 -29.19 -32.94
C10 KZH T . 7.93 -29.97 -31.67
C9 KZH T . 7.67 -31.29 -31.66
C8 KZH T . 8.73 -32.31 -31.33
C7 KZH T . 8.39 -33.28 -30.20
C6 KZH T . 8.30 -34.74 -30.60
C5 KZH T . 9.03 -35.63 -29.63
C4 KZH T . 8.69 -37.08 -29.81
C3 KZH T . 9.63 -37.99 -29.07
C2 KZH T . 9.04 -38.73 -27.91
C1 KZH T . 9.95 -39.81 -27.38
O1 KZH T . 10.82 -40.39 -28.10
O2 KZH T . 9.82 -40.15 -26.18
O3 KZH U . 29.74 10.73 32.52
C13 KZH U . 30.02 11.60 31.68
C12 KZH U . 31.41 12.07 31.35
C11 KZH U . 31.65 13.08 30.55
C10 KZH U . 31.17 13.14 29.12
C9 KZH U . 31.60 14.09 28.27
C8 KZH U . 33.04 14.55 28.29
C7 KZH U . 33.40 15.75 27.47
C6 KZH U . 34.84 15.74 26.99
C5 KZH U . 35.63 16.91 27.52
C4 KZH U . 36.96 17.04 26.81
C3 KZH U . 37.67 18.36 27.04
C2 KZH U . 37.85 19.10 25.76
C1 KZH U . 39.05 20.00 25.86
O1 KZH U . 39.89 19.82 26.79
O2 KZH U . 39.20 20.89 24.99
C11 KZH V . 38.05 22.82 11.79
C10 KZH V . 38.09 21.86 12.94
C9 KZH V . 38.73 20.68 12.91
C8 KZH V . 38.66 19.77 14.13
C7 KZH V . 38.30 18.33 13.86
C6 KZH V . 38.12 17.54 15.14
C5 KZH V . 37.71 16.10 14.93
C4 KZH V . 38.14 15.23 16.09
C3 KZH V . 37.80 13.77 15.84
C2 KZH V . 37.78 12.83 17.04
C1 KZH V . 37.17 11.47 16.69
O1 KZH V . 37.28 11.04 15.50
O2 KZH V . 36.57 10.79 17.59
C11 KZH W . 15.12 36.41 22.28
C10 KZH W . 13.99 36.11 21.34
C9 KZH W . 13.06 35.18 21.59
C8 KZH W . 12.93 33.93 20.73
C7 KZH W . 11.82 33.00 21.13
C6 KZH W . 10.53 33.12 20.30
C5 KZH W . 9.48 32.13 20.77
C4 KZH W . 8.92 31.23 19.68
C3 KZH W . 8.26 29.96 20.21
C2 KZH W . 7.10 29.45 19.36
C1 KZH W . 6.33 28.22 19.84
O1 KZH W . 5.75 28.21 20.96
O2 KZH W . 6.29 27.22 19.08
O3 KZH X . 9.60 19.85 5.14
C13 KZH X . 8.55 20.26 5.63
C14 KZH X . 7.34 20.44 4.75
C15 KZH X . 7.66 20.40 3.29
C16 KZH X . 8.58 21.26 2.76
C12 KZH X . 8.48 20.55 7.15
C11 KZH X . 9.30 19.97 8.07
C10 KZH X . 9.86 20.90 9.09
C9 KZH X . 9.53 22.21 9.09
C8 KZH X . 10.47 23.29 8.63
C7 KZH X . 9.83 24.55 8.11
C6 KZH X . 9.79 25.70 9.12
C5 KZH X . 9.81 27.07 8.48
C4 KZH X . 10.27 28.17 9.42
C3 KZH X . 9.77 29.51 8.98
C2 KZH X . 10.35 30.70 9.72
C1 KZH X . 10.65 31.79 8.72
O1 KZH X . 10.47 31.53 7.49
O2 KZH X . 11.06 32.92 9.10
#